data_5E84
#
_entry.id   5E84
#
_cell.length_a   222.468
_cell.length_b   222.468
_cell.length_c   209.460
_cell.angle_alpha   90.00
_cell.angle_beta   90.00
_cell.angle_gamma   120.00
#
_symmetry.space_group_name_H-M   'P 32 2 1'
#
loop_
_entity.id
_entity.type
_entity.pdbx_description
1 polymer '78 kDa glucose-regulated protein'
2 non-polymer "ADENOSINE-5'-TRIPHOSPHATE"
3 non-polymer 'ZINC ION'
4 non-polymer 'MAGNESIUM ION'
5 non-polymer 'SULFATE ION'
6 water water
#
_entity_poly.entity_id   1
_entity_poly.type   'polypeptide(L)'
_entity_poly.pdbx_seq_one_letter_code
;SEDVGTVVGIDLGTTYSCVGVFKNGRVEIIANDQGNRITPSYVAFTPEGERLIGDAAKNQLTSNPENTVFDAKRLIGRTW
NDPSVQQDIKFLPFKVVEKKTKPYIQVDIGGGQTKTFAPEEISAMVLTKMKETAEAYLGKKVTHAVVTVPAYFNDAQRQA
TKDAGTIAGLNVMRIINEPTAAAIAYGLDKREGEKNILVFDLGGGAFDVSLLTIDNGVFEVVATNGDTHLGGEDFDQRVM
EHFIKLYKKKTGKDVRKDNRAVQKLRREVEKAKRALSSQHQARIEIESFYEGEDFSETLTRAKFEELNMDLFRSTMKPVQ
KVLEDSDLKKSDIDEIVLVGGSTRIPKIQQLVKEFFNGKEPSRGINPDEAVAYGAAVQAGVLSGDQDTGDLVLLDVCPLT
LGIETVGGVMTKLIPRNTVVPTKKSQIFSVGGTVTIKVYEGERPLTKDNHLLGTFDLTGIPPAPRGVPQIEVTFEIDVNG
ILRVTAEDKGTGNKNKITITNDQNRLTPEEIERMVNDAEKFAEEDKKLKERIDTRNELESYAYSLKNQIGDKEKLGGKLS
SEDKETMEKAVEEKIEWLESHQDADIEDFKAKKKELEEIVQPIISK
;
_entity_poly.pdbx_strand_id   A,B,C,D,E,F
#
loop_
_chem_comp.id
_chem_comp.type
_chem_comp.name
_chem_comp.formula
ATP non-polymer ADENOSINE-5'-TRIPHOSPHATE 'C10 H16 N5 O13 P3'
MG non-polymer 'MAGNESIUM ION' 'Mg 2'
SO4 non-polymer 'SULFATE ION' 'O4 S -2'
ZN non-polymer 'ZINC ION' 'Zn 2'
#
# COMPACT_ATOMS: atom_id res chain seq x y z
N SER A 1 -18.05 17.60 29.79
CA SER A 1 -16.65 18.09 29.59
C SER A 1 -15.88 18.14 30.93
N GLU A 2 -14.61 18.54 30.86
CA GLU A 2 -13.70 18.53 32.03
C GLU A 2 -13.80 19.76 32.93
N ASP A 3 -13.72 19.55 34.24
CA ASP A 3 -13.58 20.65 35.21
C ASP A 3 -12.13 21.07 35.16
N VAL A 4 -11.83 22.08 34.35
CA VAL A 4 -10.44 22.46 34.12
C VAL A 4 -9.81 23.28 35.27
N GLY A 5 -10.57 23.52 36.34
CA GLY A 5 -10.06 24.22 37.50
C GLY A 5 -9.79 25.66 37.16
N THR A 6 -8.80 26.25 37.83
CA THR A 6 -8.28 27.53 37.41
C THR A 6 -7.26 27.25 36.35
N VAL A 7 -7.32 28.04 35.30
CA VAL A 7 -6.41 27.93 34.20
C VAL A 7 -5.44 29.08 34.37
N VAL A 8 -4.15 28.77 34.22
CA VAL A 8 -3.14 29.83 34.34
C VAL A 8 -2.59 30.24 32.98
N GLY A 9 -2.18 31.50 32.90
CA GLY A 9 -1.48 32.02 31.71
C GLY A 9 0.03 32.09 31.88
N ILE A 10 0.78 31.32 31.11
CA ILE A 10 2.23 31.39 31.20
C ILE A 10 2.94 32.01 29.95
N ASP A 11 3.70 33.08 30.18
CA ASP A 11 4.72 33.51 29.23
C ASP A 11 5.97 32.67 29.49
N LEU A 12 6.25 31.71 28.63
CA LEU A 12 7.41 30.87 28.76
C LEU A 12 8.42 31.50 27.86
N GLY A 13 9.11 32.50 28.38
CA GLY A 13 10.17 33.20 27.69
C GLY A 13 11.58 32.60 27.72
N THR A 14 12.43 33.12 26.83
CA THR A 14 13.81 32.65 26.66
C THR A 14 14.64 32.90 27.94
N THR A 15 14.55 34.12 28.48
CA THR A 15 15.37 34.54 29.61
C THR A 15 14.53 34.61 30.90
N TYR A 16 13.22 34.76 30.71
CA TYR A 16 12.25 35.05 31.80
C TYR A 16 10.87 34.47 31.52
N SER A 17 10.16 34.17 32.58
CA SER A 17 8.86 33.58 32.46
C SER A 17 7.99 34.23 33.49
N CYS A 18 6.72 34.24 33.18
CA CYS A 18 5.78 35.04 33.90
C CYS A 18 4.45 34.30 33.94
N VAL A 19 3.80 34.28 35.11
CA VAL A 19 2.54 33.55 35.26
C VAL A 19 1.49 34.48 35.80
N GLY A 20 0.33 34.43 35.16
CA GLY A 20 -0.83 35.20 35.58
C GLY A 20 -2.12 34.39 35.71
N VAL A 21 -3.11 35.03 36.29
CA VAL A 21 -4.37 34.39 36.55
C VAL A 21 -5.50 35.41 36.53
N PHE A 22 -6.61 35.03 35.92
CA PHE A 22 -7.78 35.91 35.90
C PHE A 22 -8.71 35.54 37.04
N LYS A 23 -8.96 36.50 37.93
CA LYS A 23 -9.95 36.29 39.00
C LYS A 23 -10.43 37.63 39.59
N ASN A 24 -11.72 37.66 39.95
CA ASN A 24 -12.44 38.87 40.37
C ASN A 24 -12.37 39.98 39.36
N GLY A 25 -12.61 39.63 38.11
CA GLY A 25 -12.68 40.60 37.01
C GLY A 25 -11.40 41.34 36.72
N ARG A 26 -10.29 40.76 37.16
CA ARG A 26 -8.97 41.41 37.13
C ARG A 26 -7.91 40.36 36.85
N VAL A 27 -6.87 40.74 36.14
CA VAL A 27 -5.68 39.89 36.01
C VAL A 27 -4.81 40.13 37.24
N GLU A 28 -4.37 39.06 37.87
CA GLU A 28 -3.26 39.19 38.79
C GLU A 28 -2.04 38.49 38.17
N ILE A 29 -0.94 39.24 38.01
CA ILE A 29 0.38 38.66 37.72
C ILE A 29 0.97 38.22 39.07
N ILE A 30 1.39 36.96 39.12
CA ILE A 30 1.70 36.32 40.37
C ILE A 30 3.20 36.34 40.74
N ALA A 31 3.49 36.87 41.93
CA ALA A 31 4.82 36.83 42.49
C ALA A 31 5.26 35.43 42.97
N ASN A 32 6.57 35.20 42.90
CA ASN A 32 7.19 33.94 43.32
C ASN A 32 7.64 34.04 44.77
N ASP A 33 8.21 32.95 45.29
CA ASP A 33 8.70 32.88 46.67
C ASP A 33 9.76 33.92 47.06
N GLN A 34 10.28 34.70 46.12
CA GLN A 34 11.21 35.77 46.41
C GLN A 34 10.58 37.12 46.20
N GLY A 35 9.30 37.12 45.82
CA GLY A 35 8.54 38.35 45.62
C GLY A 35 8.70 38.99 44.26
N ASN A 36 9.18 38.20 43.28
CA ASN A 36 9.38 38.67 41.91
C ASN A 36 8.30 38.21 40.94
N ARG A 37 7.72 39.19 40.26
CA ARG A 37 6.64 38.97 39.29
C ARG A 37 7.16 38.40 37.98
N ILE A 38 8.49 38.30 37.83
CA ILE A 38 9.12 37.46 36.79
C ILE A 38 10.24 36.56 37.31
N THR A 39 10.45 35.47 36.60
CA THR A 39 11.28 34.37 37.02
C THR A 39 12.29 33.96 35.92
N PRO A 40 13.62 34.11 36.14
CA PRO A 40 14.63 33.66 35.21
C PRO A 40 14.38 32.26 34.71
N SER A 41 14.41 32.04 33.39
CA SER A 41 14.08 30.72 32.85
C SER A 41 15.29 29.79 32.90
N TYR A 42 15.82 29.60 34.11
CA TYR A 42 17.11 28.93 34.40
C TYR A 42 16.86 27.69 35.22
N VAL A 43 17.57 26.61 34.95
CA VAL A 43 17.64 25.51 35.89
C VAL A 43 19.11 25.14 36.08
N ALA A 44 19.46 24.71 37.30
CA ALA A 44 20.86 24.37 37.62
C ALA A 44 20.91 23.14 38.50
N PHE A 45 22.03 22.42 38.41
CA PHE A 45 22.26 21.22 39.18
C PHE A 45 23.53 21.36 39.98
N THR A 46 23.39 21.43 41.30
CA THR A 46 24.46 21.81 42.20
C THR A 46 25.21 20.59 42.46
N PRO A 47 26.49 20.74 42.89
CA PRO A 47 27.36 19.57 43.11
C PRO A 47 26.83 18.73 44.26
N GLU A 48 26.15 19.40 45.19
CA GLU A 48 25.57 18.74 46.35
C GLU A 48 24.28 17.97 46.04
N GLY A 49 23.99 17.71 44.77
CA GLY A 49 22.81 16.91 44.36
C GLY A 49 21.52 17.72 44.14
N GLU A 50 21.50 18.94 44.66
CA GLU A 50 20.32 19.81 44.62
C GLU A 50 19.97 20.33 43.19
N ARG A 51 18.69 20.39 42.82
CA ARG A 51 18.24 20.90 41.51
C ARG A 51 17.49 22.22 41.60
N LEU A 52 18.20 23.33 41.38
CA LEU A 52 17.66 24.66 41.56
C LEU A 52 17.02 25.20 40.30
N ILE A 53 16.06 26.11 40.48
CA ILE A 53 15.27 26.67 39.39
C ILE A 53 14.97 28.13 39.60
N GLY A 54 14.97 28.90 38.51
CA GLY A 54 14.72 30.35 38.60
C GLY A 54 15.89 31.13 39.19
N ASP A 55 15.58 32.24 39.87
CA ASP A 55 16.58 33.05 40.58
C ASP A 55 17.75 32.32 41.29
N ALA A 56 17.51 31.13 41.85
CA ALA A 56 18.52 30.46 42.65
C ALA A 56 19.50 29.78 41.75
N ALA A 57 19.01 29.27 40.65
CA ALA A 57 19.90 28.68 39.66
C ALA A 57 20.75 29.77 39.06
N LYS A 58 20.14 30.91 38.83
CA LYS A 58 20.78 31.99 38.13
C LYS A 58 21.84 32.59 38.98
N ASN A 59 21.57 32.76 40.27
CA ASN A 59 22.54 33.31 41.24
C ASN A 59 23.84 32.49 41.35
N GLN A 60 23.80 31.18 41.08
CA GLN A 60 25.03 30.32 41.04
C GLN A 60 25.63 30.02 39.64
N LEU A 61 25.16 30.73 38.61
CA LEU A 61 25.69 30.59 37.26
C LEU A 61 27.22 30.68 37.17
N THR A 62 27.82 31.73 37.71
CA THR A 62 29.27 31.92 37.56
C THR A 62 30.15 30.96 38.37
N SER A 63 29.60 30.36 39.43
CA SER A 63 30.35 29.35 40.21
C SER A 63 30.15 27.92 39.72
N ASN A 64 29.28 27.70 38.75
CA ASN A 64 28.90 26.37 38.32
C ASN A 64 28.34 26.49 36.87
N PRO A 65 29.08 27.18 35.97
CA PRO A 65 28.51 27.45 34.64
C PRO A 65 28.19 26.21 33.82
N GLU A 66 28.89 25.11 34.07
CA GLU A 66 28.87 23.98 33.15
C GLU A 66 27.58 23.18 33.35
N ASN A 67 26.97 23.34 34.53
CA ASN A 67 25.71 22.66 34.88
C ASN A 67 24.60 23.67 35.27
N THR A 68 24.68 24.90 34.80
CA THR A 68 23.54 25.79 34.83
C THR A 68 22.94 25.86 33.40
N VAL A 69 21.69 25.47 33.22
CA VAL A 69 21.03 25.51 31.92
C VAL A 69 20.17 26.77 31.75
N PHE A 70 20.25 27.34 30.54
CA PHE A 70 19.55 28.58 30.23
C PHE A 70 19.40 28.68 28.73
N ASP A 71 18.69 29.72 28.27
CA ASP A 71 18.29 29.88 26.84
C ASP A 71 17.85 28.59 26.16
N ALA A 72 17.12 27.70 26.84
CA ALA A 72 16.71 26.39 26.25
C ALA A 72 15.69 26.60 25.18
N LYS A 73 15.00 27.74 25.20
CA LYS A 73 14.01 28.07 24.15
C LYS A 73 14.66 28.17 22.78
N ARG A 74 15.92 28.60 22.72
CA ARG A 74 16.67 28.63 21.45
C ARG A 74 16.95 27.24 20.90
N LEU A 75 16.83 26.20 21.72
CA LEU A 75 17.03 24.81 21.28
C LEU A 75 15.72 24.00 21.15
N ILE A 76 14.67 24.40 21.88
CA ILE A 76 13.41 23.66 21.84
C ILE A 76 12.85 23.55 20.43
N GLY A 77 12.44 22.36 20.05
CA GLY A 77 11.84 22.12 18.74
C GLY A 77 12.77 22.10 17.54
N ARG A 78 14.08 22.17 17.73
CA ARG A 78 15.03 22.18 16.59
C ARG A 78 15.80 20.87 16.33
N THR A 79 16.45 20.79 15.17
CA THR A 79 17.31 19.65 14.83
C THR A 79 18.76 20.07 14.95
N TRP A 80 19.66 19.07 14.94
CA TRP A 80 21.10 19.27 15.14
C TRP A 80 21.68 20.16 14.04
N ASN A 81 21.33 19.82 12.80
CA ASN A 81 21.86 20.52 11.61
C ASN A 81 21.32 21.94 11.36
N ASP A 82 20.25 22.35 12.05
CA ASP A 82 19.82 23.76 12.06
C ASP A 82 21.03 24.71 12.33
N PRO A 83 21.34 25.64 11.41
CA PRO A 83 22.45 26.59 11.51
C PRO A 83 22.41 27.40 12.78
N SER A 84 21.21 27.61 13.29
CA SER A 84 20.97 28.44 14.47
C SER A 84 21.44 27.73 15.74
N VAL A 85 21.15 26.43 15.81
CA VAL A 85 21.59 25.55 16.89
C VAL A 85 23.11 25.47 16.90
N GLN A 86 23.74 25.33 15.74
CA GLN A 86 25.19 25.18 15.67
C GLN A 86 25.96 26.44 16.02
N GLN A 87 25.33 27.57 15.79
CA GLN A 87 25.93 28.83 16.17
C GLN A 87 25.76 29.07 17.66
N ASP A 88 24.60 28.71 18.20
CA ASP A 88 24.29 28.96 19.61
C ASP A 88 25.21 28.18 20.56
N ILE A 89 25.38 26.88 20.30
CA ILE A 89 26.09 26.02 21.22
C ILE A 89 27.53 26.47 21.39
N LYS A 90 28.02 27.28 20.48
CA LYS A 90 29.37 27.80 20.60
C LYS A 90 29.49 28.84 21.70
N PHE A 91 28.38 29.34 22.21
CA PHE A 91 28.45 30.26 23.36
C PHE A 91 27.70 29.76 24.57
N LEU A 92 27.40 28.49 24.60
CA LEU A 92 26.75 27.96 25.76
C LEU A 92 27.79 27.18 26.60
N PRO A 93 27.86 27.46 27.91
CA PRO A 93 28.78 26.74 28.81
C PRO A 93 28.43 25.23 29.05
N PHE A 94 27.17 24.86 28.98
CA PHE A 94 26.77 23.49 29.23
C PHE A 94 26.90 22.73 27.93
N LYS A 95 27.31 21.47 28.03
CA LYS A 95 27.40 20.55 26.91
C LYS A 95 26.04 20.44 26.22
N VAL A 96 26.08 20.37 24.89
CA VAL A 96 24.97 20.07 24.02
C VAL A 96 25.39 19.01 22.98
N VAL A 97 24.68 17.90 22.94
CA VAL A 97 25.08 16.71 22.16
C VAL A 97 23.92 16.30 21.25
N GLU A 98 24.21 15.71 20.09
CA GLU A 98 23.19 15.18 19.20
C GLU A 98 22.71 13.82 19.66
N LYS A 99 21.41 13.58 19.60
CA LYS A 99 20.85 12.22 19.58
C LYS A 99 19.42 12.24 19.00
N LYS A 100 19.15 11.26 18.16
CA LYS A 100 17.99 11.27 17.25
C LYS A 100 17.98 12.61 16.52
N THR A 101 19.18 13.00 16.06
CA THR A 101 19.45 14.24 15.31
C THR A 101 18.88 15.50 15.98
N LYS A 102 18.69 15.44 17.30
CA LYS A 102 18.20 16.57 18.06
C LYS A 102 19.23 16.93 19.09
N PRO A 103 19.36 18.24 19.39
CA PRO A 103 20.23 18.70 20.47
C PRO A 103 19.70 18.41 21.91
N TYR A 104 20.45 17.63 22.67
CA TYR A 104 20.13 17.25 24.05
C TYR A 104 21.13 17.93 25.02
N ILE A 105 20.65 18.44 26.15
CA ILE A 105 21.49 19.10 27.15
C ILE A 105 22.10 18.07 28.09
N GLN A 106 23.42 18.05 28.24
CA GLN A 106 24.13 17.07 29.07
C GLN A 106 24.84 17.74 30.23
N VAL A 107 24.53 17.33 31.44
CA VAL A 107 25.12 17.95 32.60
C VAL A 107 25.55 16.96 33.68
N ASP A 108 26.17 17.49 34.74
CA ASP A 108 26.52 16.72 35.95
C ASP A 108 25.50 16.96 37.08
N ILE A 109 24.76 15.91 37.46
CA ILE A 109 23.72 16.05 38.49
C ILE A 109 24.31 15.90 39.91
N GLY A 110 25.59 15.51 39.95
CA GLY A 110 26.33 15.41 41.20
C GLY A 110 26.75 13.97 41.44
N GLY A 111 27.80 13.80 42.25
CA GLY A 111 28.29 12.46 42.61
C GLY A 111 28.74 11.63 41.41
N GLY A 112 29.43 12.28 40.49
CA GLY A 112 29.95 11.62 39.29
C GLY A 112 28.93 11.20 38.26
N GLN A 113 27.67 11.63 38.43
CA GLN A 113 26.57 11.24 37.55
C GLN A 113 26.24 12.24 36.39
N THR A 114 26.19 11.73 35.16
CA THR A 114 25.86 12.51 33.95
C THR A 114 24.42 12.22 33.58
N LYS A 115 23.61 13.26 33.40
CA LYS A 115 22.25 13.10 32.83
C LYS A 115 22.16 13.88 31.52
N THR A 116 21.60 13.28 30.46
CA THR A 116 21.23 14.08 29.28
C THR A 116 19.71 14.39 29.25
N PHE A 117 19.36 15.64 28.94
CA PHE A 117 17.98 16.16 28.97
C PHE A 117 17.55 16.68 27.58
N ALA A 118 16.30 16.47 27.21
CA ALA A 118 15.76 17.11 26.01
C ALA A 118 15.37 18.52 26.41
N PRO A 119 15.47 19.50 25.49
CA PRO A 119 15.15 20.89 25.83
C PRO A 119 13.72 21.02 26.39
N GLU A 120 12.82 20.17 25.89
CA GLU A 120 11.46 20.04 26.40
C GLU A 120 11.39 19.82 27.93
N GLU A 121 12.22 18.87 28.44
CA GLU A 121 12.37 18.60 29.88
C GLU A 121 12.97 19.76 30.65
N ILE A 122 13.92 20.48 30.07
CA ILE A 122 14.40 21.69 30.73
C ILE A 122 13.30 22.73 30.78
N SER A 123 12.54 22.88 29.70
CA SER A 123 11.41 23.85 29.71
C SER A 123 10.29 23.43 30.67
N ALA A 124 10.04 22.11 30.76
CA ALA A 124 9.13 21.48 31.74
C ALA A 124 9.46 21.91 33.18
N MET A 125 10.74 21.92 33.50
CA MET A 125 11.21 22.34 34.83
C MET A 125 10.93 23.79 35.06
N VAL A 126 11.08 24.61 34.03
CA VAL A 126 10.77 26.01 34.20
C VAL A 126 9.27 26.21 34.40
N LEU A 127 8.48 25.46 33.65
CA LEU A 127 7.02 25.52 33.73
C LEU A 127 6.48 24.97 35.07
N THR A 128 7.07 23.88 35.53
CA THR A 128 6.75 23.36 36.86
C THR A 128 6.92 24.43 37.95
N LYS A 129 8.01 25.16 37.90
CA LYS A 129 8.26 26.25 38.84
C LYS A 129 7.15 27.29 38.73
N MET A 130 6.73 27.60 37.51
CA MET A 130 5.68 28.58 37.28
C MET A 130 4.32 28.05 37.78
N LYS A 131 4.06 26.76 37.55
CA LYS A 131 2.90 26.09 38.11
C LYS A 131 2.85 26.24 39.64
N GLU A 132 3.93 25.87 40.32
CA GLU A 132 4.03 25.99 41.78
C GLU A 132 3.85 27.43 42.24
N THR A 133 4.43 28.39 41.54
CA THR A 133 4.28 29.77 41.96
C THR A 133 2.80 30.18 42.00
N ALA A 134 2.02 29.63 41.08
CA ALA A 134 0.60 29.94 40.99
C ALA A 134 -0.16 29.20 42.06
N GLU A 135 0.07 27.89 42.14
CA GLU A 135 -0.57 27.04 43.13
C GLU A 135 -0.50 27.62 44.55
N ALA A 136 0.65 28.20 44.90
CA ALA A 136 0.84 28.92 46.15
C ALA A 136 -0.10 30.10 46.26
N TYR A 137 -0.14 30.95 45.25
CA TYR A 137 -1.02 32.14 45.30
C TYR A 137 -2.51 31.81 45.44
N LEU A 138 -2.96 30.81 44.71
CA LEU A 138 -4.31 30.35 44.74
C LEU A 138 -4.61 29.53 45.99
N GLY A 139 -3.58 28.93 46.58
CA GLY A 139 -3.78 27.96 47.65
C GLY A 139 -4.44 26.67 47.18
N LYS A 140 -4.31 26.33 45.90
CA LYS A 140 -4.93 25.10 45.37
C LYS A 140 -4.15 24.56 44.19
N LYS A 141 -4.53 23.38 43.72
CA LYS A 141 -3.76 22.71 42.67
C LYS A 141 -4.24 23.10 41.26
N VAL A 142 -3.31 23.04 40.30
CA VAL A 142 -3.51 23.57 38.93
C VAL A 142 -3.12 22.51 37.86
N THR A 143 -3.96 22.33 36.85
CA THR A 143 -3.75 21.27 35.85
C THR A 143 -3.83 21.72 34.37
N HIS A 144 -4.38 22.90 34.14
CA HIS A 144 -4.58 23.40 32.79
C HIS A 144 -3.93 24.72 32.66
N ALA A 145 -3.32 24.95 31.51
CA ALA A 145 -2.59 26.19 31.26
C ALA A 145 -2.70 26.63 29.84
N VAL A 146 -2.73 27.95 29.68
CA VAL A 146 -2.46 28.60 28.41
C VAL A 146 -0.96 28.96 28.37
N VAL A 147 -0.26 28.58 27.30
CA VAL A 147 1.18 28.88 27.16
C VAL A 147 1.48 29.69 25.89
N THR A 148 2.25 30.77 26.03
CA THR A 148 2.68 31.57 24.85
C THR A 148 3.86 30.94 24.09
N VAL A 149 3.90 31.23 22.79
CA VAL A 149 5.04 30.96 21.93
C VAL A 149 5.18 32.14 20.98
N PRO A 150 6.39 32.34 20.41
CA PRO A 150 6.58 33.45 19.47
C PRO A 150 5.77 33.18 18.24
N ALA A 151 5.10 34.21 17.69
CA ALA A 151 4.28 34.04 16.46
C ALA A 151 4.98 33.23 15.39
N TYR A 152 6.27 33.43 15.23
CA TYR A 152 6.98 32.80 14.12
C TYR A 152 7.49 31.36 14.38
N PHE A 153 7.23 30.80 15.55
CA PHE A 153 7.53 29.40 15.85
C PHE A 153 6.82 28.53 14.82
N ASN A 154 7.52 27.51 14.38
CA ASN A 154 7.03 26.59 13.41
C ASN A 154 6.29 25.46 14.12
N ASP A 155 6.07 24.35 13.43
CA ASP A 155 5.25 23.24 13.90
C ASP A 155 5.93 22.43 14.99
N ALA A 156 7.15 22.01 14.73
CA ALA A 156 7.95 21.35 15.72
C ALA A 156 8.06 22.19 17.03
N GLN A 157 8.38 23.47 16.88
CA GLN A 157 8.57 24.33 18.05
C GLN A 157 7.32 24.44 18.92
N ARG A 158 6.15 24.41 18.28
CA ARG A 158 4.87 24.49 18.96
C ARG A 158 4.60 23.22 19.67
N GLN A 159 4.78 22.11 18.97
CA GLN A 159 4.55 20.80 19.54
C GLN A 159 5.45 20.59 20.75
N ALA A 160 6.71 20.99 20.66
CA ALA A 160 7.66 20.72 21.73
C ALA A 160 7.27 21.52 22.95
N THR A 161 6.85 22.77 22.77
CA THR A 161 6.38 23.59 23.90
C THR A 161 5.18 22.91 24.61
N LYS A 162 4.30 22.33 23.82
CA LYS A 162 3.14 21.57 24.32
C LYS A 162 3.57 20.33 25.10
N ASP A 163 4.46 19.54 24.51
CA ASP A 163 5.08 18.41 25.22
C ASP A 163 5.73 18.88 26.53
N ALA A 164 6.52 19.94 26.49
CA ALA A 164 7.09 20.47 27.71
C ALA A 164 5.99 20.64 28.78
N GLY A 165 4.86 21.24 28.40
CA GLY A 165 3.74 21.42 29.31
C GLY A 165 3.33 20.09 29.91
N THR A 166 3.14 19.09 29.07
CA THR A 166 2.76 17.75 29.51
C THR A 166 3.69 17.19 30.58
N ILE A 167 5.00 17.21 30.31
CA ILE A 167 6.07 16.66 31.19
C ILE A 167 6.08 17.33 32.58
N ALA A 168 5.67 18.61 32.65
CA ALA A 168 5.52 19.34 33.91
C ALA A 168 4.13 19.13 34.54
N GLY A 169 3.42 18.07 34.15
CA GLY A 169 2.03 17.85 34.56
C GLY A 169 0.98 18.92 34.25
N LEU A 170 1.01 19.54 33.07
CA LEU A 170 0.02 20.59 32.69
C LEU A 170 -0.67 20.24 31.38
N ASN A 171 -1.96 20.41 31.31
CA ASN A 171 -2.61 20.32 30.03
C ASN A 171 -2.50 21.69 29.35
N VAL A 172 -1.69 21.78 28.30
CA VAL A 172 -1.69 23.00 27.50
C VAL A 172 -2.94 23.05 26.60
N MET A 173 -3.90 23.88 26.98
CA MET A 173 -5.19 23.99 26.29
C MET A 173 -5.02 24.74 25.01
N ARG A 174 -4.42 25.90 25.11
CA ARG A 174 -4.18 26.76 23.98
C ARG A 174 -2.73 27.24 24.05
N ILE A 175 -2.02 27.06 22.94
CA ILE A 175 -0.79 27.82 22.60
C ILE A 175 -1.26 29.13 22.02
N ILE A 176 -0.79 30.24 22.56
CA ILE A 176 -1.17 31.55 22.03
C ILE A 176 0.07 32.36 21.60
N ASN A 177 0.10 32.94 20.42
CA ASN A 177 1.25 33.73 19.96
C ASN A 177 1.45 35.02 20.74
N GLU A 178 2.70 35.34 21.03
CA GLU A 178 3.03 36.41 21.97
C GLU A 178 2.47 37.79 21.59
N PRO A 179 2.57 38.20 20.31
CA PRO A 179 2.06 39.54 19.97
C PRO A 179 0.53 39.61 20.10
N THR A 180 -0.14 38.48 19.83
CA THR A 180 -1.59 38.38 19.99
C THR A 180 -1.90 38.62 21.47
N ALA A 181 -1.23 37.85 22.33
CA ALA A 181 -1.42 38.00 23.77
C ALA A 181 -1.20 39.42 24.24
N ALA A 182 -0.11 40.02 23.80
CA ALA A 182 0.16 41.41 24.18
C ALA A 182 -0.94 42.31 23.66
N ALA A 183 -1.49 41.99 22.50
CA ALA A 183 -2.54 42.81 21.87
C ALA A 183 -3.77 42.86 22.77
N ILE A 184 -4.15 41.71 23.29
CA ILE A 184 -5.22 41.64 24.29
C ILE A 184 -4.94 42.51 25.49
N ALA A 185 -3.72 42.44 25.98
CA ALA A 185 -3.33 43.28 27.09
C ALA A 185 -3.45 44.76 26.72
N TYR A 186 -3.12 45.10 25.48
CA TYR A 186 -3.23 46.49 25.04
C TYR A 186 -4.67 46.96 24.86
N GLY A 187 -5.45 46.18 24.09
CA GLY A 187 -6.69 46.64 23.49
C GLY A 187 -7.93 45.86 23.83
N LEU A 188 -7.96 45.27 25.03
CA LEU A 188 -9.13 44.58 25.54
C LEU A 188 -10.23 45.53 25.86
N ASP A 189 -9.91 46.57 26.63
CA ASP A 189 -10.90 47.53 27.12
C ASP A 189 -11.14 48.68 26.15
N LYS A 190 -10.52 48.62 24.97
CA LYS A 190 -10.64 49.72 24.02
C LYS A 190 -11.98 49.65 23.30
N ARG A 191 -12.69 50.77 23.24
CA ARG A 191 -13.92 50.89 22.45
C ARG A 191 -13.81 52.09 21.47
N GLU A 192 -12.95 51.98 20.47
CA GLU A 192 -12.68 53.11 19.60
C GLU A 192 -12.95 52.81 18.11
N GLY A 193 -13.56 51.66 17.81
CA GLY A 193 -13.77 51.24 16.44
C GLY A 193 -12.60 50.42 15.93
N GLU A 194 -12.60 50.08 14.66
CA GLU A 194 -11.53 49.28 14.03
C GLU A 194 -10.31 50.15 13.86
N LYS A 195 -9.24 49.78 14.57
CA LYS A 195 -7.95 50.42 14.47
C LYS A 195 -6.89 49.40 14.16
N ASN A 196 -5.94 49.80 13.31
CA ASN A 196 -4.82 48.95 12.96
C ASN A 196 -3.73 49.08 13.97
N ILE A 197 -3.31 47.94 14.52
CA ILE A 197 -2.35 47.92 15.58
C ILE A 197 -1.18 47.08 15.14
N LEU A 198 0.02 47.60 15.34
CA LEU A 198 1.24 46.87 15.06
C LEU A 198 1.87 46.56 16.40
N VAL A 199 2.05 45.26 16.66
CA VAL A 199 2.65 44.78 17.91
C VAL A 199 4.02 44.27 17.55
N PHE A 200 5.00 44.86 18.26
CA PHE A 200 6.42 44.70 18.00
C PHE A 200 7.01 44.07 19.21
N ASP A 201 7.16 42.75 19.18
CA ASP A 201 7.71 41.99 20.35
C ASP A 201 9.20 41.63 20.22
N LEU A 202 10.04 42.27 21.05
CA LEU A 202 11.47 41.98 21.05
C LEU A 202 11.93 41.62 22.45
N GLY A 203 12.16 40.34 22.69
CA GLY A 203 12.61 39.88 23.99
C GLY A 203 14.05 39.43 24.05
N GLY A 204 14.23 38.26 24.65
CA GLY A 204 15.55 37.81 25.13
C GLY A 204 16.21 36.95 24.09
N GLY A 205 15.38 36.26 23.31
CA GLY A 205 15.88 35.39 22.24
C GLY A 205 15.10 35.36 20.91
N ALA A 206 13.95 36.03 20.84
CA ALA A 206 13.07 35.94 19.70
C ALA A 206 12.42 37.26 19.38
N PHE A 207 12.08 37.44 18.11
CA PHE A 207 11.47 38.64 17.59
C PHE A 207 10.22 38.32 16.77
N ASP A 208 9.08 38.88 17.21
CA ASP A 208 7.76 38.70 16.59
C ASP A 208 7.14 40.04 16.25
N VAL A 209 6.52 40.12 15.07
CA VAL A 209 5.75 41.31 14.67
C VAL A 209 4.43 40.86 14.11
N SER A 210 3.35 41.48 14.57
CA SER A 210 2.04 41.17 14.00
C SER A 210 1.26 42.45 13.71
N LEU A 211 0.59 42.47 12.57
CA LEU A 211 -0.41 43.48 12.37
C LEU A 211 -1.76 42.89 12.69
N LEU A 212 -2.42 43.49 13.69
CA LEU A 212 -3.78 43.13 14.09
C LEU A 212 -4.78 44.20 13.74
N THR A 213 -6.01 43.76 13.60
CA THR A 213 -7.14 44.63 13.64
C THR A 213 -7.76 44.45 15.00
N ILE A 214 -8.09 45.57 15.64
CA ILE A 214 -8.79 45.53 16.92
C ILE A 214 -9.99 46.48 16.86
N ASP A 215 -11.15 45.86 16.59
CA ASP A 215 -12.47 46.52 16.58
C ASP A 215 -13.18 46.13 17.90
N ASN A 216 -13.25 47.10 18.81
CA ASN A 216 -13.89 46.90 20.09
C ASN A 216 -13.29 45.71 20.90
N GLY A 217 -14.00 44.60 21.03
CA GLY A 217 -13.40 43.43 21.69
C GLY A 217 -13.00 42.34 20.73
N VAL A 218 -12.91 42.66 19.44
CA VAL A 218 -12.61 41.62 18.42
C VAL A 218 -11.22 41.77 17.81
N PHE A 219 -10.38 40.79 18.09
CA PHE A 219 -8.99 40.83 17.67
C PHE A 219 -8.80 39.91 16.49
N GLU A 220 -8.25 40.48 15.42
CA GLU A 220 -7.93 39.72 14.22
C GLU A 220 -6.53 40.02 13.72
N VAL A 221 -5.78 38.95 13.55
CA VAL A 221 -4.41 39.06 13.12
C VAL A 221 -4.46 39.02 11.61
N VAL A 222 -3.92 40.05 10.97
CA VAL A 222 -3.88 40.10 9.50
C VAL A 222 -2.63 39.43 8.96
N ALA A 223 -1.48 39.87 9.44
CA ALA A 223 -0.20 39.31 8.97
C ALA A 223 0.84 39.20 10.08
N THR A 224 1.68 38.17 9.99
CA THR A 224 2.72 37.92 11.00
C THR A 224 4.06 37.54 10.36
N ASN A 225 5.15 37.88 11.05
CA ASN A 225 6.52 37.59 10.60
C ASN A 225 7.47 37.89 11.77
N GLY A 226 8.68 37.35 11.73
CA GLY A 226 9.69 37.69 12.72
C GLY A 226 11.02 36.95 12.53
N ASP A 227 11.86 36.97 13.57
CA ASP A 227 13.10 36.16 13.61
C ASP A 227 13.11 35.40 14.93
N THR A 228 13.07 34.07 14.89
CA THR A 228 13.01 33.31 16.16
C THR A 228 14.37 33.23 16.88
N HIS A 229 15.48 33.51 16.19
CA HIS A 229 16.81 33.61 16.82
C HIS A 229 17.40 35.03 16.68
N LEU A 230 16.79 35.94 17.37
CA LEU A 230 17.24 37.31 17.44
C LEU A 230 16.65 37.96 18.69
N GLY A 231 17.49 38.42 19.62
CA GLY A 231 17.01 39.04 20.82
C GLY A 231 18.11 39.56 21.75
N GLY A 232 17.71 40.00 22.94
CA GLY A 232 18.65 40.49 23.91
C GLY A 232 19.94 39.72 24.10
N GLU A 233 19.87 38.38 24.06
CA GLU A 233 21.05 37.54 24.30
C GLU A 233 22.11 37.69 23.21
N ASP A 234 21.64 38.06 22.02
CA ASP A 234 22.49 38.31 20.87
C ASP A 234 23.18 39.65 20.96
N PHE A 235 22.52 40.65 21.51
CA PHE A 235 23.18 41.93 21.76
C PHE A 235 24.28 41.74 22.82
N ASP A 236 23.93 40.99 23.87
CA ASP A 236 24.89 40.65 24.92
C ASP A 236 26.13 39.94 24.34
N GLN A 237 25.90 39.02 23.41
CA GLN A 237 26.95 38.18 22.84
C GLN A 237 27.91 38.95 21.93
N ARG A 238 27.42 40.01 21.29
CA ARG A 238 28.26 40.88 20.51
C ARG A 238 29.18 41.70 21.48
N VAL A 239 28.63 42.19 22.58
CA VAL A 239 29.38 42.99 23.54
C VAL A 239 30.42 42.15 24.27
N MET A 240 30.16 40.84 24.45
CA MET A 240 31.11 39.88 25.04
C MET A 240 32.26 39.62 24.06
N GLU A 241 31.94 39.17 22.86
CA GLU A 241 32.95 38.95 21.82
C GLU A 241 33.90 40.18 21.75
N HIS A 242 33.35 41.38 21.79
CA HIS A 242 34.18 42.57 21.79
C HIS A 242 35.15 42.62 23.00
N PHE A 243 34.65 42.55 24.24
CA PHE A 243 35.53 42.67 25.44
C PHE A 243 36.57 41.55 25.62
N ILE A 244 36.26 40.38 25.07
CA ILE A 244 37.20 39.29 25.07
C ILE A 244 38.34 39.77 24.16
N LYS A 245 38.11 39.96 22.87
CA LYS A 245 39.13 40.62 21.96
C LYS A 245 39.88 41.79 22.60
N LEU A 246 39.17 42.79 23.04
CA LEU A 246 39.85 43.85 23.75
C LEU A 246 40.78 43.35 24.89
N TYR A 247 40.32 42.40 25.71
CA TYR A 247 41.13 41.96 26.85
C TYR A 247 42.38 41.22 26.38
N LYS A 248 42.30 40.49 25.24
CA LYS A 248 43.47 39.80 24.63
C LYS A 248 44.45 40.79 24.04
N LYS A 249 43.94 41.92 23.56
CA LYS A 249 44.78 43.01 23.03
C LYS A 249 45.64 43.57 24.18
N LYS A 250 44.98 43.81 25.28
CA LYS A 250 45.55 44.60 26.33
C LYS A 250 46.34 43.76 27.31
N THR A 251 46.16 42.43 27.32
CA THR A 251 46.80 41.56 28.33
C THR A 251 47.42 40.31 27.75
N GLY A 252 47.11 40.00 26.51
CA GLY A 252 47.62 38.80 25.84
C GLY A 252 46.86 37.52 26.14
N LYS A 253 45.99 37.53 27.16
CA LYS A 253 45.25 36.33 27.57
C LYS A 253 43.96 36.17 26.77
N ASP A 254 43.66 34.94 26.36
CA ASP A 254 42.40 34.58 25.71
C ASP A 254 41.55 33.88 26.78
N VAL A 255 40.41 34.47 27.17
CA VAL A 255 39.61 33.95 28.28
C VAL A 255 38.49 33.05 27.81
N ARG A 256 38.35 32.88 26.50
CA ARG A 256 37.26 32.07 25.95
C ARG A 256 37.19 30.67 26.52
N LYS A 257 38.30 30.06 26.89
CA LYS A 257 38.29 28.66 27.40
C LYS A 257 37.71 28.52 28.84
N ASP A 258 37.82 29.56 29.67
CA ASP A 258 37.32 29.59 31.06
C ASP A 258 35.86 30.06 31.18
N ASN A 259 34.92 29.11 31.31
CA ASN A 259 33.47 29.38 31.40
C ASN A 259 33.10 30.28 32.55
N ARG A 260 33.84 30.20 33.65
CA ARG A 260 33.61 31.14 34.74
C ARG A 260 33.78 32.57 34.27
N ALA A 261 34.91 32.84 33.66
CA ALA A 261 35.24 34.20 33.22
C ALA A 261 34.20 34.71 32.26
N VAL A 262 33.96 33.94 31.20
CA VAL A 262 33.00 34.33 30.19
C VAL A 262 31.70 34.64 30.86
N GLN A 263 31.22 33.74 31.73
CA GLN A 263 29.93 33.92 32.41
C GLN A 263 29.88 35.10 33.35
N LYS A 264 30.97 35.33 34.09
CA LYS A 264 31.03 36.56 34.88
C LYS A 264 30.85 37.76 33.95
N LEU A 265 31.45 37.68 32.75
CA LEU A 265 31.44 38.80 31.79
C LEU A 265 30.03 39.02 31.28
N ARG A 266 29.33 37.92 30.98
CA ARG A 266 27.93 37.91 30.48
C ARG A 266 26.97 38.60 31.43
N ARG A 267 27.16 38.26 32.70
CA ARG A 267 26.37 38.76 33.79
C ARG A 267 26.49 40.25 33.89
N GLU A 268 27.72 40.75 33.84
CA GLU A 268 27.94 42.18 34.06
C GLU A 268 27.61 42.94 32.76
N VAL A 269 27.88 42.33 31.62
CA VAL A 269 27.51 42.93 30.36
C VAL A 269 26.02 43.28 30.33
N GLU A 270 25.19 42.26 30.52
CA GLU A 270 23.73 42.41 30.70
C GLU A 270 23.33 43.59 31.61
N LYS A 271 23.89 43.60 32.81
CA LYS A 271 23.69 44.68 33.75
C LYS A 271 24.09 46.03 33.13
N ALA A 272 25.19 46.08 32.35
CA ALA A 272 25.62 47.29 31.61
C ALA A 272 24.61 47.70 30.55
N LYS A 273 24.22 46.73 29.75
CA LYS A 273 23.23 46.98 28.72
C LYS A 273 22.01 47.69 29.26
N ARG A 274 21.44 47.15 30.33
CA ARG A 274 20.27 47.73 30.96
C ARG A 274 20.52 49.17 31.35
N ALA A 275 21.69 49.45 31.92
CA ALA A 275 22.02 50.80 32.40
C ALA A 275 22.07 51.73 31.21
N LEU A 276 22.54 51.21 30.08
CA LEU A 276 22.71 52.03 28.90
C LEU A 276 21.40 52.38 28.23
N SER A 277 20.29 51.97 28.82
CA SER A 277 19.00 52.37 28.27
C SER A 277 18.55 53.67 28.87
N SER A 278 19.18 54.07 29.99
CA SER A 278 18.88 55.33 30.68
C SER A 278 20.13 56.17 30.98
N GLN A 279 21.29 55.59 30.82
CA GLN A 279 22.53 56.34 30.90
C GLN A 279 23.25 56.27 29.54
N HIS A 280 24.33 57.03 29.45
CA HIS A 280 25.14 57.13 28.20
C HIS A 280 26.42 56.35 28.36
N GLN A 281 26.65 55.83 29.59
CA GLN A 281 27.87 55.15 29.98
C GLN A 281 27.70 54.25 31.18
N ALA A 282 28.50 53.17 31.23
CA ALA A 282 28.42 52.15 32.24
C ALA A 282 29.78 51.55 32.43
N ARG A 283 30.26 51.54 33.67
CA ARG A 283 31.47 50.79 34.01
C ARG A 283 31.22 49.28 34.23
N ILE A 284 32.07 48.44 33.65
CA ILE A 284 31.98 47.01 33.75
C ILE A 284 33.20 46.65 34.53
N GLU A 285 33.03 46.40 35.81
CA GLU A 285 34.14 46.01 36.70
C GLU A 285 33.87 44.61 37.20
N ILE A 286 34.79 43.68 36.92
CA ILE A 286 34.73 42.27 37.44
C ILE A 286 35.95 41.88 38.25
N GLU A 287 35.75 41.62 39.54
CA GLU A 287 36.86 41.32 40.46
C GLU A 287 37.25 39.85 40.32
N SER A 288 38.55 39.63 40.16
CA SER A 288 39.12 38.30 40.01
C SER A 288 38.43 37.65 38.82
N PHE A 289 38.71 38.22 37.66
CA PHE A 289 38.03 37.86 36.44
C PHE A 289 38.67 36.62 35.96
N TYR A 290 39.99 36.68 35.78
CA TYR A 290 40.73 35.60 35.10
C TYR A 290 42.12 35.42 35.63
N GLU A 291 42.50 34.16 35.77
CA GLU A 291 43.61 33.80 36.62
C GLU A 291 43.28 34.46 37.94
N GLY A 292 43.95 35.49 38.40
CA GLY A 292 43.42 36.10 39.65
C GLY A 292 43.07 37.56 39.51
N GLU A 293 43.20 38.03 38.28
CA GLU A 293 43.35 39.42 38.05
C GLU A 293 42.01 40.03 37.70
N ASP A 294 41.83 41.29 38.07
CA ASP A 294 40.54 41.97 37.91
C ASP A 294 40.41 42.53 36.48
N PHE A 295 39.16 42.68 36.03
CA PHE A 295 38.80 43.28 34.77
C PHE A 295 38.14 44.63 34.98
N SER A 296 38.38 45.59 34.10
CA SER A 296 37.72 46.94 34.23
C SER A 296 37.62 47.77 32.93
N GLU A 297 36.40 48.00 32.47
CA GLU A 297 36.19 48.72 31.23
C GLU A 297 34.90 49.56 31.27
N THR A 298 34.76 50.40 30.27
CA THR A 298 33.66 51.32 30.15
C THR A 298 32.99 51.06 28.81
N LEU A 299 31.67 50.91 28.79
CA LEU A 299 30.94 50.72 27.53
C LEU A 299 30.06 51.92 27.41
N THR A 300 30.27 52.72 26.35
CA THR A 300 29.44 53.88 26.10
C THR A 300 28.27 53.35 25.32
N ARG A 301 27.15 54.07 25.33
CA ARG A 301 25.98 53.69 24.53
C ARG A 301 26.28 53.69 23.02
N ALA A 302 27.13 54.63 22.60
CA ALA A 302 27.55 54.66 21.21
C ALA A 302 28.20 53.33 20.85
N LYS A 303 29.12 52.84 21.66
CA LYS A 303 29.77 51.56 21.32
C LYS A 303 28.78 50.35 21.31
N PHE A 304 27.91 50.30 22.33
CA PHE A 304 26.89 49.27 22.41
C PHE A 304 26.06 49.19 21.10
N GLU A 305 25.69 50.38 20.56
CA GLU A 305 25.08 50.54 19.20
C GLU A 305 26.01 50.13 18.01
N GLU A 306 27.26 50.62 17.86
CA GLU A 306 28.12 50.16 16.66
C GLU A 306 28.12 48.66 16.55
N LEU A 307 28.39 47.98 17.67
CA LEU A 307 28.41 46.50 17.80
C LEU A 307 27.11 45.80 17.38
N ASN A 308 25.98 46.46 17.59
CA ASN A 308 24.71 45.84 17.38
C ASN A 308 23.80 46.38 16.25
N MET A 309 24.33 47.30 15.46
CA MET A 309 23.47 48.07 14.59
C MET A 309 22.89 47.20 13.46
N ASP A 310 23.71 46.32 12.90
CA ASP A 310 23.14 45.41 11.90
C ASP A 310 21.90 44.65 12.43
N LEU A 311 21.99 44.15 13.69
CA LEU A 311 20.92 43.38 14.34
C LEU A 311 19.65 44.23 14.63
N PHE A 312 19.89 45.45 15.15
CA PHE A 312 18.82 46.44 15.36
C PHE A 312 18.08 46.69 14.05
N ARG A 313 18.80 47.00 12.99
CA ARG A 313 18.16 47.33 11.70
C ARG A 313 17.43 46.15 11.09
N SER A 314 17.85 44.93 11.37
CA SER A 314 17.25 43.76 10.73
C SER A 314 15.85 43.49 11.27
N THR A 315 15.47 44.18 12.35
CA THR A 315 14.08 44.09 12.85
C THR A 315 13.08 44.79 11.96
N MET A 316 13.53 45.70 11.10
CA MET A 316 12.65 46.37 10.16
C MET A 316 12.24 45.49 8.97
N LYS A 317 13.07 44.49 8.62
CA LYS A 317 12.75 43.61 7.47
C LYS A 317 11.44 42.78 7.63
N PRO A 318 11.23 42.13 8.79
CA PRO A 318 9.95 41.49 9.02
C PRO A 318 8.77 42.47 9.13
N VAL A 319 9.01 43.66 9.70
CA VAL A 319 7.98 44.73 9.78
C VAL A 319 7.50 45.21 8.39
N GLN A 320 8.43 45.35 7.44
CA GLN A 320 8.05 45.58 6.03
C GLN A 320 7.17 44.45 5.52
N LYS A 321 7.69 43.23 5.54
CA LYS A 321 6.92 42.08 5.07
C LYS A 321 5.50 42.03 5.64
N VAL A 322 5.37 42.47 6.88
CA VAL A 322 4.09 42.45 7.53
C VAL A 322 3.16 43.39 6.77
N LEU A 323 3.61 44.63 6.55
CA LEU A 323 2.81 45.61 5.80
C LEU A 323 2.49 45.16 4.35
N GLU A 324 3.54 44.75 3.63
CA GLU A 324 3.40 44.17 2.31
C GLU A 324 2.29 43.11 2.28
N ASP A 325 2.29 42.19 3.23
CA ASP A 325 1.26 41.13 3.34
C ASP A 325 -0.10 41.68 3.74
N SER A 326 -0.10 42.80 4.45
CA SER A 326 -1.31 43.46 4.93
C SER A 326 -1.93 44.39 3.90
N ASP A 327 -1.29 44.47 2.72
CA ASP A 327 -1.66 45.43 1.68
C ASP A 327 -1.88 46.88 2.20
N LEU A 328 -1.32 47.18 3.39
CA LEU A 328 -1.42 48.49 4.05
C LEU A 328 -0.11 49.21 3.95
N LYS A 329 -0.11 50.50 4.29
CA LYS A 329 1.11 51.28 4.29
C LYS A 329 1.28 52.04 5.61
N LYS A 330 2.49 52.55 5.82
CA LYS A 330 2.94 53.06 7.13
C LYS A 330 1.93 53.98 7.79
N SER A 331 1.32 54.90 7.03
CA SER A 331 0.38 55.91 7.55
C SER A 331 -0.97 55.31 8.01
N ASP A 332 -1.27 54.11 7.52
CA ASP A 332 -2.48 53.38 7.94
C ASP A 332 -2.40 52.96 9.40
N ILE A 333 -1.19 52.72 9.91
CA ILE A 333 -1.01 52.19 11.26
C ILE A 333 -1.39 53.24 12.31
N ASP A 334 -2.38 52.89 13.14
CA ASP A 334 -2.94 53.78 14.16
C ASP A 334 -2.10 53.84 15.44
N GLU A 335 -1.59 52.68 15.87
CA GLU A 335 -0.66 52.60 17.03
C GLU A 335 0.31 51.46 16.81
N ILE A 336 1.52 51.65 17.30
CA ILE A 336 2.61 50.67 17.30
C ILE A 336 2.90 50.31 18.73
N VAL A 337 2.64 49.08 19.12
CA VAL A 337 2.80 48.65 20.50
C VAL A 337 4.13 47.92 20.66
N LEU A 338 4.87 48.29 21.69
CA LEU A 338 6.15 47.69 22.01
C LEU A 338 6.02 46.79 23.23
N VAL A 339 6.46 45.55 23.04
CA VAL A 339 6.60 44.59 24.13
C VAL A 339 7.90 43.80 23.99
N GLY A 340 8.33 43.25 25.12
CA GLY A 340 9.63 42.59 25.27
C GLY A 340 10.58 43.57 25.96
N GLY A 341 11.42 43.06 26.85
CA GLY A 341 12.37 43.92 27.54
C GLY A 341 13.34 44.66 26.62
N SER A 342 13.68 44.02 25.51
CA SER A 342 14.65 44.58 24.60
C SER A 342 14.16 45.88 23.94
N THR A 343 12.85 46.11 23.90
CA THR A 343 12.28 47.38 23.37
C THR A 343 12.54 48.62 24.26
N ARG A 344 13.14 48.44 25.41
CA ARG A 344 13.53 49.56 26.26
C ARG A 344 14.79 50.23 25.72
N ILE A 345 15.56 49.51 24.90
CA ILE A 345 16.76 50.06 24.24
C ILE A 345 16.35 51.23 23.38
N PRO A 346 16.84 52.45 23.70
CA PRO A 346 16.48 53.65 22.93
C PRO A 346 16.64 53.52 21.42
N LYS A 347 17.72 52.92 20.94
CA LYS A 347 17.93 52.82 19.50
C LYS A 347 16.85 52.02 18.80
N ILE A 348 16.28 51.03 19.48
CA ILE A 348 15.19 50.24 18.91
C ILE A 348 13.95 51.10 18.82
N GLN A 349 13.63 51.81 19.89
CA GLN A 349 12.56 52.81 19.84
C GLN A 349 12.79 53.82 18.73
N GLN A 350 14.01 54.31 18.61
CA GLN A 350 14.32 55.26 17.53
C GLN A 350 14.16 54.71 16.09
N LEU A 351 14.81 53.60 15.77
CA LEU A 351 14.59 52.95 14.46
C LEU A 351 13.11 52.70 14.11
N VAL A 352 12.27 52.51 15.12
CA VAL A 352 10.85 52.22 14.91
C VAL A 352 10.11 53.52 14.62
N LYS A 353 10.37 54.56 15.41
CA LYS A 353 9.82 55.88 15.13
C LYS A 353 10.16 56.36 13.73
N GLU A 354 11.42 56.19 13.31
CA GLU A 354 11.85 56.67 12.01
C GLU A 354 11.20 55.89 10.90
N PHE A 355 11.14 54.57 11.01
CA PHE A 355 10.43 53.76 10.01
C PHE A 355 9.00 54.24 9.74
N PHE A 356 8.32 54.75 10.77
CA PHE A 356 6.93 55.20 10.65
C PHE A 356 6.94 56.74 10.66
N ASN A 357 7.95 57.29 10.00
CA ASN A 357 8.03 58.73 9.77
C ASN A 357 7.66 59.59 10.98
N GLY A 358 8.27 59.31 12.11
CA GLY A 358 8.17 60.18 13.26
C GLY A 358 6.99 59.87 14.15
N LYS A 359 6.29 58.79 13.83
CA LYS A 359 5.18 58.33 14.70
C LYS A 359 5.68 57.79 16.07
N GLU A 360 5.18 58.36 17.17
CA GLU A 360 5.58 57.93 18.53
C GLU A 360 4.86 56.64 18.96
N PRO A 361 5.61 55.55 19.27
CA PRO A 361 5.04 54.31 19.85
C PRO A 361 4.33 54.46 21.18
N SER A 362 3.54 53.45 21.56
CA SER A 362 2.68 53.49 22.76
C SER A 362 3.34 53.11 24.11
N ARG A 363 3.03 53.92 25.10
CA ARG A 363 3.53 53.75 26.47
C ARG A 363 2.42 53.03 27.25
N GLY A 364 2.43 53.18 28.58
CA GLY A 364 1.38 52.61 29.43
C GLY A 364 1.51 51.13 29.70
N ILE A 365 2.12 50.39 28.78
CA ILE A 365 2.03 48.92 28.78
C ILE A 365 3.36 48.21 29.11
N ASN A 366 3.40 47.58 30.27
CA ASN A 366 4.59 46.90 30.79
C ASN A 366 5.09 45.87 29.80
N PRO A 367 6.31 46.08 29.28
CA PRO A 367 6.83 45.23 28.22
C PRO A 367 7.29 43.85 28.69
N ASP A 368 7.48 43.70 29.99
CA ASP A 368 7.87 42.41 30.53
C ASP A 368 6.67 41.52 30.83
N GLU A 369 5.53 42.14 31.13
CA GLU A 369 4.40 41.42 31.69
C GLU A 369 3.18 41.27 30.75
N ALA A 370 3.09 42.18 29.80
CA ALA A 370 1.98 42.21 28.88
C ALA A 370 1.66 40.85 28.27
N VAL A 371 2.67 40.09 27.90
CA VAL A 371 2.41 38.86 27.19
C VAL A 371 1.71 37.84 28.05
N ALA A 372 2.05 37.82 29.33
CA ALA A 372 1.42 36.90 30.25
C ALA A 372 0.06 37.49 30.62
N TYR A 373 0.01 38.80 30.80
CA TYR A 373 -1.29 39.43 31.03
C TYR A 373 -2.33 38.85 30.06
N GLY A 374 -2.05 38.98 28.77
CA GLY A 374 -3.00 38.52 27.78
C GLY A 374 -3.25 37.05 27.84
N ALA A 375 -2.27 36.30 28.30
CA ALA A 375 -2.42 34.86 28.31
C ALA A 375 -3.38 34.54 29.43
N ALA A 376 -3.30 35.31 30.51
CA ALA A 376 -4.12 35.10 31.70
C ALA A 376 -5.57 35.36 31.34
N VAL A 377 -5.80 36.43 30.58
CA VAL A 377 -7.13 36.77 30.08
C VAL A 377 -7.71 35.62 29.29
N GLN A 378 -7.00 35.17 28.28
CA GLN A 378 -7.40 33.99 27.51
C GLN A 378 -7.59 32.74 28.38
N ALA A 379 -6.91 32.69 29.52
CA ALA A 379 -7.11 31.59 30.48
C ALA A 379 -8.42 31.75 31.21
N GLY A 380 -8.73 32.99 31.60
CA GLY A 380 -9.99 33.30 32.26
C GLY A 380 -11.14 32.85 31.38
N VAL A 381 -11.10 33.24 30.13
CA VAL A 381 -12.11 32.80 29.21
C VAL A 381 -12.25 31.27 29.30
N LEU A 382 -11.14 30.54 29.16
CA LEU A 382 -11.19 29.08 29.15
C LEU A 382 -11.56 28.47 30.51
N SER A 383 -11.34 29.22 31.59
CA SER A 383 -11.69 28.77 32.98
C SER A 383 -13.20 28.72 33.21
N GLY A 384 -13.98 29.00 32.18
CA GLY A 384 -15.41 29.14 32.30
C GLY A 384 -15.74 30.36 33.12
N ASP A 385 -16.44 30.15 34.24
CA ASP A 385 -17.08 31.23 34.99
C ASP A 385 -16.15 32.40 35.36
N GLN A 386 -15.82 33.22 34.36
CA GLN A 386 -15.15 34.47 34.61
C GLN A 386 -15.78 35.58 33.79
N ASP A 387 -15.73 36.79 34.35
CA ASP A 387 -16.28 37.99 33.71
C ASP A 387 -15.13 38.83 33.11
N THR A 388 -14.60 38.28 32.02
CA THR A 388 -13.74 39.03 31.14
C THR A 388 -14.65 39.86 30.24
N GLY A 389 -14.09 40.86 29.55
CA GLY A 389 -14.89 41.56 28.55
C GLY A 389 -15.13 40.65 27.36
N ASP A 390 -15.79 41.16 26.34
CA ASP A 390 -15.90 40.43 25.08
C ASP A 390 -14.50 40.17 24.56
N LEU A 391 -14.25 38.96 24.10
CA LEU A 391 -13.01 38.70 23.46
C LEU A 391 -13.27 37.78 22.28
N VAL A 392 -12.83 38.19 21.11
CA VAL A 392 -12.84 37.28 19.99
C VAL A 392 -11.45 37.34 19.43
N LEU A 393 -10.89 36.16 19.16
CA LEU A 393 -9.55 35.98 18.59
C LEU A 393 -9.63 35.24 17.28
N LEU A 394 -9.15 35.87 16.23
CA LEU A 394 -8.84 35.10 15.07
C LEU A 394 -7.37 35.28 14.80
N ASP A 395 -6.62 34.18 14.83
CA ASP A 395 -5.17 34.23 14.67
C ASP A 395 -4.81 33.33 13.50
N VAL A 396 -3.56 33.41 13.05
CA VAL A 396 -3.17 32.78 11.78
C VAL A 396 -2.02 31.79 11.87
N CYS A 397 -1.83 30.94 10.87
CA CYS A 397 -0.57 30.21 10.73
C CYS A 397 0.47 31.19 10.16
N PRO A 398 1.77 31.00 10.47
CA PRO A 398 2.79 31.98 10.05
C PRO A 398 3.57 31.57 8.78
N LEU A 399 3.60 30.29 8.45
CA LEU A 399 4.42 29.77 7.36
C LEU A 399 3.61 28.90 6.43
N THR A 400 3.76 29.16 5.14
CA THR A 400 3.07 28.42 4.10
C THR A 400 3.43 26.93 4.18
N LEU A 401 2.43 26.06 4.12
CA LEU A 401 2.73 24.62 4.06
C LEU A 401 2.62 24.19 2.62
N GLY A 402 3.42 23.20 2.24
CA GLY A 402 3.33 22.67 0.89
C GLY A 402 3.82 21.25 0.89
N ILE A 403 3.88 20.64 -0.29
CA ILE A 403 4.47 19.31 -0.43
C ILE A 403 5.53 19.33 -1.55
N GLU A 404 6.47 18.42 -1.50
CA GLU A 404 7.51 18.34 -2.54
C GLU A 404 6.89 17.68 -3.79
N THR A 405 7.19 18.23 -4.96
CA THR A 405 6.82 17.59 -6.23
C THR A 405 7.95 17.56 -7.26
N VAL A 406 7.79 16.62 -8.21
CA VAL A 406 8.79 16.28 -9.24
C VAL A 406 9.72 17.48 -9.49
N GLY A 407 11.02 17.18 -9.44
CA GLY A 407 12.03 18.18 -9.19
C GLY A 407 12.06 18.20 -7.68
N GLY A 408 12.13 19.40 -7.12
CA GLY A 408 11.91 19.61 -5.69
C GLY A 408 11.11 20.88 -5.55
N VAL A 409 9.87 20.81 -6.04
CA VAL A 409 9.05 22.01 -6.16
C VAL A 409 8.18 22.07 -4.94
N MET A 410 8.19 23.24 -4.31
CA MET A 410 7.32 23.53 -3.20
C MET A 410 5.94 23.83 -3.80
N THR A 411 5.16 22.77 -3.98
CA THR A 411 3.79 22.96 -4.40
C THR A 411 2.95 23.32 -3.16
N LYS A 412 2.63 24.62 -3.14
CA LYS A 412 1.96 25.31 -2.05
C LYS A 412 0.61 24.70 -1.73
N LEU A 413 0.22 24.72 -0.47
CA LEU A 413 -1.02 24.07 -0.05
C LEU A 413 -1.85 25.02 0.81
N ILE A 414 -1.21 25.55 1.86
CA ILE A 414 -1.87 26.48 2.78
C ILE A 414 -0.97 27.68 2.85
N PRO A 415 -1.45 28.80 2.34
CA PRO A 415 -0.66 30.02 2.43
C PRO A 415 -0.44 30.47 3.86
N ARG A 416 0.67 31.14 4.09
CA ARG A 416 0.90 31.87 5.33
C ARG A 416 -0.23 32.84 5.64
N ASN A 417 -0.21 33.40 6.85
CA ASN A 417 -1.31 34.27 7.29
C ASN A 417 -2.78 33.83 7.03
N THR A 418 -2.99 32.54 6.71
CA THR A 418 -4.29 31.87 6.79
C THR A 418 -4.81 31.77 8.27
N VAL A 419 -6.04 32.22 8.51
CA VAL A 419 -6.71 32.05 9.80
C VAL A 419 -6.83 30.58 10.23
N VAL A 420 -6.64 30.30 11.50
CA VAL A 420 -6.68 28.92 11.99
C VAL A 420 -7.78 28.77 13.04
N PRO A 421 -8.45 27.60 13.10
CA PRO A 421 -8.24 26.34 12.34
C PRO A 421 -8.61 26.42 10.86
N THR A 422 -7.81 25.80 9.99
CA THR A 422 -8.06 25.75 8.56
C THR A 422 -7.74 24.35 8.08
N LYS A 423 -8.28 23.95 6.94
CA LYS A 423 -7.87 22.67 6.36
C LYS A 423 -7.87 22.71 4.85
N LYS A 424 -7.12 21.80 4.25
CA LYS A 424 -7.00 21.72 2.80
C LYS A 424 -6.99 20.26 2.42
N SER A 425 -7.95 19.87 1.60
CA SER A 425 -8.04 18.51 1.03
C SER A 425 -7.17 18.37 -0.24
N GLN A 426 -6.82 17.14 -0.60
CA GLN A 426 -6.01 16.92 -1.77
C GLN A 426 -6.15 15.49 -2.25
N ILE A 427 -6.72 15.33 -3.44
CA ILE A 427 -6.91 13.99 -4.02
C ILE A 427 -5.62 13.54 -4.69
N PHE A 428 -5.17 12.36 -4.35
CA PHE A 428 -4.06 11.72 -5.05
C PHE A 428 -4.55 10.42 -5.64
N SER A 429 -3.90 9.99 -6.72
CA SER A 429 -4.28 8.77 -7.39
C SER A 429 -3.14 7.76 -7.35
N VAL A 430 -2.09 8.05 -6.57
CA VAL A 430 -0.96 7.13 -6.45
C VAL A 430 -1.40 6.02 -5.49
N GLY A 431 -1.27 4.77 -5.95
CA GLY A 431 -1.52 3.57 -5.13
C GLY A 431 -0.23 3.02 -4.55
N GLY A 432 -0.29 1.82 -3.97
CA GLY A 432 0.86 1.24 -3.29
C GLY A 432 1.10 1.91 -1.94
N THR A 433 2.33 2.38 -1.71
CA THR A 433 2.73 3.13 -0.49
C THR A 433 3.33 4.49 -0.83
N VAL A 434 2.55 5.55 -0.67
CA VAL A 434 2.99 6.89 -1.10
C VAL A 434 3.64 7.64 0.05
N THR A 435 4.70 8.36 -0.25
CA THR A 435 5.40 9.17 0.74
C THR A 435 5.15 10.66 0.48
N ILE A 436 4.73 11.38 1.52
CA ILE A 436 4.48 12.82 1.40
C ILE A 436 5.39 13.61 2.31
N LYS A 437 6.22 14.46 1.72
CA LYS A 437 7.07 15.35 2.46
C LYS A 437 6.38 16.69 2.55
N VAL A 438 5.99 17.10 3.75
CA VAL A 438 5.42 18.45 3.94
C VAL A 438 6.59 19.41 4.19
N TYR A 439 6.40 20.67 3.86
CA TYR A 439 7.45 21.70 4.06
C TYR A 439 6.87 23.01 4.55
N GLU A 440 7.70 23.83 5.16
CA GLU A 440 7.30 25.12 5.73
C GLU A 440 8.18 26.18 5.14
N GLY A 441 7.57 27.25 4.61
CA GLY A 441 8.31 28.42 4.19
C GLY A 441 7.91 28.94 2.82
N GLU A 442 8.36 30.16 2.53
CA GLU A 442 7.86 30.97 1.42
C GLU A 442 8.64 30.83 0.09
N ARG A 443 9.65 29.98 0.07
CA ARG A 443 10.50 29.84 -1.11
C ARG A 443 9.88 28.82 -2.08
N PRO A 444 10.06 29.03 -3.40
CA PRO A 444 9.43 28.16 -4.40
C PRO A 444 10.17 26.82 -4.64
N LEU A 445 11.26 26.62 -3.93
CA LEU A 445 12.02 25.40 -4.11
C LEU A 445 12.09 24.77 -2.72
N THR A 446 12.02 23.45 -2.70
CA THR A 446 11.92 22.68 -1.45
C THR A 446 13.19 22.74 -0.62
N LYS A 447 14.34 22.58 -1.28
CA LYS A 447 15.63 22.62 -0.59
C LYS A 447 15.73 23.83 0.32
N ASP A 448 15.09 24.93 -0.05
CA ASP A 448 15.31 26.20 0.61
C ASP A 448 14.31 26.51 1.72
N ASN A 449 13.49 25.51 2.05
CA ASN A 449 12.46 25.64 3.07
C ASN A 449 12.76 24.63 4.18
N HIS A 450 11.96 24.68 5.25
CA HIS A 450 12.09 23.76 6.35
C HIS A 450 11.23 22.51 6.25
N LEU A 451 11.85 21.35 6.27
CA LEU A 451 11.11 20.10 6.33
C LEU A 451 10.36 19.94 7.68
N LEU A 452 9.04 19.88 7.60
CA LEU A 452 8.20 19.67 8.78
C LEU A 452 8.12 18.17 9.12
N GLY A 453 7.96 17.32 8.12
CA GLY A 453 7.82 15.90 8.38
C GLY A 453 7.54 15.07 7.14
N THR A 454 7.58 13.76 7.32
CA THR A 454 7.35 12.82 6.24
C THR A 454 6.26 11.83 6.62
N PHE A 455 5.18 11.78 5.83
CA PHE A 455 3.99 10.97 6.11
C PHE A 455 3.74 9.86 5.07
N ASP A 456 3.91 8.62 5.51
CA ASP A 456 3.71 7.43 4.67
C ASP A 456 2.25 6.94 4.77
N LEU A 457 1.64 6.71 3.62
CA LEU A 457 0.30 6.11 3.53
C LEU A 457 0.37 4.64 3.14
N THR A 458 0.10 3.76 4.09
CA THR A 458 0.25 2.31 3.87
C THR A 458 -1.11 1.59 3.72
N GLY A 459 -2.21 2.27 4.00
CA GLY A 459 -3.54 1.62 4.04
C GLY A 459 -4.22 1.22 2.74
N ILE A 460 -3.88 1.88 1.63
CA ILE A 460 -4.66 1.88 0.36
C ILE A 460 -5.16 0.51 -0.15
N PRO A 461 -6.47 0.39 -0.52
CA PRO A 461 -6.96 -0.92 -0.99
C PRO A 461 -6.57 -1.24 -2.44
N PRO A 462 -6.36 -2.54 -2.76
CA PRO A 462 -5.88 -2.88 -4.09
C PRO A 462 -7.07 -3.05 -5.07
N ALA A 463 -6.98 -2.44 -6.25
CA ALA A 463 -8.11 -2.38 -7.22
C ALA A 463 -8.17 -3.57 -8.23
N PRO A 464 -9.35 -3.82 -8.85
CA PRO A 464 -9.49 -4.85 -9.91
C PRO A 464 -9.28 -4.27 -11.32
N ARG A 465 -9.93 -3.14 -11.60
CA ARG A 465 -9.51 -2.15 -12.61
C ARG A 465 -8.86 -0.95 -11.89
N GLY A 466 -7.71 -0.49 -12.39
CA GLY A 466 -6.68 0.09 -11.53
C GLY A 466 -6.69 1.54 -11.09
N VAL A 467 -5.88 1.80 -10.05
CA VAL A 467 -5.66 3.11 -9.41
C VAL A 467 -6.71 3.52 -8.36
N PRO A 468 -6.28 3.65 -7.09
CA PRO A 468 -7.10 4.20 -6.01
C PRO A 468 -7.04 5.74 -5.91
N GLN A 469 -8.16 6.33 -5.50
CA GLN A 469 -8.26 7.78 -5.29
C GLN A 469 -8.34 8.06 -3.80
N ILE A 470 -7.28 8.65 -3.28
CA ILE A 470 -7.15 8.97 -1.86
C ILE A 470 -7.28 10.48 -1.58
N GLU A 471 -8.05 10.85 -0.55
CA GLU A 471 -8.19 12.26 -0.15
C GLU A 471 -7.39 12.55 1.12
N VAL A 472 -6.27 13.24 0.95
CA VAL A 472 -5.40 13.60 2.04
C VAL A 472 -5.76 14.98 2.52
N THR A 473 -5.96 15.09 3.83
CA THR A 473 -6.44 16.29 4.46
C THR A 473 -5.39 16.86 5.41
N PHE A 474 -5.04 18.11 5.21
CA PHE A 474 -4.04 18.75 6.04
C PHE A 474 -4.78 19.77 6.88
N GLU A 475 -5.01 19.45 8.16
CA GLU A 475 -5.64 20.39 9.09
C GLU A 475 -4.63 21.09 10.04
N ILE A 476 -4.74 22.42 10.19
CA ILE A 476 -3.92 23.20 11.12
C ILE A 476 -4.82 23.66 12.26
N ASP A 477 -4.54 23.26 13.50
CA ASP A 477 -5.46 23.54 14.60
C ASP A 477 -5.30 24.95 15.18
N VAL A 478 -6.07 25.26 16.21
CA VAL A 478 -6.05 26.62 16.78
C VAL A 478 -4.69 26.94 17.36
N ASN A 479 -3.93 25.91 17.76
CA ASN A 479 -2.59 26.11 18.34
C ASN A 479 -1.53 26.40 17.27
N GLY A 480 -1.82 26.03 16.03
CA GLY A 480 -0.91 26.24 14.91
C GLY A 480 -0.27 24.95 14.45
N ILE A 481 -0.74 23.81 14.93
CA ILE A 481 -0.06 22.57 14.69
C ILE A 481 -0.77 21.72 13.66
N LEU A 482 0.00 21.08 12.79
CA LEU A 482 -0.56 20.27 11.71
C LEU A 482 -0.95 18.86 12.14
N ARG A 483 -2.14 18.42 11.70
CA ARG A 483 -2.57 17.01 11.76
C ARG A 483 -2.91 16.54 10.34
N VAL A 484 -2.51 15.32 9.97
CA VAL A 484 -2.67 14.82 8.61
C VAL A 484 -3.40 13.49 8.54
N THR A 485 -4.57 13.50 7.91
CA THR A 485 -5.41 12.29 7.81
C THR A 485 -5.77 11.99 6.37
N ALA A 486 -6.35 10.81 6.13
CA ALA A 486 -6.62 10.33 4.79
C ALA A 486 -7.89 9.51 4.75
N GLU A 487 -8.44 9.35 3.55
CA GLU A 487 -9.58 8.45 3.28
C GLU A 487 -9.63 8.14 1.78
N ASP A 488 -9.96 6.91 1.43
CA ASP A 488 -10.06 6.55 0.01
C ASP A 488 -11.52 6.68 -0.42
N LYS A 489 -11.73 6.99 -1.70
CA LYS A 489 -13.06 7.18 -2.26
C LYS A 489 -13.49 6.01 -3.16
N GLY A 490 -13.17 4.79 -2.70
CA GLY A 490 -13.53 3.56 -3.40
C GLY A 490 -14.40 2.60 -2.59
N THR A 491 -14.54 2.85 -1.29
CA THR A 491 -15.29 1.94 -0.39
C THR A 491 -16.37 2.68 0.41
N GLY A 492 -17.57 2.09 0.49
CA GLY A 492 -18.65 2.60 1.34
C GLY A 492 -18.63 1.89 2.68
N ASN A 493 -18.41 2.65 3.77
CA ASN A 493 -18.25 2.17 5.18
C ASN A 493 -16.78 2.10 5.69
N LYS A 494 -15.89 1.46 4.91
CA LYS A 494 -14.61 0.92 5.41
C LYS A 494 -13.44 1.85 5.73
N ASN A 495 -13.50 3.10 5.27
CA ASN A 495 -12.32 4.02 5.14
C ASN A 495 -10.99 3.59 5.77
N LYS A 496 -9.99 3.31 4.93
CA LYS A 496 -8.72 2.72 5.38
C LYS A 496 -7.58 3.76 5.44
N ILE A 497 -7.24 4.13 6.67
CA ILE A 497 -6.38 5.26 6.96
C ILE A 497 -5.16 4.74 7.74
N THR A 498 -3.96 4.90 7.17
CA THR A 498 -2.75 4.60 7.92
C THR A 498 -1.69 5.67 7.66
N ILE A 499 -1.38 6.43 8.71
CA ILE A 499 -0.38 7.49 8.67
C ILE A 499 0.76 7.09 9.58
N THR A 500 1.86 6.60 9.01
CA THR A 500 3.12 6.54 9.73
C THR A 500 3.71 7.95 9.60
N ASN A 501 4.19 8.52 10.69
CA ASN A 501 4.57 9.93 10.73
C ASN A 501 6.09 10.14 10.96
N ASP A 502 6.89 9.75 9.97
CA ASP A 502 8.36 9.86 10.06
C ASP A 502 8.75 11.32 10.31
N GLN A 503 8.95 11.68 11.59
CA GLN A 503 9.01 13.09 12.00
C GLN A 503 9.66 13.27 13.38
N ASN A 504 10.63 14.19 13.48
CA ASN A 504 11.44 14.39 14.71
C ASN A 504 10.67 14.90 15.93
N ARG A 505 9.99 13.99 16.61
CA ARG A 505 9.10 14.33 17.73
C ARG A 505 9.29 13.32 18.85
N LEU A 506 9.08 13.78 20.08
CA LEU A 506 9.05 12.87 21.23
C LEU A 506 7.86 11.93 21.03
N THR A 507 8.10 10.63 21.18
CA THR A 507 7.03 9.63 21.08
C THR A 507 6.14 9.74 22.32
N PRO A 508 4.99 9.01 22.34
CA PRO A 508 4.19 8.99 23.58
C PRO A 508 4.82 8.13 24.70
N GLU A 509 5.78 7.28 24.32
CA GLU A 509 6.57 6.47 25.25
C GLU A 509 7.66 7.32 25.89
N GLU A 510 8.34 8.12 25.06
CA GLU A 510 9.37 9.05 25.51
C GLU A 510 8.80 10.09 26.46
N ILE A 511 7.60 10.56 26.15
CA ILE A 511 6.95 11.53 27.00
C ILE A 511 6.57 10.90 28.32
N GLU A 512 6.20 9.63 28.33
CA GLU A 512 5.84 8.92 29.54
C GLU A 512 7.07 8.79 30.48
N ARG A 513 8.24 8.43 29.93
CA ARG A 513 9.47 8.35 30.79
C ARG A 513 9.76 9.71 31.39
N MET A 514 9.75 10.75 30.56
CA MET A 514 10.12 12.07 31.04
C MET A 514 9.12 12.59 32.08
N VAL A 515 7.85 12.20 31.96
CA VAL A 515 6.85 12.58 32.96
C VAL A 515 7.09 11.83 34.25
N ASN A 516 7.42 10.55 34.16
CA ASN A 516 7.69 9.80 35.39
C ASN A 516 9.01 10.25 36.03
N ASP A 517 10.06 10.53 35.23
CA ASP A 517 11.30 11.15 35.75
C ASP A 517 11.06 12.50 36.44
N ALA A 518 10.16 13.31 35.92
CA ALA A 518 9.82 14.53 36.60
C ALA A 518 9.18 14.20 37.96
N GLU A 519 8.27 13.22 37.99
CA GLU A 519 7.54 12.85 39.23
C GLU A 519 8.50 12.29 40.29
N LYS A 520 9.48 11.52 39.83
CA LYS A 520 10.57 11.08 40.68
C LYS A 520 11.28 12.25 41.30
N PHE A 521 11.94 13.08 40.50
CA PHE A 521 12.56 14.33 41.00
C PHE A 521 11.70 15.14 41.97
N ALA A 522 10.39 15.24 41.74
CA ALA A 522 9.56 15.93 42.72
C ALA A 522 9.63 15.20 44.06
N GLU A 523 9.45 13.88 44.02
CA GLU A 523 9.42 13.08 45.24
C GLU A 523 10.77 13.23 45.94
N GLU A 524 11.84 13.19 45.16
CA GLU A 524 13.21 13.37 45.65
C GLU A 524 13.38 14.72 46.34
N ASP A 525 12.97 15.80 45.64
CA ASP A 525 13.01 17.15 46.18
C ASP A 525 12.11 17.28 47.43
N LYS A 526 11.05 16.49 47.51
CA LYS A 526 10.14 16.52 48.67
C LYS A 526 10.83 15.96 49.92
N LYS A 527 11.59 14.89 49.74
CA LYS A 527 12.28 14.21 50.83
C LYS A 527 13.50 14.97 51.31
N LEU A 528 14.23 15.63 50.42
CA LEU A 528 15.31 16.53 50.82
C LEU A 528 14.70 17.64 51.72
N LYS A 529 13.47 18.04 51.41
CA LYS A 529 12.72 19.04 52.20
C LYS A 529 12.28 18.53 53.59
N GLU A 530 11.86 17.27 53.66
CA GLU A 530 11.50 16.67 54.94
C GLU A 530 12.75 16.46 55.83
N ARG A 531 13.89 16.10 55.22
CA ARG A 531 15.17 15.95 55.95
C ARG A 531 15.63 17.30 56.57
N ILE A 532 15.49 18.41 55.83
CA ILE A 532 15.81 19.73 56.34
C ILE A 532 14.87 20.09 57.50
N ASP A 533 13.56 20.11 57.20
CA ASP A 533 12.53 20.62 58.15
C ASP A 533 12.55 19.80 59.50
N THR A 534 12.77 18.46 59.47
CA THR A 534 12.89 17.66 60.76
C THR A 534 14.25 17.74 61.47
N ARG A 535 15.35 18.02 60.77
CA ARG A 535 16.61 18.42 61.44
C ARG A 535 16.39 19.69 62.20
N ASN A 536 15.61 20.60 61.63
CA ASN A 536 15.29 21.87 62.30
C ASN A 536 14.37 21.73 63.53
N GLU A 537 13.43 20.78 63.48
CA GLU A 537 12.58 20.48 64.63
C GLU A 537 13.47 20.04 65.77
N LEU A 538 14.41 19.13 65.50
CA LEU A 538 15.27 18.60 66.52
C LEU A 538 16.06 19.75 67.08
N GLU A 539 16.68 20.51 66.21
CA GLU A 539 17.56 21.58 66.67
C GLU A 539 16.83 22.62 67.47
N SER A 540 15.59 22.91 67.11
CA SER A 540 14.75 23.85 67.89
C SER A 540 14.32 23.27 69.22
N TYR A 541 13.85 22.02 69.21
CA TYR A 541 13.42 21.36 70.43
C TYR A 541 14.59 21.42 71.44
N ALA A 542 15.79 21.12 70.96
CA ALA A 542 16.92 21.01 71.86
C ALA A 542 17.18 22.33 72.50
N TYR A 543 17.29 23.38 71.66
CA TYR A 543 17.52 24.78 72.12
C TYR A 543 16.38 25.22 73.04
N SER A 544 15.16 24.86 72.69
CA SER A 544 14.06 25.27 73.51
C SER A 544 14.22 24.70 74.91
N LEU A 545 14.57 23.39 75.05
CA LEU A 545 14.73 22.74 76.38
C LEU A 545 15.86 23.36 77.15
N LYS A 546 16.91 23.75 76.43
CA LYS A 546 18.04 24.36 77.08
C LYS A 546 17.70 25.70 77.70
N ASN A 547 16.78 26.45 77.10
CA ASN A 547 16.29 27.66 77.74
C ASN A 547 15.51 27.39 79.01
N GLN A 548 14.53 26.48 78.92
CA GLN A 548 13.62 26.15 80.00
C GLN A 548 14.31 25.68 81.26
N ILE A 549 15.49 25.06 81.11
CA ILE A 549 16.27 24.55 82.24
C ILE A 549 17.03 25.66 82.93
N GLY A 550 17.69 26.52 82.14
CA GLY A 550 18.42 27.66 82.69
C GLY A 550 17.54 28.81 83.16
N ASP A 551 16.23 28.59 83.21
CA ASP A 551 15.25 29.64 83.49
C ASP A 551 14.61 29.40 84.85
N LYS A 552 15.19 30.01 85.91
CA LYS A 552 14.78 29.75 87.31
C LYS A 552 13.34 30.16 87.63
N GLU A 553 12.74 30.96 86.76
CA GLU A 553 11.38 31.46 86.97
C GLU A 553 10.31 30.43 86.57
N LYS A 554 10.57 29.62 85.54
CA LYS A 554 9.60 28.62 85.05
C LYS A 554 10.00 27.15 85.28
N LEU A 555 10.63 26.50 84.28
CA LEU A 555 10.81 25.01 84.28
C LEU A 555 12.08 24.50 84.95
N GLY A 556 12.95 25.43 85.37
CA GLY A 556 14.24 25.09 85.99
C GLY A 556 14.24 25.29 87.49
N GLY A 557 13.28 26.04 88.01
CA GLY A 557 13.05 26.15 89.45
C GLY A 557 12.42 24.89 89.99
N LYS A 558 11.67 24.20 89.14
CA LYS A 558 11.02 22.93 89.49
C LYS A 558 12.00 21.75 89.56
N LEU A 559 13.17 21.86 88.92
CA LEU A 559 14.13 20.72 88.82
C LEU A 559 15.14 20.61 90.00
N SER A 560 15.52 19.36 90.28
CA SER A 560 16.54 19.03 91.26
C SER A 560 17.85 18.97 90.56
N SER A 561 18.94 19.00 91.32
CA SER A 561 20.25 19.04 90.69
C SER A 561 20.49 17.74 89.97
N GLU A 562 19.78 16.68 90.34
CA GLU A 562 19.96 15.37 89.69
C GLU A 562 19.40 15.42 88.28
N ASP A 563 18.17 15.92 88.20
CA ASP A 563 17.41 15.99 86.96
C ASP A 563 17.89 17.11 86.07
N LYS A 564 18.23 18.23 86.68
CA LYS A 564 18.91 19.30 85.95
C LYS A 564 20.16 18.81 85.20
N GLU A 565 21.09 18.08 85.86
CA GLU A 565 22.35 17.56 85.25
C GLU A 565 22.01 16.61 84.10
N THR A 566 20.93 15.83 84.22
CA THR A 566 20.56 14.79 83.24
C THR A 566 19.90 15.36 81.97
N MET A 567 19.08 16.39 82.17
CA MET A 567 18.56 17.24 81.10
C MET A 567 19.70 18.00 80.38
N GLU A 568 20.50 18.78 81.12
CA GLU A 568 21.62 19.49 80.50
C GLU A 568 22.42 18.58 79.59
N LYS A 569 22.71 17.37 80.08
CA LYS A 569 23.58 16.45 79.37
C LYS A 569 22.90 15.85 78.12
N ALA A 570 21.62 15.54 78.23
CA ALA A 570 20.91 14.88 77.15
C ALA A 570 20.79 15.80 75.93
N VAL A 571 20.46 17.06 76.21
CA VAL A 571 20.41 18.15 75.24
C VAL A 571 21.79 18.58 74.73
N GLU A 572 22.74 18.88 75.63
CA GLU A 572 24.10 19.29 75.25
C GLU A 572 24.67 18.16 74.28
N GLU A 573 24.45 16.88 74.61
CA GLU A 573 24.87 15.66 73.81
C GLU A 573 24.33 15.65 72.39
N LYS A 574 23.04 15.97 72.26
CA LYS A 574 22.32 16.02 70.97
C LYS A 574 22.64 17.26 70.11
N ILE A 575 22.96 18.39 70.74
CA ILE A 575 23.38 19.56 70.00
C ILE A 575 24.77 19.34 69.40
N GLU A 576 25.81 19.01 70.19
CA GLU A 576 27.15 18.93 69.56
C GLU A 576 27.18 17.66 68.59
N TRP A 577 26.21 16.74 68.76
CA TRP A 577 25.89 15.67 67.74
C TRP A 577 25.34 16.23 66.43
N LEU A 578 24.32 17.07 66.51
CA LEU A 578 23.74 17.76 65.34
C LEU A 578 24.76 18.63 64.58
N GLU A 579 25.61 19.34 65.32
CA GLU A 579 26.72 20.09 64.73
C GLU A 579 27.75 19.30 63.92
N SER A 580 27.87 18.00 64.12
CA SER A 580 28.87 17.21 63.39
C SER A 580 28.30 16.18 62.43
N HIS A 581 26.97 16.07 62.37
CA HIS A 581 26.26 15.16 61.47
C HIS A 581 25.19 15.95 60.68
N GLN A 582 25.67 16.86 59.84
CA GLN A 582 24.74 17.71 59.10
C GLN A 582 24.27 16.89 57.92
N ASP A 583 25.17 16.07 57.41
CA ASP A 583 24.87 15.13 56.31
C ASP A 583 24.06 13.86 56.69
N ALA A 584 23.71 13.71 57.97
CA ALA A 584 22.84 12.63 58.45
C ALA A 584 21.50 12.48 57.68
N ASP A 585 20.96 11.27 57.64
CA ASP A 585 19.73 11.01 56.92
C ASP A 585 18.47 11.25 57.76
N ILE A 586 17.32 11.32 57.09
CA ILE A 586 16.04 11.60 57.76
C ILE A 586 15.76 10.71 58.97
N GLU A 587 16.14 9.43 58.91
CA GLU A 587 15.85 8.48 60.02
C GLU A 587 16.73 8.65 61.26
N ASP A 588 18.01 9.01 61.04
CA ASP A 588 18.93 9.45 62.11
C ASP A 588 18.34 10.58 62.99
N PHE A 589 17.83 11.64 62.35
CA PHE A 589 17.18 12.72 63.06
C PHE A 589 15.95 12.22 63.82
N LYS A 590 15.12 11.40 63.18
CA LYS A 590 13.91 10.87 63.81
C LYS A 590 14.23 10.07 65.06
N ALA A 591 15.33 9.31 64.99
CA ALA A 591 15.85 8.54 66.14
C ALA A 591 16.37 9.40 67.32
N LYS A 592 17.31 10.28 67.02
CA LYS A 592 17.83 11.24 68.00
C LYS A 592 16.73 12.09 68.64
N LYS A 593 15.69 12.48 67.89
CA LYS A 593 14.58 13.19 68.55
C LYS A 593 13.97 12.30 69.60
N LYS A 594 13.89 11.01 69.30
CA LYS A 594 13.17 10.05 70.15
C LYS A 594 14.06 9.55 71.33
N GLU A 595 15.36 9.50 71.09
CA GLU A 595 16.34 9.33 72.18
C GLU A 595 16.25 10.46 73.20
N LEU A 596 16.10 11.69 72.72
CA LEU A 596 16.07 12.81 73.64
C LEU A 596 14.74 12.87 74.38
N GLU A 597 13.62 12.59 73.69
CA GLU A 597 12.26 12.56 74.29
C GLU A 597 12.09 11.47 75.36
N GLU A 598 12.66 10.29 75.09
CA GLU A 598 12.75 9.19 76.06
C GLU A 598 13.19 9.66 77.43
N ILE A 599 14.26 10.43 77.43
CA ILE A 599 14.95 10.87 78.64
C ILE A 599 14.22 12.03 79.31
N VAL A 600 13.84 13.00 78.52
CA VAL A 600 13.26 14.23 79.02
C VAL A 600 11.87 13.96 79.60
N GLN A 601 11.09 13.12 78.92
CA GLN A 601 9.65 12.94 79.21
C GLN A 601 9.31 12.59 80.67
N PRO A 602 9.93 11.53 81.23
CA PRO A 602 9.78 11.23 82.67
C PRO A 602 10.09 12.41 83.57
N ILE A 603 11.14 13.16 83.24
CA ILE A 603 11.61 14.26 84.10
C ILE A 603 10.66 15.45 84.15
N ILE A 604 10.24 15.94 82.98
CA ILE A 604 9.41 17.14 82.92
C ILE A 604 7.99 16.92 83.44
N SER A 605 7.56 15.65 83.50
CA SER A 605 6.23 15.27 84.02
C SER A 605 6.23 14.95 85.53
N LYS A 606 6.88 15.81 86.30
CA LYS A 606 6.82 15.76 87.76
C LYS A 606 6.36 17.12 88.28
N SER B 1 13.46 -75.35 41.17
CA SER B 1 12.82 -75.18 39.83
C SER B 1 12.81 -76.50 39.04
N GLU B 2 12.11 -76.49 37.92
CA GLU B 2 12.05 -77.64 37.03
C GLU B 2 13.45 -78.09 36.62
N ASP B 3 13.64 -79.39 36.47
CA ASP B 3 14.87 -79.90 35.88
C ASP B 3 14.65 -79.82 34.37
N VAL B 4 15.21 -78.77 33.75
CA VAL B 4 14.97 -78.52 32.32
C VAL B 4 15.87 -79.37 31.41
N GLY B 5 16.64 -80.27 31.99
CA GLY B 5 17.55 -81.11 31.22
C GLY B 5 18.47 -80.26 30.41
N THR B 6 18.88 -80.77 29.25
CA THR B 6 19.61 -79.96 28.31
C THR B 6 18.55 -79.19 27.52
N VAL B 7 18.86 -77.92 27.29
CA VAL B 7 18.06 -77.03 26.46
C VAL B 7 18.77 -76.78 25.13
N VAL B 8 18.04 -76.98 24.05
CA VAL B 8 18.59 -76.93 22.70
C VAL B 8 18.17 -75.63 22.07
N GLY B 9 19.04 -75.06 21.26
CA GLY B 9 18.67 -73.94 20.42
C GLY B 9 18.21 -74.44 19.06
N ILE B 10 17.05 -73.97 18.59
CA ILE B 10 16.57 -74.30 17.25
C ILE B 10 16.33 -73.06 16.40
N ASP B 11 17.02 -72.96 15.27
CA ASP B 11 16.61 -72.03 14.21
C ASP B 11 15.48 -72.75 13.45
N LEU B 12 14.26 -72.29 13.61
CA LEU B 12 13.14 -72.84 12.88
C LEU B 12 12.91 -71.91 11.70
N GLY B 13 13.67 -72.20 10.62
CA GLY B 13 13.66 -71.41 9.37
C GLY B 13 12.67 -71.81 8.27
N THR B 14 12.37 -70.86 7.37
CA THR B 14 11.45 -71.05 6.25
C THR B 14 11.83 -72.17 5.28
N THR B 15 13.09 -72.22 4.89
CA THR B 15 13.60 -73.25 3.95
C THR B 15 14.58 -74.22 4.60
N TYR B 16 15.11 -73.84 5.77
CA TYR B 16 16.02 -74.68 6.53
C TYR B 16 15.85 -74.51 8.05
N SER B 17 16.23 -75.54 8.78
CA SER B 17 16.27 -75.48 10.24
C SER B 17 17.60 -76.02 10.73
N CYS B 18 17.94 -75.60 11.94
CA CYS B 18 19.26 -75.85 12.46
C CYS B 18 19.18 -75.92 13.97
N VAL B 19 19.80 -76.95 14.55
CA VAL B 19 19.82 -77.11 16.01
C VAL B 19 21.24 -77.10 16.54
N GLY B 20 21.40 -76.49 17.70
CA GLY B 20 22.70 -76.42 18.37
C GLY B 20 22.51 -76.59 19.87
N VAL B 21 23.60 -76.98 20.53
CA VAL B 21 23.61 -77.17 21.98
C VAL B 21 24.89 -76.55 22.58
N PHE B 22 24.77 -75.96 23.77
CA PHE B 22 25.96 -75.50 24.50
C PHE B 22 26.43 -76.58 25.48
N LYS B 23 27.68 -76.99 25.38
CA LYS B 23 28.27 -77.93 26.35
C LYS B 23 29.79 -77.88 26.26
N ASN B 24 30.44 -78.10 27.40
CA ASN B 24 31.90 -77.96 27.55
C ASN B 24 32.42 -76.61 27.09
N GLY B 25 31.66 -75.55 27.34
CA GLY B 25 32.10 -74.16 27.09
C GLY B 25 32.16 -73.76 25.63
N ARG B 26 31.41 -74.47 24.80
CA ARG B 26 31.53 -74.38 23.36
C ARG B 26 30.17 -74.73 22.75
N VAL B 27 29.81 -74.03 21.70
CA VAL B 27 28.62 -74.38 20.94
C VAL B 27 28.99 -75.53 19.99
N GLU B 28 28.24 -76.64 20.03
CA GLU B 28 28.22 -77.60 18.91
C GLU B 28 26.90 -77.45 18.13
N ILE B 29 27.01 -77.21 16.82
CA ILE B 29 25.85 -77.26 15.90
C ILE B 29 25.72 -78.68 15.39
N ILE B 30 24.58 -79.30 15.64
CA ILE B 30 24.46 -80.75 15.54
C ILE B 30 24.07 -81.26 14.14
N ALA B 31 24.84 -82.22 13.63
CA ALA B 31 24.56 -82.87 12.36
C ALA B 31 23.41 -83.88 12.48
N ASN B 32 22.61 -84.01 11.42
CA ASN B 32 21.50 -84.97 11.34
C ASN B 32 21.98 -86.30 10.80
N ASP B 33 21.08 -87.28 10.67
CA ASP B 33 21.46 -88.65 10.30
C ASP B 33 22.27 -88.72 9.00
N GLN B 34 22.01 -87.79 8.09
CA GLN B 34 22.69 -87.73 6.78
C GLN B 34 24.02 -86.98 6.81
N GLY B 35 24.41 -86.48 7.99
CA GLY B 35 25.63 -85.69 8.17
C GLY B 35 25.50 -84.19 7.86
N ASN B 36 24.28 -83.68 7.74
CA ASN B 36 24.06 -82.27 7.40
C ASN B 36 23.72 -81.40 8.61
N ARG B 37 24.51 -80.34 8.81
CA ARG B 37 24.36 -79.45 9.97
C ARG B 37 23.11 -78.59 9.89
N ILE B 38 22.47 -78.56 8.71
CA ILE B 38 21.15 -77.95 8.50
C ILE B 38 20.19 -78.91 7.83
N THR B 39 18.89 -78.68 8.03
CA THR B 39 17.87 -79.63 7.58
C THR B 39 16.71 -78.93 6.90
N PRO B 40 16.39 -79.28 5.64
CA PRO B 40 15.28 -78.63 4.93
C PRO B 40 14.01 -78.65 5.76
N SER B 41 13.30 -77.54 5.81
CA SER B 41 12.09 -77.47 6.57
C SER B 41 10.94 -77.98 5.72
N TYR B 42 11.04 -79.25 5.30
CA TYR B 42 10.06 -79.93 4.41
C TYR B 42 9.45 -81.13 5.14
N VAL B 43 8.18 -81.40 4.88
CA VAL B 43 7.56 -82.70 5.26
C VAL B 43 6.69 -83.17 4.11
N ALA B 44 6.72 -84.48 3.86
CA ALA B 44 5.99 -85.05 2.72
C ALA B 44 5.29 -86.35 3.07
N PHE B 45 4.14 -86.53 2.46
CA PHE B 45 3.30 -87.70 2.70
C PHE B 45 3.26 -88.63 1.49
N THR B 46 3.97 -89.76 1.59
CA THR B 46 4.15 -90.71 0.46
C THR B 46 2.82 -91.45 0.18
N PRO B 47 2.57 -91.85 -1.09
CA PRO B 47 1.35 -92.61 -1.37
C PRO B 47 1.34 -93.94 -0.62
N GLU B 48 2.54 -94.48 -0.42
CA GLU B 48 2.77 -95.69 0.36
C GLU B 48 2.59 -95.47 1.88
N GLY B 49 1.98 -94.34 2.26
CA GLY B 49 1.55 -94.08 3.65
C GLY B 49 2.62 -93.50 4.58
N GLU B 50 3.85 -93.45 4.09
CA GLU B 50 5.02 -93.00 4.86
C GLU B 50 5.00 -91.47 4.99
N ARG B 51 5.46 -90.95 6.14
CA ARG B 51 5.53 -89.49 6.37
C ARG B 51 6.97 -89.00 6.46
N LEU B 52 7.49 -88.40 5.40
CA LEU B 52 8.91 -88.04 5.39
C LEU B 52 9.14 -86.63 5.87
N ILE B 53 10.33 -86.39 6.42
CA ILE B 53 10.72 -85.07 6.93
C ILE B 53 12.20 -84.70 6.62
N GLY B 54 12.39 -83.47 6.16
CA GLY B 54 13.72 -82.97 5.86
C GLY B 54 14.19 -83.44 4.52
N ASP B 55 15.48 -83.78 4.43
CA ASP B 55 16.16 -84.14 3.19
C ASP B 55 15.35 -85.12 2.36
N ALA B 56 14.77 -86.12 3.02
CA ALA B 56 14.01 -87.16 2.32
C ALA B 56 12.77 -86.55 1.68
N ALA B 57 12.01 -85.77 2.44
CA ALA B 57 10.83 -85.17 1.87
C ALA B 57 11.19 -84.35 0.64
N LYS B 58 12.17 -83.46 0.80
CA LYS B 58 12.62 -82.57 -0.28
C LYS B 58 13.00 -83.33 -1.56
N ASN B 59 13.68 -84.47 -1.39
CA ASN B 59 14.14 -85.30 -2.51
C ASN B 59 13.03 -85.93 -3.36
N GLN B 60 11.80 -85.96 -2.87
CA GLN B 60 10.67 -86.44 -3.68
C GLN B 60 9.68 -85.32 -4.05
N LEU B 61 10.14 -84.08 -4.01
CA LEU B 61 9.30 -82.92 -4.26
C LEU B 61 8.67 -83.00 -5.64
N THR B 62 9.47 -83.36 -6.64
CA THR B 62 9.04 -83.23 -8.05
C THR B 62 8.16 -84.39 -8.52
N SER B 63 8.38 -85.58 -7.98
CA SER B 63 7.53 -86.72 -8.29
C SER B 63 6.19 -86.74 -7.51
N ASN B 64 6.04 -85.88 -6.49
CA ASN B 64 4.88 -85.88 -5.59
C ASN B 64 4.60 -84.45 -5.08
N PRO B 65 4.55 -83.48 -5.99
CA PRO B 65 4.49 -82.09 -5.51
C PRO B 65 3.26 -81.75 -4.69
N GLU B 66 2.16 -82.45 -4.92
CA GLU B 66 0.86 -82.04 -4.35
C GLU B 66 0.78 -82.29 -2.81
N ASN B 67 1.62 -83.22 -2.32
CA ASN B 67 1.63 -83.64 -0.90
C ASN B 67 3.03 -83.53 -0.32
N THR B 68 3.80 -82.60 -0.85
CA THR B 68 5.05 -82.21 -0.25
C THR B 68 4.78 -80.83 0.33
N VAL B 69 4.94 -80.66 1.65
CA VAL B 69 4.71 -79.37 2.30
C VAL B 69 6.03 -78.64 2.63
N PHE B 70 6.01 -77.33 2.43
CA PHE B 70 7.19 -76.52 2.61
C PHE B 70 6.74 -75.08 2.71
N ASP B 71 7.69 -74.20 3.04
CA ASP B 71 7.45 -72.78 3.31
C ASP B 71 6.25 -72.59 4.23
N ALA B 72 6.07 -73.48 5.19
CA ALA B 72 5.01 -73.38 6.20
C ALA B 72 5.13 -72.11 7.05
N LYS B 73 6.37 -71.67 7.28
CA LYS B 73 6.61 -70.50 8.08
C LYS B 73 5.96 -69.27 7.47
N ARG B 74 5.73 -69.29 6.16
CA ARG B 74 5.06 -68.15 5.50
C ARG B 74 3.57 -68.15 5.79
N LEU B 75 3.04 -69.25 6.31
CA LEU B 75 1.61 -69.30 6.65
C LEU B 75 1.34 -69.27 8.16
N ILE B 76 2.32 -69.67 8.97
CA ILE B 76 2.10 -69.75 10.44
C ILE B 76 1.59 -68.44 11.02
N GLY B 77 0.59 -68.57 11.88
CA GLY B 77 0.05 -67.43 12.59
C GLY B 77 -0.65 -66.40 11.73
N ARG B 78 -1.03 -66.76 10.51
CA ARG B 78 -1.77 -65.80 9.67
C ARG B 78 -3.22 -66.20 9.48
N THR B 79 -3.99 -65.22 8.99
CA THR B 79 -5.40 -65.35 8.68
C THR B 79 -5.55 -65.47 7.16
N TRP B 80 -6.66 -66.04 6.72
CA TRP B 80 -6.96 -66.19 5.30
C TRP B 80 -6.79 -64.86 4.57
N ASN B 81 -7.53 -63.85 5.01
CA ASN B 81 -7.61 -62.58 4.29
C ASN B 81 -6.32 -61.80 4.24
N ASP B 82 -5.25 -62.35 4.80
CA ASP B 82 -3.95 -61.68 4.77
C ASP B 82 -3.45 -61.67 3.33
N PRO B 83 -3.19 -60.47 2.76
CA PRO B 83 -2.78 -60.37 1.35
C PRO B 83 -1.62 -61.30 1.01
N SER B 84 -0.71 -61.47 1.97
CA SER B 84 0.52 -62.26 1.81
C SER B 84 0.17 -63.72 1.64
N VAL B 85 -0.81 -64.17 2.41
CA VAL B 85 -1.30 -65.55 2.34
C VAL B 85 -1.87 -65.84 0.96
N GLN B 86 -2.74 -64.95 0.48
CA GLN B 86 -3.41 -65.12 -0.82
C GLN B 86 -2.40 -65.14 -1.96
N GLN B 87 -1.42 -64.24 -1.91
CA GLN B 87 -0.37 -64.20 -2.92
C GLN B 87 0.46 -65.49 -2.87
N ASP B 88 0.70 -66.00 -1.66
CA ASP B 88 1.55 -67.16 -1.52
C ASP B 88 0.92 -68.48 -1.99
N ILE B 89 -0.39 -68.69 -1.74
CA ILE B 89 -1.04 -69.98 -2.11
C ILE B 89 -1.24 -70.17 -3.60
N LYS B 90 -1.07 -69.08 -4.34
CA LYS B 90 -1.08 -69.14 -5.79
C LYS B 90 0.12 -69.90 -6.34
N PHE B 91 1.21 -69.98 -5.59
CA PHE B 91 2.41 -70.68 -6.08
C PHE B 91 2.78 -71.97 -5.30
N LEU B 92 1.91 -72.37 -4.38
CA LEU B 92 2.14 -73.56 -3.57
C LEU B 92 1.49 -74.82 -4.23
N PRO B 93 2.25 -75.91 -4.36
CA PRO B 93 1.70 -77.06 -5.07
C PRO B 93 0.67 -77.83 -4.25
N PHE B 94 0.70 -77.65 -2.93
CA PHE B 94 -0.24 -78.33 -2.03
C PHE B 94 -1.48 -77.47 -1.87
N LYS B 95 -2.59 -78.13 -1.52
CA LYS B 95 -3.88 -77.45 -1.30
C LYS B 95 -3.82 -76.64 -0.04
N VAL B 96 -4.38 -75.45 -0.08
CA VAL B 96 -4.48 -74.62 1.12
C VAL B 96 -5.91 -74.12 1.20
N VAL B 97 -6.54 -74.39 2.32
CA VAL B 97 -7.98 -74.20 2.45
C VAL B 97 -8.28 -73.33 3.68
N GLU B 98 -9.41 -72.60 3.63
CA GLU B 98 -9.88 -71.79 4.78
C GLU B 98 -10.65 -72.64 5.77
N LYS B 99 -10.32 -72.53 7.06
CA LYS B 99 -11.23 -72.93 8.14
C LYS B 99 -10.92 -72.20 9.45
N LYS B 100 -11.98 -71.72 10.10
CA LYS B 100 -11.88 -70.76 11.20
C LYS B 100 -11.04 -69.56 10.74
N THR B 101 -11.35 -69.07 9.55
CA THR B 101 -10.63 -67.96 8.90
C THR B 101 -9.09 -68.09 8.88
N LYS B 102 -8.56 -69.29 9.11
CA LYS B 102 -7.12 -69.54 9.05
C LYS B 102 -6.81 -70.45 7.89
N PRO B 103 -5.58 -70.35 7.34
CA PRO B 103 -5.15 -71.25 6.28
C PRO B 103 -4.63 -72.60 6.79
N TYR B 104 -5.34 -73.68 6.43
CA TYR B 104 -4.96 -75.05 6.81
C TYR B 104 -4.45 -75.83 5.61
N ILE B 105 -3.43 -76.68 5.81
CA ILE B 105 -2.84 -77.43 4.70
C ILE B 105 -3.54 -78.76 4.57
N GLN B 106 -4.06 -79.03 3.37
CA GLN B 106 -4.80 -80.26 3.06
C GLN B 106 -3.99 -81.15 2.13
N VAL B 107 -3.67 -82.35 2.60
CA VAL B 107 -2.89 -83.30 1.83
C VAL B 107 -3.54 -84.68 1.83
N ASP B 108 -2.99 -85.57 1.00
CA ASP B 108 -3.39 -86.96 0.96
C ASP B 108 -2.34 -87.80 1.65
N ILE B 109 -2.70 -88.39 2.79
CA ILE B 109 -1.76 -89.21 3.59
C ILE B 109 -1.65 -90.68 3.16
N GLY B 110 -2.35 -91.06 2.09
CA GLY B 110 -2.27 -92.42 1.56
C GLY B 110 -3.51 -93.27 1.81
N GLY B 111 -3.82 -94.13 0.85
CA GLY B 111 -5.07 -94.86 0.86
C GLY B 111 -6.20 -93.88 0.73
N GLY B 112 -6.15 -93.03 -0.29
CA GLY B 112 -7.20 -92.05 -0.55
C GLY B 112 -7.55 -91.08 0.58
N GLN B 113 -6.82 -91.16 1.70
CA GLN B 113 -7.19 -90.43 2.91
C GLN B 113 -6.69 -89.00 2.88
N THR B 114 -7.62 -88.06 3.04
CA THR B 114 -7.30 -86.65 3.14
C THR B 114 -7.18 -86.27 4.62
N LYS B 115 -6.09 -85.57 4.94
CA LYS B 115 -5.92 -84.93 6.22
C LYS B 115 -5.77 -83.43 5.95
N THR B 116 -6.34 -82.59 6.82
CA THR B 116 -6.01 -81.16 6.85
C THR B 116 -5.16 -80.90 8.11
N PHE B 117 -4.09 -80.12 7.94
CA PHE B 117 -3.22 -79.77 9.05
C PHE B 117 -3.20 -78.27 9.21
N ALA B 118 -3.00 -77.82 10.44
CA ALA B 118 -2.66 -76.42 10.69
C ALA B 118 -1.15 -76.20 10.43
N PRO B 119 -0.77 -75.00 9.94
CA PRO B 119 0.65 -74.70 9.81
C PRO B 119 1.49 -75.05 11.05
N GLU B 120 0.96 -74.73 12.23
CA GLU B 120 1.58 -75.10 13.51
C GLU B 120 1.94 -76.57 13.57
N GLU B 121 1.06 -77.43 13.05
CA GLU B 121 1.29 -78.87 13.03
C GLU B 121 2.40 -79.26 12.06
N ILE B 122 2.43 -78.62 10.89
CA ILE B 122 3.53 -78.89 9.94
C ILE B 122 4.89 -78.51 10.51
N SER B 123 4.95 -77.31 11.10
CA SER B 123 6.19 -76.84 11.73
C SER B 123 6.56 -77.75 12.89
N ALA B 124 5.57 -78.20 13.68
CA ALA B 124 5.78 -79.13 14.81
C ALA B 124 6.55 -80.39 14.39
N MET B 125 6.17 -80.92 13.21
CA MET B 125 6.88 -82.03 12.63
C MET B 125 8.32 -81.65 12.32
N VAL B 126 8.54 -80.45 11.78
CA VAL B 126 9.92 -80.00 11.51
C VAL B 126 10.73 -79.90 12.79
N LEU B 127 10.09 -79.41 13.84
CA LEU B 127 10.73 -79.27 15.16
C LEU B 127 11.02 -80.64 15.78
N THR B 128 10.04 -81.54 15.72
CA THR B 128 10.23 -82.91 16.20
C THR B 128 11.49 -83.52 15.59
N LYS B 129 11.68 -83.29 14.30
CA LYS B 129 12.88 -83.78 13.61
C LYS B 129 14.14 -83.14 14.21
N MET B 130 14.10 -81.84 14.47
CA MET B 130 15.24 -81.16 15.07
C MET B 130 15.45 -81.60 16.53
N LYS B 131 14.37 -81.88 17.27
CA LYS B 131 14.47 -82.51 18.59
C LYS B 131 15.23 -83.87 18.57
N GLU B 132 14.75 -84.83 17.75
CA GLU B 132 15.38 -86.16 17.60
C GLU B 132 16.84 -86.08 17.16
N THR B 133 17.15 -85.20 16.22
CA THR B 133 18.53 -84.97 15.76
C THR B 133 19.50 -84.64 16.90
N ALA B 134 19.02 -83.86 17.87
CA ALA B 134 19.80 -83.49 19.05
C ALA B 134 19.84 -84.62 20.08
N GLU B 135 18.69 -85.28 20.26
CA GLU B 135 18.61 -86.43 21.14
C GLU B 135 19.66 -87.44 20.72
N ALA B 136 19.73 -87.75 19.43
CA ALA B 136 20.75 -88.69 18.92
C ALA B 136 22.17 -88.29 19.37
N TYR B 137 22.55 -87.03 19.15
CA TYR B 137 23.89 -86.53 19.51
C TYR B 137 24.21 -86.58 21.02
N LEU B 138 23.25 -86.18 21.84
CA LEU B 138 23.41 -86.15 23.30
C LEU B 138 23.33 -87.55 23.91
N GLY B 139 22.68 -88.48 23.21
CA GLY B 139 22.43 -89.81 23.75
C GLY B 139 21.42 -89.80 24.88
N LYS B 140 20.60 -88.76 24.95
CA LYS B 140 19.57 -88.63 25.98
C LYS B 140 18.37 -87.83 25.47
N LYS B 141 17.26 -87.88 26.20
CA LYS B 141 16.01 -87.25 25.75
C LYS B 141 16.00 -85.76 26.11
N VAL B 142 15.12 -84.99 25.44
CA VAL B 142 15.11 -83.52 25.46
C VAL B 142 13.68 -83.00 25.52
N THR B 143 13.44 -82.03 26.40
CA THR B 143 12.08 -81.48 26.64
C THR B 143 11.93 -79.97 26.58
N HIS B 144 13.03 -79.23 26.67
CA HIS B 144 13.01 -77.76 26.64
C HIS B 144 13.89 -77.25 25.52
N ALA B 145 13.53 -76.07 25.00
CA ALA B 145 14.23 -75.51 23.86
C ALA B 145 14.00 -74.02 23.72
N VAL B 146 15.00 -73.38 23.15
CA VAL B 146 14.90 -72.01 22.71
C VAL B 146 14.67 -72.11 21.21
N VAL B 147 13.70 -71.35 20.71
CA VAL B 147 13.35 -71.36 19.33
C VAL B 147 13.44 -69.95 18.83
N THR B 148 13.97 -69.76 17.63
CA THR B 148 14.05 -68.44 17.05
C THR B 148 12.81 -68.08 16.24
N VAL B 149 12.62 -66.78 16.05
CA VAL B 149 11.64 -66.28 15.13
C VAL B 149 12.18 -64.98 14.55
N PRO B 150 11.71 -64.59 13.35
CA PRO B 150 12.15 -63.31 12.82
C PRO B 150 11.71 -62.19 13.74
N ALA B 151 12.60 -61.23 14.00
CA ALA B 151 12.30 -60.02 14.81
C ALA B 151 10.96 -59.34 14.51
N TYR B 152 10.58 -59.27 13.23
CA TYR B 152 9.37 -58.53 12.85
C TYR B 152 8.08 -59.35 12.92
N PHE B 153 8.21 -60.64 13.20
CA PHE B 153 7.06 -61.48 13.53
C PHE B 153 6.17 -60.73 14.51
N ASN B 154 4.86 -60.85 14.30
CA ASN B 154 3.87 -60.25 15.16
C ASN B 154 3.39 -61.21 16.30
N ASP B 155 2.36 -60.80 17.06
CA ASP B 155 1.90 -61.57 18.20
C ASP B 155 1.47 -62.98 17.81
N ALA B 156 0.56 -63.04 16.85
CA ALA B 156 -0.01 -64.30 16.40
C ALA B 156 1.10 -65.22 15.94
N GLN B 157 2.01 -64.70 15.13
CA GLN B 157 3.11 -65.52 14.63
C GLN B 157 3.97 -66.08 15.78
N ARG B 158 4.17 -65.28 16.83
CA ARG B 158 4.97 -65.71 17.96
C ARG B 158 4.28 -66.77 18.74
N GLN B 159 2.98 -66.59 18.99
CA GLN B 159 2.18 -67.62 19.71
C GLN B 159 2.10 -68.96 18.94
N ALA B 160 1.89 -68.87 17.63
CA ALA B 160 1.78 -70.03 16.79
C ALA B 160 3.07 -70.82 16.78
N THR B 161 4.21 -70.12 16.74
CA THR B 161 5.49 -70.80 16.78
C THR B 161 5.67 -71.48 18.13
N LYS B 162 5.11 -70.87 19.17
CA LYS B 162 5.20 -71.45 20.51
C LYS B 162 4.34 -72.70 20.59
N ASP B 163 3.12 -72.60 20.09
CA ASP B 163 2.20 -73.74 20.02
C ASP B 163 2.84 -74.91 19.31
N ALA B 164 3.38 -74.65 18.12
CA ALA B 164 4.06 -75.65 17.30
C ALA B 164 5.13 -76.40 18.11
N GLY B 165 5.91 -75.67 18.91
CA GLY B 165 6.83 -76.29 19.85
C GLY B 165 6.11 -77.31 20.72
N THR B 166 5.01 -76.89 21.33
CA THR B 166 4.22 -77.72 22.26
C THR B 166 3.73 -78.98 21.53
N ILE B 167 3.13 -78.78 20.37
CA ILE B 167 2.63 -79.89 19.60
C ILE B 167 3.74 -80.91 19.40
N ALA B 168 4.97 -80.43 19.19
CA ALA B 168 6.15 -81.28 18.99
C ALA B 168 6.76 -81.75 20.32
N GLY B 169 6.01 -81.65 21.40
CA GLY B 169 6.51 -82.10 22.69
C GLY B 169 7.76 -81.37 23.12
N LEU B 170 7.69 -80.04 23.07
CA LEU B 170 8.76 -79.19 23.58
C LEU B 170 8.16 -78.08 24.42
N ASN B 171 8.79 -77.79 25.54
CA ASN B 171 8.47 -76.57 26.24
C ASN B 171 9.34 -75.43 25.66
N VAL B 172 8.69 -74.47 25.01
CA VAL B 172 9.39 -73.29 24.51
C VAL B 172 9.55 -72.28 25.66
N MET B 173 10.77 -72.25 26.21
CA MET B 173 11.12 -71.38 27.31
C MET B 173 11.22 -69.95 26.82
N ARG B 174 12.03 -69.74 25.79
CA ARG B 174 12.26 -68.42 25.19
C ARG B 174 12.11 -68.48 23.68
N ILE B 175 11.35 -67.53 23.14
CA ILE B 175 11.36 -67.16 21.73
C ILE B 175 12.41 -66.10 21.61
N ILE B 176 13.47 -66.33 20.84
CA ILE B 176 14.47 -65.28 20.62
C ILE B 176 14.40 -64.78 19.17
N ASN B 177 14.42 -63.47 18.95
CA ASN B 177 14.52 -62.92 17.59
C ASN B 177 15.85 -63.29 16.93
N GLU B 178 15.80 -63.51 15.59
CA GLU B 178 16.94 -64.04 14.81
C GLU B 178 18.14 -63.11 14.83
N PRO B 179 17.95 -61.79 14.64
CA PRO B 179 19.13 -60.91 14.61
C PRO B 179 19.83 -60.81 15.96
N THR B 180 19.04 -60.72 17.03
CA THR B 180 19.58 -60.84 18.37
C THR B 180 20.41 -62.13 18.51
N ALA B 181 19.85 -63.26 18.09
CA ALA B 181 20.56 -64.54 18.22
C ALA B 181 21.89 -64.54 17.43
N ALA B 182 21.84 -63.98 16.22
CA ALA B 182 23.05 -63.77 15.42
C ALA B 182 24.05 -62.79 16.05
N ALA B 183 23.55 -61.79 16.75
CA ALA B 183 24.40 -60.82 17.39
C ALA B 183 25.26 -61.53 18.43
N ILE B 184 24.62 -62.37 19.24
CA ILE B 184 25.34 -63.17 20.25
C ILE B 184 26.50 -63.93 19.62
N ALA B 185 26.22 -64.63 18.53
CA ALA B 185 27.24 -65.36 17.80
C ALA B 185 28.40 -64.43 17.42
N TYR B 186 28.07 -63.22 16.97
CA TYR B 186 29.07 -62.25 16.48
C TYR B 186 29.92 -61.64 17.60
N GLY B 187 29.25 -61.19 18.66
CA GLY B 187 29.87 -60.36 19.69
C GLY B 187 29.86 -60.86 21.13
N LEU B 188 29.74 -62.18 21.31
CA LEU B 188 29.80 -62.79 22.64
C LEU B 188 31.18 -62.56 23.27
N ASP B 189 32.23 -62.90 22.49
CA ASP B 189 33.64 -62.85 22.96
C ASP B 189 34.38 -61.51 22.71
N LYS B 190 33.66 -60.50 22.24
CA LYS B 190 34.22 -59.15 22.00
C LYS B 190 34.31 -58.33 23.29
N ARG B 191 35.44 -57.65 23.47
CA ARG B 191 35.68 -56.82 24.64
C ARG B 191 36.25 -55.47 24.17
N GLU B 192 35.47 -54.82 23.30
CA GLU B 192 35.90 -53.61 22.60
C GLU B 192 35.07 -52.40 22.98
N GLY B 193 34.28 -52.51 24.04
CA GLY B 193 33.50 -51.38 24.51
C GLY B 193 32.21 -51.29 23.74
N GLU B 194 31.50 -50.16 23.88
CA GLU B 194 30.19 -49.94 23.27
C GLU B 194 30.42 -49.65 21.81
N LYS B 195 30.03 -50.61 20.97
CA LYS B 195 29.99 -50.39 19.55
C LYS B 195 28.55 -50.56 19.08
N ASN B 196 28.26 -49.94 17.94
CA ASN B 196 26.97 -50.06 17.28
C ASN B 196 27.02 -51.09 16.19
N ILE B 197 26.23 -52.15 16.35
CA ILE B 197 26.21 -53.25 15.41
C ILE B 197 24.88 -53.33 14.71
N LEU B 198 24.93 -53.30 13.38
CA LEU B 198 23.76 -53.54 12.55
C LEU B 198 23.77 -55.01 12.02
N VAL B 199 22.74 -55.76 12.42
CA VAL B 199 22.56 -57.14 12.01
C VAL B 199 21.48 -57.15 10.97
N PHE B 200 21.84 -57.73 9.82
CA PHE B 200 21.07 -57.69 8.58
C PHE B 200 20.82 -59.14 8.24
N ASP B 201 19.59 -59.59 8.50
CA ASP B 201 19.22 -61.00 8.31
C ASP B 201 18.30 -61.23 7.11
N LEU B 202 18.79 -61.91 6.09
CA LEU B 202 17.98 -62.23 4.91
C LEU B 202 18.02 -63.72 4.61
N GLY B 203 16.96 -64.42 4.97
CA GLY B 203 16.89 -65.88 4.78
C GLY B 203 16.05 -66.33 3.60
N GLY B 204 15.31 -67.42 3.81
CA GLY B 204 14.47 -68.05 2.76
C GLY B 204 13.07 -67.42 2.56
N GLY B 205 12.53 -66.86 3.64
CA GLY B 205 11.20 -66.24 3.63
C GLY B 205 11.05 -64.89 4.33
N ALA B 206 11.96 -64.56 5.25
CA ALA B 206 11.87 -63.36 6.10
C ALA B 206 13.16 -62.49 6.18
N PHE B 207 12.92 -61.19 6.26
CA PHE B 207 13.99 -60.21 6.35
C PHE B 207 13.86 -59.45 7.66
N ASP B 208 14.97 -59.43 8.41
CA ASP B 208 15.07 -58.79 9.70
C ASP B 208 16.27 -57.87 9.76
N VAL B 209 16.08 -56.67 10.32
CA VAL B 209 17.22 -55.79 10.65
C VAL B 209 17.10 -55.25 12.06
N SER B 210 18.19 -55.39 12.83
CA SER B 210 18.27 -54.85 14.18
C SER B 210 19.51 -53.99 14.35
N LEU B 211 19.37 -52.83 14.96
CA LEU B 211 20.54 -52.13 15.47
C LEU B 211 20.69 -52.49 16.94
N LEU B 212 21.79 -53.16 17.26
CA LEU B 212 22.13 -53.46 18.64
C LEU B 212 23.27 -52.57 19.13
N THR B 213 23.34 -52.47 20.45
CA THR B 213 24.49 -51.97 21.18
C THR B 213 25.17 -53.18 21.83
N ILE B 214 26.48 -53.30 21.65
CA ILE B 214 27.23 -54.43 22.23
C ILE B 214 28.43 -53.90 22.99
N ASP B 215 28.23 -53.72 24.29
CA ASP B 215 29.29 -53.28 25.21
C ASP B 215 29.74 -54.47 26.02
N ASN B 216 30.91 -54.99 25.70
CA ASN B 216 31.43 -56.23 26.28
C ASN B 216 30.40 -57.36 26.23
N GLY B 217 29.89 -57.81 27.38
CA GLY B 217 28.98 -58.96 27.37
C GLY B 217 27.51 -58.59 27.40
N VAL B 218 27.21 -57.31 27.23
CA VAL B 218 25.84 -56.78 27.31
C VAL B 218 25.24 -56.36 25.95
N PHE B 219 24.25 -57.13 25.51
CA PHE B 219 23.54 -56.92 24.24
C PHE B 219 22.23 -56.21 24.48
N GLU B 220 22.02 -55.12 23.76
CA GLU B 220 20.80 -54.36 23.91
C GLU B 220 20.31 -54.01 22.53
N VAL B 221 19.04 -54.28 22.27
CA VAL B 221 18.47 -53.97 21.00
C VAL B 221 17.93 -52.56 21.13
N VAL B 222 18.37 -51.69 20.21
CA VAL B 222 17.89 -50.32 20.18
C VAL B 222 16.63 -50.27 19.33
N ALA B 223 16.74 -50.75 18.09
CA ALA B 223 15.66 -50.62 17.12
C ALA B 223 15.60 -51.81 16.19
N THR B 224 14.40 -52.07 15.70
CA THR B 224 14.20 -53.22 14.84
C THR B 224 13.12 -52.96 13.79
N ASN B 225 13.36 -53.54 12.63
CA ASN B 225 12.39 -53.50 11.60
C ASN B 225 12.65 -54.73 10.69
N GLY B 226 11.69 -55.04 9.82
CA GLY B 226 11.96 -56.02 8.77
C GLY B 226 10.80 -56.18 7.84
N ASP B 227 10.84 -57.26 7.07
CA ASP B 227 9.70 -57.66 6.25
C ASP B 227 9.57 -59.17 6.40
N THR B 228 8.38 -59.65 6.75
CA THR B 228 8.21 -61.06 7.07
C THR B 228 7.90 -61.93 5.86
N HIS B 229 7.48 -61.30 4.76
CA HIS B 229 7.29 -62.02 3.50
C HIS B 229 8.22 -61.40 2.43
N LEU B 230 9.51 -61.64 2.62
CA LEU B 230 10.53 -61.23 1.69
C LEU B 230 11.72 -62.12 1.97
N GLY B 231 12.13 -62.91 0.99
CA GLY B 231 13.30 -63.74 1.18
C GLY B 231 13.70 -64.43 -0.09
N GLY B 232 14.66 -65.37 0.03
CA GLY B 232 15.19 -66.13 -1.09
C GLY B 232 14.16 -66.81 -1.98
N GLU B 233 13.06 -67.27 -1.39
CA GLU B 233 11.99 -67.91 -2.15
C GLU B 233 11.38 -66.92 -3.11
N ASP B 234 11.25 -65.66 -2.70
CA ASP B 234 10.70 -64.62 -3.59
C ASP B 234 11.59 -64.38 -4.77
N PHE B 235 12.90 -64.54 -4.60
CA PHE B 235 13.81 -64.28 -5.70
C PHE B 235 13.68 -65.40 -6.70
N ASP B 236 13.61 -66.63 -6.16
CA ASP B 236 13.30 -67.83 -6.94
C ASP B 236 11.98 -67.64 -7.73
N GLN B 237 10.95 -67.17 -7.03
CA GLN B 237 9.64 -66.92 -7.64
C GLN B 237 9.64 -65.92 -8.80
N ARG B 238 10.41 -64.85 -8.73
CA ARG B 238 10.48 -63.89 -9.85
C ARG B 238 11.14 -64.51 -11.09
N VAL B 239 12.14 -65.34 -10.85
CA VAL B 239 12.81 -66.05 -11.92
C VAL B 239 11.89 -67.11 -12.54
N MET B 240 11.05 -67.75 -11.74
CA MET B 240 10.13 -68.76 -12.28
C MET B 240 9.05 -68.11 -13.14
N GLU B 241 8.48 -67.00 -12.64
CA GLU B 241 7.51 -66.20 -13.38
C GLU B 241 8.06 -65.85 -14.78
N HIS B 242 9.31 -65.42 -14.79
CA HIS B 242 9.93 -65.02 -16.02
C HIS B 242 9.96 -66.21 -17.00
N PHE B 243 10.65 -67.29 -16.64
CA PHE B 243 10.87 -68.42 -17.54
C PHE B 243 9.58 -69.11 -17.95
N ILE B 244 8.57 -69.05 -17.10
CA ILE B 244 7.24 -69.54 -17.47
C ILE B 244 6.66 -68.74 -18.64
N LYS B 245 6.63 -67.43 -18.48
CA LYS B 245 6.30 -66.52 -19.59
C LYS B 245 7.16 -66.80 -20.80
N LEU B 246 8.47 -66.84 -20.62
CA LEU B 246 9.37 -67.04 -21.75
C LEU B 246 8.98 -68.30 -22.51
N TYR B 247 8.75 -69.40 -21.80
CA TYR B 247 8.34 -70.69 -22.38
C TYR B 247 6.97 -70.66 -23.09
N LYS B 248 6.02 -69.86 -22.61
CA LYS B 248 4.77 -69.66 -23.33
C LYS B 248 4.92 -68.73 -24.57
N LYS B 249 5.92 -67.86 -24.56
CA LYS B 249 6.33 -67.13 -25.76
C LYS B 249 6.93 -68.06 -26.81
N LYS B 250 7.75 -69.00 -26.37
CA LYS B 250 8.57 -69.83 -27.26
C LYS B 250 7.86 -71.10 -27.80
N THR B 251 6.94 -71.64 -27.03
CA THR B 251 6.31 -72.92 -27.34
C THR B 251 4.79 -72.87 -27.33
N GLY B 252 4.21 -71.78 -26.83
CA GLY B 252 2.75 -71.64 -26.77
C GLY B 252 2.13 -72.22 -25.51
N LYS B 253 2.87 -73.14 -24.86
CA LYS B 253 2.42 -73.84 -23.66
C LYS B 253 2.48 -72.97 -22.37
N ASP B 254 1.44 -73.09 -21.56
CA ASP B 254 1.34 -72.50 -20.25
C ASP B 254 1.51 -73.62 -19.24
N VAL B 255 2.69 -73.73 -18.65
CA VAL B 255 3.00 -74.85 -17.74
C VAL B 255 2.46 -74.69 -16.29
N ARG B 256 1.82 -73.56 -15.96
CA ARG B 256 1.41 -73.20 -14.57
C ARG B 256 0.49 -74.20 -13.89
N LYS B 257 -0.34 -74.89 -14.67
CA LYS B 257 -1.28 -75.91 -14.16
C LYS B 257 -0.59 -77.23 -13.77
N ASP B 258 0.60 -77.49 -14.30
CA ASP B 258 1.33 -78.73 -14.01
C ASP B 258 2.39 -78.48 -12.90
N ASN B 259 2.06 -78.89 -11.67
CA ASN B 259 2.93 -78.70 -10.53
C ASN B 259 4.25 -79.42 -10.67
N ARG B 260 4.24 -80.64 -11.20
CA ARG B 260 5.49 -81.34 -11.51
C ARG B 260 6.48 -80.46 -12.29
N ALA B 261 6.01 -79.78 -13.33
CA ALA B 261 6.85 -78.90 -14.14
C ALA B 261 7.39 -77.70 -13.35
N VAL B 262 6.45 -76.91 -12.79
CA VAL B 262 6.72 -75.76 -11.90
C VAL B 262 7.79 -76.09 -10.86
N GLN B 263 7.55 -77.16 -10.09
CA GLN B 263 8.51 -77.60 -9.11
C GLN B 263 9.85 -78.06 -9.69
N LYS B 264 9.86 -78.68 -10.86
CA LYS B 264 11.14 -79.05 -11.46
C LYS B 264 11.91 -77.77 -11.76
N LEU B 265 11.17 -76.78 -12.25
CA LEU B 265 11.70 -75.47 -12.53
C LEU B 265 12.27 -74.80 -11.26
N ARG B 266 11.45 -74.72 -10.22
CA ARG B 266 11.89 -74.16 -8.95
C ARG B 266 13.20 -74.76 -8.47
N ARG B 267 13.32 -76.07 -8.60
CA ARG B 267 14.47 -76.77 -8.10
C ARG B 267 15.71 -76.40 -8.91
N GLU B 268 15.57 -76.19 -10.21
CA GLU B 268 16.75 -75.89 -11.04
C GLU B 268 17.06 -74.43 -11.03
N VAL B 269 16.06 -73.61 -10.66
CA VAL B 269 16.25 -72.16 -10.54
C VAL B 269 17.07 -71.86 -9.32
N GLU B 270 16.61 -72.39 -8.20
CA GLU B 270 17.34 -72.37 -6.96
C GLU B 270 18.82 -72.72 -7.19
N LYS B 271 19.07 -73.87 -7.76
CA LYS B 271 20.43 -74.30 -8.02
C LYS B 271 21.21 -73.24 -8.79
N ALA B 272 20.54 -72.56 -9.71
CA ALA B 272 21.15 -71.56 -10.60
C ALA B 272 21.46 -70.30 -9.85
N LYS B 273 20.50 -69.82 -9.07
CA LYS B 273 20.71 -68.70 -8.15
C LYS B 273 21.95 -68.84 -7.27
N ARG B 274 22.23 -70.04 -6.80
CA ARG B 274 23.37 -70.24 -5.93
C ARG B 274 24.62 -70.10 -6.77
N ALA B 275 24.56 -70.68 -7.97
CA ALA B 275 25.69 -70.62 -8.87
C ALA B 275 26.03 -69.17 -9.17
N LEU B 276 24.99 -68.36 -9.40
CA LEU B 276 25.17 -66.95 -9.79
C LEU B 276 25.71 -66.02 -8.70
N SER B 277 25.98 -66.55 -7.52
CA SER B 277 26.64 -65.77 -6.50
C SER B 277 28.14 -65.83 -6.71
N SER B 278 28.63 -66.79 -7.49
CA SER B 278 30.05 -66.95 -7.75
C SER B 278 30.36 -66.98 -9.25
N GLN B 279 29.36 -67.21 -10.08
CA GLN B 279 29.49 -67.15 -11.54
C GLN B 279 28.67 -66.00 -12.09
N HIS B 280 28.74 -65.81 -13.40
CA HIS B 280 28.04 -64.71 -14.05
C HIS B 280 26.96 -65.24 -14.90
N GLN B 281 26.92 -66.56 -15.05
CA GLN B 281 25.98 -67.24 -15.92
C GLN B 281 25.77 -68.65 -15.43
N ALA B 282 24.59 -69.18 -15.68
CA ALA B 282 24.29 -70.53 -15.27
C ALA B 282 23.30 -71.11 -16.27
N ARG B 283 23.50 -72.36 -16.67
CA ARG B 283 22.49 -73.02 -17.49
C ARG B 283 21.40 -73.65 -16.60
N ILE B 284 20.16 -73.51 -17.03
CA ILE B 284 19.02 -74.24 -16.46
C ILE B 284 18.49 -75.31 -17.45
N GLU B 285 18.90 -76.56 -17.25
CA GLU B 285 18.54 -77.66 -18.15
C GLU B 285 17.63 -78.58 -17.36
N ILE B 286 16.41 -78.73 -17.84
CA ILE B 286 15.48 -79.70 -17.28
C ILE B 286 15.08 -80.73 -18.33
N GLU B 287 15.42 -82.01 -18.09
CA GLU B 287 15.02 -83.09 -19.01
C GLU B 287 13.57 -83.48 -18.74
N SER B 288 12.79 -83.60 -19.81
CA SER B 288 11.37 -83.96 -19.69
C SER B 288 10.67 -83.00 -18.68
N PHE B 289 10.63 -81.74 -19.12
CA PHE B 289 10.10 -80.64 -18.33
C PHE B 289 8.58 -80.64 -18.39
N TYR B 290 8.01 -80.56 -19.59
CA TYR B 290 6.55 -80.42 -19.73
C TYR B 290 6.00 -81.25 -20.87
N GLU B 291 4.92 -81.98 -20.56
CA GLU B 291 4.42 -83.03 -21.42
C GLU B 291 5.62 -83.98 -21.48
N GLY B 292 6.41 -84.04 -22.55
CA GLY B 292 7.72 -84.73 -22.46
C GLY B 292 8.87 -83.90 -23.00
N GLU B 293 8.59 -82.61 -23.23
CA GLU B 293 9.54 -81.66 -23.84
C GLU B 293 10.68 -81.31 -22.89
N ASP B 294 11.89 -81.23 -23.41
CA ASP B 294 13.01 -80.78 -22.62
C ASP B 294 13.00 -79.25 -22.51
N PHE B 295 13.61 -78.73 -21.45
CA PHE B 295 13.74 -77.29 -21.19
C PHE B 295 15.24 -76.96 -21.10
N SER B 296 15.63 -75.78 -21.58
CA SER B 296 17.04 -75.35 -21.62
C SER B 296 17.20 -73.86 -21.84
N GLU B 297 17.65 -73.14 -20.82
CA GLU B 297 17.85 -71.72 -20.96
C GLU B 297 19.12 -71.35 -20.21
N THR B 298 19.46 -70.07 -20.29
CA THR B 298 20.60 -69.54 -19.62
C THR B 298 20.20 -68.29 -18.87
N LEU B 299 20.40 -68.29 -17.55
CA LEU B 299 20.19 -67.09 -16.72
C LEU B 299 21.52 -66.43 -16.40
N THR B 300 21.65 -65.18 -16.81
CA THR B 300 22.86 -64.42 -16.48
C THR B 300 22.62 -63.76 -15.10
N ARG B 301 23.70 -63.44 -14.39
CA ARG B 301 23.58 -62.67 -13.16
C ARG B 301 22.81 -61.35 -13.37
N ALA B 302 23.11 -60.66 -14.47
CA ALA B 302 22.45 -59.40 -14.83
C ALA B 302 20.93 -59.55 -14.90
N LYS B 303 20.47 -60.58 -15.60
CA LYS B 303 19.04 -60.82 -15.67
C LYS B 303 18.46 -61.13 -14.31
N PHE B 304 19.18 -61.97 -13.54
CA PHE B 304 18.75 -62.35 -12.21
C PHE B 304 18.48 -61.13 -11.34
N GLU B 305 19.37 -60.14 -11.44
CA GLU B 305 19.21 -58.83 -10.78
C GLU B 305 18.10 -57.91 -11.38
N GLU B 306 17.94 -57.77 -12.72
CA GLU B 306 16.78 -56.94 -13.27
C GLU B 306 15.43 -57.43 -12.73
N LEU B 307 15.24 -58.74 -12.70
CA LEU B 307 13.99 -59.34 -12.20
C LEU B 307 13.75 -59.17 -10.68
N ASN B 308 14.81 -58.92 -9.90
CA ASN B 308 14.72 -58.85 -8.46
C ASN B 308 15.19 -57.55 -7.85
N MET B 309 15.44 -56.52 -8.67
CA MET B 309 16.08 -55.27 -8.20
C MET B 309 15.16 -54.46 -7.26
N ASP B 310 13.87 -54.41 -7.56
CA ASP B 310 12.93 -53.75 -6.66
C ASP B 310 12.95 -54.37 -5.24
N LEU B 311 12.92 -55.71 -5.19
CA LEU B 311 12.94 -56.47 -3.93
C LEU B 311 14.27 -56.30 -3.18
N PHE B 312 15.39 -56.37 -3.88
CA PHE B 312 16.70 -56.13 -3.29
C PHE B 312 16.82 -54.74 -2.65
N ARG B 313 16.37 -53.71 -3.37
CA ARG B 313 16.41 -52.33 -2.90
C ARG B 313 15.41 -52.10 -1.76
N SER B 314 14.30 -52.84 -1.73
CA SER B 314 13.32 -52.69 -0.66
C SER B 314 13.90 -53.08 0.73
N THR B 315 15.05 -53.75 0.76
CA THR B 315 15.66 -54.11 2.02
C THR B 315 16.27 -52.91 2.71
N MET B 316 16.50 -51.84 1.95
CA MET B 316 17.10 -50.61 2.49
C MET B 316 16.07 -49.73 3.23
N LYS B 317 14.79 -49.85 2.90
CA LYS B 317 13.76 -49.11 3.61
C LYS B 317 13.73 -49.43 5.13
N PRO B 318 13.76 -50.72 5.52
CA PRO B 318 13.80 -51.00 6.96
C PRO B 318 15.11 -50.60 7.60
N VAL B 319 16.17 -50.59 6.82
CA VAL B 319 17.45 -50.21 7.34
C VAL B 319 17.43 -48.72 7.67
N GLN B 320 16.65 -47.94 6.91
CA GLN B 320 16.52 -46.50 7.16
C GLN B 320 15.76 -46.26 8.44
N LYS B 321 14.57 -46.82 8.50
CA LYS B 321 13.72 -46.73 9.70
C LYS B 321 14.45 -47.13 10.98
N VAL B 322 15.37 -48.09 10.90
CA VAL B 322 16.17 -48.54 12.07
C VAL B 322 17.11 -47.45 12.60
N LEU B 323 17.85 -46.81 11.71
CA LEU B 323 18.67 -45.62 12.08
C LEU B 323 17.80 -44.42 12.53
N GLU B 324 16.77 -44.11 11.75
CA GLU B 324 15.82 -43.08 12.16
C GLU B 324 15.34 -43.33 13.62
N ASP B 325 14.93 -44.57 13.94
CA ASP B 325 14.47 -44.92 15.31
C ASP B 325 15.60 -45.02 16.35
N SER B 326 16.82 -45.29 15.90
CA SER B 326 17.97 -45.33 16.79
C SER B 326 18.62 -43.95 17.00
N ASP B 327 18.07 -42.89 16.37
CA ASP B 327 18.63 -41.51 16.41
C ASP B 327 20.15 -41.49 16.13
N LEU B 328 20.56 -42.33 15.18
CA LEU B 328 21.94 -42.44 14.74
C LEU B 328 22.00 -42.17 13.26
N LYS B 329 23.21 -42.12 12.72
CA LYS B 329 23.38 -41.94 11.30
C LYS B 329 24.51 -42.82 10.81
N LYS B 330 24.56 -43.00 9.49
CA LYS B 330 25.38 -44.04 8.84
C LYS B 330 26.81 -44.19 9.36
N SER B 331 27.45 -43.07 9.70
CA SER B 331 28.86 -43.09 10.14
C SER B 331 29.02 -43.62 11.55
N ASP B 332 27.91 -43.69 12.30
CA ASP B 332 27.88 -44.16 13.70
C ASP B 332 27.99 -45.69 13.80
N ILE B 333 27.59 -46.40 12.74
CA ILE B 333 27.58 -47.87 12.77
C ILE B 333 29.00 -48.41 12.64
N ASP B 334 29.40 -49.24 13.61
CA ASP B 334 30.78 -49.69 13.72
C ASP B 334 31.06 -50.92 12.90
N GLU B 335 30.11 -51.86 12.92
CA GLU B 335 30.13 -53.04 12.03
C GLU B 335 28.73 -53.32 11.47
N ILE B 336 28.71 -53.94 10.29
CA ILE B 336 27.50 -54.44 9.65
C ILE B 336 27.65 -55.95 9.52
N VAL B 337 26.80 -56.70 10.22
CA VAL B 337 26.85 -58.19 10.23
C VAL B 337 25.78 -58.79 9.33
N LEU B 338 26.22 -59.71 8.48
CA LEU B 338 25.35 -60.32 7.51
C LEU B 338 25.03 -61.75 7.92
N VAL B 339 23.74 -62.06 8.02
CA VAL B 339 23.27 -63.43 8.26
C VAL B 339 22.06 -63.75 7.38
N GLY B 340 21.83 -65.04 7.18
CA GLY B 340 20.87 -65.52 6.18
C GLY B 340 21.56 -65.89 4.86
N GLY B 341 21.30 -67.09 4.37
CA GLY B 341 21.89 -67.51 3.10
C GLY B 341 21.76 -66.47 1.99
N SER B 342 20.64 -65.76 1.92
CA SER B 342 20.40 -64.80 0.83
C SER B 342 21.36 -63.59 0.81
N THR B 343 22.15 -63.42 1.86
CA THR B 343 23.16 -62.38 1.88
C THR B 343 24.42 -62.80 1.10
N ARG B 344 24.48 -64.05 0.66
CA ARG B 344 25.57 -64.48 -0.20
C ARG B 344 25.48 -63.92 -1.63
N ILE B 345 24.28 -63.44 -1.98
CA ILE B 345 24.03 -62.77 -3.26
C ILE B 345 24.87 -61.48 -3.33
N PRO B 346 25.81 -61.40 -4.28
CA PRO B 346 26.65 -60.20 -4.40
C PRO B 346 25.90 -58.86 -4.41
N LYS B 347 24.85 -58.75 -5.21
CA LYS B 347 24.09 -57.51 -5.30
C LYS B 347 23.60 -57.03 -3.95
N ILE B 348 23.27 -57.96 -3.04
CA ILE B 348 22.82 -57.60 -1.66
C ILE B 348 23.98 -57.00 -0.87
N GLN B 349 25.12 -57.70 -0.88
CA GLN B 349 26.35 -57.16 -0.29
C GLN B 349 26.75 -55.79 -0.84
N GLN B 350 26.47 -55.56 -2.11
CA GLN B 350 26.80 -54.29 -2.78
C GLN B 350 25.85 -53.13 -2.39
N LEU B 351 24.54 -53.33 -2.51
CA LEU B 351 23.59 -52.32 -2.03
C LEU B 351 23.73 -51.97 -0.54
N VAL B 352 24.32 -52.89 0.24
CA VAL B 352 24.57 -52.63 1.65
C VAL B 352 25.78 -51.73 1.75
N LYS B 353 26.89 -52.22 1.20
CA LYS B 353 28.12 -51.47 1.13
C LYS B 353 27.87 -50.02 0.71
N GLU B 354 27.10 -49.82 -0.36
CA GLU B 354 26.85 -48.47 -0.90
C GLU B 354 26.03 -47.59 0.04
N PHE B 355 24.99 -48.16 0.65
CA PHE B 355 24.12 -47.41 1.55
C PHE B 355 24.92 -46.85 2.73
N PHE B 356 25.96 -47.58 3.14
CA PHE B 356 26.84 -47.14 4.21
C PHE B 356 28.15 -46.60 3.64
N ASN B 357 28.04 -45.97 2.46
CA ASN B 357 29.13 -45.21 1.86
C ASN B 357 30.48 -45.96 1.86
N GLY B 358 30.49 -47.14 1.26
CA GLY B 358 31.73 -47.91 1.06
C GLY B 358 32.21 -48.77 2.23
N LYS B 359 31.44 -48.80 3.32
CA LYS B 359 31.83 -49.55 4.52
C LYS B 359 31.69 -51.05 4.27
N GLU B 360 32.76 -51.81 4.48
CA GLU B 360 32.76 -53.22 4.13
C GLU B 360 32.13 -54.00 5.26
N PRO B 361 31.12 -54.87 4.98
CA PRO B 361 30.50 -55.74 5.99
C PRO B 361 31.44 -56.78 6.60
N SER B 362 30.95 -57.47 7.63
CA SER B 362 31.77 -58.39 8.43
C SER B 362 31.74 -59.81 7.92
N ARG B 363 32.93 -60.39 7.78
CA ARG B 363 33.13 -61.79 7.39
C ARG B 363 33.26 -62.64 8.66
N GLY B 364 33.78 -63.86 8.52
CA GLY B 364 34.05 -64.74 9.67
C GLY B 364 32.83 -65.53 10.18
N ILE B 365 31.65 -65.01 9.94
CA ILE B 365 30.45 -65.52 10.61
C ILE B 365 29.52 -66.24 9.64
N ASN B 366 29.45 -67.56 9.80
CA ASN B 366 28.64 -68.43 8.94
C ASN B 366 27.16 -68.02 8.85
N PRO B 367 26.72 -67.55 7.68
CA PRO B 367 25.37 -66.94 7.59
C PRO B 367 24.20 -67.92 7.76
N ASP B 368 24.47 -69.21 7.61
CA ASP B 368 23.43 -70.24 7.74
C ASP B 368 23.26 -70.67 9.17
N GLU B 369 24.36 -70.65 9.92
CA GLU B 369 24.41 -71.30 11.22
C GLU B 369 24.38 -70.33 12.39
N ALA B 370 24.85 -69.11 12.20
CA ALA B 370 24.94 -68.10 13.28
C ALA B 370 23.67 -67.95 14.15
N VAL B 371 22.48 -67.91 13.55
CA VAL B 371 21.24 -67.74 14.29
C VAL B 371 20.95 -68.89 15.26
N ALA B 372 21.39 -70.10 14.91
CA ALA B 372 21.21 -71.24 15.79
C ALA B 372 22.32 -71.22 16.83
N TYR B 373 23.50 -70.79 16.42
CA TYR B 373 24.63 -70.69 17.31
C TYR B 373 24.25 -69.88 18.55
N GLY B 374 23.76 -68.66 18.33
CA GLY B 374 23.28 -67.79 19.39
C GLY B 374 22.05 -68.28 20.14
N ALA B 375 21.22 -69.07 19.50
CA ALA B 375 20.09 -69.69 20.19
C ALA B 375 20.61 -70.70 21.19
N ALA B 376 21.61 -71.46 20.80
CA ALA B 376 22.21 -72.47 21.67
C ALA B 376 22.82 -71.84 22.93
N VAL B 377 23.41 -70.65 22.75
CA VAL B 377 24.10 -69.97 23.84
C VAL B 377 23.08 -69.50 24.87
N GLN B 378 21.99 -68.93 24.37
CA GLN B 378 20.88 -68.56 25.21
C GLN B 378 20.30 -69.78 25.92
N ALA B 379 20.34 -70.94 25.26
CA ALA B 379 19.85 -72.18 25.86
C ALA B 379 20.78 -72.58 26.99
N GLY B 380 22.08 -72.59 26.69
CA GLY B 380 23.11 -72.86 27.70
C GLY B 380 22.94 -72.02 28.96
N VAL B 381 22.59 -70.75 28.80
CA VAL B 381 22.28 -69.91 29.96
C VAL B 381 21.06 -70.42 30.75
N LEU B 382 20.02 -70.85 30.04
CA LEU B 382 18.80 -71.32 30.68
C LEU B 382 18.94 -72.73 31.19
N SER B 383 19.85 -73.50 30.62
CA SER B 383 20.11 -74.87 31.08
C SER B 383 20.77 -74.90 32.46
N GLY B 384 21.04 -73.74 33.05
CA GLY B 384 21.63 -73.65 34.36
C GLY B 384 23.14 -73.81 34.33
N ASP B 385 23.60 -75.01 34.70
CA ASP B 385 25.03 -75.31 34.93
C ASP B 385 25.84 -75.31 33.62
N GLN B 386 26.17 -74.12 33.11
CA GLN B 386 27.02 -73.99 31.92
C GLN B 386 27.86 -72.71 31.99
N ASP B 387 29.14 -72.83 31.61
CA ASP B 387 30.10 -71.70 31.72
C ASP B 387 30.20 -70.85 30.46
N THR B 388 29.08 -70.23 30.08
CA THR B 388 29.04 -69.26 28.99
C THR B 388 29.76 -68.01 29.45
N GLY B 389 30.23 -67.19 28.52
CA GLY B 389 30.69 -65.87 28.90
C GLY B 389 29.50 -65.15 29.53
N ASP B 390 29.74 -64.05 30.22
CA ASP B 390 28.62 -63.25 30.73
C ASP B 390 27.73 -62.75 29.59
N LEU B 391 26.41 -62.87 29.79
CA LEU B 391 25.47 -62.54 28.75
C LEU B 391 24.31 -61.76 29.35
N VAL B 392 24.06 -60.55 28.82
CA VAL B 392 22.88 -59.79 29.17
C VAL B 392 22.13 -59.39 27.90
N LEU B 393 20.86 -59.78 27.82
CA LEU B 393 20.02 -59.49 26.67
C LEU B 393 18.89 -58.59 27.04
N LEU B 394 18.79 -57.47 26.33
CA LEU B 394 17.60 -56.66 26.42
C LEU B 394 17.05 -56.45 25.02
N ASP B 395 15.94 -57.15 24.74
CA ASP B 395 15.29 -57.15 23.43
C ASP B 395 13.96 -56.42 23.52
N VAL B 396 13.45 -56.00 22.36
CA VAL B 396 12.31 -55.11 22.29
C VAL B 396 11.14 -55.74 21.59
N CYS B 397 9.93 -55.22 21.82
CA CYS B 397 8.79 -55.54 20.95
C CYS B 397 9.01 -54.80 19.65
N PRO B 398 8.53 -55.35 18.52
CA PRO B 398 8.79 -54.74 17.21
C PRO B 398 7.72 -53.75 16.68
N LEU B 399 6.48 -53.85 17.18
CA LEU B 399 5.34 -53.12 16.58
C LEU B 399 4.59 -52.44 17.67
N THR B 400 4.17 -51.20 17.40
CA THR B 400 3.40 -50.41 18.35
C THR B 400 2.05 -51.05 18.66
N LEU B 401 1.71 -51.28 19.93
CA LEU B 401 0.32 -51.65 20.29
C LEU B 401 -0.50 -50.40 20.56
N GLY B 402 -1.77 -50.46 20.22
CA GLY B 402 -2.71 -49.37 20.46
C GLY B 402 -4.11 -49.95 20.52
N ILE B 403 -5.12 -49.10 20.69
CA ILE B 403 -6.52 -49.55 20.77
C ILE B 403 -7.39 -48.65 19.89
N GLU B 404 -8.54 -49.17 19.45
CA GLU B 404 -9.43 -48.41 18.56
C GLU B 404 -10.32 -47.44 19.35
N THR B 405 -10.25 -46.15 18.99
CA THR B 405 -10.86 -45.08 19.77
C THR B 405 -11.66 -44.12 18.89
N VAL B 406 -12.72 -43.51 19.45
CA VAL B 406 -13.54 -42.50 18.75
C VAL B 406 -14.39 -43.15 17.63
N GLY B 407 -14.01 -42.90 16.38
CA GLY B 407 -14.55 -43.66 15.24
C GLY B 407 -13.66 -44.86 14.99
N GLY B 408 -12.40 -44.60 14.61
CA GLY B 408 -11.39 -45.64 14.45
C GLY B 408 -9.99 -45.04 14.44
N VAL B 409 -9.60 -44.46 15.56
CA VAL B 409 -8.27 -43.88 15.73
C VAL B 409 -7.34 -44.84 16.48
N MET B 410 -6.17 -45.11 15.90
CA MET B 410 -5.11 -45.88 16.56
C MET B 410 -4.59 -45.06 17.73
N THR B 411 -5.28 -45.15 18.86
CA THR B 411 -4.74 -44.55 20.07
C THR B 411 -3.63 -45.52 20.63
N LYS B 412 -2.43 -44.96 20.63
CA LYS B 412 -1.16 -45.63 20.91
C LYS B 412 -1.02 -46.07 22.36
N LEU B 413 -0.41 -47.23 22.59
CA LEU B 413 -0.36 -47.80 23.96
C LEU B 413 1.02 -48.22 24.41
N ILE B 414 1.70 -49.00 23.58
CA ILE B 414 3.08 -49.37 23.82
C ILE B 414 3.91 -49.15 22.55
N PRO B 415 4.83 -48.16 22.55
CA PRO B 415 5.52 -47.85 21.32
C PRO B 415 6.42 -48.97 20.87
N ARG B 416 6.67 -48.96 19.56
CA ARG B 416 7.64 -49.87 18.99
C ARG B 416 9.04 -49.62 19.55
N ASN B 417 9.85 -50.66 19.49
CA ASN B 417 11.21 -50.70 20.06
C ASN B 417 11.29 -50.58 21.59
N THR B 418 10.15 -50.73 22.26
CA THR B 418 10.11 -50.79 23.71
C THR B 418 10.77 -52.05 24.22
N VAL B 419 11.72 -51.93 25.14
CA VAL B 419 12.29 -53.11 25.81
C VAL B 419 11.22 -54.00 26.47
N VAL B 420 11.38 -55.33 26.38
CA VAL B 420 10.46 -56.28 27.03
C VAL B 420 11.18 -57.12 28.06
N PRO B 421 10.46 -57.53 29.13
CA PRO B 421 9.02 -57.34 29.38
C PRO B 421 8.68 -55.90 29.65
N THR B 422 7.49 -55.49 29.22
CA THR B 422 6.99 -54.16 29.49
C THR B 422 5.52 -54.23 29.80
N LYS B 423 5.00 -53.24 30.51
CA LYS B 423 3.56 -53.15 30.68
C LYS B 423 3.06 -51.71 30.63
N LYS B 424 1.78 -51.56 30.29
CA LYS B 424 1.09 -50.27 30.27
C LYS B 424 -0.32 -50.50 30.78
N SER B 425 -0.69 -49.78 31.85
CA SER B 425 -2.03 -49.88 32.45
C SER B 425 -2.97 -48.78 31.94
N GLN B 426 -4.27 -49.02 32.06
CA GLN B 426 -5.25 -48.06 31.54
C GLN B 426 -6.55 -48.11 32.32
N ILE B 427 -6.89 -46.97 32.91
CA ILE B 427 -8.16 -46.79 33.60
C ILE B 427 -9.25 -46.49 32.58
N PHE B 428 -10.23 -47.39 32.51
CA PHE B 428 -11.46 -47.16 31.76
C PHE B 428 -12.65 -47.06 32.71
N SER B 429 -13.59 -46.19 32.36
CA SER B 429 -14.75 -45.93 33.19
C SER B 429 -16.03 -46.41 32.52
N VAL B 430 -15.91 -47.22 31.48
CA VAL B 430 -17.09 -47.78 30.80
C VAL B 430 -17.60 -48.98 31.58
N GLY B 431 -18.88 -48.96 31.94
CA GLY B 431 -19.53 -50.11 32.58
C GLY B 431 -20.26 -50.94 31.54
N GLY B 432 -20.98 -51.96 32.01
CA GLY B 432 -21.69 -52.89 31.13
C GLY B 432 -20.77 -53.95 30.57
N THR B 433 -20.82 -54.15 29.25
CA THR B 433 -19.84 -54.99 28.56
C THR B 433 -19.04 -54.11 27.60
N VAL B 434 -17.74 -53.99 27.86
CA VAL B 434 -16.86 -53.19 27.02
C VAL B 434 -16.12 -54.15 26.11
N THR B 435 -15.80 -53.65 24.92
CA THR B 435 -15.05 -54.41 23.93
C THR B 435 -13.81 -53.62 23.51
N ILE B 436 -12.64 -54.21 23.74
CA ILE B 436 -11.38 -53.58 23.36
C ILE B 436 -10.79 -54.29 22.14
N LYS B 437 -10.59 -53.53 21.06
CA LYS B 437 -9.84 -53.98 19.87
C LYS B 437 -8.37 -53.57 19.96
N VAL B 438 -7.45 -54.52 20.09
CA VAL B 438 -6.01 -54.19 20.10
C VAL B 438 -5.47 -54.24 18.68
N TYR B 439 -4.53 -53.36 18.35
CA TYR B 439 -3.91 -53.39 17.02
C TYR B 439 -2.40 -53.27 17.12
N GLU B 440 -1.76 -53.73 16.04
CA GLU B 440 -0.31 -53.69 15.84
C GLU B 440 0.01 -52.85 14.60
N GLY B 441 1.01 -51.98 14.69
CA GLY B 441 1.48 -51.18 13.53
C GLY B 441 1.64 -49.68 13.78
N GLU B 442 2.30 -49.01 12.84
CA GLU B 442 2.75 -47.63 13.02
C GLU B 442 1.90 -46.63 12.26
N ARG B 443 0.73 -47.05 11.79
CA ARG B 443 -0.14 -46.15 11.04
C ARG B 443 -1.19 -45.54 11.96
N PRO B 444 -1.47 -44.22 11.79
CA PRO B 444 -2.31 -43.51 12.74
C PRO B 444 -3.77 -43.96 12.69
N LEU B 445 -4.13 -44.70 11.64
CA LEU B 445 -5.49 -45.11 11.43
C LEU B 445 -5.65 -46.62 11.60
N THR B 446 -6.71 -47.01 12.30
CA THR B 446 -6.98 -48.41 12.66
C THR B 446 -7.06 -49.35 11.45
N LYS B 447 -7.80 -48.94 10.42
CA LYS B 447 -7.96 -49.77 9.21
C LYS B 447 -6.62 -50.17 8.58
N ASP B 448 -5.62 -49.31 8.73
CA ASP B 448 -4.32 -49.45 8.10
C ASP B 448 -3.28 -50.15 9.00
N ASN B 449 -3.75 -50.89 10.02
CA ASN B 449 -2.90 -51.67 10.93
C ASN B 449 -3.49 -53.08 11.15
N HIS B 450 -2.68 -54.01 11.64
CA HIS B 450 -3.10 -55.40 11.82
C HIS B 450 -3.83 -55.55 13.13
N LEU B 451 -5.08 -55.99 13.05
CA LEU B 451 -5.83 -56.38 14.26
C LEU B 451 -5.13 -57.55 14.97
N LEU B 452 -4.77 -57.35 16.25
CA LEU B 452 -4.12 -58.39 17.06
C LEU B 452 -5.15 -59.20 17.79
N GLY B 453 -6.18 -58.55 18.30
CA GLY B 453 -7.23 -59.26 19.01
C GLY B 453 -8.34 -58.40 19.58
N THR B 454 -9.38 -59.08 20.03
CA THR B 454 -10.52 -58.45 20.69
C THR B 454 -10.68 -59.05 22.08
N PHE B 455 -10.89 -58.19 23.06
CA PHE B 455 -10.98 -58.59 24.45
C PHE B 455 -12.26 -58.04 25.04
N ASP B 456 -13.20 -58.94 25.36
CA ASP B 456 -14.46 -58.53 25.99
C ASP B 456 -14.34 -58.58 27.52
N LEU B 457 -14.80 -57.51 28.16
CA LEU B 457 -14.82 -57.41 29.63
C LEU B 457 -16.23 -57.65 30.18
N THR B 458 -16.45 -58.86 30.68
CA THR B 458 -17.70 -59.26 31.34
C THR B 458 -17.37 -59.33 32.84
N GLY B 459 -18.38 -59.17 33.69
CA GLY B 459 -18.17 -59.35 35.14
C GLY B 459 -17.79 -58.06 35.83
N ILE B 460 -18.64 -57.05 35.65
CA ILE B 460 -18.41 -55.69 36.15
C ILE B 460 -19.30 -55.43 37.40
N PRO B 461 -18.77 -54.68 38.42
CA PRO B 461 -19.37 -54.69 39.78
C PRO B 461 -20.51 -53.68 40.09
N PRO B 462 -21.53 -53.57 39.21
CA PRO B 462 -22.27 -52.29 39.14
C PRO B 462 -22.70 -51.70 40.51
N ALA B 463 -21.85 -50.87 41.12
CA ALA B 463 -22.17 -50.16 42.38
C ALA B 463 -23.05 -48.95 42.06
N PRO B 464 -24.27 -48.87 42.66
CA PRO B 464 -25.25 -47.93 42.10
C PRO B 464 -24.95 -46.43 42.31
N ARG B 465 -23.94 -46.11 43.11
CA ARG B 465 -23.41 -44.74 43.20
C ARG B 465 -21.99 -44.73 42.64
N GLY B 466 -21.90 -44.51 41.33
CA GLY B 466 -20.63 -44.60 40.63
C GLY B 466 -20.71 -45.31 39.29
N VAL B 467 -19.65 -45.09 38.51
CA VAL B 467 -19.43 -45.73 37.23
C VAL B 467 -18.12 -46.50 37.41
N PRO B 468 -18.12 -47.82 37.06
CA PRO B 468 -16.97 -48.61 37.53
C PRO B 468 -15.61 -48.17 36.96
N GLN B 469 -14.59 -48.16 37.81
CA GLN B 469 -13.23 -47.76 37.44
C GLN B 469 -12.30 -48.96 37.26
N ILE B 470 -12.20 -49.43 36.01
CA ILE B 470 -11.46 -50.64 35.65
C ILE B 470 -10.01 -50.29 35.19
N GLU B 471 -9.02 -50.98 35.76
CA GLU B 471 -7.62 -50.84 35.33
C GLU B 471 -7.18 -52.02 34.45
N VAL B 472 -7.15 -51.78 33.13
CA VAL B 472 -6.73 -52.81 32.19
C VAL B 472 -5.22 -52.74 32.08
N THR B 473 -4.59 -53.90 31.98
CA THR B 473 -3.14 -53.97 31.97
C THR B 473 -2.59 -54.78 30.80
N PHE B 474 -1.86 -54.10 29.92
CA PHE B 474 -1.30 -54.70 28.71
C PHE B 474 0.17 -55.04 28.92
N GLU B 475 0.49 -56.33 29.04
CA GLU B 475 1.85 -56.74 29.32
C GLU B 475 2.45 -57.60 28.21
N ILE B 476 3.60 -57.17 27.68
CA ILE B 476 4.31 -57.95 26.66
C ILE B 476 5.50 -58.71 27.25
N ASP B 477 5.45 -60.04 27.26
CA ASP B 477 6.46 -60.82 28.00
C ASP B 477 7.74 -60.90 27.23
N VAL B 478 8.73 -61.58 27.77
CA VAL B 478 10.09 -61.60 27.18
C VAL B 478 10.16 -62.28 25.79
N ASN B 479 9.14 -63.09 25.49
CA ASN B 479 8.91 -63.72 24.18
C ASN B 479 8.26 -62.79 23.14
N GLY B 480 7.67 -61.69 23.62
CA GLY B 480 7.11 -60.68 22.75
C GLY B 480 5.63 -60.88 22.59
N ILE B 481 5.04 -61.68 23.49
CA ILE B 481 3.61 -62.00 23.41
C ILE B 481 2.76 -61.23 24.44
N LEU B 482 1.62 -60.71 23.97
CA LEU B 482 0.70 -59.94 24.80
C LEU B 482 -0.14 -60.84 25.69
N ARG B 483 -0.28 -60.41 26.94
CA ARG B 483 -1.28 -60.91 27.87
C ARG B 483 -2.11 -59.69 28.31
N VAL B 484 -3.41 -59.86 28.51
CA VAL B 484 -4.28 -58.77 28.90
C VAL B 484 -5.13 -59.14 30.10
N THR B 485 -4.91 -58.43 31.20
CA THR B 485 -5.64 -58.64 32.44
C THR B 485 -6.27 -57.34 32.92
N ALA B 486 -7.18 -57.51 33.87
CA ALA B 486 -8.02 -56.44 34.40
C ALA B 486 -8.24 -56.57 35.92
N GLU B 487 -8.48 -55.43 36.56
CA GLU B 487 -8.89 -55.37 37.96
C GLU B 487 -9.70 -54.08 38.18
N ASP B 488 -10.80 -54.16 38.95
CA ASP B 488 -11.65 -52.98 39.26
C ASP B 488 -11.19 -52.26 40.54
N LYS B 489 -11.38 -50.94 40.58
CA LYS B 489 -11.08 -50.14 41.77
C LYS B 489 -12.38 -49.64 42.40
N GLY B 490 -13.33 -50.57 42.58
CA GLY B 490 -14.65 -50.28 43.14
C GLY B 490 -15.14 -51.15 44.30
N THR B 491 -14.56 -52.36 44.45
CA THR B 491 -14.92 -53.28 45.53
C THR B 491 -13.67 -53.72 46.32
N GLY B 492 -13.70 -53.51 47.63
CA GLY B 492 -12.52 -53.66 48.50
C GLY B 492 -11.88 -55.03 48.56
N ASN B 493 -10.81 -55.21 47.77
CA ASN B 493 -9.79 -56.26 47.96
C ASN B 493 -10.21 -57.63 47.42
N LYS B 494 -11.06 -57.53 46.39
CA LYS B 494 -11.57 -58.63 45.62
C LYS B 494 -11.47 -58.14 44.20
N ASN B 495 -11.12 -59.05 43.29
CA ASN B 495 -10.86 -58.70 41.91
C ASN B 495 -11.87 -59.45 41.08
N LYS B 496 -12.48 -58.80 40.10
CA LYS B 496 -13.43 -59.50 39.24
C LYS B 496 -13.02 -59.34 37.78
N ILE B 497 -12.31 -60.36 37.32
CA ILE B 497 -11.57 -60.35 36.07
C ILE B 497 -12.17 -61.44 35.18
N THR B 498 -12.69 -61.07 34.01
CA THR B 498 -13.13 -62.07 33.02
C THR B 498 -12.82 -61.59 31.58
N ILE B 499 -11.71 -62.09 31.03
CA ILE B 499 -11.23 -61.72 29.68
C ILE B 499 -11.59 -62.80 28.65
N THR B 500 -12.73 -62.64 27.97
CA THR B 500 -13.02 -63.43 26.77
C THR B 500 -12.10 -62.87 25.69
N ASN B 501 -11.41 -63.77 24.99
CA ASN B 501 -10.37 -63.36 24.05
C ASN B 501 -10.74 -63.70 22.59
N ASP B 502 -11.68 -62.94 22.01
CA ASP B 502 -12.14 -63.19 20.62
C ASP B 502 -10.98 -63.00 19.65
N GLN B 503 -10.23 -64.07 19.43
CA GLN B 503 -8.91 -63.97 18.80
C GLN B 503 -8.48 -65.30 18.13
N ASN B 504 -7.99 -65.19 16.90
CA ASN B 504 -7.64 -66.37 16.11
C ASN B 504 -6.43 -67.11 16.66
N ARG B 505 -6.69 -67.96 17.65
CA ARG B 505 -5.65 -68.75 18.30
C ARG B 505 -6.13 -70.15 18.54
N LEU B 506 -5.26 -71.14 18.32
CA LEU B 506 -5.54 -72.50 18.73
C LEU B 506 -5.99 -72.47 20.19
N THR B 507 -7.11 -73.14 20.50
CA THR B 507 -7.57 -73.30 21.90
C THR B 507 -6.72 -74.39 22.61
N PRO B 508 -6.65 -74.38 23.97
CA PRO B 508 -5.94 -75.48 24.64
C PRO B 508 -6.52 -76.88 24.33
N GLU B 509 -7.82 -76.93 24.01
CA GLU B 509 -8.43 -78.17 23.51
C GLU B 509 -7.76 -78.60 22.21
N GLU B 510 -7.86 -77.74 21.19
CA GLU B 510 -7.23 -77.99 19.88
C GLU B 510 -5.79 -78.46 20.03
N ILE B 511 -5.01 -77.75 20.86
CA ILE B 511 -3.62 -78.09 21.06
C ILE B 511 -3.51 -79.49 21.66
N GLU B 512 -4.48 -79.89 22.48
CA GLU B 512 -4.47 -81.25 23.05
C GLU B 512 -4.70 -82.32 21.96
N ARG B 513 -5.61 -82.05 21.02
CA ARG B 513 -5.87 -83.01 19.94
C ARG B 513 -4.63 -83.20 19.11
N MET B 514 -4.05 -82.06 18.72
CA MET B 514 -2.89 -82.04 17.84
C MET B 514 -1.67 -82.67 18.51
N VAL B 515 -1.58 -82.55 19.83
CA VAL B 515 -0.49 -83.22 20.58
C VAL B 515 -0.72 -84.72 20.60
N ASN B 516 -1.98 -85.11 20.75
CA ASN B 516 -2.28 -86.54 20.82
C ASN B 516 -2.06 -87.12 19.44
N ASP B 517 -2.53 -86.41 18.41
CA ASP B 517 -2.38 -86.84 17.02
C ASP B 517 -0.92 -87.13 16.66
N ALA B 518 -0.03 -86.27 17.13
CA ALA B 518 1.40 -86.45 16.91
C ALA B 518 1.93 -87.66 17.69
N GLU B 519 1.56 -87.76 18.97
CA GLU B 519 1.96 -88.89 19.81
C GLU B 519 1.50 -90.20 19.18
N LYS B 520 0.28 -90.20 18.65
CA LYS B 520 -0.22 -91.37 17.95
C LYS B 520 0.63 -91.67 16.70
N PHE B 521 0.80 -90.68 15.83
CA PHE B 521 1.68 -90.80 14.65
C PHE B 521 3.03 -91.44 15.03
N ALA B 522 3.65 -90.93 16.08
CA ALA B 522 4.93 -91.45 16.54
C ALA B 522 4.85 -92.97 16.80
N GLU B 523 3.87 -93.36 17.62
CA GLU B 523 3.62 -94.77 17.97
C GLU B 523 3.35 -95.64 16.71
N GLU B 524 2.51 -95.11 15.83
CA GLU B 524 2.23 -95.75 14.55
C GLU B 524 3.52 -95.96 13.78
N ASP B 525 4.24 -94.85 13.50
CA ASP B 525 5.51 -94.86 12.74
C ASP B 525 6.56 -95.75 13.41
N LYS B 526 6.53 -95.82 14.74
CA LYS B 526 7.47 -96.65 15.48
C LYS B 526 7.18 -98.13 15.22
N LYS B 527 5.91 -98.47 15.07
CA LYS B 527 5.52 -99.86 14.82
C LYS B 527 5.72 -100.26 13.34
N LEU B 528 5.39 -99.37 12.39
CA LEU B 528 5.68 -99.63 10.97
C LEU B 528 7.15 -100.04 10.81
N LYS B 529 8.05 -99.22 11.35
CA LYS B 529 9.49 -99.44 11.32
C LYS B 529 9.89 -100.81 11.93
N GLU B 530 9.33 -101.14 13.10
CA GLU B 530 9.59 -102.46 13.72
C GLU B 530 9.13 -103.61 12.84
N ARG B 531 8.02 -103.42 12.11
CA ARG B 531 7.53 -104.41 11.14
C ARG B 531 8.52 -104.59 9.97
N ILE B 532 9.03 -103.48 9.46
CA ILE B 532 10.06 -103.53 8.43
C ILE B 532 11.25 -104.23 9.05
N ASP B 533 11.80 -103.59 10.09
CA ASP B 533 13.16 -103.92 10.60
C ASP B 533 13.20 -105.42 11.11
N THR B 534 12.05 -106.00 11.52
CA THR B 534 11.96 -107.44 11.92
C THR B 534 11.68 -108.43 10.77
N ARG B 535 11.06 -107.94 9.69
CA ARG B 535 10.94 -108.73 8.45
C ARG B 535 12.30 -108.86 7.80
N ASN B 536 13.14 -107.84 7.95
CA ASN B 536 14.51 -107.96 7.50
C ASN B 536 15.30 -108.98 8.34
N GLU B 537 15.00 -109.05 9.66
CA GLU B 537 15.67 -110.00 10.58
C GLU B 537 15.42 -111.42 10.13
N LEU B 538 14.18 -111.69 9.75
CA LEU B 538 13.82 -113.00 9.25
C LEU B 538 14.62 -113.30 7.99
N GLU B 539 14.49 -112.43 6.98
CA GLU B 539 15.16 -112.59 5.67
C GLU B 539 16.68 -112.80 5.82
N SER B 540 17.32 -111.96 6.63
CA SER B 540 18.74 -112.13 6.95
C SER B 540 19.03 -113.55 7.41
N TYR B 541 18.44 -113.89 8.57
CA TYR B 541 18.65 -115.16 9.30
C TYR B 541 18.45 -116.35 8.37
N ALA B 542 17.44 -116.26 7.51
CA ALA B 542 17.23 -117.25 6.47
C ALA B 542 18.42 -117.30 5.51
N TYR B 543 18.77 -116.16 4.92
CA TYR B 543 19.91 -116.14 3.97
C TYR B 543 21.23 -116.55 4.64
N SER B 544 21.36 -116.18 5.91
CA SER B 544 22.55 -116.52 6.69
C SER B 544 22.76 -118.02 6.71
N LEU B 545 21.71 -118.73 7.12
CA LEU B 545 21.76 -120.18 7.25
C LEU B 545 22.16 -120.73 5.89
N LYS B 546 21.43 -120.33 4.84
CA LYS B 546 21.66 -120.86 3.48
C LYS B 546 23.12 -120.74 3.01
N ASN B 547 23.87 -119.80 3.59
CA ASN B 547 25.31 -119.73 3.38
C ASN B 547 26.06 -120.80 4.14
N GLN B 548 25.69 -120.99 5.39
CA GLN B 548 26.37 -121.94 6.28
C GLN B 548 26.24 -123.42 5.85
N ILE B 549 25.14 -123.76 5.20
CA ILE B 549 24.89 -125.12 4.72
C ILE B 549 25.68 -125.42 3.44
N GLY B 550 25.59 -124.53 2.46
CA GLY B 550 26.28 -124.70 1.16
C GLY B 550 27.79 -124.51 1.23
N ASP B 551 28.28 -124.24 2.44
CA ASP B 551 29.69 -124.06 2.75
C ASP B 551 30.26 -125.34 3.37
N LYS B 552 30.93 -126.16 2.55
CA LYS B 552 31.51 -127.45 3.02
C LYS B 552 32.74 -127.29 3.90
N GLU B 553 33.13 -126.03 4.17
CA GLU B 553 34.29 -125.69 4.99
C GLU B 553 33.92 -125.49 6.46
N LYS B 554 32.87 -124.71 6.72
CA LYS B 554 32.47 -124.36 8.10
C LYS B 554 31.34 -125.26 8.62
N LEU B 555 30.10 -124.91 8.31
CA LEU B 555 28.93 -125.56 8.91
C LEU B 555 28.28 -126.61 8.02
N GLY B 556 28.73 -126.71 6.76
CA GLY B 556 28.13 -127.61 5.78
C GLY B 556 28.91 -128.90 5.51
N GLY B 557 30.13 -128.97 6.02
CA GLY B 557 30.88 -130.21 6.06
C GLY B 557 30.37 -131.13 7.16
N LYS B 558 29.94 -130.53 8.28
CA LYS B 558 29.44 -131.29 9.45
C LYS B 558 28.15 -132.08 9.17
N LEU B 559 27.29 -131.56 8.30
CA LEU B 559 25.95 -132.13 8.09
C LEU B 559 25.95 -133.43 7.28
N SER B 560 24.90 -134.22 7.50
CA SER B 560 24.57 -135.40 6.70
C SER B 560 23.60 -134.98 5.57
N SER B 561 23.27 -135.91 4.68
CA SER B 561 22.25 -135.67 3.64
C SER B 561 20.82 -135.53 4.21
N GLU B 562 20.56 -136.16 5.36
CA GLU B 562 19.25 -136.04 6.06
C GLU B 562 19.09 -134.61 6.62
N ASP B 563 20.06 -134.19 7.41
CA ASP B 563 20.01 -132.88 8.07
C ASP B 563 20.21 -131.71 7.06
N LYS B 564 21.03 -131.91 6.03
CA LYS B 564 21.13 -130.92 4.94
C LYS B 564 19.80 -130.70 4.18
N GLU B 565 19.04 -131.77 3.90
CA GLU B 565 17.75 -131.61 3.20
C GLU B 565 16.75 -130.92 4.15
N THR B 566 16.74 -131.23 5.43
CA THR B 566 15.73 -130.61 6.31
C THR B 566 15.99 -129.09 6.46
N MET B 567 17.27 -128.73 6.46
CA MET B 567 17.77 -127.35 6.58
C MET B 567 17.37 -126.57 5.33
N GLU B 568 17.84 -127.04 4.18
CA GLU B 568 17.46 -126.47 2.89
C GLU B 568 15.96 -126.12 2.85
N LYS B 569 15.10 -127.08 3.16
CA LYS B 569 13.67 -126.91 2.95
C LYS B 569 13.07 -125.94 3.95
N ALA B 570 13.45 -126.09 5.22
CA ALA B 570 12.94 -125.23 6.33
C ALA B 570 13.24 -123.74 6.04
N VAL B 571 14.42 -123.48 5.49
CA VAL B 571 14.82 -122.17 4.95
C VAL B 571 14.09 -121.80 3.61
N GLU B 572 14.27 -122.60 2.55
CA GLU B 572 13.62 -122.35 1.23
C GLU B 572 12.06 -122.24 1.26
N GLU B 573 11.40 -122.78 2.28
CA GLU B 573 9.93 -122.61 2.46
C GLU B 573 9.57 -121.38 3.32
N LYS B 574 10.47 -120.99 4.22
CA LYS B 574 10.34 -119.71 4.92
C LYS B 574 10.64 -118.55 3.98
N ILE B 575 11.53 -118.76 3.01
CA ILE B 575 11.82 -117.73 2.01
C ILE B 575 10.66 -117.58 1.06
N GLU B 576 10.18 -118.67 0.46
CA GLU B 576 9.06 -118.52 -0.47
C GLU B 576 7.78 -118.14 0.29
N TRP B 577 7.72 -118.34 1.61
CA TRP B 577 6.65 -117.73 2.43
C TRP B 577 6.77 -116.21 2.44
N LEU B 578 7.93 -115.72 2.84
CA LEU B 578 8.21 -114.26 2.90
C LEU B 578 7.84 -113.54 1.61
N GLU B 579 8.20 -114.11 0.46
CA GLU B 579 7.95 -113.48 -0.83
C GLU B 579 6.46 -113.18 -1.05
N SER B 580 5.58 -114.00 -0.49
CA SER B 580 4.14 -113.84 -0.70
C SER B 580 3.34 -113.29 0.51
N HIS B 581 4.04 -112.92 1.59
CA HIS B 581 3.39 -112.33 2.78
C HIS B 581 4.11 -111.04 3.21
N GLN B 582 4.39 -110.18 2.23
CA GLN B 582 5.03 -108.90 2.50
C GLN B 582 4.11 -108.06 3.39
N ASP B 583 2.81 -108.09 3.10
CA ASP B 583 1.81 -107.36 3.92
C ASP B 583 1.54 -107.96 5.34
N ALA B 584 2.16 -109.10 5.67
CA ALA B 584 2.04 -109.70 7.01
C ALA B 584 2.34 -108.75 8.18
N ASP B 585 1.76 -109.06 9.34
CA ASP B 585 1.92 -108.20 10.52
C ASP B 585 3.12 -108.63 11.34
N ILE B 586 3.50 -107.75 12.26
CA ILE B 586 4.70 -107.90 13.11
C ILE B 586 4.80 -109.26 13.83
N GLU B 587 3.67 -109.78 14.30
CA GLU B 587 3.63 -111.07 15.01
C GLU B 587 3.87 -112.27 14.07
N ASP B 588 3.35 -112.16 12.84
CA ASP B 588 3.54 -113.20 11.85
C ASP B 588 5.05 -113.44 11.63
N PHE B 589 5.82 -112.35 11.57
CA PHE B 589 7.27 -112.45 11.33
C PHE B 589 8.04 -112.97 12.54
N LYS B 590 7.68 -112.49 13.73
CA LYS B 590 8.26 -112.99 14.98
C LYS B 590 8.12 -114.50 15.11
N ALA B 591 6.91 -114.99 14.83
CA ALA B 591 6.59 -116.41 14.91
C ALA B 591 7.41 -117.23 13.91
N LYS B 592 7.40 -116.80 12.66
CA LYS B 592 8.04 -117.54 11.59
C LYS B 592 9.54 -117.69 11.85
N LYS B 593 10.11 -116.67 12.47
CA LYS B 593 11.52 -116.70 12.88
C LYS B 593 11.71 -117.85 13.85
N LYS B 594 10.85 -117.91 14.85
CA LYS B 594 10.95 -118.90 15.92
C LYS B 594 10.71 -120.33 15.40
N GLU B 595 9.73 -120.50 14.49
CA GLU B 595 9.50 -121.77 13.80
C GLU B 595 10.76 -122.28 13.07
N LEU B 596 11.48 -121.36 12.43
CA LEU B 596 12.69 -121.69 11.69
C LEU B 596 13.88 -121.89 12.63
N GLU B 597 13.89 -121.15 13.73
CA GLU B 597 14.90 -121.35 14.79
C GLU B 597 14.82 -122.75 15.39
N GLU B 598 13.61 -123.14 15.82
CA GLU B 598 13.41 -124.41 16.53
C GLU B 598 13.74 -125.65 15.69
N ILE B 599 13.58 -125.57 14.37
CA ILE B 599 13.95 -126.67 13.48
C ILE B 599 15.46 -126.77 13.33
N VAL B 600 16.09 -125.61 13.25
CA VAL B 600 17.52 -125.54 12.98
C VAL B 600 18.36 -125.78 14.24
N GLN B 601 17.84 -125.35 15.38
CA GLN B 601 18.54 -125.38 16.70
C GLN B 601 19.10 -126.76 17.09
N PRO B 602 18.24 -127.81 17.13
CA PRO B 602 18.73 -129.18 17.39
C PRO B 602 19.75 -129.70 16.36
N ILE B 603 19.62 -129.29 15.10
CA ILE B 603 20.50 -129.78 14.04
C ILE B 603 21.90 -129.15 14.14
N ILE B 604 21.96 -127.81 14.31
CA ILE B 604 23.26 -127.10 14.37
C ILE B 604 24.04 -127.27 15.70
N SER B 605 23.46 -127.96 16.68
CA SER B 605 24.18 -128.27 17.92
C SER B 605 24.73 -129.71 17.94
N LYS B 606 25.10 -130.23 16.77
CA LYS B 606 25.75 -131.53 16.62
C LYS B 606 27.14 -131.34 16.03
N SER C 1 94.78 13.81 7.21
CA SER C 1 93.35 13.88 7.60
C SER C 1 93.05 15.14 8.39
N GLU C 2 91.76 15.40 8.61
CA GLU C 2 91.30 16.62 9.28
C GLU C 2 91.89 16.72 10.68
N ASP C 3 92.11 17.96 11.13
CA ASP C 3 92.34 18.20 12.54
C ASP C 3 91.01 18.60 13.15
N VAL C 4 90.51 17.69 13.98
CA VAL C 4 89.14 17.71 14.45
C VAL C 4 88.96 18.62 15.67
N GLY C 5 90.04 19.21 16.15
CA GLY C 5 89.98 20.07 17.34
C GLY C 5 89.68 19.21 18.55
N THR C 6 88.97 19.79 19.52
CA THR C 6 88.45 19.02 20.64
C THR C 6 87.10 18.46 20.26
N VAL C 7 86.94 17.16 20.52
CA VAL C 7 85.70 16.47 20.22
C VAL C 7 84.85 16.26 21.49
N VAL C 8 83.58 16.68 21.43
CA VAL C 8 82.67 16.59 22.57
C VAL C 8 81.84 15.31 22.52
N GLY C 9 81.47 14.84 23.70
CA GLY C 9 80.58 13.69 23.81
C GLY C 9 79.19 14.14 24.21
N ILE C 10 78.18 13.90 23.36
CA ILE C 10 76.82 14.35 23.67
C ILE C 10 75.84 13.21 23.81
N ASP C 11 75.26 13.10 25.02
CA ASP C 11 74.03 12.35 25.21
C ASP C 11 72.87 13.22 24.71
N LEU C 12 72.31 12.84 23.57
CA LEU C 12 71.15 13.50 23.02
C LEU C 12 69.93 12.71 23.46
N GLY C 13 69.40 13.06 24.62
CA GLY C 13 68.31 12.32 25.22
C GLY C 13 66.95 12.95 25.05
N THR C 14 65.93 12.16 25.40
CA THR C 14 64.50 12.46 25.15
C THR C 14 64.08 13.65 25.95
N THR C 15 64.29 13.53 27.25
CA THR C 15 63.91 14.57 28.19
C THR C 15 65.08 15.48 28.62
N TYR C 16 66.32 14.99 28.45
CA TYR C 16 67.54 15.68 28.88
C TYR C 16 68.77 15.36 28.02
N SER C 17 69.70 16.30 28.00
CA SER C 17 70.92 16.14 27.22
C SER C 17 72.09 16.59 28.04
N CYS C 18 73.25 16.06 27.66
CA CYS C 18 74.41 16.13 28.53
C CYS C 18 75.71 16.15 27.72
N VAL C 19 76.65 16.99 28.08
CA VAL C 19 77.88 17.09 27.30
C VAL C 19 79.11 16.88 28.16
N GLY C 20 80.02 16.06 27.61
CA GLY C 20 81.26 15.69 28.25
C GLY C 20 82.45 15.90 27.31
N VAL C 21 83.60 16.14 27.91
CA VAL C 21 84.83 16.34 27.17
C VAL C 21 85.99 15.67 27.91
N PHE C 22 86.88 14.99 27.17
CA PHE C 22 88.04 14.31 27.78
C PHE C 22 89.25 15.24 27.69
N LYS C 23 89.82 15.58 28.85
CA LYS C 23 91.02 16.37 28.90
C LYS C 23 91.77 16.16 30.23
N ASN C 24 93.10 16.21 30.13
CA ASN C 24 94.03 15.89 31.22
C ASN C 24 93.72 14.56 31.87
N GLY C 25 93.54 13.54 31.03
CA GLY C 25 93.37 12.16 31.49
C GLY C 25 92.09 11.91 32.27
N ARG C 26 91.11 12.80 32.11
CA ARG C 26 89.87 12.83 32.92
C ARG C 26 88.67 13.21 32.06
N VAL C 27 87.48 12.74 32.44
CA VAL C 27 86.22 13.21 31.84
C VAL C 27 85.70 14.34 32.72
N GLU C 28 85.42 15.48 32.11
CA GLU C 28 84.64 16.54 32.76
C GLU C 28 83.30 16.57 32.07
N ILE C 29 82.23 16.34 32.83
CA ILE C 29 80.89 16.59 32.34
C ILE C 29 80.66 18.09 32.52
N ILE C 30 80.30 18.78 31.43
CA ILE C 30 80.25 20.24 31.43
C ILE C 30 78.90 20.87 31.86
N ALA C 31 78.96 21.82 32.81
CA ALA C 31 77.81 22.60 33.31
C ALA C 31 77.41 23.70 32.31
N ASN C 32 76.11 23.95 32.17
CA ASN C 32 75.58 25.04 31.33
C ASN C 32 75.61 26.40 32.04
N ASP C 33 74.99 27.44 31.45
CA ASP C 33 74.99 28.79 32.07
C ASP C 33 74.29 28.87 33.43
N GLN C 34 73.35 27.96 33.69
CA GLN C 34 72.62 27.92 34.95
C GLN C 34 73.26 27.01 35.98
N GLY C 35 74.44 26.48 35.63
CA GLY C 35 75.22 25.65 36.52
C GLY C 35 74.70 24.24 36.61
N ASN C 36 73.92 23.82 35.62
CA ASN C 36 73.37 22.44 35.58
C ASN C 36 74.14 21.53 34.64
N ARG C 37 74.53 20.37 35.19
CA ARG C 37 75.29 19.38 34.46
C ARG C 37 74.42 18.54 33.52
N ILE C 38 73.10 18.75 33.54
CA ILE C 38 72.21 18.27 32.47
C ILE C 38 71.26 19.37 32.04
N THR C 39 70.76 19.28 30.80
CA THR C 39 69.96 20.31 30.15
C THR C 39 68.70 19.69 29.58
N PRO C 40 67.52 20.20 29.95
CA PRO C 40 66.25 19.76 29.35
C PRO C 40 66.23 19.88 27.82
N SER C 41 65.82 18.80 27.15
CA SER C 41 65.77 18.75 25.68
C SER C 41 64.52 19.42 25.16
N TYR C 42 64.36 20.69 25.56
CA TYR C 42 63.17 21.50 25.29
C TYR C 42 63.56 22.71 24.43
N VAL C 43 62.72 23.06 23.43
CA VAL C 43 62.79 24.36 22.75
C VAL C 43 61.41 24.98 22.71
N ALA C 44 61.35 26.29 22.96
CA ALA C 44 60.09 27.04 22.97
C ALA C 44 60.22 28.35 22.23
N PHE C 45 59.14 28.76 21.61
CA PHE C 45 59.10 29.99 20.87
C PHE C 45 58.12 30.92 21.55
N THR C 46 58.62 32.01 22.12
CA THR C 46 57.76 32.94 22.86
C THR C 46 56.84 33.71 21.90
N PRO C 47 55.75 34.29 22.42
CA PRO C 47 54.94 35.16 21.54
C PRO C 47 55.68 36.42 21.06
N GLU C 48 56.56 36.94 21.92
CA GLU C 48 57.38 38.11 21.63
C GLU C 48 58.49 37.82 20.62
N GLY C 49 58.38 36.70 19.88
CA GLY C 49 59.38 36.26 18.87
C GLY C 49 60.53 35.36 19.34
N GLU C 50 60.90 35.48 20.62
CA GLU C 50 62.14 34.92 21.15
C GLU C 50 62.12 33.38 21.09
N ARG C 51 63.28 32.77 20.82
CA ARG C 51 63.41 31.33 20.80
C ARG C 51 64.28 30.89 21.97
N LEU C 52 63.65 30.16 22.90
CA LEU C 52 64.29 29.71 24.12
C LEU C 52 64.67 28.26 23.98
N ILE C 53 65.70 27.84 24.75
CA ILE C 53 66.18 26.46 24.74
C ILE C 53 66.65 25.98 26.12
N GLY C 54 66.41 24.72 26.41
CA GLY C 54 66.77 24.16 27.70
C GLY C 54 65.88 24.63 28.84
N ASP C 55 66.48 24.96 29.98
CA ASP C 55 65.76 25.31 31.22
C ASP C 55 64.74 26.42 31.03
N ALA C 56 65.13 27.48 30.30
CA ALA C 56 64.24 28.61 30.03
C ALA C 56 62.94 28.20 29.35
N ALA C 57 63.05 27.38 28.31
CA ALA C 57 61.89 26.89 27.54
C ALA C 57 60.97 26.00 28.41
N LYS C 58 61.58 25.07 29.12
CA LYS C 58 60.83 24.23 30.04
C LYS C 58 60.10 25.09 31.08
N ASN C 59 60.80 26.08 31.61
CA ASN C 59 60.24 26.93 32.66
C ASN C 59 59.00 27.74 32.23
N GLN C 60 58.75 27.89 30.91
CA GLN C 60 57.55 28.59 30.43
C GLN C 60 56.52 27.64 29.84
N LEU C 61 56.71 26.34 30.09
CA LEU C 61 55.87 25.29 29.53
C LEU C 61 54.39 25.56 29.76
N THR C 62 54.01 25.76 31.03
CA THR C 62 52.60 25.88 31.43
C THR C 62 51.95 27.21 31.02
N SER C 63 52.74 28.21 30.68
CA SER C 63 52.20 29.50 30.23
C SER C 63 52.14 29.67 28.69
N ASN C 64 52.62 28.67 27.94
CA ASN C 64 52.69 28.75 26.50
C ASN C 64 52.88 27.35 25.95
N PRO C 65 51.96 26.41 26.28
CA PRO C 65 52.21 24.98 26.00
C PRO C 65 52.18 24.59 24.53
N GLU C 66 51.45 25.34 23.74
CA GLU C 66 51.23 24.97 22.35
C GLU C 66 52.45 25.27 21.46
N ASN C 67 53.36 26.11 21.95
CA ASN C 67 54.60 26.43 21.22
C ASN C 67 55.86 26.06 21.98
N THR C 68 55.73 25.13 22.91
CA THR C 68 56.85 24.56 23.59
C THR C 68 57.01 23.16 23.04
N VAL C 69 58.12 22.91 22.33
CA VAL C 69 58.44 21.59 21.79
C VAL C 69 59.35 20.74 22.70
N PHE C 70 58.99 19.47 22.88
CA PHE C 70 59.72 18.53 23.75
C PHE C 70 59.40 17.13 23.26
N ASP C 71 60.09 16.12 23.83
CA ASP C 71 60.03 14.70 23.38
C ASP C 71 60.20 14.50 21.86
N ALA C 72 61.04 15.34 21.23
CA ALA C 72 61.27 15.24 19.79
C ALA C 72 61.97 13.96 19.39
N LYS C 73 62.73 13.39 20.31
CA LYS C 73 63.43 12.13 20.07
C LYS C 73 62.45 11.01 19.72
N ARG C 74 61.25 11.04 20.32
CA ARG C 74 60.20 10.05 20.01
C ARG C 74 59.68 10.12 18.53
N LEU C 75 59.87 11.25 17.87
CA LEU C 75 59.40 11.42 16.50
C LEU C 75 60.57 11.34 15.49
N ILE C 76 61.82 11.58 15.93
CA ILE C 76 62.93 11.67 15.00
C ILE C 76 63.08 10.35 14.22
N GLY C 77 63.39 10.46 12.93
CA GLY C 77 63.59 9.32 12.04
C GLY C 77 62.40 8.42 11.73
N ARG C 78 61.19 8.81 12.11
CA ARG C 78 60.01 7.98 11.91
C ARG C 78 59.10 8.51 10.78
N THR C 79 58.12 7.68 10.40
CA THR C 79 57.10 8.04 9.41
C THR C 79 55.75 8.29 10.08
N TRP C 80 54.87 9.00 9.39
CA TRP C 80 53.54 9.31 9.90
C TRP C 80 52.78 8.06 10.34
N ASN C 81 52.77 7.02 9.53
CA ASN C 81 51.89 5.86 9.74
C ASN C 81 52.34 4.95 10.87
N ASP C 82 53.60 5.07 11.28
CA ASP C 82 54.15 4.37 12.47
C ASP C 82 53.21 4.47 13.70
N PRO C 83 52.71 3.32 14.18
CA PRO C 83 51.75 3.34 15.30
C PRO C 83 52.18 4.22 16.47
N SER C 84 53.49 4.27 16.74
CA SER C 84 54.05 4.99 17.89
C SER C 84 53.96 6.53 17.75
N VAL C 85 54.06 7.01 16.52
CA VAL C 85 53.95 8.42 16.24
C VAL C 85 52.51 8.84 16.47
N GLN C 86 51.59 7.98 16.02
CA GLN C 86 50.16 8.23 16.12
C GLN C 86 49.66 8.20 17.55
N GLN C 87 50.21 7.32 18.37
CA GLN C 87 49.83 7.27 19.78
C GLN C 87 50.43 8.46 20.56
N ASP C 88 51.66 8.81 20.22
CA ASP C 88 52.36 9.90 20.86
C ASP C 88 51.71 11.26 20.61
N ILE C 89 51.37 11.60 19.36
CA ILE C 89 50.88 12.97 19.06
C ILE C 89 49.59 13.33 19.79
N LYS C 90 48.79 12.33 20.12
CA LYS C 90 47.59 12.52 20.94
C LYS C 90 47.83 13.15 22.33
N PHE C 91 49.06 13.13 22.82
CA PHE C 91 49.37 13.70 24.14
C PHE C 91 50.44 14.76 24.06
N LEU C 92 50.68 15.27 22.86
CA LEU C 92 51.60 16.40 22.72
C LEU C 92 50.81 17.72 22.51
N PRO C 93 51.06 18.72 23.35
CA PRO C 93 50.35 19.99 23.22
C PRO C 93 50.60 20.69 21.90
N PHE C 94 51.75 20.48 21.30
CA PHE C 94 52.09 21.16 20.05
C PHE C 94 51.54 20.38 18.86
N LYS C 95 51.27 21.12 17.77
CA LYS C 95 50.77 20.56 16.52
C LYS C 95 51.85 19.73 15.83
N VAL C 96 51.43 18.57 15.37
CA VAL C 96 52.28 17.68 14.59
C VAL C 96 51.47 17.41 13.32
N VAL C 97 52.11 17.64 12.17
CA VAL C 97 51.45 17.51 10.87
C VAL C 97 52.27 16.68 9.90
N GLU C 98 51.58 16.00 8.98
CA GLU C 98 52.22 15.15 7.96
C GLU C 98 52.74 15.93 6.75
N LYS C 99 53.98 15.71 6.40
CA LYS C 99 54.48 16.14 5.08
C LYS C 99 55.68 15.31 4.62
N LYS C 100 55.59 14.85 3.38
CA LYS C 100 56.48 13.84 2.84
C LYS C 100 56.42 12.59 3.70
N THR C 101 55.19 12.27 4.14
CA THR C 101 54.90 11.13 4.99
C THR C 101 55.78 11.08 6.25
N LYS C 102 56.19 12.25 6.71
CA LYS C 102 56.94 12.35 7.95
C LYS C 102 56.13 13.17 8.90
N PRO C 103 56.42 13.06 10.19
CA PRO C 103 55.81 13.98 11.14
C PRO C 103 56.66 15.23 11.37
N TYR C 104 56.10 16.39 11.04
CA TYR C 104 56.75 17.66 11.29
C TYR C 104 56.04 18.42 12.40
N ILE C 105 56.81 19.19 13.16
CA ILE C 105 56.27 19.95 14.28
C ILE C 105 55.93 21.32 13.78
N GLN C 106 54.72 21.77 14.08
CA GLN C 106 54.24 23.10 13.66
C GLN C 106 54.07 23.94 14.88
N VAL C 107 54.60 25.17 14.86
CA VAL C 107 54.46 26.14 15.97
C VAL C 107 54.28 27.61 15.51
N ASP C 108 53.98 28.49 16.47
CA ASP C 108 53.91 29.92 16.19
C ASP C 108 55.16 30.59 16.73
N ILE C 109 55.96 31.12 15.80
CA ILE C 109 57.21 31.78 16.15
C ILE C 109 57.01 33.25 16.56
N GLY C 110 55.84 33.79 16.23
CA GLY C 110 55.53 35.19 16.49
C GLY C 110 55.36 35.90 15.15
N GLY C 111 54.84 37.12 15.19
CA GLY C 111 54.64 37.90 13.97
C GLY C 111 53.67 37.29 12.94
N GLY C 112 52.65 36.56 13.43
CA GLY C 112 51.69 35.87 12.56
C GLY C 112 52.29 34.77 11.71
N GLN C 113 53.53 34.41 12.01
CA GLN C 113 54.24 33.39 11.26
C GLN C 113 54.06 32.01 11.86
N THR C 114 53.62 31.06 11.03
CA THR C 114 53.64 29.63 11.35
C THR C 114 54.84 28.98 10.68
N LYS C 115 55.71 28.39 11.49
CA LYS C 115 56.84 27.63 10.98
C LYS C 115 56.60 26.15 11.22
N THR C 116 56.93 25.32 10.24
CA THR C 116 56.88 23.85 10.45
C THR C 116 58.31 23.29 10.49
N PHE C 117 58.64 22.54 11.54
CA PHE C 117 60.00 22.06 11.79
C PHE C 117 60.04 20.54 11.62
N ALA C 118 61.14 20.04 11.05
CA ALA C 118 61.42 18.62 11.07
C ALA C 118 62.04 18.28 12.43
N PRO C 119 61.71 17.10 12.97
CA PRO C 119 62.23 16.68 14.27
C PRO C 119 63.72 16.84 14.38
N GLU C 120 64.42 16.56 13.28
CA GLU C 120 65.86 16.80 13.13
C GLU C 120 66.26 18.24 13.48
N GLU C 121 65.42 19.22 13.12
CA GLU C 121 65.73 20.64 13.33
C GLU C 121 65.65 20.98 14.79
N ILE C 122 64.56 20.50 15.42
CA ILE C 122 64.33 20.67 16.88
C ILE C 122 65.51 20.08 17.65
N SER C 123 65.84 18.82 17.36
CA SER C 123 67.02 18.17 17.95
C SER C 123 68.30 18.95 17.66
N ALA C 124 68.44 19.46 16.44
CA ALA C 124 69.57 20.32 16.05
C ALA C 124 69.72 21.56 16.94
N MET C 125 68.58 22.14 17.34
CA MET C 125 68.59 23.24 18.30
C MET C 125 69.13 22.81 19.64
N VAL C 126 68.65 21.69 20.15
CA VAL C 126 69.10 21.19 21.45
C VAL C 126 70.63 20.99 21.39
N LEU C 127 71.12 20.46 20.27
CA LEU C 127 72.51 20.09 20.10
C LEU C 127 73.39 21.32 19.97
N THR C 128 72.87 22.34 19.29
CA THR C 128 73.52 23.64 19.26
C THR C 128 73.73 24.20 20.65
N LYS C 129 72.68 24.16 21.48
CA LYS C 129 72.78 24.53 22.87
C LYS C 129 73.91 23.76 23.59
N MET C 130 74.00 22.44 23.36
CA MET C 130 75.01 21.59 24.02
C MET C 130 76.42 21.90 23.53
N LYS C 131 76.51 22.23 22.24
CA LYS C 131 77.74 22.70 21.60
C LYS C 131 78.22 23.95 22.34
N GLU C 132 77.35 24.97 22.37
CA GLU C 132 77.64 26.23 23.03
C GLU C 132 78.03 26.08 24.52
N THR C 133 77.31 25.25 25.26
CA THR C 133 77.69 24.93 26.63
C THR C 133 79.15 24.45 26.75
N ALA C 134 79.63 23.72 25.74
CA ALA C 134 80.99 23.19 25.72
C ALA C 134 81.99 24.26 25.30
N GLU C 135 81.62 25.00 24.26
CA GLU C 135 82.44 26.12 23.76
C GLU C 135 82.75 27.13 24.88
N ALA C 136 81.79 27.36 25.77
CA ALA C 136 82.00 28.25 26.91
C ALA C 136 82.92 27.69 28.00
N TYR C 137 82.94 26.37 28.19
CA TYR C 137 83.90 25.74 29.12
C TYR C 137 85.34 25.69 28.54
N LEU C 138 85.43 25.34 27.25
CA LEU C 138 86.72 25.23 26.58
C LEU C 138 87.33 26.59 26.26
N GLY C 139 86.47 27.60 26.10
CA GLY C 139 86.92 28.93 25.69
C GLY C 139 87.42 28.92 24.25
N LYS C 140 86.89 28.00 23.45
CA LYS C 140 87.25 27.88 22.04
C LYS C 140 86.13 27.14 21.30
N LYS C 141 86.13 27.27 19.97
CA LYS C 141 85.04 26.73 19.16
C LYS C 141 85.16 25.19 18.95
N VAL C 142 84.04 24.57 18.57
CA VAL C 142 83.88 23.10 18.49
C VAL C 142 83.17 22.69 17.17
N THR C 143 83.76 21.74 16.43
CA THR C 143 83.20 21.34 15.13
C THR C 143 82.83 19.86 14.98
N HIS C 144 83.39 18.99 15.83
CA HIS C 144 83.20 17.54 15.72
C HIS C 144 82.64 16.97 17.00
N ALA C 145 81.72 16.02 16.87
CA ALA C 145 81.08 15.48 18.05
C ALA C 145 80.84 14.00 17.96
N VAL C 146 80.88 13.33 19.12
CA VAL C 146 80.33 11.97 19.27
C VAL C 146 78.95 12.12 19.88
N VAL C 147 77.93 11.54 19.23
CA VAL C 147 76.53 11.65 19.68
C VAL C 147 75.97 10.26 19.98
N THR C 148 75.16 10.17 21.03
CA THR C 148 74.60 8.88 21.43
C THR C 148 73.22 8.65 20.83
N VAL C 149 72.88 7.38 20.67
CA VAL C 149 71.54 6.98 20.30
C VAL C 149 71.19 5.67 21.03
N PRO C 150 69.88 5.44 21.26
CA PRO C 150 69.45 4.16 21.81
C PRO C 150 69.91 2.95 20.97
N ALA C 151 70.42 1.93 21.62
CA ALA C 151 70.91 0.75 20.90
C ALA C 151 69.93 0.18 19.91
N TYR C 152 68.62 0.34 20.17
CA TYR C 152 67.57 -0.23 19.32
C TYR C 152 66.99 0.74 18.28
N PHE C 153 67.61 1.93 18.15
CA PHE C 153 67.36 2.81 17.02
C PHE C 153 67.68 2.07 15.73
N ASN C 154 66.85 2.34 14.72
CA ASN C 154 66.99 1.78 13.39
C ASN C 154 67.85 2.69 12.47
N ASP C 155 67.80 2.45 11.17
CA ASP C 155 68.68 3.12 10.21
C ASP C 155 68.27 4.57 9.98
N ALA C 156 66.95 4.76 9.84
CA ALA C 156 66.38 6.09 9.64
C ALA C 156 66.64 6.91 10.87
N GLN C 157 66.39 6.34 12.04
CA GLN C 157 66.59 7.08 13.28
C GLN C 157 68.05 7.47 13.50
N ARG C 158 68.99 6.66 13.00
CA ARG C 158 70.43 6.96 13.18
C ARG C 158 70.85 8.03 12.21
N GLN C 159 70.37 7.93 10.98
CA GLN C 159 70.63 8.95 9.97
C GLN C 159 70.03 10.32 10.31
N ALA C 160 68.85 10.33 10.90
CA ALA C 160 68.18 11.56 11.31
C ALA C 160 68.98 12.25 12.41
N THR C 161 69.52 11.47 13.35
CA THR C 161 70.29 12.05 14.45
C THR C 161 71.58 12.67 13.90
N LYS C 162 72.13 12.03 12.86
CA LYS C 162 73.35 12.51 12.23
C LYS C 162 73.04 13.79 11.49
N ASP C 163 71.92 13.82 10.75
CA ASP C 163 71.45 15.02 10.03
C ASP C 163 71.17 16.17 10.99
N ALA C 164 70.62 15.86 12.17
CA ALA C 164 70.46 16.85 13.25
C ALA C 164 71.79 17.47 13.74
N GLY C 165 72.84 16.67 13.84
CA GLY C 165 74.17 17.19 14.12
C GLY C 165 74.66 18.16 13.06
N THR C 166 74.51 17.78 11.80
CA THR C 166 74.95 18.63 10.69
C THR C 166 74.28 19.98 10.78
N ILE C 167 72.95 19.96 10.84
CA ILE C 167 72.11 21.17 10.95
C ILE C 167 72.55 22.04 12.13
N ALA C 168 73.12 21.43 13.17
CA ALA C 168 73.65 22.20 14.29
C ALA C 168 75.11 22.62 14.11
N GLY C 169 75.62 22.49 12.88
CA GLY C 169 77.05 22.74 12.57
C GLY C 169 78.03 21.82 13.28
N LEU C 170 77.74 20.53 13.34
CA LEU C 170 78.62 19.54 13.96
C LEU C 170 78.85 18.37 13.01
N ASN C 171 80.09 17.95 12.94
CA ASN C 171 80.43 16.73 12.26
C ASN C 171 80.32 15.63 13.29
N VAL C 172 79.28 14.82 13.12
CA VAL C 172 79.06 13.66 13.95
C VAL C 172 79.97 12.55 13.41
N MET C 173 81.08 12.33 14.11
CA MET C 173 82.08 11.32 13.74
C MET C 173 81.62 9.93 14.02
N ARG C 174 81.14 9.70 15.23
CA ARG C 174 80.65 8.41 15.64
C ARG C 174 79.30 8.59 16.33
N ILE C 175 78.32 7.82 15.88
CA ILE C 175 77.10 7.55 16.61
C ILE C 175 77.44 6.39 17.52
N ILE C 176 77.38 6.59 18.84
CA ILE C 176 77.61 5.48 19.80
C ILE C 176 76.33 5.04 20.56
N ASN C 177 75.99 3.76 20.54
CA ASN C 177 74.81 3.28 21.26
C ASN C 177 74.93 3.50 22.77
N GLU C 178 73.80 3.74 23.41
CA GLU C 178 73.77 4.28 24.79
C GLU C 178 74.32 3.30 25.84
N PRO C 179 73.96 2.00 25.76
CA PRO C 179 74.46 1.01 26.72
C PRO C 179 75.95 0.76 26.59
N THR C 180 76.46 0.75 25.35
CA THR C 180 77.89 0.72 25.05
C THR C 180 78.62 1.87 25.74
N ALA C 181 78.15 3.09 25.48
CA ALA C 181 78.70 4.30 26.10
C ALA C 181 78.75 4.19 27.63
N ALA C 182 77.65 3.71 28.24
CA ALA C 182 77.54 3.52 29.69
C ALA C 182 78.50 2.44 30.17
N ALA C 183 78.72 1.42 29.34
CA ALA C 183 79.62 0.32 29.70
C ALA C 183 81.03 0.84 29.85
N ILE C 184 81.43 1.75 28.95
CA ILE C 184 82.72 2.42 29.03
C ILE C 184 82.84 3.16 30.37
N ALA C 185 81.83 3.93 30.71
CA ALA C 185 81.83 4.61 31.99
C ALA C 185 82.07 3.62 33.14
N TYR C 186 81.45 2.44 33.05
CA TYR C 186 81.51 1.42 34.12
C TYR C 186 82.83 0.68 34.18
N GLY C 187 83.31 0.26 33.01
CA GLY C 187 84.37 -0.74 32.95
C GLY C 187 85.63 -0.33 32.23
N LEU C 188 85.91 0.96 32.16
CA LEU C 188 87.11 1.47 31.47
C LEU C 188 88.37 1.11 32.22
N ASP C 189 88.33 1.33 33.53
CA ASP C 189 89.45 1.11 34.47
C ASP C 189 89.48 -0.29 35.16
N LYS C 190 88.58 -1.21 34.78
CA LYS C 190 88.48 -2.51 35.43
C LYS C 190 89.52 -3.44 34.85
N ARG C 191 90.17 -4.18 35.74
CA ARG C 191 91.21 -5.12 35.36
C ARG C 191 90.97 -6.42 36.12
N GLU C 192 89.93 -7.15 35.72
CA GLU C 192 89.44 -8.36 36.41
C GLU C 192 89.19 -9.50 35.42
N GLY C 193 89.60 -9.31 34.17
CA GLY C 193 89.47 -10.33 33.16
C GLY C 193 88.10 -10.28 32.54
N GLU C 194 87.81 -11.25 31.68
CA GLU C 194 86.56 -11.33 30.94
C GLU C 194 85.37 -11.54 31.90
N LYS C 195 84.57 -10.48 32.06
CA LYS C 195 83.27 -10.57 32.74
C LYS C 195 82.12 -10.31 31.76
N ASN C 196 80.99 -10.96 32.02
CA ASN C 196 79.71 -10.66 31.35
C ASN C 196 78.89 -9.55 32.08
N ILE C 197 78.71 -8.44 31.39
CA ILE C 197 78.08 -7.26 31.95
C ILE C 197 76.76 -7.06 31.25
N LEU C 198 75.70 -6.96 32.04
CA LEU C 198 74.43 -6.53 31.47
C LEU C 198 74.20 -5.03 31.74
N VAL C 199 74.01 -4.27 30.66
CA VAL C 199 73.68 -2.85 30.80
C VAL C 199 72.19 -2.62 30.52
N PHE C 200 71.52 -2.04 31.51
CA PHE C 200 70.06 -1.84 31.52
C PHE C 200 69.75 -0.34 31.51
N ASP C 201 69.41 0.19 30.32
CA ASP C 201 69.24 1.66 30.12
C ASP C 201 67.77 2.03 29.94
N LEU C 202 67.20 2.63 30.99
CA LEU C 202 65.80 3.10 30.98
C LEU C 202 65.78 4.59 31.31
N GLY C 203 65.51 5.42 30.32
CA GLY C 203 65.47 6.89 30.51
C GLY C 203 64.09 7.48 30.35
N GLY C 204 64.00 8.54 29.56
CA GLY C 204 62.75 9.37 29.43
C GLY C 204 61.80 8.89 28.35
N GLY C 205 62.37 8.27 27.31
CA GLY C 205 61.59 7.77 26.20
C GLY C 205 62.04 6.47 25.55
N ALA C 206 63.19 5.95 25.92
CA ALA C 206 63.71 4.74 25.29
C ALA C 206 64.35 3.78 26.28
N PHE C 207 64.25 2.50 25.92
CA PHE C 207 64.75 1.40 26.71
C PHE C 207 65.76 0.60 25.87
N ASP C 208 66.97 0.43 26.44
CA ASP C 208 68.08 -0.30 25.80
C ASP C 208 68.68 -1.33 26.71
N VAL C 209 68.93 -2.53 26.18
CA VAL C 209 69.63 -3.60 26.91
C VAL C 209 70.69 -4.17 26.03
N SER C 210 71.91 -4.22 26.57
CA SER C 210 73.01 -4.88 25.88
C SER C 210 73.77 -5.82 26.83
N LEU C 211 74.10 -7.01 26.33
CA LEU C 211 75.04 -7.88 27.03
C LEU C 211 76.41 -7.65 26.43
N LEU C 212 77.35 -7.18 27.24
CA LEU C 212 78.70 -6.95 26.78
C LEU C 212 79.63 -7.93 27.43
N THR C 213 80.75 -8.16 26.75
CA THR C 213 81.94 -8.77 27.31
C THR C 213 82.93 -7.64 27.61
N ILE C 214 83.38 -7.51 28.85
CA ILE C 214 84.40 -6.52 29.16
C ILE C 214 85.59 -7.25 29.74
N ASP C 215 86.62 -7.47 28.89
CA ASP C 215 87.89 -8.05 29.29
C ASP C 215 88.83 -6.87 29.32
N ASN C 216 89.33 -6.54 30.51
CA ASN C 216 90.29 -5.47 30.67
C ASN C 216 89.82 -4.21 29.96
N GLY C 217 90.51 -3.80 28.89
CA GLY C 217 90.12 -2.58 28.18
C GLY C 217 89.30 -2.78 26.93
N VAL C 218 88.84 -3.99 26.70
CA VAL C 218 88.24 -4.36 25.42
C VAL C 218 86.77 -4.63 25.65
N PHE C 219 85.91 -3.79 25.06
CA PHE C 219 84.45 -3.92 25.15
C PHE C 219 83.85 -4.56 23.89
N GLU C 220 83.06 -5.60 24.07
CA GLU C 220 82.44 -6.28 22.94
C GLU C 220 80.99 -6.62 23.19
N VAL C 221 80.16 -6.17 22.26
CA VAL C 221 78.73 -6.25 22.43
C VAL C 221 78.38 -7.61 21.87
N VAL C 222 77.78 -8.47 22.68
CA VAL C 222 77.36 -9.78 22.21
C VAL C 222 75.97 -9.70 21.60
N ALA C 223 75.03 -9.09 22.31
CA ALA C 223 73.65 -9.09 21.85
C ALA C 223 72.98 -7.86 22.39
N THR C 224 72.06 -7.30 21.61
CA THR C 224 71.34 -6.04 21.99
C THR C 224 69.86 -6.05 21.60
N ASN C 225 69.04 -5.52 22.51
CA ASN C 225 67.60 -5.48 22.32
C ASN C 225 67.01 -4.29 23.10
N GLY C 226 65.82 -3.84 22.71
CA GLY C 226 65.12 -2.82 23.48
C GLY C 226 63.78 -2.37 22.91
N ASP C 227 63.30 -1.26 23.43
CA ASP C 227 62.03 -0.66 23.02
C ASP C 227 62.30 0.83 22.88
N THR C 228 62.22 1.33 21.65
CA THR C 228 62.48 2.76 21.40
C THR C 228 61.31 3.69 21.75
N HIS C 229 60.15 3.14 22.11
CA HIS C 229 59.04 3.94 22.64
C HIS C 229 58.55 3.42 24.01
N LEU C 230 59.43 3.52 24.99
CA LEU C 230 59.13 3.16 26.37
C LEU C 230 60.09 3.96 27.26
N GLY C 231 59.55 4.76 28.17
CA GLY C 231 60.38 5.54 29.08
C GLY C 231 59.63 6.22 30.21
N GLY C 232 60.33 7.10 30.94
CA GLY C 232 59.72 7.83 32.04
C GLY C 232 58.50 8.65 31.67
N GLU C 233 58.45 9.10 30.42
CA GLU C 233 57.33 9.92 29.88
C GLU C 233 56.05 9.11 29.80
N ASP C 234 56.17 7.81 29.60
CA ASP C 234 55.04 6.91 29.50
C ASP C 234 54.49 6.59 30.86
N PHE C 235 55.33 6.66 31.89
CA PHE C 235 54.88 6.41 33.27
C PHE C 235 54.11 7.63 33.79
N ASP C 236 54.69 8.83 33.64
CA ASP C 236 53.97 10.10 33.81
C ASP C 236 52.60 10.08 33.12
N GLN C 237 52.57 9.64 31.86
CA GLN C 237 51.37 9.68 31.04
C GLN C 237 50.25 8.81 31.62
N ARG C 238 50.61 7.61 32.06
CA ARG C 238 49.64 6.73 32.68
C ARG C 238 49.04 7.34 33.95
N VAL C 239 49.86 8.11 34.68
CA VAL C 239 49.44 8.74 35.92
C VAL C 239 48.54 9.91 35.60
N MET C 240 48.84 10.61 34.53
CA MET C 240 48.04 11.74 34.15
C MET C 240 46.68 11.22 33.78
N GLU C 241 46.63 10.19 32.93
CA GLU C 241 45.36 9.63 32.46
C GLU C 241 44.45 9.29 33.64
N HIS C 242 45.04 8.75 34.70
CA HIS C 242 44.28 8.30 35.83
C HIS C 242 43.65 9.48 36.51
N PHE C 243 44.45 10.50 36.85
CA PHE C 243 43.95 11.72 37.54
C PHE C 243 42.99 12.61 36.73
N ILE C 244 43.19 12.68 35.42
CA ILE C 244 42.29 13.40 34.57
C ILE C 244 40.89 12.80 34.69
N LYS C 245 40.81 11.48 34.50
CA LYS C 245 39.57 10.72 34.74
C LYS C 245 39.09 10.84 36.17
N LEU C 246 40.00 10.88 37.13
CA LEU C 246 39.61 11.05 38.56
C LEU C 246 38.91 12.38 38.78
N TYR C 247 39.42 13.42 38.13
CA TYR C 247 38.92 14.78 38.29
C TYR C 247 37.59 15.00 37.61
N LYS C 248 37.37 14.32 36.49
CA LYS C 248 36.05 14.35 35.85
C LYS C 248 35.00 13.64 36.70
N LYS C 249 35.42 12.59 37.41
CA LYS C 249 34.52 11.84 38.27
C LYS C 249 34.15 12.71 39.42
N LYS C 250 35.11 13.50 39.88
CA LYS C 250 34.97 14.23 41.13
C LYS C 250 34.35 15.62 40.98
N THR C 251 34.53 16.24 39.79
CA THR C 251 34.02 17.61 39.49
C THR C 251 33.15 17.70 38.22
N GLY C 252 33.11 16.65 37.41
CA GLY C 252 32.38 16.71 36.15
C GLY C 252 33.16 17.31 34.99
N LYS C 253 34.31 17.94 35.29
CA LYS C 253 35.10 18.66 34.28
C LYS C 253 36.13 17.78 33.55
N ASP C 254 36.09 17.85 32.22
CA ASP C 254 37.10 17.25 31.39
C ASP C 254 38.13 18.32 31.12
N VAL C 255 39.30 18.19 31.74
CA VAL C 255 40.37 19.18 31.57
C VAL C 255 41.26 18.91 30.36
N ARG C 256 40.99 17.86 29.58
CA ARG C 256 41.87 17.49 28.43
C ARG C 256 42.02 18.60 27.37
N LYS C 257 41.01 19.45 27.24
CA LYS C 257 40.98 20.47 26.18
C LYS C 257 41.78 21.71 26.55
N ASP C 258 42.06 21.90 27.84
CA ASP C 258 42.99 22.94 28.29
C ASP C 258 44.43 22.39 28.45
N ASN C 259 45.29 22.66 27.48
CA ASN C 259 46.71 22.31 27.60
C ASN C 259 47.42 22.96 28.79
N ARG C 260 46.97 24.12 29.25
CA ARG C 260 47.59 24.68 30.45
C ARG C 260 47.41 23.74 31.66
N ALA C 261 46.19 23.25 31.86
CA ALA C 261 45.90 22.37 33.00
C ALA C 261 46.68 21.07 32.83
N VAL C 262 46.56 20.45 31.66
CA VAL C 262 47.29 19.20 31.37
C VAL C 262 48.78 19.33 31.70
N GLN C 263 49.42 20.39 31.22
CA GLN C 263 50.84 20.64 31.49
C GLN C 263 51.19 20.96 32.93
N LYS C 264 50.33 21.68 33.64
CA LYS C 264 50.49 21.88 35.07
C LYS C 264 50.44 20.55 35.85
N LEU C 265 49.54 19.66 35.41
CA LEU C 265 49.45 18.29 35.95
C LEU C 265 50.70 17.48 35.66
N ARG C 266 51.17 17.55 34.41
CA ARG C 266 52.32 16.79 33.99
C ARG C 266 53.45 17.19 34.92
N ARG C 267 53.65 18.48 35.08
CA ARG C 267 54.76 18.98 35.90
C ARG C 267 54.72 18.53 37.38
N GLU C 268 53.55 18.50 38.00
CA GLU C 268 53.45 18.01 39.37
C GLU C 268 53.36 16.47 39.52
N VAL C 269 52.91 15.79 38.46
CA VAL C 269 53.01 14.33 38.39
C VAL C 269 54.48 13.87 38.37
N GLU C 270 55.25 14.41 37.42
CA GLU C 270 56.72 14.22 37.34
C GLU C 270 57.37 14.43 38.72
N LYS C 271 57.14 15.61 39.29
CA LYS C 271 57.58 15.87 40.66
C LYS C 271 57.22 14.77 41.71
N ALA C 272 55.99 14.25 41.67
CA ALA C 272 55.54 13.18 42.58
C ALA C 272 56.19 11.84 42.32
N LYS C 273 56.37 11.46 41.07
CA LYS C 273 57.06 10.20 40.72
C LYS C 273 58.46 10.12 41.33
N ARG C 274 59.18 11.24 41.28
CA ARG C 274 60.54 11.34 41.77
C ARG C 274 60.59 11.13 43.27
N ALA C 275 59.75 11.87 43.98
CA ALA C 275 59.53 11.67 45.41
C ALA C 275 59.21 10.20 45.78
N LEU C 276 58.37 9.54 44.96
CA LEU C 276 57.91 8.16 45.19
C LEU C 276 58.98 7.08 44.99
N SER C 277 60.17 7.50 44.60
CA SER C 277 61.29 6.59 44.51
C SER C 277 61.95 6.44 45.88
N SER C 278 61.67 7.36 46.79
CA SER C 278 62.18 7.31 48.17
C SER C 278 61.08 7.28 49.23
N GLN C 279 59.92 7.83 48.89
CA GLN C 279 58.80 7.91 49.81
C GLN C 279 57.71 6.96 49.29
N HIS C 280 56.69 6.78 50.11
CA HIS C 280 55.63 5.83 49.82
C HIS C 280 54.34 6.56 49.41
N GLN C 281 54.40 7.89 49.50
CA GLN C 281 53.24 8.80 49.39
C GLN C 281 53.72 10.20 48.96
N ALA C 282 53.00 10.85 48.04
CA ALA C 282 53.36 12.21 47.57
C ALA C 282 52.07 12.96 47.32
N ARG C 283 52.02 14.25 47.71
CA ARG C 283 50.81 15.07 47.48
C ARG C 283 50.96 15.90 46.23
N ILE C 284 50.02 15.72 45.31
CA ILE C 284 49.93 16.51 44.11
C ILE C 284 48.95 17.64 44.31
N GLU C 285 49.45 18.83 44.63
CA GLU C 285 48.60 20.01 44.83
C GLU C 285 48.88 21.05 43.76
N ILE C 286 47.91 21.29 42.88
CA ILE C 286 47.98 22.41 41.91
C ILE C 286 46.97 23.52 42.27
N GLU C 287 47.45 24.76 42.44
CA GLU C 287 46.58 25.92 42.68
C GLU C 287 46.05 26.51 41.37
N SER C 288 44.73 26.80 41.38
CA SER C 288 44.03 27.25 40.19
C SER C 288 44.41 26.34 39.06
N PHE C 289 44.05 25.08 39.22
CA PHE C 289 44.34 24.06 38.25
C PHE C 289 43.48 24.27 37.02
N TYR C 290 42.17 24.35 37.23
CA TYR C 290 41.24 24.58 36.11
C TYR C 290 40.09 25.47 36.54
N GLU C 291 39.68 26.28 35.60
CA GLU C 291 38.87 27.43 35.95
C GLU C 291 39.47 27.99 37.25
N GLY C 292 38.69 28.09 38.29
CA GLY C 292 39.18 28.84 39.45
C GLY C 292 39.50 27.97 40.63
N GLU C 293 39.27 26.67 40.45
CA GLU C 293 39.32 25.77 41.58
C GLU C 293 40.66 25.02 41.64
N ASP C 294 41.02 24.55 42.82
CA ASP C 294 42.33 23.96 43.07
C ASP C 294 42.32 22.45 42.90
N PHE C 295 43.48 21.86 42.67
CA PHE C 295 43.59 20.39 42.50
C PHE C 295 44.40 19.85 43.64
N SER C 296 43.96 18.73 44.16
CA SER C 296 44.64 18.15 45.30
C SER C 296 44.28 16.71 45.49
N GLU C 297 45.31 15.88 45.39
CA GLU C 297 45.18 14.44 45.49
C GLU C 297 46.49 13.87 45.99
N THR C 298 46.46 12.56 46.23
CA THR C 298 47.58 11.84 46.81
C THR C 298 47.84 10.63 45.96
N LEU C 299 49.07 10.52 45.49
CA LEU C 299 49.53 9.33 44.79
C LEU C 299 50.41 8.56 45.75
N THR C 300 50.05 7.29 45.94
CA THR C 300 50.78 6.36 46.76
C THR C 300 51.69 5.58 45.82
N ARG C 301 52.84 5.15 46.32
CA ARG C 301 53.71 4.31 45.50
C ARG C 301 52.94 3.09 44.97
N ALA C 302 52.10 2.47 45.80
CA ALA C 302 51.32 1.30 45.33
C ALA C 302 50.52 1.64 44.09
N LYS C 303 49.88 2.80 44.11
CA LYS C 303 49.03 3.18 42.99
C LYS C 303 49.85 3.47 41.73
N PHE C 304 51.04 4.06 41.94
CA PHE C 304 51.95 4.39 40.84
C PHE C 304 52.41 3.12 40.10
N GLU C 305 52.62 2.06 40.90
CA GLU C 305 53.00 0.74 40.36
C GLU C 305 51.82 0.04 39.65
N GLU C 306 50.65 -0.08 40.28
CA GLU C 306 49.47 -0.67 39.60
C GLU C 306 49.23 -0.07 38.21
N LEU C 307 49.38 1.25 38.12
CA LEU C 307 49.14 2.02 36.88
C LEU C 307 50.14 1.69 35.83
N ASN C 308 51.37 1.40 36.27
CA ASN C 308 52.50 1.17 35.36
C ASN C 308 53.12 -0.23 35.41
N MET C 309 52.39 -1.25 35.84
CA MET C 309 53.05 -2.53 36.06
C MET C 309 53.32 -3.24 34.74
N ASP C 310 52.36 -3.26 33.84
CA ASP C 310 52.55 -3.92 32.54
C ASP C 310 53.79 -3.36 31.82
N LEU C 311 54.00 -2.04 31.90
CA LEU C 311 55.14 -1.40 31.26
C LEU C 311 56.48 -1.82 31.93
N PHE C 312 56.50 -1.78 33.26
CA PHE C 312 57.63 -2.27 34.07
C PHE C 312 58.01 -3.71 33.73
N ARG C 313 57.02 -4.60 33.70
CA ARG C 313 57.30 -5.99 33.37
C ARG C 313 57.68 -6.21 31.92
N SER C 314 57.25 -5.31 31.02
CA SER C 314 57.60 -5.45 29.59
C SER C 314 59.08 -5.13 29.30
N THR C 315 59.83 -4.63 30.28
CA THR C 315 61.27 -4.41 30.10
C THR C 315 62.05 -5.72 30.22
N MET C 316 61.46 -6.72 30.87
CA MET C 316 62.09 -8.05 30.99
C MET C 316 62.06 -8.85 29.67
N LYS C 317 61.08 -8.63 28.80
CA LYS C 317 61.01 -9.34 27.52
C LYS C 317 62.26 -9.14 26.64
N PRO C 318 62.73 -7.88 26.47
CA PRO C 318 64.02 -7.69 25.79
C PRO C 318 65.21 -8.31 26.51
N VAL C 319 65.27 -8.18 27.84
CA VAL C 319 66.34 -8.79 28.62
C VAL C 319 66.44 -10.31 28.38
N GLN C 320 65.30 -11.02 28.31
CA GLN C 320 65.26 -12.46 27.95
C GLN C 320 65.85 -12.75 26.57
N LYS C 321 65.43 -11.98 25.58
CA LYS C 321 65.93 -12.12 24.20
C LYS C 321 67.44 -11.90 24.10
N VAL C 322 67.96 -11.02 24.93
CA VAL C 322 69.38 -10.75 24.95
C VAL C 322 70.13 -12.00 25.40
N LEU C 323 69.68 -12.62 26.50
CA LEU C 323 70.31 -13.87 27.00
C LEU C 323 70.16 -14.99 25.99
N GLU C 324 68.96 -15.19 25.52
CA GLU C 324 68.67 -16.12 24.45
C GLU C 324 69.63 -15.97 23.25
N ASP C 325 69.84 -14.73 22.79
CA ASP C 325 70.81 -14.44 21.70
C ASP C 325 72.29 -14.61 22.12
N SER C 326 72.64 -14.23 23.34
CA SER C 326 74.00 -14.42 23.89
C SER C 326 74.37 -15.85 24.20
N ASP C 327 73.43 -16.79 24.02
CA ASP C 327 73.64 -18.20 24.38
C ASP C 327 74.21 -18.33 25.82
N LEU C 328 73.75 -17.45 26.72
CA LEU C 328 74.07 -17.47 28.15
C LEU C 328 72.80 -17.59 28.99
N LYS C 329 73.00 -17.76 30.29
CA LYS C 329 71.88 -17.83 31.23
C LYS C 329 72.16 -16.97 32.44
N LYS C 330 71.09 -16.72 33.19
CA LYS C 330 71.12 -15.76 34.27
C LYS C 330 72.40 -15.80 35.14
N SER C 331 72.83 -17.01 35.54
CA SER C 331 73.97 -17.16 36.50
C SER C 331 75.33 -16.69 35.95
N ASP C 332 75.46 -16.74 34.62
CA ASP C 332 76.65 -16.26 33.91
C ASP C 332 76.90 -14.76 34.09
N ILE C 333 75.83 -13.99 34.28
CA ILE C 333 75.96 -12.54 34.33
C ILE C 333 76.69 -12.14 35.59
N ASP C 334 77.83 -11.50 35.42
CA ASP C 334 78.68 -11.11 36.54
C ASP C 334 78.19 -9.82 37.21
N GLU C 335 77.90 -8.79 36.40
CA GLU C 335 77.29 -7.58 36.93
C GLU C 335 76.14 -7.11 36.05
N ILE C 336 75.15 -6.48 36.70
CA ILE C 336 74.02 -5.80 36.04
C ILE C 336 74.16 -4.31 36.32
N VAL C 337 74.41 -3.53 35.26
CA VAL C 337 74.62 -2.07 35.41
C VAL C 337 73.39 -1.29 34.98
N LEU C 338 72.95 -0.41 35.88
CA LEU C 338 71.72 0.33 35.72
C LEU C 338 72.05 1.76 35.33
N VAL C 339 71.56 2.20 34.16
CA VAL C 339 71.63 3.61 33.78
C VAL C 339 70.29 4.14 33.26
N GLY C 340 70.20 5.46 33.11
CA GLY C 340 68.91 6.15 32.86
C GLY C 340 68.21 6.52 34.17
N GLY C 341 67.65 7.72 34.26
CA GLY C 341 66.99 8.18 35.48
C GLY C 341 65.86 7.28 36.00
N SER C 342 65.17 6.57 35.10
CA SER C 342 64.01 5.76 35.46
C SER C 342 64.36 4.45 36.20
N THR C 343 65.64 4.13 36.25
CA THR C 343 66.13 2.98 36.99
C THR C 343 66.22 3.27 38.49
N ARG C 344 66.09 4.55 38.87
CA ARG C 344 65.88 4.93 40.27
C ARG C 344 64.56 4.41 40.87
N ILE C 345 63.55 4.21 40.03
CA ILE C 345 62.29 3.64 40.46
C ILE C 345 62.53 2.30 41.13
N PRO C 346 62.24 2.19 42.45
CA PRO C 346 62.41 0.93 43.21
C PRO C 346 61.85 -0.33 42.57
N LYS C 347 60.62 -0.32 42.07
CA LYS C 347 60.04 -1.52 41.44
C LYS C 347 60.86 -2.04 40.24
N ILE C 348 61.57 -1.14 39.53
CA ILE C 348 62.41 -1.54 38.38
C ILE C 348 63.65 -2.25 38.91
N GLN C 349 64.34 -1.67 39.88
CA GLN C 349 65.43 -2.39 40.57
C GLN C 349 64.98 -3.77 41.11
N GLN C 350 63.73 -3.86 41.57
CA GLN C 350 63.18 -5.09 42.14
C GLN C 350 62.94 -6.16 41.08
N LEU C 351 62.16 -5.84 40.07
CA LEU C 351 61.92 -6.79 38.98
C LEU C 351 63.23 -7.32 38.39
N VAL C 352 64.27 -6.49 38.35
CA VAL C 352 65.59 -6.88 37.81
C VAL C 352 66.30 -7.84 38.75
N LYS C 353 66.34 -7.46 40.01
CA LYS C 353 66.86 -8.34 41.03
C LYS C 353 66.14 -9.68 40.91
N GLU C 354 64.81 -9.67 40.83
CA GLU C 354 64.05 -10.92 40.84
C GLU C 354 64.33 -11.75 39.61
N PHE C 355 64.34 -11.10 38.45
CA PHE C 355 64.70 -11.81 37.22
C PHE C 355 66.07 -12.51 37.30
N PHE C 356 67.05 -11.90 37.95
CA PHE C 356 68.36 -12.54 38.15
C PHE C 356 68.50 -13.16 39.55
N ASN C 357 67.37 -13.68 40.04
CA ASN C 357 67.35 -14.58 41.18
C ASN C 357 68.08 -14.02 42.37
N GLY C 358 67.70 -12.83 42.78
CA GLY C 358 68.25 -12.22 43.99
C GLY C 358 69.56 -11.46 43.85
N LYS C 359 70.06 -11.35 42.61
CA LYS C 359 71.33 -10.68 42.29
C LYS C 359 71.22 -9.17 42.31
N GLU C 360 72.02 -8.53 43.19
CA GLU C 360 71.96 -7.09 43.43
C GLU C 360 72.68 -6.26 42.34
N PRO C 361 71.96 -5.33 41.69
CA PRO C 361 72.57 -4.47 40.67
C PRO C 361 73.68 -3.51 41.15
N SER C 362 74.44 -2.96 40.20
CA SER C 362 75.62 -2.14 40.50
C SER C 362 75.25 -0.70 40.82
N ARG C 363 75.85 -0.21 41.90
CA ARG C 363 75.76 1.18 42.32
C ARG C 363 77.00 1.94 41.80
N GLY C 364 77.33 3.08 42.41
CA GLY C 364 78.56 3.80 42.10
C GLY C 364 78.53 4.58 40.79
N ILE C 365 77.58 4.28 39.92
CA ILE C 365 77.58 4.86 38.57
C ILE C 365 76.34 5.74 38.27
N ASN C 366 76.56 7.05 38.17
CA ASN C 366 75.48 8.03 37.96
C ASN C 366 74.60 7.68 36.75
N PRO C 367 73.31 7.41 36.96
CA PRO C 367 72.47 6.95 35.84
C PRO C 367 72.12 8.05 34.84
N ASP C 368 72.21 9.31 35.26
CA ASP C 368 71.90 10.44 34.39
C ASP C 368 73.09 10.80 33.49
N GLU C 369 74.30 10.65 34.02
CA GLU C 369 75.49 11.18 33.36
C GLU C 369 76.43 10.15 32.69
N ALA C 370 76.27 8.87 33.02
CA ALA C 370 77.12 7.78 32.54
C ALA C 370 77.25 7.66 31.01
N VAL C 371 76.12 7.85 30.32
CA VAL C 371 76.08 7.72 28.86
C VAL C 371 76.93 8.82 28.17
N ALA C 372 76.90 10.02 28.72
CA ALA C 372 77.71 11.12 28.19
C ALA C 372 79.15 10.97 28.64
N TYR C 373 79.36 10.40 29.82
CA TYR C 373 80.71 10.04 30.28
C TYR C 373 81.46 9.15 29.27
N GLY C 374 80.90 7.99 28.97
CA GLY C 374 81.41 7.11 27.92
C GLY C 374 81.59 7.73 26.54
N ALA C 375 80.66 8.60 26.13
CA ALA C 375 80.75 9.29 24.83
C ALA C 375 81.91 10.31 24.80
N ALA C 376 82.24 10.89 25.95
CA ALA C 376 83.35 11.84 26.07
C ALA C 376 84.67 11.09 26.00
N VAL C 377 84.67 9.84 26.47
CA VAL C 377 85.86 8.97 26.40
C VAL C 377 86.11 8.57 24.94
N GLN C 378 85.07 8.10 24.28
CA GLN C 378 85.13 7.82 22.84
C GLN C 378 85.52 9.07 22.04
N ALA C 379 85.08 10.23 22.53
CA ALA C 379 85.47 11.48 21.93
C ALA C 379 86.98 11.73 22.11
N GLY C 380 87.51 11.51 23.32
CA GLY C 380 88.93 11.72 23.58
C GLY C 380 89.80 10.84 22.70
N VAL C 381 89.38 9.60 22.48
CA VAL C 381 90.11 8.70 21.57
C VAL C 381 90.14 9.23 20.13
N LEU C 382 89.01 9.74 19.64
CA LEU C 382 88.98 10.39 18.34
C LEU C 382 89.66 11.78 18.29
N SER C 383 89.89 12.40 19.45
CA SER C 383 90.56 13.72 19.53
C SER C 383 92.06 13.60 19.22
N GLY C 384 92.53 12.36 19.04
CA GLY C 384 93.94 12.09 18.79
C GLY C 384 94.74 12.07 20.07
N ASP C 385 95.41 13.19 20.34
CA ASP C 385 96.37 13.29 21.45
C ASP C 385 95.63 13.35 22.77
N GLN C 386 95.14 12.21 23.21
CA GLN C 386 94.65 12.09 24.57
C GLN C 386 95.18 10.78 25.14
N ASP C 387 95.43 10.77 26.45
CA ASP C 387 95.93 9.58 27.13
C ASP C 387 94.79 8.93 27.95
N THR C 388 93.85 8.35 27.21
CA THR C 388 92.82 7.46 27.77
C THR C 388 93.48 6.11 28.05
N GLY C 389 92.82 5.29 28.86
CA GLY C 389 93.25 3.90 29.00
C GLY C 389 93.06 3.22 27.66
N ASP C 390 93.44 1.95 27.58
CA ASP C 390 93.18 1.20 26.34
C ASP C 390 91.69 1.11 26.16
N LEU C 391 91.23 1.33 24.93
CA LEU C 391 89.82 1.17 24.61
C LEU C 391 89.65 0.46 23.26
N VAL C 392 89.05 -0.72 23.30
CA VAL C 392 88.61 -1.38 22.09
C VAL C 392 87.09 -1.57 22.16
N LEU C 393 86.38 -1.08 21.14
CA LEU C 393 84.96 -1.29 21.00
C LEU C 393 84.63 -2.19 19.82
N LEU C 394 83.83 -3.22 20.04
CA LEU C 394 83.19 -3.91 18.92
C LEU C 394 81.69 -3.93 19.19
N ASP C 395 80.96 -3.21 18.35
CA ASP C 395 79.53 -3.06 18.53
C ASP C 395 78.79 -3.68 17.34
N VAL C 396 77.49 -3.90 17.54
CA VAL C 396 76.71 -4.68 16.60
C VAL C 396 75.57 -3.89 16.01
N CYS C 397 75.05 -4.36 14.87
CA CYS C 397 73.80 -3.80 14.36
C CYS C 397 72.69 -4.43 15.18
N PRO C 398 71.57 -3.73 15.34
CA PRO C 398 70.50 -4.23 16.20
C PRO C 398 69.38 -5.05 15.53
N LEU C 399 69.20 -4.89 14.22
CA LEU C 399 68.07 -5.53 13.51
C LEU C 399 68.53 -6.28 12.28
N THR C 400 68.02 -7.47 12.07
CA THR C 400 68.33 -8.24 10.88
C THR C 400 67.94 -7.44 9.63
N LEU C 401 68.84 -7.32 8.67
CA LEU C 401 68.43 -6.81 7.37
C LEU C 401 68.07 -7.97 6.46
N GLY C 402 67.18 -7.72 5.51
CA GLY C 402 66.75 -8.70 4.50
C GLY C 402 66.18 -8.03 3.25
N ILE C 403 65.61 -8.83 2.36
CA ILE C 403 64.96 -8.28 1.16
C ILE C 403 63.64 -9.02 0.84
N GLU C 404 62.69 -8.35 0.18
CA GLU C 404 61.40 -8.99 -0.16
C GLU C 404 61.60 -9.89 -1.37
N THR C 405 61.27 -11.18 -1.24
CA THR C 405 61.50 -12.18 -2.28
C THR C 405 60.23 -13.00 -2.50
N VAL C 406 60.09 -13.59 -3.69
CA VAL C 406 58.92 -14.43 -4.01
C VAL C 406 57.67 -13.56 -4.00
N GLY C 407 56.71 -13.88 -3.13
CA GLY C 407 55.54 -13.01 -2.93
C GLY C 407 55.95 -11.86 -2.03
N GLY C 408 56.23 -12.19 -0.78
CA GLY C 408 56.76 -11.24 0.21
C GLY C 408 57.37 -12.00 1.38
N VAL C 409 58.50 -12.67 1.11
CA VAL C 409 59.26 -13.41 2.14
C VAL C 409 60.49 -12.61 2.61
N MET C 410 60.72 -12.58 3.92
CA MET C 410 61.89 -11.85 4.49
C MET C 410 63.16 -12.67 4.36
N THR C 411 63.69 -12.71 3.13
CA THR C 411 64.98 -13.40 2.87
C THR C 411 66.17 -12.67 3.56
N LYS C 412 66.49 -13.18 4.74
CA LYS C 412 67.54 -12.71 5.64
C LYS C 412 68.90 -12.46 4.96
N LEU C 413 69.63 -11.43 5.38
CA LEU C 413 70.84 -11.00 4.67
C LEU C 413 72.00 -10.72 5.61
N ILE C 414 71.70 -10.01 6.69
CA ILE C 414 72.67 -9.67 7.74
C ILE C 414 71.97 -9.90 9.08
N PRO C 415 72.39 -10.91 9.84
CA PRO C 415 71.66 -11.19 11.08
C PRO C 415 71.83 -10.11 12.11
N ARG C 416 70.86 -10.01 13.01
CA ARG C 416 70.98 -9.10 14.14
C ARG C 416 72.26 -9.39 14.89
N ASN C 417 72.59 -8.54 15.83
CA ASN C 417 73.82 -8.69 16.61
C ASN C 417 75.15 -8.99 15.87
N THR C 418 75.17 -8.83 14.53
CA THR C 418 76.40 -8.89 13.74
C THR C 418 77.28 -7.70 14.09
N VAL C 419 78.54 -7.95 14.37
CA VAL C 419 79.51 -6.86 14.61
C VAL C 419 79.60 -5.92 13.40
N VAL C 420 79.79 -4.62 13.64
CA VAL C 420 79.91 -3.63 12.53
C VAL C 420 81.26 -2.93 12.57
N PRO C 421 81.79 -2.49 11.41
CA PRO C 421 81.31 -2.61 10.02
C PRO C 421 81.30 -4.04 9.47
N THR C 422 80.25 -4.37 8.72
CA THR C 422 80.08 -5.68 8.12
C THR C 422 79.57 -5.44 6.73
N LYS C 423 79.71 -6.46 5.88
CA LYS C 423 79.06 -6.40 4.58
C LYS C 423 78.58 -7.78 4.13
N LYS C 424 77.62 -7.77 3.20
CA LYS C 424 77.13 -8.97 2.55
C LYS C 424 76.99 -8.66 1.06
N SER C 425 77.51 -9.52 0.18
CA SER C 425 77.34 -9.33 -1.26
C SER C 425 76.24 -10.26 -1.71
N GLN C 426 75.69 -9.99 -2.88
CA GLN C 426 74.56 -10.78 -3.35
C GLN C 426 74.39 -10.74 -4.86
N ILE C 427 74.60 -11.88 -5.51
CA ILE C 427 74.52 -11.96 -6.97
C ILE C 427 73.05 -11.99 -7.39
N PHE C 428 72.70 -11.11 -8.32
CA PHE C 428 71.38 -11.12 -8.96
C PHE C 428 71.53 -11.26 -10.46
N SER C 429 70.57 -11.91 -11.08
CA SER C 429 70.62 -12.18 -12.51
C SER C 429 69.43 -11.56 -13.21
N VAL C 430 68.77 -10.59 -12.57
CA VAL C 430 67.68 -9.88 -13.22
C VAL C 430 68.30 -8.74 -14.05
N GLY C 431 67.99 -8.70 -15.35
CA GLY C 431 68.35 -7.57 -16.20
C GLY C 431 67.23 -6.53 -16.19
N GLY C 432 67.44 -5.43 -16.94
CA GLY C 432 66.52 -4.28 -16.90
C GLY C 432 66.64 -3.48 -15.61
N THR C 433 65.55 -2.85 -15.15
CA THR C 433 65.58 -2.02 -13.92
C THR C 433 64.96 -2.77 -12.71
N VAL C 434 65.84 -3.30 -11.86
CA VAL C 434 65.43 -4.12 -10.71
C VAL C 434 65.28 -3.27 -9.45
N THR C 435 64.20 -3.51 -8.70
CA THR C 435 63.85 -2.76 -7.47
C THR C 435 64.02 -3.67 -6.25
N ILE C 436 64.81 -3.20 -5.29
CA ILE C 436 65.11 -3.96 -4.09
C ILE C 436 64.48 -3.27 -2.90
N LYS C 437 63.54 -3.94 -2.23
CA LYS C 437 63.06 -3.50 -0.92
C LYS C 437 63.89 -4.13 0.21
N VAL C 438 64.61 -3.30 0.98
CA VAL C 438 65.37 -3.77 2.15
C VAL C 438 64.45 -3.68 3.36
N TYR C 439 64.51 -4.62 4.29
CA TYR C 439 63.68 -4.56 5.51
C TYR C 439 64.52 -4.71 6.79
N GLU C 440 63.94 -4.35 7.93
CA GLU C 440 64.59 -4.50 9.24
C GLU C 440 63.62 -5.23 10.14
N GLY C 441 64.11 -6.25 10.84
CA GLY C 441 63.31 -6.96 11.84
C GLY C 441 63.45 -8.46 11.79
N GLU C 442 62.99 -9.12 12.85
CA GLU C 442 63.25 -10.54 13.09
C GLU C 442 62.09 -11.45 12.63
N ARG C 443 61.07 -10.85 12.03
CA ARG C 443 59.89 -11.60 11.65
C ARG C 443 60.09 -12.20 10.25
N PRO C 444 59.64 -13.46 10.03
CA PRO C 444 59.91 -14.14 8.77
C PRO C 444 59.12 -13.58 7.58
N LEU C 445 58.10 -12.76 7.85
CA LEU C 445 57.22 -12.19 6.81
C LEU C 445 57.42 -10.68 6.65
N THR C 446 57.62 -10.24 5.41
CA THR C 446 57.93 -8.84 5.12
C THR C 446 56.96 -7.86 5.79
N LYS C 447 55.65 -8.08 5.56
CA LYS C 447 54.61 -7.19 6.07
C LYS C 447 54.84 -6.84 7.55
N ASP C 448 55.36 -7.80 8.32
CA ASP C 448 55.49 -7.67 9.77
C ASP C 448 56.86 -7.14 10.21
N ASN C 449 57.55 -6.48 9.29
CA ASN C 449 58.84 -5.88 9.56
C ASN C 449 58.80 -4.44 9.06
N HIS C 450 59.81 -3.66 9.45
CA HIS C 450 59.95 -2.27 9.05
C HIS C 450 60.70 -2.12 7.75
N LEU C 451 60.08 -1.45 6.77
CA LEU C 451 60.66 -1.12 5.46
C LEU C 451 61.70 -0.06 5.67
N LEU C 452 62.95 -0.41 5.37
CA LEU C 452 64.09 0.50 5.50
C LEU C 452 64.12 1.46 4.32
N GLY C 453 63.89 0.93 3.12
CA GLY C 453 64.07 1.69 1.88
C GLY C 453 63.94 0.87 0.61
N THR C 454 63.84 1.58 -0.51
CA THR C 454 63.68 0.96 -1.83
C THR C 454 64.79 1.43 -2.77
N PHE C 455 65.55 0.49 -3.32
CA PHE C 455 66.75 0.81 -4.12
C PHE C 455 66.61 0.34 -5.56
N ASP C 456 66.45 1.30 -6.48
CA ASP C 456 66.25 1.00 -7.90
C ASP C 456 67.58 1.00 -8.62
N LEU C 457 67.88 -0.11 -9.29
CA LEU C 457 69.11 -0.25 -10.07
C LEU C 457 68.85 0.20 -11.51
N THR C 458 69.49 1.30 -11.91
CA THR C 458 69.15 1.99 -13.17
C THR C 458 70.36 1.88 -14.14
N GLY C 459 70.69 0.62 -14.45
CA GLY C 459 71.92 0.28 -15.17
C GLY C 459 71.93 0.44 -16.67
N ILE C 460 72.22 -0.62 -17.44
CA ILE C 460 71.63 -1.94 -17.25
C ILE C 460 72.35 -3.10 -17.99
N PRO C 461 73.64 -2.88 -18.35
CA PRO C 461 73.95 -2.96 -19.78
C PRO C 461 73.38 -4.14 -20.61
N PRO C 462 73.25 -3.91 -21.92
CA PRO C 462 72.02 -4.23 -22.64
C PRO C 462 71.88 -5.73 -22.92
N ALA C 463 70.63 -6.21 -23.00
CA ALA C 463 70.35 -7.66 -23.02
C ALA C 463 69.99 -8.28 -24.38
N PRO C 464 70.97 -8.45 -25.30
CA PRO C 464 70.83 -9.49 -26.33
C PRO C 464 71.59 -10.82 -26.10
N ARG C 465 72.71 -10.79 -25.35
CA ARG C 465 73.47 -12.01 -25.03
C ARG C 465 74.09 -11.89 -23.64
N GLY C 466 73.29 -12.21 -22.65
CA GLY C 466 73.73 -12.18 -21.28
C GLY C 466 72.54 -11.84 -20.43
N VAL C 467 72.34 -12.64 -19.40
CA VAL C 467 71.41 -12.35 -18.34
C VAL C 467 72.34 -11.72 -17.29
N PRO C 468 72.44 -10.37 -17.27
CA PRO C 468 73.59 -9.74 -16.59
C PRO C 468 73.75 -10.21 -15.13
N GLN C 469 75.01 -10.38 -14.69
CA GLN C 469 75.32 -10.79 -13.31
C GLN C 469 75.77 -9.61 -12.45
N ILE C 470 74.84 -9.05 -11.67
CA ILE C 470 75.11 -7.89 -10.81
C ILE C 470 75.39 -8.31 -9.36
N GLU C 471 76.45 -7.73 -8.75
CA GLU C 471 76.81 -8.00 -7.33
C GLU C 471 76.42 -6.83 -6.45
N VAL C 472 75.30 -6.98 -5.75
CA VAL C 472 74.82 -5.95 -4.85
C VAL C 472 75.46 -6.19 -3.50
N THR C 473 75.98 -5.12 -2.91
CA THR C 473 76.75 -5.17 -1.67
C THR C 473 76.11 -4.26 -0.61
N PHE C 474 75.67 -4.89 0.48
CA PHE C 474 75.00 -4.20 1.60
C PHE C 474 76.02 -4.05 2.72
N GLU C 475 76.48 -2.83 2.96
CA GLU C 475 77.48 -2.59 3.98
C GLU C 475 76.83 -1.80 5.06
N ILE C 476 77.01 -2.24 6.30
CA ILE C 476 76.63 -1.47 7.48
C ILE C 476 77.91 -0.89 8.11
N ASP C 477 78.02 0.44 8.18
CA ASP C 477 79.20 1.09 8.79
C ASP C 477 79.25 1.01 10.35
N VAL C 478 80.24 1.68 10.93
CA VAL C 478 80.43 1.69 12.38
C VAL C 478 79.29 2.41 13.10
N ASN C 479 78.66 3.39 12.45
CA ASN C 479 77.48 4.08 13.00
C ASN C 479 76.20 3.24 13.05
N GLY C 480 76.14 2.15 12.30
CA GLY C 480 74.91 1.36 12.19
C GLY C 480 74.11 1.68 10.95
N ILE C 481 74.73 2.30 9.94
CA ILE C 481 73.98 2.87 8.85
C ILE C 481 74.28 2.12 7.57
N LEU C 482 73.25 1.73 6.85
CA LEU C 482 73.37 0.98 5.59
C LEU C 482 73.79 1.86 4.44
N ARG C 483 74.82 1.40 3.73
CA ARG C 483 75.10 1.87 2.38
C ARG C 483 74.85 0.69 1.41
N VAL C 484 74.39 1.01 0.19
CA VAL C 484 74.09 0.02 -0.84
C VAL C 484 74.73 0.41 -2.19
N THR C 485 75.66 -0.42 -2.67
CA THR C 485 76.39 -0.19 -3.94
C THR C 485 76.27 -1.44 -4.81
N ALA C 486 76.64 -1.29 -6.07
CA ALA C 486 76.53 -2.39 -7.06
C ALA C 486 77.70 -2.41 -8.03
N GLU C 487 77.86 -3.55 -8.72
CA GLU C 487 78.91 -3.70 -9.74
C GLU C 487 78.57 -4.91 -10.59
N ASP C 488 78.69 -4.79 -11.91
CA ASP C 488 78.35 -5.91 -12.78
C ASP C 488 79.59 -6.72 -13.09
N LYS C 489 79.39 -8.01 -13.35
CA LYS C 489 80.47 -8.93 -13.73
C LYS C 489 80.31 -9.36 -15.19
N GLY C 490 79.88 -8.43 -16.05
CA GLY C 490 79.83 -8.63 -17.50
C GLY C 490 80.72 -7.67 -18.29
N THR C 491 81.08 -6.54 -17.68
CA THR C 491 81.84 -5.47 -18.34
C THR C 491 83.22 -5.31 -17.66
N GLY C 492 84.28 -5.24 -18.48
CA GLY C 492 85.66 -5.18 -17.97
C GLY C 492 86.16 -3.76 -17.69
N ASN C 493 86.36 -3.47 -16.40
CA ASN C 493 86.65 -2.10 -15.87
C ASN C 493 85.41 -1.17 -15.80
N LYS C 494 85.16 -0.43 -16.89
CA LYS C 494 83.90 0.30 -17.18
C LYS C 494 82.91 0.61 -16.02
N ASN C 495 81.98 -0.31 -15.74
CA ASN C 495 81.01 -0.18 -14.63
C ASN C 495 79.83 0.74 -14.94
N LYS C 496 78.62 0.30 -14.59
CA LYS C 496 77.48 1.19 -14.47
C LYS C 496 76.74 0.96 -13.16
N ILE C 497 77.05 1.80 -12.18
CA ILE C 497 76.47 1.75 -10.84
C ILE C 497 75.53 2.93 -10.67
N THR C 498 74.23 2.67 -10.59
CA THR C 498 73.25 3.75 -10.37
C THR C 498 72.19 3.30 -9.37
N ILE C 499 72.30 3.81 -8.14
CA ILE C 499 71.40 3.45 -7.06
C ILE C 499 70.41 4.59 -6.74
N THR C 500 69.23 4.57 -7.36
CA THR C 500 68.13 5.47 -6.96
C THR C 500 67.59 4.93 -5.63
N ASN C 501 67.62 5.80 -4.62
CA ASN C 501 67.38 5.40 -3.24
C ASN C 501 66.04 5.95 -2.73
N ASP C 502 64.97 5.28 -3.16
CA ASP C 502 63.59 5.70 -2.89
C ASP C 502 63.24 5.53 -1.38
N GLN C 503 63.55 6.55 -0.59
CA GLN C 503 63.72 6.36 0.86
C GLN C 503 63.52 7.64 1.64
N ASN C 504 62.77 7.55 2.75
CA ASN C 504 62.39 8.73 3.54
C ASN C 504 63.54 9.35 4.33
N ARG C 505 64.29 10.22 3.65
CA ARG C 505 65.56 10.78 4.16
C ARG C 505 65.76 12.22 3.66
N LEU C 506 66.10 13.15 4.56
CA LEU C 506 66.34 14.56 4.17
C LEU C 506 67.37 14.65 3.03
N THR C 507 67.03 15.35 1.95
CA THR C 507 67.92 15.51 0.80
C THR C 507 69.07 16.43 1.20
N PRO C 508 70.17 16.44 0.44
CA PRO C 508 71.23 17.41 0.80
C PRO C 508 70.80 18.88 0.62
N GLU C 509 69.83 19.12 -0.28
CA GLU C 509 69.26 20.46 -0.46
C GLU C 509 68.52 20.90 0.80
N GLU C 510 67.57 20.06 1.26
CA GLU C 510 66.81 20.32 2.51
C GLU C 510 67.69 20.57 3.71
N ILE C 511 68.76 19.80 3.82
CA ILE C 511 69.76 19.97 4.89
C ILE C 511 70.45 21.34 4.76
N GLU C 512 70.63 21.83 3.53
CA GLU C 512 71.25 23.12 3.34
C GLU C 512 70.32 24.23 3.82
N ARG C 513 69.06 24.18 3.40
CA ARG C 513 68.08 25.15 3.88
C ARG C 513 68.12 25.16 5.41
N MET C 514 67.91 23.99 6.02
CA MET C 514 67.81 23.87 7.49
C MET C 514 69.07 24.34 8.24
N VAL C 515 70.25 24.15 7.65
CA VAL C 515 71.50 24.67 8.22
C VAL C 515 71.50 26.19 8.16
N ASN C 516 71.00 26.75 7.05
CA ASN C 516 71.01 28.19 6.85
C ASN C 516 70.02 28.88 7.80
N ASP C 517 68.83 28.29 7.95
CA ASP C 517 67.83 28.74 8.95
C ASP C 517 68.36 28.74 10.39
N ALA C 518 69.16 27.72 10.72
CA ALA C 518 69.77 27.66 12.03
C ALA C 518 70.77 28.79 12.16
N GLU C 519 71.56 29.04 11.11
CA GLU C 519 72.48 30.20 11.09
C GLU C 519 71.75 31.52 11.24
N LYS C 520 70.65 31.70 10.50
CA LYS C 520 69.71 32.81 10.71
C LYS C 520 69.28 32.98 12.19
N PHE C 521 68.65 31.97 12.78
CA PHE C 521 68.31 31.94 14.24
C PHE C 521 69.44 32.31 15.23
N ALA C 522 70.69 32.00 14.85
CA ALA C 522 71.85 32.36 15.68
C ALA C 522 72.12 33.86 15.63
N GLU C 523 72.01 34.44 14.44
CA GLU C 523 72.11 35.88 14.29
C GLU C 523 71.03 36.58 15.11
N GLU C 524 69.84 35.99 15.23
CA GLU C 524 68.75 36.55 16.05
C GLU C 524 69.10 36.54 17.53
N ASP C 525 69.68 35.45 18.01
CA ASP C 525 70.13 35.35 19.42
C ASP C 525 71.35 36.21 19.75
N LYS C 526 72.17 36.50 18.74
CA LYS C 526 73.34 37.38 18.88
C LYS C 526 72.90 38.83 19.10
N LYS C 527 71.85 39.24 18.39
CA LYS C 527 71.31 40.60 18.48
C LYS C 527 70.47 40.88 19.75
N LEU C 528 69.90 39.84 20.37
CA LEU C 528 69.29 39.97 21.69
C LEU C 528 70.38 40.25 22.72
N LYS C 529 71.53 39.59 22.55
CA LYS C 529 72.70 39.79 23.42
C LYS C 529 73.31 41.20 23.26
N GLU C 530 73.46 41.67 22.02
CA GLU C 530 73.89 43.04 21.74
C GLU C 530 72.97 44.12 22.31
N ARG C 531 71.67 43.84 22.38
CA ARG C 531 70.72 44.78 22.98
C ARG C 531 70.95 44.91 24.48
N ILE C 532 71.19 43.77 25.14
CA ILE C 532 71.44 43.74 26.58
C ILE C 532 72.71 44.51 26.89
N ASP C 533 73.79 44.16 26.20
CA ASP C 533 75.11 44.71 26.53
C ASP C 533 75.12 46.21 26.36
N THR C 534 74.46 46.71 25.32
CA THR C 534 74.50 48.15 25.00
C THR C 534 73.54 48.99 25.82
N ARG C 535 72.50 48.38 26.37
CA ARG C 535 71.69 49.00 27.42
C ARG C 535 72.59 49.18 28.61
N ASN C 536 73.40 48.15 28.91
CA ASN C 536 74.30 48.17 30.06
C ASN C 536 75.42 49.19 29.93
N GLU C 537 75.96 49.35 28.73
CA GLU C 537 76.87 50.45 28.43
C GLU C 537 76.22 51.79 28.77
N LEU C 538 74.95 51.96 28.43
CA LEU C 538 74.20 53.18 28.75
C LEU C 538 73.99 53.30 30.28
N GLU C 539 73.52 52.23 30.92
CA GLU C 539 73.28 52.22 32.39
C GLU C 539 74.56 52.51 33.20
N SER C 540 75.70 52.00 32.71
CA SER C 540 77.02 52.31 33.28
C SER C 540 77.46 53.77 33.11
N TYR C 541 77.55 54.22 31.85
CA TYR C 541 77.94 55.61 31.50
C TYR C 541 77.14 56.65 32.30
N ALA C 542 75.82 56.49 32.40
CA ALA C 542 74.96 57.43 33.12
C ALA C 542 75.25 57.49 34.62
N TYR C 543 75.42 56.31 35.23
CA TYR C 543 75.74 56.23 36.67
C TYR C 543 77.18 56.66 36.94
N SER C 544 78.08 56.33 36.01
CA SER C 544 79.47 56.71 36.12
C SER C 544 79.61 58.25 36.12
N LEU C 545 78.84 58.94 35.28
CA LEU C 545 78.80 60.42 35.25
C LEU C 545 78.20 61.04 36.52
N LYS C 546 77.15 60.41 37.05
CA LYS C 546 76.47 60.93 38.25
C LYS C 546 77.38 60.88 39.49
N ASN C 547 78.38 59.99 39.47
CA ASN C 547 79.41 59.96 40.52
C ASN C 547 80.47 61.05 40.35
N GLN C 548 80.86 61.36 39.11
CA GLN C 548 81.89 62.36 38.82
C GLN C 548 81.44 63.81 39.10
N ILE C 549 80.13 64.03 39.12
CA ILE C 549 79.55 65.36 39.40
C ILE C 549 79.44 65.62 40.92
N GLY C 550 78.88 64.66 41.65
CA GLY C 550 78.75 64.77 43.11
C GLY C 550 80.04 64.54 43.90
N ASP C 551 81.16 64.51 43.17
CA ASP C 551 82.51 64.34 43.73
C ASP C 551 83.24 65.70 43.64
N LYS C 552 83.24 66.44 44.75
CA LYS C 552 83.85 67.77 44.78
C LYS C 552 85.39 67.76 44.77
N GLU C 553 85.99 66.56 44.76
CA GLU C 553 87.46 66.39 44.76
C GLU C 553 88.05 66.16 43.36
N LYS C 554 87.35 65.41 42.49
CA LYS C 554 87.85 65.05 41.15
C LYS C 554 87.31 65.91 39.99
N LEU C 555 86.05 65.67 39.59
CA LEU C 555 85.42 66.33 38.44
C LEU C 555 84.34 67.36 38.81
N GLY C 556 83.84 67.27 40.04
CA GLY C 556 82.74 68.12 40.53
C GLY C 556 83.15 69.42 41.22
N GLY C 557 84.44 69.55 41.51
CA GLY C 557 85.00 70.83 41.96
C GLY C 557 85.28 71.75 40.79
N LYS C 558 85.40 71.17 39.59
CA LYS C 558 85.72 71.91 38.36
C LYS C 558 84.53 72.62 37.72
N LEU C 559 83.31 72.13 37.97
CA LEU C 559 82.09 72.66 37.32
C LEU C 559 81.53 73.93 37.97
N SER C 560 80.72 74.68 37.21
CA SER C 560 79.93 75.82 37.72
C SER C 560 78.47 75.38 37.94
N SER C 561 77.69 76.20 38.65
CA SER C 561 76.29 75.85 38.95
C SER C 561 75.39 75.90 37.71
N GLU C 562 75.86 76.54 36.62
CA GLU C 562 75.20 76.43 35.31
C GLU C 562 75.42 75.01 34.76
N ASP C 563 76.69 74.61 34.67
CA ASP C 563 77.07 73.33 34.09
C ASP C 563 76.68 72.13 34.96
N LYS C 564 76.83 72.25 36.29
CA LYS C 564 76.41 71.17 37.20
C LYS C 564 74.89 70.87 37.09
N GLU C 565 74.08 71.89 36.84
CA GLU C 565 72.61 71.73 36.69
C GLU C 565 72.22 71.06 35.35
N THR C 566 72.92 71.40 34.26
CA THR C 566 72.69 70.77 32.95
C THR C 566 73.13 69.30 32.93
N MET C 567 74.24 69.00 33.60
CA MET C 567 74.74 67.63 33.73
C MET C 567 73.76 66.78 34.54
N GLU C 568 73.43 67.24 35.74
CA GLU C 568 72.51 66.52 36.63
C GLU C 568 71.22 66.17 35.90
N LYS C 569 70.69 67.11 35.13
CA LYS C 569 69.41 66.92 34.44
C LYS C 569 69.51 66.03 33.19
N ALA C 570 70.57 66.22 32.40
CA ALA C 570 70.77 65.37 31.20
C ALA C 570 70.88 63.91 31.61
N VAL C 571 71.61 63.66 32.70
CA VAL C 571 71.78 62.33 33.27
C VAL C 571 70.51 61.80 33.93
N GLU C 572 69.89 62.58 34.82
CA GLU C 572 68.70 62.13 35.59
C GLU C 572 67.45 61.90 34.72
N GLU C 573 67.41 62.50 33.54
CA GLU C 573 66.33 62.28 32.59
C GLU C 573 66.65 61.12 31.62
N LYS C 574 67.94 60.79 31.47
CA LYS C 574 68.37 59.54 30.79
C LYS C 574 68.24 58.29 31.67
N ILE C 575 68.32 58.46 32.98
CA ILE C 575 68.13 57.33 33.90
C ILE C 575 66.63 57.04 34.10
N GLU C 576 65.83 58.09 34.30
CA GLU C 576 64.38 57.89 34.44
C GLU C 576 63.78 57.42 33.10
N TRP C 577 64.49 57.69 32.01
CA TRP C 577 64.16 57.07 30.72
C TRP C 577 64.43 55.54 30.69
N LEU C 578 65.65 55.17 31.09
CA LEU C 578 66.07 53.74 31.17
C LEU C 578 65.16 52.86 32.04
N GLU C 579 64.75 53.39 33.19
CA GLU C 579 63.84 52.69 34.10
C GLU C 579 62.46 52.38 33.54
N SER C 580 62.00 53.15 32.56
CA SER C 580 60.69 52.93 31.95
C SER C 580 60.75 52.35 30.53
N HIS C 581 61.97 52.24 29.99
CA HIS C 581 62.21 51.73 28.61
C HIS C 581 63.26 50.61 28.60
N GLN C 582 62.99 49.58 29.38
CA GLN C 582 63.83 48.40 29.40
C GLN C 582 63.57 47.57 28.15
N ASP C 583 62.32 47.50 27.69
CA ASP C 583 61.99 46.72 26.48
C ASP C 583 62.48 47.41 25.18
N ALA C 584 63.11 48.57 25.32
CA ALA C 584 63.53 49.39 24.17
C ALA C 584 64.50 48.66 23.25
N ASP C 585 64.46 48.98 21.95
CA ASP C 585 65.29 48.29 20.94
C ASP C 585 66.74 48.79 20.97
N ILE C 586 67.59 48.04 20.29
CA ILE C 586 69.03 48.35 20.19
C ILE C 586 69.27 49.80 19.75
N GLU C 587 68.54 50.27 18.73
CA GLU C 587 68.74 51.62 18.24
C GLU C 587 68.39 52.67 19.30
N ASP C 588 67.27 52.49 19.97
CA ASP C 588 66.88 53.41 21.05
C ASP C 588 67.98 53.64 22.07
N PHE C 589 68.73 52.59 22.42
CA PHE C 589 69.85 52.73 23.39
C PHE C 589 71.04 53.43 22.76
N LYS C 590 71.40 53.07 21.52
CA LYS C 590 72.46 53.81 20.78
C LYS C 590 72.21 55.35 20.69
N ALA C 591 71.00 55.71 20.30
CA ALA C 591 70.59 57.11 20.21
C ALA C 591 70.68 57.87 21.54
N LYS C 592 70.06 57.33 22.59
CA LYS C 592 70.12 57.94 23.95
C LYS C 592 71.55 58.09 24.49
N LYS C 593 72.42 57.13 24.21
CA LYS C 593 73.85 57.25 24.57
C LYS C 593 74.49 58.43 23.87
N LYS C 594 74.16 58.61 22.59
CA LYS C 594 74.75 59.70 21.82
C LYS C 594 74.12 61.04 22.22
N GLU C 595 72.81 61.05 22.48
CA GLU C 595 72.14 62.26 22.99
C GLU C 595 72.79 62.78 24.27
N LEU C 596 73.17 61.86 25.16
CA LEU C 596 73.81 62.17 26.45
C LEU C 596 75.29 62.54 26.28
N GLU C 597 76.02 61.82 25.40
CA GLU C 597 77.43 62.14 25.08
C GLU C 597 77.63 63.58 24.60
N GLU C 598 76.78 63.99 23.65
CA GLU C 598 76.88 65.30 23.02
C GLU C 598 76.67 66.48 24.01
N ILE C 599 75.72 66.35 24.96
CA ILE C 599 75.49 67.35 26.02
C ILE C 599 76.69 67.41 26.99
N VAL C 600 77.27 66.26 27.29
CA VAL C 600 78.34 66.16 28.28
C VAL C 600 79.70 66.54 27.68
N GLN C 601 79.89 66.26 26.39
CA GLN C 601 81.21 66.41 25.76
C GLN C 601 81.83 67.83 25.80
N PRO C 602 81.05 68.87 25.44
CA PRO C 602 81.55 70.24 25.63
C PRO C 602 81.87 70.60 27.10
N ILE C 603 81.01 70.19 28.05
CA ILE C 603 81.12 70.58 29.48
C ILE C 603 82.35 69.98 30.20
N ILE C 604 82.55 68.67 30.05
CA ILE C 604 83.71 68.00 30.69
C ILE C 604 85.07 68.30 30.01
N SER C 605 85.07 69.05 28.90
CA SER C 605 86.33 69.45 28.22
C SER C 605 86.79 70.91 28.54
N LYS C 606 86.37 71.41 29.72
CA LYS C 606 86.76 72.73 30.23
C LYS C 606 87.68 72.59 31.44
N SER D 1 -20.75 17.31 28.11
CA SER D 1 -21.92 17.98 27.48
C SER D 1 -22.81 16.96 26.72
N GLU D 2 -23.94 17.44 26.18
CA GLU D 2 -25.00 16.58 25.66
C GLU D 2 -24.71 15.89 24.33
N ASP D 3 -25.31 14.72 24.12
CA ASP D 3 -25.33 14.12 22.79
C ASP D 3 -26.50 14.71 22.01
N VAL D 4 -26.18 15.64 21.10
CA VAL D 4 -27.17 16.41 20.39
C VAL D 4 -27.66 15.75 19.10
N GLY D 5 -27.32 14.48 18.91
CA GLY D 5 -27.86 13.71 17.80
C GLY D 5 -27.50 14.34 16.48
N THR D 6 -28.39 14.19 15.50
CA THR D 6 -28.33 15.04 14.29
C THR D 6 -29.12 16.35 14.54
N VAL D 7 -28.53 17.46 14.12
CA VAL D 7 -29.12 18.77 14.35
C VAL D 7 -29.62 19.30 13.03
N VAL D 8 -30.85 19.77 13.02
CA VAL D 8 -31.47 20.17 11.76
C VAL D 8 -31.52 21.68 11.65
N GLY D 9 -31.48 22.17 10.41
CA GLY D 9 -31.52 23.58 10.16
C GLY D 9 -32.85 23.95 9.55
N ILE D 10 -33.61 24.79 10.26
CA ILE D 10 -34.96 25.14 9.83
C ILE D 10 -35.10 26.61 9.48
N ASP D 11 -35.51 26.88 8.25
CA ASP D 11 -36.01 28.20 7.88
C ASP D 11 -37.49 28.21 8.25
N LEU D 12 -37.85 28.83 9.36
CA LEU D 12 -39.23 28.97 9.78
C LEU D 12 -39.71 30.30 9.23
N GLY D 13 -40.39 30.24 8.10
CA GLY D 13 -40.77 31.45 7.37
C GLY D 13 -42.22 31.87 7.54
N THR D 14 -42.51 33.09 7.11
CA THR D 14 -43.85 33.62 7.22
C THR D 14 -44.83 32.82 6.37
N THR D 15 -44.46 32.59 5.10
CA THR D 15 -45.32 31.87 4.17
C THR D 15 -44.86 30.43 3.87
N TYR D 16 -43.61 30.12 4.15
CA TYR D 16 -43.05 28.79 3.89
C TYR D 16 -41.99 28.38 4.88
N SER D 17 -41.82 27.09 5.04
CA SER D 17 -40.78 26.60 5.94
C SER D 17 -39.99 25.53 5.22
N CYS D 18 -38.73 25.38 5.60
CA CYS D 18 -37.81 24.52 4.88
C CYS D 18 -36.81 23.92 5.88
N VAL D 19 -36.54 22.64 5.73
CA VAL D 19 -35.63 21.91 6.63
C VAL D 19 -34.50 21.26 5.88
N GLY D 20 -33.29 21.39 6.42
CA GLY D 20 -32.10 20.86 5.78
C GLY D 20 -31.22 20.19 6.82
N VAL D 21 -30.33 19.33 6.36
CA VAL D 21 -29.44 18.57 7.24
C VAL D 21 -28.07 18.29 6.59
N PHE D 22 -27.01 18.41 7.39
CA PHE D 22 -25.65 18.20 6.88
C PHE D 22 -25.17 16.76 7.16
N LYS D 23 -24.86 16.02 6.09
CA LYS D 23 -24.38 14.64 6.19
C LYS D 23 -23.70 14.20 4.91
N ASN D 24 -22.63 13.42 5.06
CA ASN D 24 -21.71 13.07 3.97
C ASN D 24 -21.11 14.28 3.25
N GLY D 25 -20.73 15.28 4.03
CA GLY D 25 -20.02 16.46 3.51
C GLY D 25 -20.83 17.38 2.61
N ARG D 26 -22.14 17.20 2.64
CA ARG D 26 -23.04 17.82 1.68
C ARG D 26 -24.31 18.20 2.40
N VAL D 27 -24.94 19.28 1.95
CA VAL D 27 -26.26 19.68 2.46
C VAL D 27 -27.34 18.94 1.67
N GLU D 28 -28.26 18.27 2.35
CA GLU D 28 -29.48 17.81 1.70
C GLU D 28 -30.65 18.64 2.25
N ILE D 29 -31.37 19.27 1.33
CA ILE D 29 -32.65 19.89 1.68
C ILE D 29 -33.66 18.74 1.58
N ILE D 30 -34.45 18.60 2.62
CA ILE D 30 -35.29 17.42 2.80
C ILE D 30 -36.73 17.63 2.34
N ALA D 31 -37.13 16.84 1.36
CA ALA D 31 -38.53 16.77 0.89
C ALA D 31 -39.48 16.22 1.94
N ASN D 32 -40.71 16.75 1.95
CA ASN D 32 -41.82 16.26 2.82
C ASN D 32 -42.57 15.03 2.22
N ASP D 33 -43.64 14.60 2.89
CA ASP D 33 -44.47 13.45 2.42
C ASP D 33 -45.02 13.61 0.99
N GLN D 34 -45.25 14.86 0.58
CA GLN D 34 -45.75 15.14 -0.76
C GLN D 34 -44.63 15.40 -1.75
N GLY D 35 -43.38 15.13 -1.34
CA GLY D 35 -42.22 15.36 -2.21
C GLY D 35 -41.73 16.80 -2.36
N ASN D 36 -42.31 17.73 -1.60
CA ASN D 36 -41.98 19.16 -1.72
C ASN D 36 -40.86 19.58 -0.80
N ARG D 37 -39.84 20.23 -1.38
CA ARG D 37 -38.67 20.67 -0.61
C ARG D 37 -38.97 21.89 0.28
N ILE D 38 -40.13 22.54 0.07
CA ILE D 38 -40.69 23.56 0.99
C ILE D 38 -42.16 23.32 1.41
N THR D 39 -42.55 23.89 2.53
CA THR D 39 -43.77 23.54 3.21
C THR D 39 -44.51 24.79 3.72
N PRO D 40 -45.73 25.04 3.22
CA PRO D 40 -46.53 26.19 3.60
C PRO D 40 -46.66 26.35 5.11
N SER D 41 -46.36 27.51 5.64
CA SER D 41 -46.41 27.69 7.09
C SER D 41 -47.84 27.92 7.56
N TYR D 42 -48.70 26.93 7.28
CA TYR D 42 -50.16 26.97 7.53
C TYR D 42 -50.60 25.86 8.50
N VAL D 43 -51.52 26.16 9.41
CA VAL D 43 -52.22 25.10 10.18
C VAL D 43 -53.73 25.38 10.22
N ALA D 44 -54.53 24.36 9.93
CA ALA D 44 -55.99 24.52 9.90
C ALA D 44 -56.62 23.56 10.87
N PHE D 45 -57.85 23.86 11.26
CA PHE D 45 -58.63 22.95 12.09
C PHE D 45 -59.98 22.65 11.46
N THR D 46 -60.08 21.45 10.88
CA THR D 46 -61.25 21.04 10.10
C THR D 46 -62.46 20.91 11.01
N PRO D 47 -63.68 21.06 10.44
CA PRO D 47 -64.93 20.85 11.23
C PRO D 47 -65.08 19.41 11.76
N GLU D 48 -64.46 18.46 11.05
CA GLU D 48 -64.44 17.07 11.45
C GLU D 48 -63.57 16.83 12.69
N GLY D 49 -62.88 17.86 13.17
CA GLY D 49 -62.02 17.73 14.37
C GLY D 49 -60.54 17.52 14.09
N GLU D 50 -60.20 17.22 12.83
CA GLU D 50 -58.82 17.01 12.38
C GLU D 50 -57.94 18.30 12.38
N ARG D 51 -56.64 18.18 12.69
CA ARG D 51 -55.74 19.32 12.71
C ARG D 51 -54.74 19.19 11.59
N LEU D 52 -54.90 19.97 10.54
CA LEU D 52 -54.08 19.89 9.33
C LEU D 52 -52.90 20.85 9.40
N ILE D 53 -51.81 20.52 8.69
CA ILE D 53 -50.60 21.35 8.71
C ILE D 53 -49.92 21.32 7.35
N GLY D 54 -49.56 22.49 6.84
CA GLY D 54 -48.80 22.54 5.60
C GLY D 54 -49.69 22.58 4.41
N ASP D 55 -49.23 21.99 3.30
CA ASP D 55 -50.00 21.96 2.05
C ASP D 55 -51.48 21.69 2.29
N ALA D 56 -51.78 20.70 3.14
CA ALA D 56 -53.15 20.24 3.33
C ALA D 56 -54.03 21.33 3.91
N ALA D 57 -53.48 22.06 4.87
CA ALA D 57 -54.20 23.13 5.55
C ALA D 57 -54.38 24.28 4.60
N LYS D 58 -53.40 24.48 3.75
CA LYS D 58 -53.46 25.54 2.77
C LYS D 58 -54.47 25.23 1.68
N ASN D 59 -54.60 23.96 1.33
CA ASN D 59 -55.52 23.59 0.26
C ASN D 59 -56.99 23.80 0.64
N GLN D 60 -57.32 23.79 1.93
CA GLN D 60 -58.71 24.03 2.38
C GLN D 60 -58.99 25.47 2.88
N LEU D 61 -58.14 26.41 2.50
CA LEU D 61 -58.23 27.77 3.03
C LEU D 61 -59.59 28.40 2.70
N THR D 62 -59.97 28.37 1.42
CA THR D 62 -61.13 29.11 0.94
C THR D 62 -62.45 28.50 1.39
N SER D 63 -62.45 27.20 1.68
CA SER D 63 -63.64 26.52 2.19
C SER D 63 -63.76 26.59 3.71
N ASN D 64 -62.68 27.00 4.39
CA ASN D 64 -62.65 27.04 5.87
C ASN D 64 -61.71 28.17 6.36
N PRO D 65 -61.91 29.40 5.85
CA PRO D 65 -60.99 30.48 6.13
C PRO D 65 -60.91 30.94 7.60
N GLU D 66 -61.94 30.68 8.40
CA GLU D 66 -61.99 31.20 9.77
C GLU D 66 -61.26 30.30 10.78
N ASN D 67 -60.88 29.11 10.33
CA ASN D 67 -60.10 28.17 11.12
C ASN D 67 -58.90 27.65 10.34
N THR D 68 -58.37 28.48 9.44
CA THR D 68 -57.07 28.21 8.83
C THR D 68 -56.09 29.28 9.27
N VAL D 69 -55.09 28.90 10.06
CA VAL D 69 -54.11 29.87 10.54
C VAL D 69 -52.93 29.97 9.57
N PHE D 70 -52.48 31.19 9.36
CA PHE D 70 -51.33 31.49 8.49
C PHE D 70 -50.75 32.88 8.87
N ASP D 71 -49.65 33.27 8.23
CA ASP D 71 -48.83 34.46 8.62
C ASP D 71 -48.62 34.67 10.09
N ALA D 72 -48.44 33.60 10.86
CA ALA D 72 -48.25 33.70 12.34
C ALA D 72 -46.96 34.40 12.72
N LYS D 73 -45.95 34.33 11.85
CA LYS D 73 -44.69 35.04 12.05
C LYS D 73 -44.89 36.55 12.22
N ARG D 74 -45.90 37.11 11.54
CA ARG D 74 -46.20 38.55 11.65
C ARG D 74 -46.81 38.92 12.99
N LEU D 75 -47.17 37.90 13.78
CA LEU D 75 -47.72 38.14 15.12
C LEU D 75 -46.75 37.76 16.23
N ILE D 76 -45.87 36.78 15.97
CA ILE D 76 -45.03 36.23 17.06
C ILE D 76 -44.21 37.30 17.77
N GLY D 77 -44.14 37.19 19.08
CA GLY D 77 -43.38 38.15 19.89
C GLY D 77 -43.85 39.60 19.95
N ARG D 78 -45.00 39.94 19.37
CA ARG D 78 -45.53 41.31 19.50
C ARG D 78 -46.63 41.43 20.58
N THR D 79 -46.92 42.69 20.95
CA THR D 79 -47.97 43.05 21.90
C THR D 79 -49.17 43.59 21.11
N TRP D 80 -50.32 43.60 21.77
CA TRP D 80 -51.57 44.05 21.16
C TRP D 80 -51.43 45.42 20.50
N ASN D 81 -50.96 46.40 21.26
CA ASN D 81 -51.00 47.77 20.81
C ASN D 81 -50.01 48.11 19.68
N ASP D 82 -49.14 47.17 19.31
CA ASP D 82 -48.20 47.35 18.18
C ASP D 82 -48.94 47.69 16.86
N PRO D 83 -48.77 48.92 16.31
CA PRO D 83 -49.43 49.35 15.08
C PRO D 83 -49.49 48.29 14.02
N SER D 84 -48.45 47.46 13.94
CA SER D 84 -48.34 46.46 12.87
C SER D 84 -49.31 45.31 13.10
N VAL D 85 -49.49 44.94 14.37
CA VAL D 85 -50.43 43.88 14.76
C VAL D 85 -51.83 44.30 14.40
N GLN D 86 -52.25 45.50 14.84
CA GLN D 86 -53.60 46.09 14.57
C GLN D 86 -53.90 46.31 13.09
N GLN D 87 -52.88 46.61 12.29
CA GLN D 87 -53.07 46.68 10.85
C GLN D 87 -53.28 45.27 10.28
N ASP D 88 -52.49 44.30 10.76
CA ASP D 88 -52.48 42.94 10.20
C ASP D 88 -53.74 42.12 10.48
N ILE D 89 -54.32 42.25 11.68
CA ILE D 89 -55.53 41.48 12.03
C ILE D 89 -56.76 41.89 11.23
N LYS D 90 -56.80 43.14 10.81
CA LYS D 90 -57.86 43.58 9.93
C LYS D 90 -58.00 42.74 8.66
N PHE D 91 -56.92 42.12 8.18
CA PHE D 91 -56.96 41.32 6.95
C PHE D 91 -56.74 39.83 7.18
N LEU D 92 -56.77 39.39 8.43
CA LEU D 92 -56.67 37.97 8.69
C LEU D 92 -58.09 37.41 8.93
N PRO D 93 -58.38 36.26 8.32
CA PRO D 93 -59.72 35.69 8.43
C PRO D 93 -60.01 35.08 9.81
N PHE D 94 -59.00 34.54 10.46
CA PHE D 94 -59.15 33.97 11.78
C PHE D 94 -59.22 35.04 12.88
N LYS D 95 -59.99 34.78 13.92
CA LYS D 95 -60.05 35.67 15.08
C LYS D 95 -58.69 35.83 15.76
N VAL D 96 -58.42 37.05 16.20
CA VAL D 96 -57.21 37.38 16.95
C VAL D 96 -57.64 38.23 18.14
N VAL D 97 -57.32 37.80 19.35
CA VAL D 97 -57.88 38.43 20.54
C VAL D 97 -56.76 38.77 21.50
N GLU D 98 -56.93 39.85 22.24
CA GLU D 98 -55.96 40.25 23.25
C GLU D 98 -56.09 39.37 24.48
N LYS D 99 -54.97 38.88 25.00
CA LYS D 99 -54.90 38.49 26.41
C LYS D 99 -53.47 38.55 26.95
N LYS D 100 -53.35 39.11 28.15
CA LYS D 100 -52.08 39.51 28.72
C LYS D 100 -51.39 40.54 27.80
N THR D 101 -52.21 41.41 27.23
CA THR D 101 -51.78 42.43 26.26
C THR D 101 -51.05 41.89 25.02
N LYS D 102 -51.18 40.59 24.75
CA LYS D 102 -50.61 40.01 23.53
C LYS D 102 -51.77 39.69 22.59
N PRO D 103 -51.45 39.35 21.34
CA PRO D 103 -52.44 38.80 20.43
C PRO D 103 -52.37 37.28 20.38
N TYR D 104 -53.45 36.63 20.81
CA TYR D 104 -53.63 35.17 20.67
C TYR D 104 -54.54 34.84 19.48
N ILE D 105 -54.34 33.68 18.87
CA ILE D 105 -55.19 33.19 17.77
C ILE D 105 -56.36 32.35 18.31
N GLN D 106 -57.60 32.76 18.03
CA GLN D 106 -58.79 32.00 18.46
C GLN D 106 -59.41 31.25 17.29
N VAL D 107 -59.60 29.93 17.43
CA VAL D 107 -60.23 29.11 16.39
C VAL D 107 -61.23 28.07 16.91
N ASP D 108 -62.01 27.49 15.99
CA ASP D 108 -62.90 26.35 16.26
C ASP D 108 -62.20 25.04 15.91
N ILE D 109 -61.78 24.29 16.94
CA ILE D 109 -61.19 22.95 16.73
C ILE D 109 -62.17 21.83 16.35
N GLY D 110 -63.48 22.11 16.41
CA GLY D 110 -64.51 21.15 15.98
C GLY D 110 -65.40 20.72 17.12
N GLY D 111 -66.67 20.44 16.81
CA GLY D 111 -67.69 20.22 17.83
C GLY D 111 -67.94 21.48 18.63
N GLY D 112 -67.99 22.62 17.93
CA GLY D 112 -68.30 23.90 18.55
C GLY D 112 -67.28 24.41 19.55
N GLN D 113 -66.20 23.66 19.75
CA GLN D 113 -65.17 23.99 20.75
C GLN D 113 -64.25 25.13 20.29
N THR D 114 -64.06 26.11 21.16
CA THR D 114 -63.18 27.25 20.90
C THR D 114 -61.86 27.06 21.62
N LYS D 115 -60.76 27.04 20.89
CA LYS D 115 -59.42 27.06 21.49
C LYS D 115 -58.75 28.40 21.16
N THR D 116 -58.05 28.98 22.12
CA THR D 116 -57.22 30.14 21.82
C THR D 116 -55.75 29.74 21.93
N PHE D 117 -54.99 30.02 20.88
CA PHE D 117 -53.58 29.64 20.78
C PHE D 117 -52.70 30.88 20.85
N ALA D 118 -51.50 30.72 21.41
CA ALA D 118 -50.46 31.75 21.29
C ALA D 118 -49.73 31.53 19.97
N PRO D 119 -49.24 32.61 19.31
CA PRO D 119 -48.50 32.53 18.04
C PRO D 119 -47.33 31.55 18.11
N GLU D 120 -46.63 31.55 19.25
CA GLU D 120 -45.61 30.55 19.56
C GLU D 120 -46.07 29.10 19.33
N GLU D 121 -47.31 28.82 19.76
CA GLU D 121 -47.95 27.52 19.56
C GLU D 121 -48.19 27.21 18.08
N ILE D 122 -48.67 28.20 17.33
CA ILE D 122 -48.94 27.98 15.90
C ILE D 122 -47.67 27.69 15.14
N SER D 123 -46.62 28.46 15.43
CA SER D 123 -45.32 28.24 14.80
C SER D 123 -44.71 26.95 15.29
N ALA D 124 -44.92 26.60 16.55
CA ALA D 124 -44.43 25.33 17.09
C ALA D 124 -45.00 24.17 16.29
N MET D 125 -46.26 24.29 15.87
CA MET D 125 -46.89 23.26 15.01
C MET D 125 -46.23 23.15 13.62
N VAL D 126 -45.84 24.30 13.09
CA VAL D 126 -45.17 24.33 11.81
C VAL D 126 -43.81 23.65 11.97
N LEU D 127 -43.18 23.91 13.12
CA LEU D 127 -41.87 23.38 13.40
C LEU D 127 -41.95 21.89 13.60
N THR D 128 -42.93 21.44 14.39
CA THR D 128 -43.19 19.99 14.52
C THR D 128 -43.27 19.27 13.15
N LYS D 129 -44.03 19.83 12.23
CA LYS D 129 -44.13 19.27 10.89
C LYS D 129 -42.77 19.21 10.18
N MET D 130 -41.90 20.20 10.40
CA MET D 130 -40.55 20.16 9.81
C MET D 130 -39.68 19.14 10.56
N LYS D 131 -39.92 18.99 11.86
CA LYS D 131 -39.20 18.02 12.67
C LYS D 131 -39.47 16.59 12.17
N GLU D 132 -40.74 16.28 11.98
CA GLU D 132 -41.17 14.98 11.46
C GLU D 132 -40.65 14.74 10.05
N THR D 133 -40.75 15.77 9.21
CA THR D 133 -40.30 15.67 7.82
C THR D 133 -38.87 15.14 7.81
N ALA D 134 -38.04 15.65 8.73
CA ALA D 134 -36.62 15.27 8.82
C ALA D 134 -36.41 13.88 9.44
N GLU D 135 -37.14 13.59 10.52
CA GLU D 135 -37.10 12.28 11.16
C GLU D 135 -37.36 11.15 10.15
N ALA D 136 -38.32 11.37 9.27
CA ALA D 136 -38.57 10.42 8.21
C ALA D 136 -37.35 10.27 7.29
N TYR D 137 -36.74 11.35 6.85
CA TYR D 137 -35.57 11.25 5.95
C TYR D 137 -34.35 10.55 6.58
N LEU D 138 -34.14 10.86 7.87
CA LEU D 138 -33.04 10.30 8.63
C LEU D 138 -33.35 8.89 9.05
N GLY D 139 -34.64 8.61 9.20
CA GLY D 139 -35.05 7.36 9.78
C GLY D 139 -34.61 7.33 11.23
N LYS D 140 -34.63 8.47 11.90
CA LYS D 140 -34.33 8.47 13.32
C LYS D 140 -34.85 9.75 13.92
N LYS D 141 -34.97 9.77 15.24
CA LYS D 141 -35.62 10.89 15.95
C LYS D 141 -34.69 12.11 16.03
N VAL D 142 -35.25 13.28 16.36
CA VAL D 142 -34.53 14.56 16.30
C VAL D 142 -34.91 15.45 17.49
N THR D 143 -33.91 16.01 18.15
CA THR D 143 -34.15 16.84 19.33
C THR D 143 -33.59 18.27 19.25
N HIS D 144 -32.46 18.46 18.56
CA HIS D 144 -31.81 19.77 18.48
C HIS D 144 -31.87 20.34 17.09
N ALA D 145 -32.04 21.65 17.03
CA ALA D 145 -32.12 22.29 15.74
C ALA D 145 -31.52 23.66 15.81
N VAL D 146 -31.26 24.16 14.62
CA VAL D 146 -30.89 25.53 14.42
C VAL D 146 -32.12 26.10 13.74
N VAL D 147 -32.54 27.29 14.14
CA VAL D 147 -33.71 27.93 13.56
C VAL D 147 -33.31 29.33 13.11
N THR D 148 -33.76 29.74 11.94
CA THR D 148 -33.52 31.10 11.44
C THR D 148 -34.62 32.05 11.87
N VAL D 149 -34.21 33.32 12.00
CA VAL D 149 -35.12 34.45 12.20
C VAL D 149 -34.60 35.63 11.40
N PRO D 150 -35.48 36.58 11.07
CA PRO D 150 -34.99 37.73 10.34
C PRO D 150 -33.93 38.46 11.15
N ALA D 151 -32.96 39.06 10.48
CA ALA D 151 -31.92 39.83 11.16
C ALA D 151 -32.49 40.93 12.03
N TYR D 152 -33.64 41.49 11.64
CA TYR D 152 -34.15 42.66 12.34
C TYR D 152 -35.12 42.31 13.45
N PHE D 153 -35.36 41.03 13.66
CA PHE D 153 -36.18 40.61 14.80
C PHE D 153 -35.62 41.15 16.05
N ASN D 154 -36.49 41.67 16.91
CA ASN D 154 -36.09 42.16 18.22
C ASN D 154 -36.04 41.06 19.30
N ASP D 155 -35.98 41.47 20.56
CA ASP D 155 -35.70 40.53 21.65
C ASP D 155 -36.87 39.59 21.95
N ALA D 156 -38.06 40.16 22.01
CA ALA D 156 -39.24 39.37 22.22
C ALA D 156 -39.40 38.36 21.06
N GLN D 157 -39.30 38.84 19.82
CA GLN D 157 -39.44 37.98 18.66
C GLN D 157 -38.49 36.77 18.70
N ARG D 158 -37.29 37.00 19.19
CA ARG D 158 -36.27 35.96 19.19
C ARG D 158 -36.60 34.98 20.29
N GLN D 159 -36.95 35.51 21.45
CA GLN D 159 -37.33 34.64 22.53
C GLN D 159 -38.57 33.79 22.16
N ALA D 160 -39.56 34.42 21.54
CA ALA D 160 -40.76 33.71 21.14
C ALA D 160 -40.52 32.62 20.11
N THR D 161 -39.61 32.81 19.19
CA THR D 161 -39.28 31.78 18.22
C THR D 161 -38.57 30.61 18.92
N LYS D 162 -37.71 30.96 19.87
CA LYS D 162 -37.03 29.96 20.70
C LYS D 162 -38.03 29.14 21.51
N ASP D 163 -38.98 29.83 22.17
CA ASP D 163 -40.09 29.15 22.90
C ASP D 163 -40.94 28.26 21.99
N ALA D 164 -41.19 28.70 20.75
CA ALA D 164 -41.95 27.90 19.82
C ALA D 164 -41.21 26.60 19.61
N GLY D 165 -39.91 26.68 19.38
CA GLY D 165 -39.12 25.48 19.22
C GLY D 165 -39.33 24.55 20.40
N THR D 166 -39.31 25.11 21.61
CA THR D 166 -39.42 24.30 22.82
C THR D 166 -40.72 23.54 22.78
N ILE D 167 -41.79 24.27 22.44
CA ILE D 167 -43.13 23.75 22.47
C ILE D 167 -43.26 22.65 21.43
N ALA D 168 -42.46 22.72 20.38
CA ALA D 168 -42.41 21.67 19.38
C ALA D 168 -41.50 20.51 19.79
N GLY D 169 -41.07 20.50 21.06
CA GLY D 169 -40.08 19.52 21.54
C GLY D 169 -38.75 19.55 20.79
N LEU D 170 -38.17 20.75 20.68
CA LEU D 170 -36.84 20.97 20.07
C LEU D 170 -36.03 21.85 20.97
N ASN D 171 -34.75 21.54 21.08
CA ASN D 171 -33.82 22.44 21.74
C ASN D 171 -33.22 23.34 20.68
N VAL D 172 -33.56 24.62 20.76
CA VAL D 172 -33.04 25.53 19.78
C VAL D 172 -31.66 25.94 20.30
N MET D 173 -30.62 25.43 19.63
CA MET D 173 -29.26 25.66 20.02
C MET D 173 -28.80 27.02 19.56
N ARG D 174 -29.07 27.32 18.30
CA ARG D 174 -28.71 28.60 17.74
C ARG D 174 -29.91 29.15 17.00
N ILE D 175 -30.24 30.40 17.29
CA ILE D 175 -31.00 31.29 16.43
C ILE D 175 -30.04 31.94 15.45
N ILE D 176 -30.23 31.74 14.16
CA ILE D 176 -29.33 32.35 13.19
C ILE D 176 -30.11 33.30 12.25
N ASN D 177 -29.60 34.52 12.07
CA ASN D 177 -30.23 35.49 11.18
C ASN D 177 -30.17 35.06 9.72
N GLU D 178 -31.24 35.35 9.00
CA GLU D 178 -31.46 34.82 7.67
C GLU D 178 -30.38 35.24 6.69
N PRO D 179 -30.02 36.50 6.71
CA PRO D 179 -29.09 36.84 5.67
C PRO D 179 -27.72 36.23 5.96
N THR D 180 -27.34 36.17 7.23
CA THR D 180 -26.16 35.43 7.64
C THR D 180 -26.24 34.02 7.03
N ALA D 181 -27.35 33.34 7.26
CA ALA D 181 -27.49 31.96 6.83
C ALA D 181 -27.34 31.86 5.35
N ALA D 182 -27.95 32.80 4.65
CA ALA D 182 -27.86 32.80 3.21
C ALA D 182 -26.42 33.05 2.74
N ALA D 183 -25.64 33.82 3.50
CA ALA D 183 -24.26 34.15 3.10
C ALA D 183 -23.43 32.90 3.17
N ILE D 184 -23.69 32.09 4.18
CA ILE D 184 -23.00 30.81 4.30
C ILE D 184 -23.25 29.99 3.05
N ALA D 185 -24.50 29.94 2.65
CA ALA D 185 -24.85 29.19 1.45
C ALA D 185 -24.07 29.71 0.26
N TYR D 186 -23.82 31.02 0.22
CA TYR D 186 -23.17 31.64 -0.93
C TYR D 186 -21.69 31.40 -0.96
N GLY D 187 -21.06 31.63 0.20
CA GLY D 187 -19.62 31.86 0.25
C GLY D 187 -18.80 30.83 1.02
N LEU D 188 -19.39 29.69 1.28
CA LEU D 188 -18.77 28.70 2.15
C LEU D 188 -17.52 28.23 1.47
N ASP D 189 -17.66 27.87 0.21
CA ASP D 189 -16.59 27.28 -0.57
C ASP D 189 -15.70 28.31 -1.30
N LYS D 190 -15.95 29.60 -1.07
CA LYS D 190 -15.19 30.63 -1.78
C LYS D 190 -13.83 30.87 -1.14
N ARG D 191 -12.80 31.00 -1.98
CA ARG D 191 -11.41 31.27 -1.52
C ARG D 191 -10.81 32.39 -2.36
N GLU D 192 -11.39 33.57 -2.23
CA GLU D 192 -11.08 34.68 -3.14
C GLU D 192 -10.58 35.88 -2.34
N GLY D 193 -10.35 35.69 -1.04
CA GLY D 193 -9.99 36.82 -0.20
C GLY D 193 -11.18 37.65 0.23
N GLU D 194 -10.89 38.71 1.00
CA GLU D 194 -11.89 39.52 1.65
C GLU D 194 -12.68 40.26 0.58
N LYS D 195 -13.91 39.82 0.39
CA LYS D 195 -14.85 40.51 -0.46
C LYS D 195 -16.02 40.98 0.37
N ASN D 196 -16.48 42.20 0.08
CA ASN D 196 -17.73 42.73 0.64
C ASN D 196 -18.99 42.15 -0.05
N ILE D 197 -19.86 41.50 0.74
CA ILE D 197 -21.06 40.88 0.25
C ILE D 197 -22.27 41.59 0.81
N LEU D 198 -23.22 41.93 -0.06
CA LEU D 198 -24.50 42.47 0.37
C LEU D 198 -25.59 41.40 0.20
N VAL D 199 -26.18 41.00 1.33
CA VAL D 199 -27.27 40.05 1.29
C VAL D 199 -28.61 40.77 1.45
N PHE D 200 -29.49 40.56 0.45
CA PHE D 200 -30.77 41.22 0.32
C PHE D 200 -31.83 40.13 0.40
N ASP D 201 -32.49 40.04 1.55
CA ASP D 201 -33.46 38.98 1.80
C ASP D 201 -34.86 39.57 1.85
N LEU D 202 -35.68 39.25 0.85
CA LEU D 202 -37.07 39.72 0.79
C LEU D 202 -37.97 38.53 0.57
N GLY D 203 -38.66 38.12 1.63
CA GLY D 203 -39.50 36.92 1.54
C GLY D 203 -40.98 37.23 1.56
N GLY D 204 -41.70 36.55 2.44
CA GLY D 204 -43.15 36.61 2.45
C GLY D 204 -43.70 37.60 3.44
N GLY D 205 -43.01 37.80 4.55
CA GLY D 205 -43.45 38.77 5.54
C GLY D 205 -42.43 39.77 6.02
N ALA D 206 -41.13 39.49 5.82
CA ALA D 206 -40.04 40.29 6.38
C ALA D 206 -38.91 40.58 5.39
N PHE D 207 -38.25 41.71 5.63
CA PHE D 207 -37.15 42.23 4.83
C PHE D 207 -35.89 42.38 5.69
N ASP D 208 -34.77 41.83 5.18
CA ASP D 208 -33.47 41.81 5.86
C ASP D 208 -32.38 42.15 4.90
N VAL D 209 -31.48 43.02 5.33
CA VAL D 209 -30.28 43.31 4.57
C VAL D 209 -29.09 43.31 5.48
N SER D 210 -28.01 42.73 4.99
CA SER D 210 -26.81 42.64 5.78
C SER D 210 -25.59 42.79 4.89
N LEU D 211 -24.64 43.59 5.38
CA LEU D 211 -23.36 43.71 4.73
C LEU D 211 -22.34 42.83 5.45
N LEU D 212 -21.89 41.78 4.78
CA LEU D 212 -20.92 40.90 5.37
C LEU D 212 -19.57 41.08 4.72
N THR D 213 -18.56 40.63 5.45
CA THR D 213 -17.23 40.42 4.95
C THR D 213 -16.98 38.90 4.89
N ILE D 214 -16.62 38.39 3.72
CA ILE D 214 -16.32 36.97 3.61
C ILE D 214 -14.92 36.77 3.06
N ASP D 215 -13.96 36.57 3.97
CA ASP D 215 -12.55 36.29 3.64
C ASP D 215 -12.33 34.80 3.89
N ASN D 216 -12.20 34.05 2.81
CA ASN D 216 -12.14 32.59 2.86
C ASN D 216 -13.25 32.03 3.76
N GLY D 217 -12.97 31.13 4.69
CA GLY D 217 -14.06 30.57 5.48
C GLY D 217 -14.53 31.43 6.64
N VAL D 218 -14.12 32.70 6.69
CA VAL D 218 -14.48 33.58 7.82
C VAL D 218 -15.50 34.65 7.49
N PHE D 219 -16.70 34.48 8.05
CA PHE D 219 -17.81 35.41 7.83
C PHE D 219 -17.86 36.42 8.97
N GLU D 220 -18.01 37.69 8.61
CA GLU D 220 -18.20 38.73 9.59
C GLU D 220 -19.29 39.66 9.12
N VAL D 221 -20.32 39.84 9.93
CA VAL D 221 -21.38 40.78 9.60
C VAL D 221 -20.91 42.14 10.06
N VAL D 222 -20.93 43.11 9.17
CA VAL D 222 -20.54 44.46 9.55
C VAL D 222 -21.74 45.25 10.04
N ALA D 223 -22.80 45.23 9.24
CA ALA D 223 -23.98 46.00 9.59
C ALA D 223 -25.23 45.32 9.10
N THR D 224 -26.33 45.61 9.79
CA THR D 224 -27.61 45.05 9.44
C THR D 224 -28.78 46.01 9.64
N ASN D 225 -29.80 45.84 8.82
CA ASN D 225 -31.02 46.62 8.95
C ASN D 225 -32.15 45.85 8.27
N GLY D 226 -33.38 46.31 8.41
CA GLY D 226 -34.49 45.76 7.59
C GLY D 226 -35.88 46.24 8.00
N ASP D 227 -36.93 45.60 7.52
CA ASP D 227 -38.31 45.90 7.93
C ASP D 227 -39.02 44.59 8.20
N THR D 228 -39.40 44.35 9.45
CA THR D 228 -39.94 43.03 9.78
C THR D 228 -41.37 42.88 9.31
N HIS D 229 -42.05 43.97 8.93
CA HIS D 229 -43.40 43.89 8.36
C HIS D 229 -43.46 44.44 6.94
N LEU D 230 -42.70 43.80 6.06
CA LEU D 230 -42.66 44.13 4.65
C LEU D 230 -42.28 42.85 3.89
N GLY D 231 -43.14 42.40 2.97
CA GLY D 231 -42.87 41.16 2.23
C GLY D 231 -43.89 40.87 1.14
N GLY D 232 -43.78 39.72 0.49
CA GLY D 232 -44.79 39.33 -0.51
C GLY D 232 -46.30 39.42 -0.16
N GLU D 233 -46.66 39.21 1.11
CA GLU D 233 -48.05 39.26 1.59
C GLU D 233 -48.63 40.65 1.60
N ASP D 234 -47.76 41.64 1.61
CA ASP D 234 -48.18 43.02 1.48
C ASP D 234 -48.36 43.38 0.00
N PHE D 235 -47.57 42.80 -0.89
CA PHE D 235 -47.77 43.07 -2.30
C PHE D 235 -49.08 42.47 -2.80
N ASP D 236 -49.40 41.26 -2.33
CA ASP D 236 -50.71 40.62 -2.50
C ASP D 236 -51.82 41.51 -1.92
N GLN D 237 -51.60 42.01 -0.72
CA GLN D 237 -52.59 42.84 -0.05
C GLN D 237 -52.90 44.11 -0.84
N ARG D 238 -51.91 44.67 -1.53
CA ARG D 238 -52.14 45.92 -2.28
C ARG D 238 -52.97 45.66 -3.50
N VAL D 239 -52.77 44.50 -4.07
CA VAL D 239 -53.52 44.09 -5.24
C VAL D 239 -54.96 43.74 -4.83
N MET D 240 -55.12 43.10 -3.68
CA MET D 240 -56.47 42.71 -3.23
C MET D 240 -57.29 43.95 -3.00
N GLU D 241 -56.72 44.92 -2.27
CA GLU D 241 -57.37 46.19 -1.91
C GLU D 241 -57.82 46.88 -3.19
N HIS D 242 -57.00 46.78 -4.24
CA HIS D 242 -57.38 47.35 -5.54
C HIS D 242 -58.61 46.63 -6.11
N PHE D 243 -58.51 45.33 -6.33
CA PHE D 243 -59.64 44.61 -6.92
C PHE D 243 -60.92 44.60 -6.06
N ILE D 244 -60.83 44.75 -4.75
CA ILE D 244 -62.06 44.85 -3.97
C ILE D 244 -62.80 46.13 -4.40
N LYS D 245 -62.08 47.25 -4.30
CA LYS D 245 -62.62 48.55 -4.71
C LYS D 245 -63.17 48.49 -6.11
N LEU D 246 -62.36 47.98 -7.03
CA LEU D 246 -62.81 47.88 -8.42
C LEU D 246 -64.12 47.09 -8.46
N TYR D 247 -64.20 46.00 -7.72
CA TYR D 247 -65.43 45.20 -7.75
C TYR D 247 -66.63 46.01 -7.28
N LYS D 248 -66.45 46.85 -6.26
CA LYS D 248 -67.54 47.64 -5.71
C LYS D 248 -67.90 48.77 -6.66
N LYS D 249 -66.94 49.20 -7.47
CA LYS D 249 -67.24 50.20 -8.49
C LYS D 249 -68.07 49.61 -9.59
N LYS D 250 -67.84 48.34 -9.87
CA LYS D 250 -68.39 47.68 -11.03
C LYS D 250 -69.69 46.95 -10.77
N THR D 251 -69.95 46.60 -9.51
CA THR D 251 -71.12 45.78 -9.16
C THR D 251 -71.88 46.26 -7.93
N GLY D 252 -71.31 47.23 -7.21
CA GLY D 252 -71.95 47.79 -6.01
C GLY D 252 -71.76 47.02 -4.72
N LYS D 253 -71.25 45.79 -4.82
CA LYS D 253 -71.10 44.89 -3.67
C LYS D 253 -69.78 45.13 -2.96
N ASP D 254 -69.81 45.04 -1.65
CA ASP D 254 -68.62 45.12 -0.85
C ASP D 254 -68.31 43.70 -0.34
N VAL D 255 -67.28 43.07 -0.88
CA VAL D 255 -66.97 41.68 -0.51
C VAL D 255 -66.14 41.49 0.77
N ARG D 256 -65.74 42.58 1.43
CA ARG D 256 -64.83 42.53 2.60
C ARG D 256 -65.35 41.70 3.75
N LYS D 257 -66.67 41.66 3.93
CA LYS D 257 -67.29 40.90 5.02
C LYS D 257 -67.40 39.36 4.81
N ASP D 258 -67.17 38.86 3.57
CA ASP D 258 -67.17 37.39 3.24
C ASP D 258 -65.73 36.84 3.07
N ASN D 259 -65.23 36.18 4.11
CA ASN D 259 -63.85 35.66 4.08
C ASN D 259 -63.62 34.64 3.00
N ARG D 260 -64.63 33.86 2.66
CA ARG D 260 -64.48 32.95 1.53
C ARG D 260 -64.08 33.76 0.32
N ALA D 261 -64.74 34.90 0.13
CA ALA D 261 -64.56 35.67 -1.07
C ALA D 261 -63.17 36.23 -1.07
N VAL D 262 -62.81 36.87 0.04
CA VAL D 262 -61.52 37.50 0.17
C VAL D 262 -60.40 36.50 -0.04
N GLN D 263 -60.51 35.34 0.60
CA GLN D 263 -59.49 34.31 0.49
C GLN D 263 -59.35 33.79 -0.93
N LYS D 264 -60.46 33.60 -1.63
CA LYS D 264 -60.40 33.15 -3.03
C LYS D 264 -59.64 34.16 -3.89
N LEU D 265 -59.75 35.45 -3.49
CA LEU D 265 -59.06 36.55 -4.22
C LEU D 265 -57.59 36.52 -3.92
N ARG D 266 -57.27 36.47 -2.62
CA ARG D 266 -55.90 36.26 -2.17
C ARG D 266 -55.23 35.13 -2.90
N ARG D 267 -55.90 33.99 -2.96
CA ARG D 267 -55.31 32.84 -3.63
C ARG D 267 -54.99 33.12 -5.13
N GLU D 268 -55.90 33.76 -5.86
CA GLU D 268 -55.70 33.95 -7.31
C GLU D 268 -54.83 35.15 -7.64
N VAL D 269 -54.81 36.12 -6.73
CA VAL D 269 -53.86 37.22 -6.82
C VAL D 269 -52.43 36.72 -6.70
N GLU D 270 -52.14 36.00 -5.62
CA GLU D 270 -50.87 35.32 -5.45
C GLU D 270 -50.44 34.64 -6.76
N LYS D 271 -51.33 33.82 -7.30
CA LYS D 271 -51.07 33.09 -8.52
C LYS D 271 -50.71 33.99 -9.67
N ALA D 272 -51.39 35.13 -9.74
CA ALA D 272 -51.19 36.12 -10.78
C ALA D 272 -49.86 36.79 -10.61
N LYS D 273 -49.55 37.15 -9.38
CA LYS D 273 -48.26 37.77 -9.04
C LYS D 273 -47.11 36.94 -9.55
N ARG D 274 -47.15 35.65 -9.30
CA ARG D 274 -46.05 34.79 -9.69
C ARG D 274 -45.90 34.77 -11.19
N ALA D 275 -47.02 34.63 -11.88
CA ALA D 275 -47.06 34.61 -13.32
C ALA D 275 -46.41 35.89 -13.85
N LEU D 276 -46.68 36.99 -13.16
CA LEU D 276 -46.17 38.29 -13.54
C LEU D 276 -44.65 38.50 -13.40
N SER D 277 -43.92 37.51 -12.90
CA SER D 277 -42.47 37.61 -12.81
C SER D 277 -41.87 37.14 -14.08
N SER D 278 -42.65 36.43 -14.89
CA SER D 278 -42.19 35.99 -16.20
C SER D 278 -43.09 36.48 -17.37
N GLN D 279 -44.34 36.83 -17.09
CA GLN D 279 -45.22 37.37 -18.12
C GLN D 279 -45.47 38.82 -17.81
N HIS D 280 -46.26 39.48 -18.69
CA HIS D 280 -46.61 40.91 -18.60
C HIS D 280 -48.10 41.11 -18.33
N GLN D 281 -48.86 40.03 -18.46
CA GLN D 281 -50.28 40.03 -18.13
C GLN D 281 -50.69 38.73 -17.43
N ALA D 282 -51.84 38.75 -16.79
CA ALA D 282 -52.35 37.59 -16.09
C ALA D 282 -53.83 37.78 -15.83
N ARG D 283 -54.63 36.78 -16.21
CA ARG D 283 -56.07 36.82 -15.92
C ARG D 283 -56.40 36.24 -14.58
N ILE D 284 -57.21 36.96 -13.82
CA ILE D 284 -57.67 36.50 -12.54
C ILE D 284 -59.16 36.13 -12.70
N GLU D 285 -59.44 34.85 -12.89
CA GLU D 285 -60.79 34.35 -13.02
C GLU D 285 -61.16 33.54 -11.78
N ILE D 286 -62.19 33.96 -11.07
CA ILE D 286 -62.72 33.22 -9.91
C ILE D 286 -64.21 32.88 -10.03
N GLU D 287 -64.50 31.58 -10.22
CA GLU D 287 -65.89 31.10 -10.39
C GLU D 287 -66.65 31.16 -9.11
N SER D 288 -67.85 31.70 -9.17
CA SER D 288 -68.70 31.90 -8.00
C SER D 288 -67.86 32.52 -6.89
N PHE D 289 -67.46 33.76 -7.13
CA PHE D 289 -66.67 34.54 -6.20
C PHE D 289 -67.56 35.02 -5.04
N TYR D 290 -68.64 35.72 -5.35
CA TYR D 290 -69.44 36.38 -4.31
C TYR D 290 -70.93 36.32 -4.59
N GLU D 291 -71.69 36.10 -3.52
CA GLU D 291 -73.09 35.70 -3.63
C GLU D 291 -73.19 34.52 -4.63
N GLY D 292 -73.66 34.70 -5.86
CA GLY D 292 -73.57 33.59 -6.82
C GLY D 292 -72.55 33.82 -7.91
N GLU D 293 -72.09 35.07 -8.01
CA GLU D 293 -71.64 35.60 -9.26
C GLU D 293 -70.14 35.60 -9.43
N ASP D 294 -69.71 35.46 -10.69
CA ASP D 294 -68.33 35.17 -11.04
C ASP D 294 -67.46 36.45 -10.97
N PHE D 295 -66.13 36.26 -10.95
CA PHE D 295 -65.15 37.35 -10.95
C PHE D 295 -64.17 37.13 -12.08
N SER D 296 -63.81 38.20 -12.80
CA SER D 296 -62.84 38.11 -13.89
C SER D 296 -62.21 39.44 -14.27
N GLU D 297 -60.92 39.59 -13.98
CA GLU D 297 -60.18 40.79 -14.34
C GLU D 297 -58.81 40.43 -14.86
N THR D 298 -58.08 41.45 -15.32
CA THR D 298 -56.76 41.26 -15.90
C THR D 298 -55.81 42.21 -15.20
N LEU D 299 -54.77 41.65 -14.59
CA LEU D 299 -53.76 42.46 -13.94
C LEU D 299 -52.54 42.47 -14.86
N THR D 300 -52.11 43.66 -15.28
CA THR D 300 -50.90 43.77 -16.13
C THR D 300 -49.69 43.94 -15.21
N ARG D 301 -48.49 43.69 -15.71
CA ARG D 301 -47.31 43.87 -14.84
C ARG D 301 -47.10 45.33 -14.43
N ALA D 302 -47.45 46.26 -15.32
CA ALA D 302 -47.35 47.68 -15.02
C ALA D 302 -48.29 48.07 -13.86
N LYS D 303 -49.52 47.58 -13.88
CA LYS D 303 -50.42 47.88 -12.77
C LYS D 303 -49.92 47.29 -11.44
N PHE D 304 -49.47 46.03 -11.48
CA PHE D 304 -48.88 45.36 -10.29
C PHE D 304 -47.78 46.20 -9.61
N GLU D 305 -46.87 46.73 -10.43
CA GLU D 305 -45.89 47.73 -10.01
C GLU D 305 -46.50 49.09 -9.51
N GLU D 306 -47.48 49.75 -10.21
CA GLU D 306 -48.02 51.11 -9.71
C GLU D 306 -48.47 50.94 -8.28
N LEU D 307 -49.19 49.84 -8.05
CA LEU D 307 -49.80 49.51 -6.76
C LEU D 307 -48.81 49.31 -5.62
N ASN D 308 -47.61 48.87 -5.97
CA ASN D 308 -46.61 48.46 -5.00
C ASN D 308 -45.31 49.27 -5.03
N MET D 309 -45.29 50.39 -5.77
CA MET D 309 -44.00 51.02 -6.04
C MET D 309 -43.37 51.65 -4.78
N ASP D 310 -44.19 52.35 -4.02
CA ASP D 310 -43.71 52.89 -2.78
C ASP D 310 -43.04 51.77 -1.98
N LEU D 311 -43.64 50.59 -1.94
CA LEU D 311 -43.14 49.51 -1.09
C LEU D 311 -41.82 48.97 -1.63
N PHE D 312 -41.78 48.73 -2.94
CA PHE D 312 -40.54 48.31 -3.61
C PHE D 312 -39.37 49.26 -3.34
N ARG D 313 -39.63 50.56 -3.52
CA ARG D 313 -38.65 51.59 -3.28
C ARG D 313 -38.21 51.69 -1.84
N SER D 314 -39.09 51.36 -0.91
CA SER D 314 -38.81 51.49 0.52
C SER D 314 -37.77 50.52 0.98
N THR D 315 -37.36 49.58 0.11
CA THR D 315 -36.32 48.57 0.45
C THR D 315 -34.95 49.15 0.32
N MET D 316 -34.83 50.22 -0.48
CA MET D 316 -33.55 50.90 -0.63
C MET D 316 -33.18 51.68 0.62
N LYS D 317 -34.16 52.18 1.36
CA LYS D 317 -33.85 52.89 2.63
C LYS D 317 -32.97 52.13 3.64
N PRO D 318 -33.28 50.84 3.94
CA PRO D 318 -32.38 50.09 4.82
C PRO D 318 -31.06 49.75 4.16
N VAL D 319 -31.06 49.65 2.84
CA VAL D 319 -29.82 49.34 2.15
C VAL D 319 -28.85 50.50 2.33
N GLN D 320 -29.36 51.73 2.29
CA GLN D 320 -28.54 52.91 2.55
C GLN D 320 -27.95 52.89 3.94
N LYS D 321 -28.81 52.72 4.94
CA LYS D 321 -28.39 52.66 6.32
C LYS D 321 -27.30 51.64 6.58
N VAL D 322 -27.35 50.53 5.85
CA VAL D 322 -26.35 49.47 5.95
C VAL D 322 -24.98 49.95 5.47
N LEU D 323 -24.95 50.69 4.36
CA LEU D 323 -23.70 51.24 3.82
C LEU D 323 -23.19 52.31 4.78
N GLU D 324 -24.08 53.26 5.09
CA GLU D 324 -23.80 54.33 6.03
C GLU D 324 -23.17 53.78 7.33
N ASP D 325 -23.74 52.71 7.86
CA ASP D 325 -23.19 52.09 9.08
C ASP D 325 -21.84 51.39 8.84
N SER D 326 -21.67 50.80 7.65
CA SER D 326 -20.44 50.08 7.26
C SER D 326 -19.30 51.00 6.84
N ASP D 327 -19.54 52.31 6.79
CA ASP D 327 -18.53 53.27 6.35
C ASP D 327 -17.97 52.88 4.96
N LEU D 328 -18.85 52.35 4.10
CA LEU D 328 -18.53 51.94 2.72
C LEU D 328 -19.45 52.64 1.72
N LYS D 329 -19.12 52.53 0.43
CA LYS D 329 -19.95 53.11 -0.64
C LYS D 329 -20.15 52.12 -1.77
N LYS D 330 -21.16 52.42 -2.57
CA LYS D 330 -21.71 51.46 -3.53
C LYS D 330 -20.65 50.69 -4.29
N SER D 331 -19.65 51.39 -4.80
CA SER D 331 -18.58 50.75 -5.58
C SER D 331 -17.73 49.74 -4.77
N ASP D 332 -17.77 49.79 -3.44
CA ASP D 332 -17.01 48.86 -2.60
C ASP D 332 -17.64 47.43 -2.57
N ILE D 333 -18.92 47.33 -2.89
CA ILE D 333 -19.64 46.05 -2.86
C ILE D 333 -19.24 45.11 -4.03
N ASP D 334 -18.71 43.95 -3.68
CA ASP D 334 -18.16 42.99 -4.65
C ASP D 334 -19.25 42.12 -5.24
N GLU D 335 -20.20 41.69 -4.41
CA GLU D 335 -21.36 40.91 -4.89
C GLU D 335 -22.61 41.26 -4.09
N ILE D 336 -23.74 41.26 -4.79
CA ILE D 336 -25.04 41.43 -4.19
C ILE D 336 -25.75 40.10 -4.32
N VAL D 337 -26.17 39.54 -3.19
CA VAL D 337 -26.81 38.25 -3.22
C VAL D 337 -28.26 38.44 -2.88
N LEU D 338 -29.14 37.82 -3.68
CA LEU D 338 -30.58 37.94 -3.50
C LEU D 338 -31.14 36.66 -3.00
N VAL D 339 -31.94 36.75 -1.95
CA VAL D 339 -32.69 35.64 -1.42
C VAL D 339 -34.06 36.07 -0.89
N GLY D 340 -34.94 35.08 -0.79
CA GLY D 340 -36.35 35.26 -0.51
C GLY D 340 -37.09 35.16 -1.83
N GLY D 341 -38.24 34.50 -1.83
CA GLY D 341 -38.99 34.33 -3.07
C GLY D 341 -39.45 35.61 -3.78
N SER D 342 -39.67 36.70 -3.01
CA SER D 342 -40.09 38.01 -3.55
C SER D 342 -39.04 38.75 -4.41
N THR D 343 -37.78 38.34 -4.31
CA THR D 343 -36.70 38.86 -5.15
C THR D 343 -36.77 38.37 -6.56
N ARG D 344 -37.68 37.44 -6.83
CA ARG D 344 -37.96 36.98 -8.21
C ARG D 344 -38.67 38.08 -9.03
N ILE D 345 -39.37 38.96 -8.32
CA ILE D 345 -40.02 40.11 -8.91
C ILE D 345 -38.99 40.94 -9.67
N PRO D 346 -39.15 41.05 -11.01
CA PRO D 346 -38.21 41.79 -11.85
C PRO D 346 -37.95 43.21 -11.41
N LYS D 347 -39.00 43.93 -11.00
CA LYS D 347 -38.83 45.32 -10.58
C LYS D 347 -37.93 45.46 -9.36
N ILE D 348 -37.94 44.49 -8.46
CA ILE D 348 -37.03 44.51 -7.30
C ILE D 348 -35.62 44.35 -7.83
N GLN D 349 -35.41 43.39 -8.72
CA GLN D 349 -34.09 43.13 -9.29
C GLN D 349 -33.58 44.35 -9.98
N GLN D 350 -34.49 45.11 -10.57
CA GLN D 350 -34.16 46.31 -11.30
C GLN D 350 -33.76 47.46 -10.39
N LEU D 351 -34.61 47.81 -9.43
CA LEU D 351 -34.27 48.82 -8.43
C LEU D 351 -32.93 48.49 -7.77
N VAL D 352 -32.59 47.22 -7.60
CA VAL D 352 -31.34 46.92 -6.93
C VAL D 352 -30.19 47.25 -7.86
N LYS D 353 -30.25 46.71 -9.07
CA LYS D 353 -29.26 46.96 -10.08
C LYS D 353 -29.03 48.45 -10.24
N GLU D 354 -30.09 49.23 -10.18
CA GLU D 354 -30.00 50.68 -10.36
C GLU D 354 -29.37 51.39 -9.19
N PHE D 355 -29.72 50.96 -7.99
CA PHE D 355 -29.11 51.53 -6.81
C PHE D 355 -27.58 51.37 -6.88
N PHE D 356 -27.11 50.21 -7.31
CA PHE D 356 -25.68 49.94 -7.47
C PHE D 356 -25.21 50.21 -8.90
N ASN D 357 -25.73 51.32 -9.44
CA ASN D 357 -25.28 51.87 -10.71
C ASN D 357 -24.94 50.83 -11.77
N GLY D 358 -25.87 49.93 -12.04
CA GLY D 358 -25.77 49.02 -13.17
C GLY D 358 -25.22 47.66 -12.82
N LYS D 359 -24.79 47.47 -11.57
CA LYS D 359 -24.13 46.21 -11.19
C LYS D 359 -25.11 45.03 -11.12
N GLU D 360 -24.79 43.94 -11.82
CA GLU D 360 -25.67 42.78 -11.89
C GLU D 360 -25.57 41.92 -10.62
N PRO D 361 -26.73 41.53 -10.03
CA PRO D 361 -26.75 40.64 -8.87
C PRO D 361 -26.37 39.18 -9.17
N SER D 362 -26.09 38.43 -8.11
CA SER D 362 -25.56 37.06 -8.22
C SER D 362 -26.62 35.99 -8.40
N ARG D 363 -26.45 35.19 -9.44
CA ARG D 363 -27.35 34.08 -9.75
C ARG D 363 -26.83 32.82 -9.03
N GLY D 364 -27.25 31.64 -9.49
CA GLY D 364 -26.73 30.38 -8.97
C GLY D 364 -27.46 29.89 -7.73
N ILE D 365 -27.91 30.82 -6.89
CA ILE D 365 -28.26 30.51 -5.51
C ILE D 365 -29.78 30.54 -5.27
N ASN D 366 -30.36 29.37 -5.01
CA ASN D 366 -31.79 29.21 -4.88
C ASN D 366 -32.36 30.11 -3.77
N PRO D 367 -33.23 31.08 -4.12
CA PRO D 367 -33.68 32.03 -3.12
C PRO D 367 -34.63 31.43 -2.08
N ASP D 368 -35.34 30.37 -2.44
CA ASP D 368 -36.26 29.73 -1.50
C ASP D 368 -35.55 28.93 -0.44
N GLU D 369 -34.39 28.39 -0.79
CA GLU D 369 -33.77 27.31 -0.01
C GLU D 369 -32.48 27.72 0.69
N ALA D 370 -31.83 28.75 0.19
CA ALA D 370 -30.51 29.17 0.67
C ALA D 370 -30.49 29.37 2.16
N VAL D 371 -31.50 30.02 2.71
CA VAL D 371 -31.51 30.34 4.13
C VAL D 371 -31.46 29.10 4.99
N ALA D 372 -32.10 28.03 4.52
CA ALA D 372 -32.13 26.78 5.24
C ALA D 372 -30.82 26.05 4.98
N TYR D 373 -30.30 26.19 3.76
CA TYR D 373 -29.04 25.58 3.40
C TYR D 373 -28.03 26.05 4.43
N GLY D 374 -27.96 27.35 4.65
CA GLY D 374 -27.00 27.91 5.60
C GLY D 374 -27.17 27.34 7.00
N ALA D 375 -28.43 27.16 7.38
CA ALA D 375 -28.80 26.76 8.72
C ALA D 375 -28.36 25.34 8.98
N ALA D 376 -28.51 24.50 7.95
CA ALA D 376 -28.10 23.11 7.97
C ALA D 376 -26.60 23.03 8.15
N VAL D 377 -25.85 23.86 7.43
CA VAL D 377 -24.39 23.92 7.60
C VAL D 377 -23.99 24.27 9.02
N GLN D 378 -24.57 25.31 9.59
CA GLN D 378 -24.32 25.66 10.97
C GLN D 378 -24.78 24.58 11.91
N ALA D 379 -25.73 23.78 11.49
CA ALA D 379 -26.14 22.65 12.30
C ALA D 379 -25.06 21.54 12.28
N GLY D 380 -24.62 21.19 11.07
CA GLY D 380 -23.50 20.27 10.87
C GLY D 380 -22.34 20.59 11.80
N VAL D 381 -21.94 21.85 11.80
CA VAL D 381 -20.92 22.29 12.73
C VAL D 381 -21.31 21.89 14.15
N LEU D 382 -22.53 22.27 14.56
CA LEU D 382 -22.97 21.96 15.92
C LEU D 382 -23.26 20.49 16.14
N SER D 383 -23.48 19.73 15.06
CA SER D 383 -23.60 18.27 15.14
C SER D 383 -22.33 17.59 15.65
N GLY D 384 -21.21 18.32 15.64
CA GLY D 384 -19.92 17.75 15.99
C GLY D 384 -19.35 17.04 14.78
N ASP D 385 -19.14 15.73 14.90
CA ASP D 385 -18.47 14.96 13.86
C ASP D 385 -19.15 15.18 12.52
N GLN D 386 -18.77 16.26 11.85
CA GLN D 386 -19.10 16.48 10.44
C GLN D 386 -17.92 17.18 9.77
N ASP D 387 -17.77 16.98 8.46
CA ASP D 387 -16.67 17.60 7.73
C ASP D 387 -17.16 18.73 6.83
N THR D 388 -17.68 19.78 7.47
CA THR D 388 -17.96 21.01 6.75
C THR D 388 -16.61 21.64 6.45
N GLY D 389 -16.60 22.69 5.64
CA GLY D 389 -15.40 23.51 5.53
C GLY D 389 -15.15 24.14 6.88
N ASP D 390 -14.05 24.89 7.00
CA ASP D 390 -13.87 25.75 8.16
C ASP D 390 -14.82 26.96 8.05
N LEU D 391 -15.45 27.28 9.18
CA LEU D 391 -16.50 28.26 9.18
C LEU D 391 -16.31 29.09 10.43
N VAL D 392 -16.20 30.40 10.26
CA VAL D 392 -16.20 31.27 11.40
C VAL D 392 -17.31 32.28 11.15
N LEU D 393 -18.17 32.47 12.15
CA LEU D 393 -19.27 33.44 12.12
C LEU D 393 -19.07 34.47 13.18
N LEU D 394 -19.14 35.73 12.79
CA LEU D 394 -19.32 36.77 13.74
C LEU D 394 -20.49 37.65 13.29
N ASP D 395 -21.59 37.58 14.07
CA ASP D 395 -22.82 38.29 13.78
C ASP D 395 -23.06 39.38 14.83
N VAL D 396 -24.05 40.23 14.61
CA VAL D 396 -24.23 41.42 15.46
C VAL D 396 -25.66 41.51 15.95
N CYS D 397 -25.87 42.30 17.01
CA CYS D 397 -27.20 42.68 17.45
C CYS D 397 -27.69 43.75 16.47
N PRO D 398 -28.98 43.81 16.21
CA PRO D 398 -29.46 44.75 15.20
C PRO D 398 -29.92 46.11 15.75
N LEU D 399 -30.26 46.19 17.04
CA LEU D 399 -30.84 47.40 17.64
C LEU D 399 -30.11 47.84 18.88
N THR D 400 -29.88 49.13 18.98
CA THR D 400 -29.20 49.72 20.12
C THR D 400 -30.03 49.50 21.34
N LEU D 401 -29.45 48.95 22.40
CA LEU D 401 -30.13 48.91 23.71
C LEU D 401 -29.74 50.10 24.57
N GLY D 402 -30.71 50.66 25.29
CA GLY D 402 -30.44 51.73 26.24
C GLY D 402 -31.39 51.67 27.43
N ILE D 403 -31.34 52.68 28.28
CA ILE D 403 -32.20 52.73 29.47
C ILE D 403 -32.82 54.13 29.61
N GLU D 404 -34.02 54.24 30.22
CA GLU D 404 -34.69 55.53 30.39
C GLU D 404 -34.07 56.34 31.55
N THR D 405 -33.68 57.59 31.29
CA THR D 405 -32.96 58.44 32.26
C THR D 405 -33.59 59.83 32.33
N VAL D 406 -33.37 60.54 33.44
CA VAL D 406 -33.87 61.92 33.62
C VAL D 406 -35.39 62.00 33.60
N GLY D 407 -35.95 62.54 32.50
CA GLY D 407 -37.40 62.57 32.28
C GLY D 407 -37.79 61.39 31.40
N GLY D 408 -37.23 61.35 30.19
CA GLY D 408 -37.28 60.15 29.33
C GLY D 408 -36.21 60.13 28.23
N VAL D 409 -34.94 60.11 28.63
CA VAL D 409 -33.83 60.16 27.68
C VAL D 409 -33.34 58.75 27.39
N MET D 410 -33.09 58.43 26.12
CA MET D 410 -32.56 57.12 25.71
C MET D 410 -31.07 57.15 25.89
N THR D 411 -30.64 56.87 27.11
CA THR D 411 -29.22 56.80 27.42
C THR D 411 -28.68 55.44 26.99
N LYS D 412 -27.87 55.51 25.95
CA LYS D 412 -27.38 54.42 25.12
C LYS D 412 -26.40 53.51 25.87
N LEU D 413 -26.36 52.25 25.52
CA LEU D 413 -25.66 51.28 26.34
C LEU D 413 -24.93 50.26 25.46
N ILE D 414 -25.59 49.76 24.44
CA ILE D 414 -24.96 48.84 23.55
C ILE D 414 -25.38 49.23 22.17
N PRO D 415 -24.44 49.75 21.37
CA PRO D 415 -24.76 50.20 20.05
C PRO D 415 -25.26 49.09 19.18
N ARG D 416 -26.06 49.48 18.20
CA ARG D 416 -26.44 48.59 17.15
C ARG D 416 -25.19 48.12 16.43
N ASN D 417 -25.32 47.06 15.64
CA ASN D 417 -24.21 46.36 14.94
C ASN D 417 -23.04 45.86 15.78
N THR D 418 -23.14 45.98 17.11
CA THR D 418 -22.14 45.41 18.00
C THR D 418 -22.03 43.89 17.87
N VAL D 419 -20.82 43.35 17.80
CA VAL D 419 -20.67 41.89 17.67
C VAL D 419 -21.23 41.19 18.90
N VAL D 420 -21.91 40.04 18.71
CA VAL D 420 -22.43 39.27 19.87
C VAL D 420 -21.75 37.94 19.94
N PRO D 421 -21.54 37.39 21.16
CA PRO D 421 -21.98 37.93 22.45
C PRO D 421 -21.24 39.19 22.86
N THR D 422 -21.94 40.09 23.53
CA THR D 422 -21.35 41.30 24.08
C THR D 422 -21.92 41.52 25.44
N LYS D 423 -21.25 42.29 26.28
CA LYS D 423 -21.88 42.76 27.50
C LYS D 423 -21.50 44.22 27.81
N LYS D 424 -22.18 44.82 28.78
CA LYS D 424 -21.87 46.16 29.24
C LYS D 424 -22.33 46.26 30.68
N SER D 425 -21.40 46.59 31.57
CA SER D 425 -21.72 46.74 32.97
C SER D 425 -22.11 48.17 33.20
N GLN D 426 -22.79 48.45 34.32
CA GLN D 426 -23.13 49.82 34.66
C GLN D 426 -23.28 49.98 36.18
N ILE D 427 -22.49 50.88 36.75
CA ILE D 427 -22.56 51.15 38.18
C ILE D 427 -23.65 52.18 38.46
N PHE D 428 -24.56 51.79 39.33
CA PHE D 428 -25.58 52.68 39.84
C PHE D 428 -25.34 52.90 41.32
N SER D 429 -25.90 53.99 41.85
CA SER D 429 -25.82 54.30 43.26
C SER D 429 -27.19 54.57 43.87
N VAL D 430 -28.26 54.10 43.23
CA VAL D 430 -29.59 54.24 43.85
C VAL D 430 -29.80 53.00 44.73
N GLY D 431 -30.14 53.25 46.00
CA GLY D 431 -30.57 52.21 46.93
C GLY D 431 -32.09 52.14 46.98
N GLY D 432 -32.60 51.21 47.80
CA GLY D 432 -34.05 50.96 47.93
C GLY D 432 -34.58 49.86 47.01
N THR D 433 -35.41 50.25 46.04
CA THR D 433 -35.84 49.36 44.95
C THR D 433 -35.88 50.17 43.66
N VAL D 434 -34.94 49.87 42.77
CA VAL D 434 -34.79 50.66 41.56
C VAL D 434 -35.47 49.95 40.41
N THR D 435 -36.05 50.71 39.51
CA THR D 435 -36.69 50.13 38.34
C THR D 435 -35.94 50.57 37.10
N ILE D 436 -35.51 49.59 36.29
CA ILE D 436 -34.81 49.90 35.06
C ILE D 436 -35.68 49.52 33.88
N LYS D 437 -35.98 50.49 33.02
CA LYS D 437 -36.62 50.26 31.73
C LYS D 437 -35.54 50.11 30.65
N VAL D 438 -35.51 48.98 29.94
CA VAL D 438 -34.61 48.83 28.79
C VAL D 438 -35.40 49.03 27.51
N TYR D 439 -34.79 49.70 26.54
CA TYR D 439 -35.44 50.00 25.25
C TYR D 439 -34.54 49.54 24.11
N GLU D 440 -35.12 49.48 22.91
CA GLU D 440 -34.45 49.10 21.68
C GLU D 440 -34.80 50.12 20.63
N GLY D 441 -33.81 50.54 19.84
CA GLY D 441 -34.04 51.46 18.70
C GLY D 441 -33.03 52.59 18.68
N GLU D 442 -32.98 53.32 17.57
CA GLU D 442 -31.92 54.32 17.33
C GLU D 442 -32.32 55.77 17.62
N ARG D 443 -33.52 55.97 18.20
CA ARG D 443 -34.04 57.32 18.42
C ARG D 443 -33.51 57.86 19.74
N PRO D 444 -33.28 59.18 19.83
CA PRO D 444 -32.69 59.69 21.07
C PRO D 444 -33.72 59.80 22.21
N LEU D 445 -35.00 59.66 21.90
CA LEU D 445 -36.04 59.81 22.92
C LEU D 445 -36.74 58.46 23.18
N THR D 446 -37.07 58.20 24.43
CA THR D 446 -37.58 56.88 24.87
C THR D 446 -38.94 56.51 24.28
N LYS D 447 -39.84 57.49 24.19
CA LYS D 447 -41.19 57.32 23.65
C LYS D 447 -41.18 56.81 22.20
N ASP D 448 -40.11 57.14 21.48
CA ASP D 448 -39.98 56.88 20.05
C ASP D 448 -39.13 55.62 19.78
N ASN D 449 -39.01 54.76 20.79
CA ASN D 449 -38.32 53.46 20.69
C ASN D 449 -39.21 52.33 21.25
N HIS D 450 -38.77 51.07 21.09
CA HIS D 450 -39.52 49.89 21.59
C HIS D 450 -39.09 49.43 23.00
N LEU D 451 -40.05 49.47 23.93
CA LEU D 451 -39.84 48.97 25.31
C LEU D 451 -39.54 47.47 25.30
N LEU D 452 -38.32 47.10 25.72
CA LEU D 452 -37.91 45.71 25.72
C LEU D 452 -38.45 45.04 26.97
N GLY D 453 -38.27 45.72 28.10
CA GLY D 453 -38.72 45.19 29.39
C GLY D 453 -38.44 46.10 30.56
N THR D 454 -39.09 45.82 31.69
CA THR D 454 -38.83 46.53 32.92
C THR D 454 -38.24 45.61 33.96
N PHE D 455 -37.13 46.02 34.56
CA PHE D 455 -36.40 45.16 35.50
C PHE D 455 -36.34 45.79 36.88
N ASP D 456 -36.97 45.13 37.83
CA ASP D 456 -36.96 45.59 39.21
C ASP D 456 -35.84 44.92 39.99
N LEU D 457 -35.06 45.75 40.67
CA LEU D 457 -34.04 45.29 41.63
C LEU D 457 -34.56 45.35 43.08
N THR D 458 -34.85 44.18 43.64
CA THR D 458 -35.25 44.02 45.03
C THR D 458 -34.09 43.29 45.73
N GLY D 459 -33.91 43.49 47.03
CA GLY D 459 -32.89 42.76 47.77
C GLY D 459 -31.55 43.48 47.92
N ILE D 460 -31.63 44.79 48.16
CA ILE D 460 -30.47 45.69 48.15
C ILE D 460 -29.77 45.81 49.53
N PRO D 461 -28.42 45.92 49.54
CA PRO D 461 -27.73 46.03 50.84
C PRO D 461 -27.75 47.46 51.41
N PRO D 462 -28.34 47.63 52.62
CA PRO D 462 -28.59 48.90 53.27
C PRO D 462 -27.49 49.29 54.29
N ALA D 463 -26.33 49.72 53.79
CA ALA D 463 -25.26 50.26 54.65
C ALA D 463 -25.64 51.67 55.08
N PRO D 464 -25.52 52.02 56.38
CA PRO D 464 -26.31 53.22 56.72
C PRO D 464 -25.80 54.68 56.73
N ARG D 465 -24.50 55.03 56.67
CA ARG D 465 -23.54 54.64 55.66
C ARG D 465 -23.11 55.53 54.51
N GLY D 466 -23.91 55.52 53.45
CA GLY D 466 -23.54 56.20 52.20
C GLY D 466 -23.76 55.32 50.98
N VAL D 467 -24.97 54.76 50.86
CA VAL D 467 -25.55 54.38 49.55
C VAL D 467 -24.96 53.13 48.84
N PRO D 468 -25.77 52.07 48.68
CA PRO D 468 -25.18 50.91 48.00
C PRO D 468 -24.75 51.23 46.56
N GLN D 469 -23.70 50.53 46.10
CA GLN D 469 -23.18 50.64 44.75
C GLN D 469 -23.39 49.30 44.04
N ILE D 470 -24.40 49.26 43.17
CA ILE D 470 -24.78 48.04 42.44
C ILE D 470 -24.23 48.03 41.00
N GLU D 471 -23.64 46.91 40.55
CA GLU D 471 -23.19 46.79 39.13
C GLU D 471 -24.20 45.98 38.33
N VAL D 472 -24.82 46.64 37.34
CA VAL D 472 -25.80 45.97 36.47
C VAL D 472 -25.18 45.61 35.13
N THR D 473 -25.38 44.36 34.74
CA THR D 473 -24.75 43.79 33.55
C THR D 473 -25.76 43.35 32.49
N PHE D 474 -25.68 43.95 31.32
CA PHE D 474 -26.58 43.66 30.23
C PHE D 474 -25.81 42.85 29.24
N GLU D 475 -26.14 41.57 29.14
CA GLU D 475 -25.42 40.63 28.28
C GLU D 475 -26.33 40.25 27.13
N ILE D 476 -25.83 40.35 25.90
CA ILE D 476 -26.55 39.86 24.73
C ILE D 476 -25.89 38.64 24.16
N ASP D 477 -26.55 37.50 24.23
CA ASP D 477 -25.95 36.24 23.86
C ASP D 477 -25.79 36.05 22.35
N VAL D 478 -25.32 34.89 21.92
CA VAL D 478 -25.09 34.66 20.49
C VAL D 478 -26.39 34.66 19.66
N ASN D 479 -27.51 34.34 20.33
CA ASN D 479 -28.85 34.35 19.71
C ASN D 479 -29.38 35.75 19.50
N GLY D 480 -28.90 36.69 20.29
CA GLY D 480 -29.34 38.07 20.13
C GLY D 480 -30.30 38.44 21.22
N ILE D 481 -30.29 37.67 22.30
CA ILE D 481 -31.26 37.86 23.38
C ILE D 481 -30.64 38.38 24.69
N LEU D 482 -31.26 39.39 25.31
CA LEU D 482 -30.75 40.02 26.52
C LEU D 482 -30.96 39.22 27.75
N ARG D 483 -29.92 39.12 28.57
CA ARG D 483 -30.04 38.63 29.95
C ARG D 483 -29.49 39.73 30.83
N VAL D 484 -30.07 39.89 32.01
CA VAL D 484 -29.72 41.02 32.87
C VAL D 484 -29.52 40.56 34.29
N THR D 485 -28.35 40.88 34.82
CA THR D 485 -27.94 40.43 36.15
C THR D 485 -27.40 41.64 36.94
N ALA D 486 -27.10 41.40 38.22
CA ALA D 486 -26.65 42.45 39.13
C ALA D 486 -25.83 41.87 40.24
N GLU D 487 -24.98 42.71 40.80
CA GLU D 487 -24.18 42.37 41.98
C GLU D 487 -23.86 43.69 42.68
N ASP D 488 -23.81 43.67 44.01
CA ASP D 488 -23.48 44.89 44.75
C ASP D 488 -22.02 44.87 45.15
N LYS D 489 -21.48 46.05 45.38
CA LYS D 489 -20.11 46.18 45.78
C LYS D 489 -20.10 46.70 47.23
N GLY D 490 -20.52 45.83 48.17
CA GLY D 490 -20.82 46.25 49.55
C GLY D 490 -20.42 45.61 50.90
N THR D 491 -20.52 44.30 51.19
CA THR D 491 -20.08 43.10 50.42
C THR D 491 -18.62 42.59 50.34
N GLY D 492 -18.49 41.30 50.06
CA GLY D 492 -17.26 40.53 50.25
C GLY D 492 -17.70 39.08 50.50
N ASN D 493 -17.66 38.27 49.44
CA ASN D 493 -18.36 36.96 49.32
C ASN D 493 -19.77 37.20 48.74
N LYS D 494 -20.81 36.77 49.46
CA LYS D 494 -22.17 37.33 49.34
C LYS D 494 -22.75 37.50 47.91
N ASN D 495 -22.88 38.74 47.44
CA ASN D 495 -23.63 39.08 46.21
C ASN D 495 -25.14 38.78 46.32
N LYS D 496 -25.97 39.83 46.26
CA LYS D 496 -27.44 39.70 46.46
C LYS D 496 -28.24 40.21 45.23
N ILE D 497 -28.74 39.26 44.46
CA ILE D 497 -29.20 39.48 43.09
C ILE D 497 -30.65 39.00 42.89
N THR D 498 -31.61 39.92 42.77
CA THR D 498 -33.00 39.50 42.53
C THR D 498 -33.59 40.34 41.43
N ILE D 499 -33.71 39.76 40.25
CA ILE D 499 -34.20 40.49 39.08
C ILE D 499 -35.62 40.03 38.80
N THR D 500 -36.61 40.77 39.27
CA THR D 500 -37.97 40.58 38.76
C THR D 500 -37.94 41.18 37.35
N ASN D 501 -38.63 40.54 36.43
CA ASN D 501 -38.51 40.88 35.01
C ASN D 501 -39.88 41.21 34.40
N ASP D 502 -40.43 42.36 34.77
CA ASP D 502 -41.78 42.77 34.29
C ASP D 502 -41.76 42.92 32.76
N GLN D 503 -42.11 41.84 32.07
CA GLN D 503 -41.80 41.71 30.64
C GLN D 503 -42.71 40.69 29.93
N ASN D 504 -43.22 41.05 28.75
CA ASN D 504 -44.21 40.23 27.98
C ASN D 504 -43.70 38.91 27.36
N ARG D 505 -43.63 37.87 28.19
CA ARG D 505 -42.93 36.64 27.84
C ARG D 505 -43.66 35.45 28.49
N LEU D 506 -43.90 34.38 27.72
CA LEU D 506 -44.51 33.16 28.27
C LEU D 506 -43.72 32.60 29.44
N THR D 507 -44.35 32.48 30.59
CA THR D 507 -43.66 31.97 31.79
C THR D 507 -43.20 30.52 31.54
N PRO D 508 -42.32 29.98 32.41
CA PRO D 508 -41.96 28.55 32.24
C PRO D 508 -43.15 27.59 32.47
N GLU D 509 -44.11 28.00 33.31
CA GLU D 509 -45.35 27.24 33.62
C GLU D 509 -46.30 27.16 32.42
N GLU D 510 -46.49 28.29 31.73
CA GLU D 510 -47.23 28.36 30.45
C GLU D 510 -46.63 27.47 29.36
N ILE D 511 -45.31 27.50 29.27
CA ILE D 511 -44.60 26.72 28.27
C ILE D 511 -44.78 25.23 28.57
N GLU D 512 -44.80 24.89 29.85
CA GLU D 512 -45.04 23.50 30.28
C GLU D 512 -46.42 23.01 29.81
N ARG D 513 -47.49 23.74 30.17
CA ARG D 513 -48.80 23.45 29.63
C ARG D 513 -48.74 23.27 28.14
N MET D 514 -48.31 24.31 27.43
CA MET D 514 -48.29 24.31 25.97
C MET D 514 -47.48 23.13 25.43
N VAL D 515 -46.48 22.69 26.18
CA VAL D 515 -45.71 21.53 25.76
C VAL D 515 -46.51 20.23 25.91
N ASN D 516 -47.23 20.11 27.02
CA ASN D 516 -48.05 18.92 27.30
C ASN D 516 -49.21 18.80 26.32
N ASP D 517 -49.93 19.92 26.10
CA ASP D 517 -50.93 20.04 25.01
C ASP D 517 -50.47 19.54 23.62
N ALA D 518 -49.31 19.99 23.16
CA ALA D 518 -48.74 19.48 21.90
C ALA D 518 -48.44 17.95 21.91
N GLU D 519 -47.96 17.44 23.06
CA GLU D 519 -47.61 16.02 23.20
C GLU D 519 -48.88 15.16 23.18
N LYS D 520 -49.94 15.62 23.84
CA LYS D 520 -51.23 14.94 23.78
C LYS D 520 -51.80 14.92 22.36
N PHE D 521 -51.91 16.09 21.70
CA PHE D 521 -52.21 16.20 20.24
C PHE D 521 -51.44 15.19 19.34
N ALA D 522 -50.14 15.03 19.59
CA ALA D 522 -49.34 14.06 18.85
C ALA D 522 -49.81 12.63 19.14
N GLU D 523 -49.96 12.30 20.42
CA GLU D 523 -50.39 10.95 20.84
C GLU D 523 -51.75 10.64 20.24
N GLU D 524 -52.65 11.63 20.31
CA GLU D 524 -53.95 11.52 19.67
C GLU D 524 -53.78 11.24 18.19
N ASP D 525 -53.13 12.15 17.47
CA ASP D 525 -52.83 11.95 16.04
C ASP D 525 -52.21 10.58 15.74
N LYS D 526 -51.37 10.10 16.64
CA LYS D 526 -50.71 8.82 16.42
C LYS D 526 -51.73 7.72 16.41
N LYS D 527 -52.72 7.84 17.30
CA LYS D 527 -53.73 6.80 17.50
C LYS D 527 -54.77 6.81 16.40
N LEU D 528 -55.28 7.99 16.07
CA LEU D 528 -56.17 8.16 14.91
C LEU D 528 -55.57 7.44 13.71
N LYS D 529 -54.29 7.69 13.43
CA LYS D 529 -53.56 7.01 12.36
C LYS D 529 -53.61 5.46 12.48
N GLU D 530 -53.33 4.92 13.66
CA GLU D 530 -53.36 3.47 13.86
C GLU D 530 -54.75 2.87 13.61
N ARG D 531 -55.79 3.67 13.84
CA ARG D 531 -57.18 3.23 13.65
C ARG D 531 -57.57 3.17 12.18
N ILE D 532 -57.17 4.20 11.43
CA ILE D 532 -57.29 4.20 9.97
C ILE D 532 -56.48 3.01 9.39
N ASP D 533 -55.16 3.00 9.64
CA ASP D 533 -54.24 2.03 9.02
C ASP D 533 -54.63 0.54 9.39
N THR D 534 -55.37 0.30 10.47
CA THR D 534 -55.88 -1.06 10.78
C THR D 534 -57.33 -1.33 10.39
N ARG D 535 -58.09 -0.28 10.13
CA ARG D 535 -59.40 -0.45 9.52
C ARG D 535 -59.22 -0.92 8.10
N ASN D 536 -58.29 -0.26 7.42
CA ASN D 536 -57.87 -0.67 6.07
C ASN D 536 -57.37 -2.12 6.00
N GLU D 537 -56.65 -2.61 7.03
CA GLU D 537 -56.15 -4.03 7.06
C GLU D 537 -57.31 -5.02 6.99
N LEU D 538 -58.32 -4.76 7.80
CA LEU D 538 -59.50 -5.56 7.77
C LEU D 538 -60.11 -5.52 6.37
N GLU D 539 -60.46 -4.32 5.88
CA GLU D 539 -61.08 -4.15 4.55
C GLU D 539 -60.34 -4.97 3.48
N SER D 540 -58.99 -4.92 3.55
CA SER D 540 -58.12 -5.61 2.61
C SER D 540 -58.40 -7.09 2.67
N TYR D 541 -58.10 -7.63 3.84
CA TYR D 541 -58.11 -9.06 4.05
C TYR D 541 -59.44 -9.63 3.59
N ALA D 542 -60.52 -8.92 3.88
CA ALA D 542 -61.85 -9.31 3.43
C ALA D 542 -61.94 -9.30 1.90
N TYR D 543 -61.56 -8.18 1.27
CA TYR D 543 -61.60 -8.07 -0.22
C TYR D 543 -60.70 -9.11 -0.88
N SER D 544 -59.55 -9.37 -0.26
CA SER D 544 -58.62 -10.39 -0.73
C SER D 544 -59.33 -11.72 -0.86
N LEU D 545 -59.94 -12.16 0.24
CA LEU D 545 -60.63 -13.43 0.28
C LEU D 545 -61.74 -13.49 -0.77
N LYS D 546 -62.54 -12.42 -0.88
CA LYS D 546 -63.66 -12.39 -1.83
C LYS D 546 -63.20 -12.63 -3.28
N ASN D 547 -61.95 -12.27 -3.58
CA ASN D 547 -61.34 -12.57 -4.89
C ASN D 547 -60.88 -14.01 -5.03
N GLN D 548 -60.41 -14.61 -3.94
CA GLN D 548 -59.93 -16.01 -3.97
C GLN D 548 -61.06 -17.03 -4.14
N ILE D 549 -62.24 -16.72 -3.61
CA ILE D 549 -63.41 -17.59 -3.69
C ILE D 549 -64.00 -17.54 -5.10
N GLY D 550 -64.27 -16.34 -5.60
CA GLY D 550 -64.86 -16.17 -6.94
C GLY D 550 -63.91 -16.44 -8.10
N ASP D 551 -62.75 -17.01 -7.78
CA ASP D 551 -61.73 -17.36 -8.76
C ASP D 551 -61.68 -18.90 -8.90
N LYS D 552 -62.36 -19.42 -9.93
CA LYS D 552 -62.47 -20.89 -10.17
C LYS D 552 -61.17 -21.59 -10.62
N GLU D 553 -60.07 -20.84 -10.75
CA GLU D 553 -58.77 -21.38 -11.16
C GLU D 553 -57.79 -21.59 -9.98
N LYS D 554 -57.81 -20.69 -8.98
CA LYS D 554 -56.81 -20.71 -7.90
C LYS D 554 -57.29 -21.38 -6.61
N LEU D 555 -58.18 -20.72 -5.87
CA LEU D 555 -58.68 -21.21 -4.58
C LEU D 555 -60.17 -21.61 -4.61
N GLY D 556 -60.92 -21.09 -5.60
CA GLY D 556 -62.38 -21.27 -5.67
C GLY D 556 -62.86 -22.50 -6.43
N GLY D 557 -61.92 -23.26 -6.99
CA GLY D 557 -62.21 -24.56 -7.59
C GLY D 557 -62.18 -25.69 -6.57
N LYS D 558 -61.35 -25.53 -5.54
CA LYS D 558 -61.21 -26.54 -4.47
C LYS D 558 -62.35 -26.55 -3.44
N LEU D 559 -63.13 -25.47 -3.36
CA LEU D 559 -64.23 -25.36 -2.39
C LEU D 559 -65.51 -26.06 -2.85
N SER D 560 -66.26 -26.60 -1.89
CA SER D 560 -67.61 -27.14 -2.12
C SER D 560 -68.68 -26.07 -1.82
N SER D 561 -69.90 -26.27 -2.30
CA SER D 561 -70.97 -25.27 -2.12
C SER D 561 -71.43 -25.09 -0.65
N GLU D 562 -71.02 -25.99 0.23
CA GLU D 562 -71.15 -25.79 1.69
C GLU D 562 -70.18 -24.71 2.16
N ASP D 563 -68.90 -24.90 1.84
CA ASP D 563 -67.81 -24.02 2.28
C ASP D 563 -67.81 -22.68 1.53
N LYS D 564 -68.17 -22.69 0.24
CA LYS D 564 -68.28 -21.46 -0.54
C LYS D 564 -69.38 -20.53 -0.02
N GLU D 565 -70.48 -21.10 0.44
CA GLU D 565 -71.55 -20.32 1.04
C GLU D 565 -71.15 -19.72 2.41
N THR D 566 -70.41 -20.48 3.24
CA THR D 566 -69.94 -20.00 4.55
C THR D 566 -68.94 -18.88 4.38
N MET D 567 -68.00 -19.08 3.45
CA MET D 567 -66.96 -18.10 3.15
C MET D 567 -67.58 -16.80 2.69
N GLU D 568 -68.43 -16.89 1.66
CA GLU D 568 -69.13 -15.73 1.17
C GLU D 568 -69.72 -14.94 2.32
N LYS D 569 -70.47 -15.63 3.20
CA LYS D 569 -71.21 -14.96 4.27
C LYS D 569 -70.34 -14.36 5.39
N ALA D 570 -69.32 -15.09 5.83
CA ALA D 570 -68.42 -14.56 6.86
C ALA D 570 -67.89 -13.19 6.43
N VAL D 571 -67.45 -13.13 5.18
CA VAL D 571 -66.85 -11.96 4.58
C VAL D 571 -67.92 -10.90 4.32
N GLU D 572 -68.98 -11.32 3.62
CA GLU D 572 -70.02 -10.36 3.21
C GLU D 572 -70.70 -9.71 4.43
N GLU D 573 -70.63 -10.36 5.60
CA GLU D 573 -71.15 -9.77 6.87
C GLU D 573 -70.11 -8.89 7.57
N LYS D 574 -68.88 -9.38 7.69
CA LYS D 574 -67.75 -8.54 8.10
C LYS D 574 -67.62 -7.28 7.26
N ILE D 575 -67.90 -7.37 5.95
CA ILE D 575 -67.92 -6.16 5.15
C ILE D 575 -69.09 -5.34 5.62
N GLU D 576 -70.29 -5.91 5.55
CA GLU D 576 -71.48 -5.12 5.85
C GLU D 576 -71.33 -4.51 7.29
N TRP D 577 -70.52 -5.13 8.15
CA TRP D 577 -70.23 -4.56 9.47
C TRP D 577 -69.32 -3.30 9.42
N LEU D 578 -68.26 -3.38 8.61
CA LEU D 578 -67.34 -2.24 8.38
C LEU D 578 -68.04 -0.99 7.88
N GLU D 579 -68.96 -1.17 6.93
CA GLU D 579 -69.72 -0.08 6.34
C GLU D 579 -70.54 0.70 7.38
N SER D 580 -71.00 0.04 8.43
CA SER D 580 -71.80 0.72 9.45
C SER D 580 -71.06 0.94 10.77
N HIS D 581 -69.79 0.53 10.85
CA HIS D 581 -68.99 0.78 12.07
C HIS D 581 -67.69 1.53 11.74
N GLN D 582 -67.81 2.61 10.97
CA GLN D 582 -66.65 3.41 10.61
C GLN D 582 -66.05 4.13 11.83
N ASP D 583 -66.93 4.68 12.68
CA ASP D 583 -66.49 5.33 13.94
C ASP D 583 -65.96 4.37 15.02
N ALA D 584 -65.97 3.05 14.77
CA ALA D 584 -65.49 2.04 15.74
C ALA D 584 -64.05 2.27 16.21
N ASP D 585 -63.68 1.67 17.34
CA ASP D 585 -62.34 1.86 17.92
C ASP D 585 -61.32 0.83 17.44
N ILE D 586 -60.06 1.16 17.66
CA ILE D 586 -58.92 0.33 17.25
C ILE D 586 -58.98 -1.16 17.66
N GLU D 587 -59.55 -1.47 18.82
CA GLU D 587 -59.61 -2.88 19.26
C GLU D 587 -60.70 -3.66 18.54
N ASP D 588 -61.80 -2.98 18.27
CA ASP D 588 -62.93 -3.58 17.57
C ASP D 588 -62.45 -4.12 16.22
N PHE D 589 -61.62 -3.34 15.52
CA PHE D 589 -61.09 -3.76 14.21
C PHE D 589 -60.15 -4.96 14.32
N LYS D 590 -59.25 -4.93 15.28
CA LYS D 590 -58.37 -6.08 15.49
C LYS D 590 -59.20 -7.34 15.78
N ALA D 591 -60.22 -7.20 16.63
CA ALA D 591 -61.06 -8.33 17.01
C ALA D 591 -61.78 -8.91 15.81
N LYS D 592 -62.39 -8.06 14.98
CA LYS D 592 -63.14 -8.51 13.80
C LYS D 592 -62.24 -9.21 12.77
N LYS D 593 -61.00 -8.76 12.68
CA LYS D 593 -60.04 -9.40 11.78
C LYS D 593 -59.80 -10.84 12.20
N LYS D 594 -59.76 -11.07 13.51
CA LYS D 594 -59.44 -12.37 14.08
C LYS D 594 -60.66 -13.32 13.99
N GLU D 595 -61.87 -12.78 14.22
CA GLU D 595 -63.12 -13.53 14.06
C GLU D 595 -63.19 -14.14 12.66
N LEU D 596 -62.89 -13.32 11.66
CA LEU D 596 -62.96 -13.73 10.25
C LEU D 596 -61.79 -14.67 9.83
N GLU D 597 -60.60 -14.43 10.39
CA GLU D 597 -59.49 -15.35 10.22
C GLU D 597 -59.89 -16.76 10.68
N GLU D 598 -60.47 -16.85 11.87
CA GLU D 598 -60.75 -18.14 12.50
C GLU D 598 -61.80 -18.99 11.76
N ILE D 599 -62.79 -18.33 11.16
CA ILE D 599 -63.77 -19.05 10.34
C ILE D 599 -63.13 -19.57 9.05
N VAL D 600 -62.28 -18.74 8.45
CA VAL D 600 -61.67 -19.01 7.17
C VAL D 600 -60.52 -20.00 7.27
N GLN D 601 -59.75 -19.91 8.36
CA GLN D 601 -58.52 -20.71 8.56
C GLN D 601 -58.70 -22.23 8.30
N PRO D 602 -59.64 -22.90 9.01
CA PRO D 602 -59.91 -24.32 8.73
C PRO D 602 -60.24 -24.60 7.25
N ILE D 603 -61.12 -23.78 6.68
CA ILE D 603 -61.66 -24.03 5.33
C ILE D 603 -60.55 -23.96 4.28
N ILE D 604 -59.77 -22.88 4.31
CA ILE D 604 -58.70 -22.74 3.32
C ILE D 604 -57.51 -23.69 3.53
N SER D 605 -57.53 -24.50 4.60
CA SER D 605 -56.42 -25.48 4.82
C SER D 605 -56.77 -26.94 4.42
N LYS D 606 -57.75 -27.08 3.50
CA LYS D 606 -58.13 -28.38 2.93
C LYS D 606 -57.54 -28.57 1.53
N SER E 1 -19.45 11.27 -47.11
CA SER E 1 -18.35 10.27 -46.93
C SER E 1 -17.78 9.80 -48.29
N GLU E 2 -16.70 9.02 -48.26
CA GLU E 2 -15.96 8.66 -49.47
C GLU E 2 -16.67 7.66 -50.39
N ASP E 3 -16.42 7.79 -51.69
CA ASP E 3 -16.80 6.76 -52.66
C ASP E 3 -15.73 5.68 -52.62
N VAL E 4 -15.99 4.65 -51.81
CA VAL E 4 -15.04 3.55 -51.59
C VAL E 4 -15.02 2.51 -52.72
N GLY E 5 -15.74 2.80 -53.81
CA GLY E 5 -15.78 1.93 -54.97
C GLY E 5 -16.30 0.53 -54.65
N THR E 6 -15.63 -0.46 -55.24
CA THR E 6 -15.84 -1.85 -54.88
C THR E 6 -14.81 -2.20 -53.82
N VAL E 7 -15.30 -2.68 -52.69
CA VAL E 7 -14.44 -3.11 -51.62
C VAL E 7 -14.22 -4.61 -51.71
N VAL E 8 -12.95 -5.02 -51.71
CA VAL E 8 -12.55 -6.45 -51.79
C VAL E 8 -12.21 -7.06 -50.40
N GLY E 9 -12.57 -8.33 -50.21
CA GLY E 9 -12.19 -9.13 -49.04
C GLY E 9 -10.93 -9.97 -49.30
N ILE E 10 -9.87 -9.78 -48.51
CA ILE E 10 -8.65 -10.54 -48.68
C ILE E 10 -8.34 -11.35 -47.44
N ASP E 11 -8.16 -12.65 -47.67
CA ASP E 11 -7.53 -13.51 -46.68
C ASP E 11 -6.03 -13.46 -46.96
N LEU E 12 -5.31 -12.65 -46.17
CA LEU E 12 -3.87 -12.57 -46.24
C LEU E 12 -3.24 -13.60 -45.31
N GLY E 13 -3.08 -14.80 -45.86
CA GLY E 13 -2.52 -15.95 -45.15
C GLY E 13 -1.00 -16.12 -45.16
N THR E 14 -0.54 -17.01 -44.28
CA THR E 14 0.87 -17.35 -44.14
C THR E 14 1.43 -18.05 -45.38
N THR E 15 0.73 -19.10 -45.83
CA THR E 15 1.13 -19.87 -46.99
C THR E 15 0.30 -19.60 -48.25
N TYR E 16 -0.91 -19.07 -48.09
CA TYR E 16 -1.79 -18.72 -49.24
C TYR E 16 -2.58 -17.44 -49.04
N SER E 17 -3.02 -16.85 -50.14
CA SER E 17 -3.87 -15.67 -50.10
C SER E 17 -5.07 -15.85 -51.01
N CYS E 18 -6.21 -15.28 -50.62
CA CYS E 18 -7.45 -15.49 -51.34
C CYS E 18 -8.28 -14.19 -51.35
N VAL E 19 -8.76 -13.83 -52.53
CA VAL E 19 -9.54 -12.60 -52.70
C VAL E 19 -10.95 -12.94 -53.15
N GLY E 20 -11.91 -12.27 -52.50
CA GLY E 20 -13.32 -12.35 -52.83
C GLY E 20 -13.95 -10.96 -53.00
N VAL E 21 -15.10 -10.96 -53.67
CA VAL E 21 -15.91 -9.76 -53.88
C VAL E 21 -17.42 -10.11 -53.79
N PHE E 22 -18.21 -9.18 -53.27
CA PHE E 22 -19.66 -9.37 -53.24
C PHE E 22 -20.29 -8.63 -54.39
N LYS E 23 -20.91 -9.41 -55.28
CA LYS E 23 -21.37 -8.94 -56.60
C LYS E 23 -22.57 -9.78 -57.03
N ASN E 24 -23.74 -9.13 -57.06
CA ASN E 24 -25.03 -9.72 -57.46
C ASN E 24 -25.58 -10.67 -56.42
N GLY E 25 -25.62 -10.20 -55.18
CA GLY E 25 -26.23 -10.97 -54.10
C GLY E 25 -25.47 -12.23 -53.76
N ARG E 26 -24.25 -12.32 -54.25
CA ARG E 26 -23.50 -13.55 -54.21
C ARG E 26 -22.04 -13.19 -54.09
N VAL E 27 -21.31 -14.00 -53.33
CA VAL E 27 -19.86 -13.88 -53.19
C VAL E 27 -19.22 -14.59 -54.37
N GLU E 28 -18.33 -13.92 -55.08
CA GLU E 28 -17.48 -14.63 -56.02
C GLU E 28 -16.07 -14.64 -55.43
N ILE E 29 -15.48 -15.83 -55.32
CA ILE E 29 -14.05 -15.96 -55.04
C ILE E 29 -13.31 -15.89 -56.37
N ILE E 30 -12.34 -15.00 -56.46
CA ILE E 30 -11.76 -14.64 -57.75
C ILE E 30 -10.50 -15.43 -58.08
N ALA E 31 -10.52 -16.05 -59.26
CA ALA E 31 -9.34 -16.70 -59.86
C ALA E 31 -8.27 -15.70 -60.31
N ASN E 32 -7.00 -16.07 -60.07
CA ASN E 32 -5.82 -15.33 -60.62
C ASN E 32 -5.50 -15.66 -62.10
N ASP E 33 -4.48 -15.03 -62.68
CA ASP E 33 -4.15 -15.25 -64.11
C ASP E 33 -3.94 -16.72 -64.47
N GLN E 34 -3.43 -17.51 -63.52
CA GLN E 34 -3.23 -18.95 -63.74
C GLN E 34 -4.46 -19.80 -63.42
N GLY E 35 -5.62 -19.17 -63.24
CA GLY E 35 -6.90 -19.86 -63.06
C GLY E 35 -7.15 -20.41 -61.66
N ASN E 36 -6.26 -20.07 -60.72
CA ASN E 36 -6.37 -20.49 -59.32
C ASN E 36 -7.10 -19.48 -58.42
N ARG E 37 -8.01 -20.04 -57.63
CA ARG E 37 -8.80 -19.29 -56.68
C ARG E 37 -8.06 -19.14 -55.34
N ILE E 38 -6.82 -19.65 -55.26
CA ILE E 38 -5.88 -19.25 -54.19
C ILE E 38 -4.45 -19.08 -54.71
N THR E 39 -3.67 -18.25 -54.01
CA THR E 39 -2.39 -17.76 -54.49
C THR E 39 -1.29 -17.85 -53.38
N PRO E 40 -0.21 -18.59 -53.64
CA PRO E 40 0.88 -18.75 -52.71
C PRO E 40 1.42 -17.43 -52.25
N SER E 41 1.63 -17.26 -50.95
CA SER E 41 2.03 -15.97 -50.40
C SER E 41 3.54 -15.85 -50.47
N TYR E 42 4.05 -16.02 -51.71
CA TYR E 42 5.49 -16.10 -52.01
C TYR E 42 5.87 -14.95 -52.87
N VAL E 43 7.03 -14.35 -52.59
CA VAL E 43 7.65 -13.41 -53.53
C VAL E 43 9.13 -13.76 -53.69
N ALA E 44 9.61 -13.71 -54.92
CA ALA E 44 10.99 -14.08 -55.23
C ALA E 44 11.65 -13.04 -56.14
N PHE E 45 12.96 -12.93 -55.96
CA PHE E 45 13.73 -12.02 -56.75
C PHE E 45 14.72 -12.81 -57.56
N THR E 46 14.54 -12.77 -58.88
CA THR E 46 15.33 -13.59 -59.79
C THR E 46 16.69 -12.91 -59.95
N PRO E 47 17.74 -13.68 -60.28
CA PRO E 47 19.06 -13.09 -60.63
C PRO E 47 19.01 -12.21 -61.91
N GLU E 48 18.00 -12.46 -62.76
CA GLU E 48 17.72 -11.67 -63.96
C GLU E 48 17.04 -10.31 -63.67
N GLY E 49 16.83 -10.01 -62.39
CA GLY E 49 16.33 -8.69 -61.95
C GLY E 49 14.84 -8.66 -61.74
N GLU E 50 14.18 -9.71 -62.22
CA GLU E 50 12.72 -9.81 -62.21
C GLU E 50 12.18 -10.11 -60.78
N ARG E 51 11.01 -9.56 -60.45
CA ARG E 51 10.41 -9.72 -59.11
C ARG E 51 9.08 -10.51 -59.18
N LEU E 52 9.14 -11.81 -58.88
CA LEU E 52 8.01 -12.72 -59.09
C LEU E 52 7.14 -12.86 -57.86
N ILE E 53 5.86 -13.13 -58.07
CA ILE E 53 4.90 -13.16 -56.96
C ILE E 53 3.89 -14.30 -57.21
N GLY E 54 3.64 -15.08 -56.17
CA GLY E 54 2.64 -16.12 -56.26
C GLY E 54 3.21 -17.42 -56.77
N ASP E 55 2.40 -18.12 -57.58
CA ASP E 55 2.77 -19.41 -58.18
C ASP E 55 4.16 -19.38 -58.80
N ALA E 56 4.49 -18.32 -59.52
CA ALA E 56 5.75 -18.28 -60.21
C ALA E 56 6.88 -18.28 -59.20
N ALA E 57 6.80 -17.39 -58.21
CA ALA E 57 7.87 -17.30 -57.21
C ALA E 57 8.10 -18.64 -56.56
N LYS E 58 7.01 -19.32 -56.28
CA LYS E 58 7.07 -20.56 -55.56
C LYS E 58 7.72 -21.59 -56.46
N ASN E 59 7.46 -21.47 -57.75
CA ASN E 59 7.90 -22.52 -58.68
C ASN E 59 9.42 -22.52 -58.89
N GLN E 60 10.11 -21.44 -58.53
CA GLN E 60 11.59 -21.40 -58.59
C GLN E 60 12.25 -21.43 -57.18
N LEU E 61 11.54 -21.97 -56.19
CA LEU E 61 12.01 -21.95 -54.79
C LEU E 61 13.30 -22.73 -54.64
N THR E 62 13.32 -23.95 -55.15
CA THR E 62 14.48 -24.83 -54.97
C THR E 62 15.74 -24.39 -55.75
N SER E 63 15.56 -23.74 -56.91
CA SER E 63 16.69 -23.22 -57.70
C SER E 63 17.21 -21.83 -57.30
N ASN E 64 16.61 -21.21 -56.29
CA ASN E 64 16.95 -19.83 -55.91
C ASN E 64 16.50 -19.57 -54.46
N PRO E 65 16.67 -20.57 -53.57
CA PRO E 65 16.02 -20.49 -52.24
C PRO E 65 16.33 -19.26 -51.41
N GLU E 66 17.50 -18.68 -51.61
CA GLU E 66 18.01 -17.65 -50.71
C GLU E 66 17.35 -16.32 -50.99
N ASN E 67 16.81 -16.15 -52.21
CA ASN E 67 16.02 -14.94 -52.62
C ASN E 67 14.53 -15.24 -52.94
N THR E 68 13.99 -16.24 -52.26
CA THR E 68 12.59 -16.52 -52.33
C THR E 68 12.06 -16.32 -50.92
N VAL E 69 11.20 -15.30 -50.78
CA VAL E 69 10.58 -14.98 -49.51
C VAL E 69 9.21 -15.64 -49.35
N PHE E 70 8.97 -16.13 -48.14
CA PHE E 70 7.74 -16.84 -47.79
C PHE E 70 7.62 -16.90 -46.25
N ASP E 71 6.48 -17.39 -45.74
CA ASP E 71 6.12 -17.27 -44.31
C ASP E 71 6.47 -15.88 -43.66
N ALA E 72 6.12 -14.78 -44.33
CA ALA E 72 6.37 -13.42 -43.81
C ALA E 72 5.38 -13.11 -42.71
N LYS E 73 4.22 -13.74 -42.79
CA LYS E 73 3.22 -13.50 -41.78
C LYS E 73 3.79 -13.84 -40.38
N ARG E 74 4.61 -14.88 -40.31
CA ARG E 74 5.22 -15.30 -39.05
C ARG E 74 6.22 -14.29 -38.49
N LEU E 75 6.60 -13.28 -39.24
CA LEU E 75 7.51 -12.25 -38.77
C LEU E 75 6.82 -10.92 -38.63
N ILE E 76 5.73 -10.68 -39.37
CA ILE E 76 5.10 -9.35 -39.35
C ILE E 76 4.72 -8.93 -37.95
N GLY E 77 4.99 -7.68 -37.62
CA GLY E 77 4.60 -7.11 -36.33
C GLY E 77 5.38 -7.58 -35.10
N ARG E 78 6.46 -8.34 -35.28
CA ARG E 78 7.23 -8.81 -34.14
C ARG E 78 8.57 -8.06 -34.00
N THR E 79 9.18 -8.19 -32.83
CA THR E 79 10.51 -7.61 -32.54
C THR E 79 11.55 -8.72 -32.65
N TRP E 80 12.82 -8.31 -32.66
CA TRP E 80 13.96 -9.25 -32.76
C TRP E 80 14.04 -10.26 -31.63
N ASN E 81 13.78 -9.81 -30.39
CA ASN E 81 13.90 -10.68 -29.21
C ASN E 81 12.73 -11.63 -28.92
N ASP E 82 11.71 -11.64 -29.79
CA ASP E 82 10.63 -12.59 -29.68
C ASP E 82 11.19 -14.01 -29.85
N PRO E 83 10.92 -14.92 -28.91
CA PRO E 83 11.39 -16.30 -29.05
C PRO E 83 10.97 -16.98 -30.35
N SER E 84 9.78 -16.63 -30.84
CA SER E 84 9.21 -17.27 -32.02
C SER E 84 9.86 -16.80 -33.30
N VAL E 85 10.43 -15.60 -33.27
CA VAL E 85 11.21 -15.08 -34.39
C VAL E 85 12.56 -15.77 -34.47
N GLN E 86 13.23 -15.91 -33.34
CA GLN E 86 14.55 -16.57 -33.27
C GLN E 86 14.49 -18.04 -33.68
N GLN E 87 13.40 -18.70 -33.33
CA GLN E 87 13.23 -20.08 -33.71
C GLN E 87 13.00 -20.21 -35.23
N ASP E 88 12.15 -19.35 -35.77
CA ASP E 88 11.72 -19.43 -37.17
C ASP E 88 12.84 -19.09 -38.16
N ILE E 89 13.67 -18.09 -37.87
CA ILE E 89 14.73 -17.72 -38.83
C ILE E 89 15.74 -18.83 -39.02
N LYS E 90 15.92 -19.67 -38.01
CA LYS E 90 16.77 -20.86 -38.14
C LYS E 90 16.36 -21.83 -39.25
N PHE E 91 15.10 -21.80 -39.68
CA PHE E 91 14.68 -22.65 -40.79
C PHE E 91 14.22 -21.84 -42.00
N LEU E 92 14.67 -20.60 -42.11
CA LEU E 92 14.34 -19.85 -43.28
C LEU E 92 15.60 -19.69 -44.16
N PRO E 93 15.49 -20.03 -45.46
CA PRO E 93 16.63 -19.92 -46.36
C PRO E 93 17.07 -18.49 -46.64
N PHE E 94 16.16 -17.52 -46.57
CA PHE E 94 16.53 -16.13 -46.80
C PHE E 94 17.09 -15.51 -45.50
N LYS E 95 18.04 -14.60 -45.64
CA LYS E 95 18.64 -13.96 -44.48
C LYS E 95 17.58 -13.17 -43.79
N VAL E 96 17.72 -13.06 -42.48
CA VAL E 96 16.88 -12.17 -41.68
C VAL E 96 17.79 -11.44 -40.71
N VAL E 97 17.70 -10.11 -40.70
CA VAL E 97 18.64 -9.29 -39.95
C VAL E 97 17.91 -8.27 -39.07
N GLU E 98 18.49 -7.96 -37.92
CA GLU E 98 17.93 -6.97 -36.98
C GLU E 98 18.14 -5.54 -37.45
N LYS E 99 17.11 -4.70 -37.39
CA LYS E 99 17.28 -3.24 -37.39
C LYS E 99 16.08 -2.48 -36.80
N LYS E 100 16.42 -1.53 -35.92
CA LYS E 100 15.47 -0.91 -34.99
C LYS E 100 14.80 -1.97 -34.11
N THR E 101 15.55 -3.03 -33.79
CA THR E 101 15.08 -4.22 -33.06
C THR E 101 13.96 -5.05 -33.75
N LYS E 102 13.74 -4.81 -35.03
CA LYS E 102 12.76 -5.56 -35.82
C LYS E 102 13.45 -6.47 -36.78
N PRO E 103 12.78 -7.55 -37.18
CA PRO E 103 13.38 -8.40 -38.17
C PRO E 103 13.02 -7.92 -39.55
N TYR E 104 14.04 -7.59 -40.33
CA TYR E 104 13.92 -7.27 -41.74
C TYR E 104 14.45 -8.44 -42.59
N ILE E 105 13.85 -8.63 -43.77
CA ILE E 105 14.28 -9.63 -44.75
C ILE E 105 15.28 -9.01 -45.72
N GLN E 106 16.42 -9.69 -45.89
CA GLN E 106 17.51 -9.25 -46.78
C GLN E 106 17.65 -10.24 -47.95
N VAL E 107 17.65 -9.71 -49.18
CA VAL E 107 17.79 -10.51 -50.41
C VAL E 107 18.69 -9.84 -51.49
N ASP E 108 19.02 -10.59 -52.55
CA ASP E 108 19.74 -10.08 -53.71
C ASP E 108 18.74 -9.85 -54.84
N ILE E 109 18.55 -8.59 -55.24
CA ILE E 109 17.58 -8.22 -56.30
C ILE E 109 18.15 -8.31 -57.71
N GLY E 110 19.41 -8.70 -57.82
CA GLY E 110 20.08 -8.85 -59.11
C GLY E 110 21.15 -7.79 -59.30
N GLY E 111 22.17 -8.13 -60.09
CA GLY E 111 23.32 -7.24 -60.28
C GLY E 111 24.10 -7.00 -59.00
N GLY E 112 24.25 -8.04 -58.18
CA GLY E 112 24.96 -7.98 -56.90
C GLY E 112 24.27 -7.19 -55.80
N GLN E 113 23.17 -6.50 -56.14
CA GLN E 113 22.50 -5.58 -55.21
C GLN E 113 21.77 -6.27 -54.05
N THR E 114 22.03 -5.77 -52.84
CA THR E 114 21.31 -6.16 -51.63
C THR E 114 20.22 -5.15 -51.24
N LYS E 115 18.97 -5.62 -51.13
CA LYS E 115 17.89 -4.79 -50.60
C LYS E 115 17.41 -5.42 -49.31
N THR E 116 17.15 -4.61 -48.28
CA THR E 116 16.54 -5.15 -47.05
C THR E 116 15.11 -4.67 -46.97
N PHE E 117 14.18 -5.60 -46.71
CA PHE E 117 12.76 -5.31 -46.73
C PHE E 117 12.14 -5.54 -45.35
N ALA E 118 11.17 -4.70 -44.98
CA ALA E 118 10.36 -4.97 -43.80
C ALA E 118 9.30 -5.99 -44.19
N PRO E 119 8.92 -6.91 -43.27
CA PRO E 119 7.89 -7.91 -43.55
C PRO E 119 6.61 -7.28 -44.13
N GLU E 120 6.26 -6.09 -43.61
CA GLU E 120 5.14 -5.29 -44.11
C GLU E 120 5.20 -5.15 -45.64
N GLU E 121 6.39 -4.84 -46.14
CA GLU E 121 6.68 -4.62 -47.57
C GLU E 121 6.48 -5.90 -48.34
N ILE E 122 7.01 -7.01 -47.80
CA ILE E 122 6.80 -8.30 -48.45
C ILE E 122 5.30 -8.59 -48.53
N SER E 123 4.57 -8.32 -47.45
CA SER E 123 3.15 -8.66 -47.44
C SER E 123 2.40 -7.73 -48.40
N ALA E 124 2.77 -6.46 -48.36
CA ALA E 124 2.30 -5.48 -49.33
C ALA E 124 2.39 -5.98 -50.78
N MET E 125 3.50 -6.65 -51.12
CA MET E 125 3.68 -7.25 -52.45
C MET E 125 2.69 -8.36 -52.71
N VAL E 126 2.51 -9.22 -51.72
CA VAL E 126 1.48 -10.26 -51.81
C VAL E 126 0.10 -9.61 -51.96
N LEU E 127 -0.17 -8.55 -51.22
CA LEU E 127 -1.48 -7.89 -51.30
C LEU E 127 -1.69 -7.24 -52.66
N THR E 128 -0.65 -6.62 -53.20
CA THR E 128 -0.73 -5.98 -54.52
C THR E 128 -1.21 -6.95 -55.59
N LYS E 129 -0.62 -8.14 -55.59
CA LYS E 129 -0.99 -9.20 -56.52
C LYS E 129 -2.48 -9.55 -56.37
N MET E 130 -2.94 -9.58 -55.13
CA MET E 130 -4.33 -9.89 -54.86
C MET E 130 -5.22 -8.75 -55.35
N LYS E 131 -4.74 -7.51 -55.19
CA LYS E 131 -5.42 -6.32 -55.72
C LYS E 131 -5.59 -6.41 -57.21
N GLU E 132 -4.47 -6.68 -57.91
CA GLU E 132 -4.46 -6.85 -59.36
C GLU E 132 -5.29 -8.03 -59.83
N THR E 133 -5.32 -9.10 -59.05
CA THR E 133 -6.15 -10.24 -59.39
C THR E 133 -7.62 -9.77 -59.55
N ALA E 134 -8.10 -9.01 -58.59
CA ALA E 134 -9.52 -8.58 -58.53
C ALA E 134 -9.79 -7.43 -59.53
N GLU E 135 -8.83 -6.52 -59.67
CA GLU E 135 -8.94 -5.46 -60.67
C GLU E 135 -9.18 -6.08 -62.06
N ALA E 136 -8.55 -7.22 -62.33
CA ALA E 136 -8.76 -7.92 -63.61
C ALA E 136 -10.17 -8.50 -63.75
N TYR E 137 -10.72 -9.01 -62.66
CA TYR E 137 -12.06 -9.63 -62.72
C TYR E 137 -13.15 -8.56 -62.87
N LEU E 138 -13.03 -7.50 -62.07
CA LEU E 138 -13.97 -6.39 -62.11
C LEU E 138 -13.90 -5.57 -63.41
N GLY E 139 -12.72 -5.52 -64.01
CA GLY E 139 -12.49 -4.64 -65.14
C GLY E 139 -12.46 -3.20 -64.68
N LYS E 140 -11.92 -2.95 -63.48
CA LYS E 140 -11.83 -1.59 -62.95
C LYS E 140 -10.90 -1.56 -61.76
N LYS E 141 -10.45 -0.35 -61.41
CA LYS E 141 -9.46 -0.20 -60.34
C LYS E 141 -10.08 -0.35 -58.92
N VAL E 142 -9.23 -0.58 -57.92
CA VAL E 142 -9.67 -0.91 -56.54
C VAL E 142 -8.77 -0.18 -55.53
N THR E 143 -9.37 0.36 -54.47
CA THR E 143 -8.65 1.15 -53.45
C THR E 143 -8.91 0.75 -51.99
N HIS E 144 -10.08 0.16 -51.71
CA HIS E 144 -10.48 -0.18 -50.33
C HIS E 144 -10.65 -1.66 -50.19
N ALA E 145 -10.20 -2.18 -49.05
CA ALA E 145 -10.25 -3.59 -48.80
C ALA E 145 -10.45 -3.89 -47.34
N VAL E 146 -11.13 -5.00 -47.08
CA VAL E 146 -11.19 -5.65 -45.77
C VAL E 146 -10.13 -6.75 -45.77
N VAL E 147 -9.26 -6.75 -44.77
CA VAL E 147 -8.19 -7.72 -44.68
C VAL E 147 -8.37 -8.56 -43.40
N THR E 148 -8.13 -9.86 -43.52
CA THR E 148 -8.24 -10.78 -42.39
C THR E 148 -6.91 -10.91 -41.65
N VAL E 149 -7.02 -11.14 -40.34
CA VAL E 149 -5.89 -11.47 -39.49
C VAL E 149 -6.32 -12.56 -38.51
N PRO E 150 -5.40 -13.37 -38.02
CA PRO E 150 -5.79 -14.34 -37.00
C PRO E 150 -6.35 -13.63 -35.77
N ALA E 151 -7.36 -14.22 -35.15
CA ALA E 151 -7.97 -13.63 -33.96
C ALA E 151 -6.96 -13.24 -32.89
N TYR E 152 -5.92 -14.06 -32.72
CA TYR E 152 -5.03 -13.86 -31.60
C TYR E 152 -3.94 -12.83 -31.88
N PHE E 153 -3.88 -12.33 -33.11
CA PHE E 153 -2.93 -11.28 -33.46
C PHE E 153 -3.03 -10.16 -32.46
N ASN E 154 -1.88 -9.60 -32.12
CA ASN E 154 -1.82 -8.58 -31.10
C ASN E 154 -1.88 -7.19 -31.75
N ASP E 155 -1.56 -6.13 -31.00
CA ASP E 155 -1.70 -4.74 -31.47
C ASP E 155 -0.75 -4.36 -32.59
N ALA E 156 0.52 -4.74 -32.44
CA ALA E 156 1.54 -4.50 -33.45
C ALA E 156 1.26 -5.30 -34.72
N GLN E 157 0.90 -6.56 -34.54
CA GLN E 157 0.59 -7.41 -35.68
C GLN E 157 -0.57 -6.82 -36.51
N ARG E 158 -1.54 -6.22 -35.83
CA ARG E 158 -2.71 -5.67 -36.52
C ARG E 158 -2.35 -4.40 -37.25
N GLN E 159 -1.52 -3.57 -36.61
CA GLN E 159 -0.99 -2.37 -37.22
C GLN E 159 -0.07 -2.68 -38.39
N ALA E 160 0.82 -3.65 -38.25
CA ALA E 160 1.74 -3.98 -39.35
C ALA E 160 1.00 -4.50 -40.57
N THR E 161 -0.09 -5.25 -40.35
CA THR E 161 -0.90 -5.74 -41.45
C THR E 161 -1.59 -4.57 -42.14
N LYS E 162 -2.05 -3.61 -41.35
CA LYS E 162 -2.72 -2.43 -41.89
C LYS E 162 -1.76 -1.59 -42.74
N ASP E 163 -0.56 -1.33 -42.21
CA ASP E 163 0.52 -0.66 -42.97
C ASP E 163 0.87 -1.39 -44.29
N ALA E 164 1.02 -2.70 -44.24
CA ALA E 164 1.22 -3.50 -45.44
C ALA E 164 0.19 -3.16 -46.51
N GLY E 165 -1.08 -3.17 -46.15
CA GLY E 165 -2.14 -2.69 -47.04
C GLY E 165 -1.90 -1.30 -47.62
N THR E 166 -1.48 -0.35 -46.78
CA THR E 166 -1.17 1.04 -47.21
C THR E 166 -0.06 1.04 -48.27
N ILE E 167 1.05 0.40 -47.94
CA ILE E 167 2.19 0.22 -48.84
C ILE E 167 1.76 -0.39 -50.20
N ALA E 168 0.71 -1.21 -50.18
CA ALA E 168 0.13 -1.77 -51.38
C ALA E 168 -0.95 -0.86 -52.01
N GLY E 169 -1.00 0.41 -51.60
CA GLY E 169 -2.02 1.35 -52.07
C GLY E 169 -3.44 0.84 -51.85
N LEU E 170 -3.70 0.36 -50.64
CA LEU E 170 -5.02 -0.05 -50.23
C LEU E 170 -5.40 0.65 -48.93
N ASN E 171 -6.63 1.14 -48.87
CA ASN E 171 -7.14 1.62 -47.61
C ASN E 171 -7.82 0.44 -46.93
N VAL E 172 -7.15 -0.09 -45.90
CA VAL E 172 -7.73 -1.15 -45.10
C VAL E 172 -8.80 -0.50 -44.22
N MET E 173 -10.07 -0.79 -44.55
CA MET E 173 -11.21 -0.23 -43.84
C MET E 173 -11.41 -0.95 -42.56
N ARG E 174 -11.48 -2.28 -42.65
CA ARG E 174 -11.72 -3.17 -41.52
C ARG E 174 -10.65 -4.27 -41.51
N ILE E 175 -10.03 -4.45 -40.36
CA ILE E 175 -9.33 -5.69 -40.02
C ILE E 175 -10.37 -6.60 -39.42
N ILE E 176 -10.51 -7.81 -39.95
CA ILE E 176 -11.53 -8.78 -39.45
C ILE E 176 -10.87 -10.08 -39.05
N ASN E 177 -11.12 -10.53 -37.83
CA ASN E 177 -10.58 -11.81 -37.40
C ASN E 177 -11.07 -13.04 -38.17
N GLU E 178 -10.15 -13.96 -38.44
CA GLU E 178 -10.38 -15.09 -39.36
C GLU E 178 -11.53 -15.99 -38.96
N PRO E 179 -11.64 -16.28 -37.66
CA PRO E 179 -12.74 -17.17 -37.28
C PRO E 179 -14.10 -16.51 -37.47
N THR E 180 -14.15 -15.21 -37.17
CA THR E 180 -15.35 -14.39 -37.37
C THR E 180 -15.73 -14.55 -38.84
N ALA E 181 -14.77 -14.27 -39.71
CA ALA E 181 -15.01 -14.24 -41.15
C ALA E 181 -15.52 -15.59 -41.64
N ALA E 182 -14.97 -16.66 -41.08
CA ALA E 182 -15.47 -17.99 -41.36
C ALA E 182 -16.92 -18.16 -40.88
N ALA E 183 -17.21 -17.65 -39.70
CA ALA E 183 -18.53 -17.82 -39.11
C ALA E 183 -19.60 -17.23 -40.01
N ILE E 184 -19.30 -16.07 -40.58
CA ILE E 184 -20.16 -15.43 -41.58
C ILE E 184 -20.40 -16.34 -42.78
N ALA E 185 -19.36 -16.96 -43.28
CA ALA E 185 -19.51 -17.87 -44.40
C ALA E 185 -20.36 -19.09 -44.01
N TYR E 186 -20.31 -19.50 -42.75
CA TYR E 186 -21.12 -20.64 -42.30
C TYR E 186 -22.57 -20.30 -41.99
N GLY E 187 -22.75 -19.22 -41.22
CA GLY E 187 -24.02 -18.92 -40.59
C GLY E 187 -24.75 -17.70 -41.08
N LEU E 188 -24.38 -17.21 -42.28
CA LEU E 188 -25.03 -16.03 -42.85
C LEU E 188 -26.52 -16.36 -43.00
N ASP E 189 -26.80 -17.36 -43.84
CA ASP E 189 -28.17 -17.71 -44.24
C ASP E 189 -28.92 -18.65 -43.27
N LYS E 190 -28.38 -18.83 -42.06
CA LYS E 190 -29.03 -19.66 -41.03
C LYS E 190 -30.08 -18.88 -40.24
N ARG E 191 -31.29 -19.45 -40.19
CA ARG E 191 -32.41 -18.94 -39.40
C ARG E 191 -32.90 -20.04 -38.47
N GLU E 192 -32.07 -20.38 -37.49
CA GLU E 192 -32.33 -21.48 -36.54
C GLU E 192 -32.19 -21.01 -35.06
N GLY E 193 -32.28 -19.68 -34.85
CA GLY E 193 -32.21 -19.12 -33.52
C GLY E 193 -30.83 -19.20 -32.90
N GLU E 194 -30.72 -18.86 -31.62
CA GLU E 194 -29.44 -18.69 -30.95
C GLU E 194 -28.74 -20.03 -30.71
N LYS E 195 -27.79 -20.32 -31.61
CA LYS E 195 -26.95 -21.51 -31.52
C LYS E 195 -25.51 -21.12 -31.26
N ASN E 196 -24.88 -21.89 -30.38
CA ASN E 196 -23.46 -21.78 -30.10
C ASN E 196 -22.60 -22.44 -31.19
N ILE E 197 -21.78 -21.62 -31.82
CA ILE E 197 -20.87 -22.09 -32.85
C ILE E 197 -19.42 -22.00 -32.39
N LEU E 198 -18.68 -23.11 -32.50
CA LEU E 198 -17.24 -23.11 -32.24
C LEU E 198 -16.50 -23.20 -33.55
N VAL E 199 -15.80 -22.11 -33.89
CA VAL E 199 -14.97 -22.07 -35.08
C VAL E 199 -13.51 -22.41 -34.75
N PHE E 200 -13.02 -23.42 -35.43
CA PHE E 200 -11.68 -23.96 -35.27
C PHE E 200 -10.89 -23.73 -36.56
N ASP E 201 -10.00 -22.73 -36.53
CA ASP E 201 -9.24 -22.32 -37.72
C ASP E 201 -7.79 -22.74 -37.53
N LEU E 202 -7.34 -23.66 -38.39
CA LEU E 202 -5.94 -24.11 -38.41
C LEU E 202 -5.45 -24.02 -39.84
N GLY E 203 -4.58 -23.04 -40.11
CA GLY E 203 -4.00 -22.84 -41.45
C GLY E 203 -2.53 -23.17 -41.57
N GLY E 204 -1.79 -22.33 -42.30
CA GLY E 204 -0.38 -22.61 -42.61
C GLY E 204 0.59 -22.23 -41.49
N GLY E 205 0.26 -21.19 -40.74
CA GLY E 205 1.14 -20.68 -39.69
C GLY E 205 0.46 -20.27 -38.37
N ALA E 206 -0.86 -20.09 -38.40
CA ALA E 206 -1.55 -19.63 -37.21
C ALA E 206 -2.78 -20.48 -36.85
N PHE E 207 -3.11 -20.47 -35.56
CA PHE E 207 -4.25 -21.22 -34.99
C PHE E 207 -5.19 -20.28 -34.22
N ASP E 208 -6.46 -20.28 -34.62
CA ASP E 208 -7.52 -19.44 -34.03
C ASP E 208 -8.73 -20.28 -33.61
N VAL E 209 -9.22 -20.07 -32.40
CA VAL E 209 -10.53 -20.62 -31.98
C VAL E 209 -11.41 -19.51 -31.49
N SER E 210 -12.66 -19.56 -31.91
CA SER E 210 -13.62 -18.59 -31.38
C SER E 210 -14.96 -19.25 -31.06
N LEU E 211 -15.52 -18.92 -29.89
CA LEU E 211 -16.91 -19.26 -29.62
C LEU E 211 -17.80 -18.08 -29.97
N LEU E 212 -18.65 -18.27 -30.97
CA LEU E 212 -19.59 -17.25 -31.35
C LEU E 212 -20.98 -17.68 -30.97
N THR E 213 -21.84 -16.68 -30.87
CA THR E 213 -23.26 -16.88 -30.87
C THR E 213 -23.75 -16.48 -32.26
N ILE E 214 -24.62 -17.30 -32.83
CA ILE E 214 -25.26 -16.92 -34.09
C ILE E 214 -26.76 -17.13 -33.93
N ASP E 215 -27.47 -16.04 -33.64
CA ASP E 215 -28.94 -15.95 -33.64
C ASP E 215 -29.35 -15.24 -34.92
N ASN E 216 -29.84 -16.01 -35.88
CA ASN E 216 -30.26 -15.48 -37.17
C ASN E 216 -29.16 -14.70 -37.91
N GLY E 217 -29.34 -13.39 -38.12
CA GLY E 217 -28.36 -12.59 -38.85
C GLY E 217 -27.36 -11.89 -37.94
N VAL E 218 -27.34 -12.29 -36.66
CA VAL E 218 -26.55 -11.60 -35.64
C VAL E 218 -25.44 -12.48 -35.07
N PHE E 219 -24.18 -12.10 -35.39
CA PHE E 219 -22.96 -12.79 -34.93
C PHE E 219 -22.29 -12.05 -33.79
N GLU E 220 -22.09 -12.76 -32.69
CA GLU E 220 -21.44 -12.15 -31.54
C GLU E 220 -20.39 -13.10 -30.99
N VAL E 221 -19.16 -12.61 -30.87
CA VAL E 221 -18.07 -13.44 -30.42
C VAL E 221 -18.08 -13.33 -28.93
N VAL E 222 -18.14 -14.48 -28.27
CA VAL E 222 -18.17 -14.51 -26.83
C VAL E 222 -16.75 -14.59 -26.32
N ALA E 223 -16.00 -15.58 -26.82
CA ALA E 223 -14.60 -15.74 -26.40
C ALA E 223 -13.67 -16.12 -27.53
N THR E 224 -12.42 -15.70 -27.41
CA THR E 224 -11.42 -16.10 -28.41
C THR E 224 -10.08 -16.49 -27.77
N ASN E 225 -9.41 -17.47 -28.37
CA ASN E 225 -8.05 -17.86 -27.97
C ASN E 225 -7.32 -18.59 -29.10
N GLY E 226 -6.00 -18.65 -29.04
CA GLY E 226 -5.26 -19.35 -30.10
C GLY E 226 -3.76 -19.34 -29.97
N ASP E 227 -3.07 -19.74 -31.04
CA ASP E 227 -1.60 -19.72 -31.09
C ASP E 227 -1.16 -19.12 -32.41
N THR E 228 -0.47 -17.98 -32.39
CA THR E 228 -0.08 -17.34 -33.67
C THR E 228 1.07 -18.05 -34.39
N HIS E 229 1.81 -18.91 -33.71
CA HIS E 229 2.91 -19.65 -34.34
C HIS E 229 2.68 -21.13 -34.18
N LEU E 230 1.61 -21.60 -34.80
CA LEU E 230 1.31 -23.01 -34.85
C LEU E 230 0.47 -23.28 -36.09
N GLY E 231 0.96 -24.13 -36.99
CA GLY E 231 0.29 -24.33 -38.27
C GLY E 231 0.98 -25.33 -39.16
N GLY E 232 0.44 -25.54 -40.37
CA GLY E 232 0.93 -26.57 -41.31
C GLY E 232 2.43 -26.56 -41.58
N GLU E 233 3.04 -25.37 -41.53
CA GLU E 233 4.48 -25.23 -41.70
C GLU E 233 5.23 -25.93 -40.57
N ASP E 234 4.61 -25.99 -39.40
CA ASP E 234 5.23 -26.60 -38.23
C ASP E 234 5.15 -28.11 -38.29
N PHE E 235 4.18 -28.66 -39.01
CA PHE E 235 4.06 -30.11 -39.15
C PHE E 235 5.09 -30.57 -40.18
N ASP E 236 5.21 -29.82 -41.28
CA ASP E 236 6.24 -30.03 -42.31
C ASP E 236 7.66 -29.96 -41.74
N GLN E 237 7.92 -28.94 -40.90
CA GLN E 237 9.21 -28.74 -40.22
C GLN E 237 9.65 -29.92 -39.35
N ARG E 238 8.71 -30.58 -38.67
CA ARG E 238 8.98 -31.75 -37.82
C ARG E 238 9.31 -32.93 -38.70
N VAL E 239 8.55 -33.12 -39.77
CA VAL E 239 8.85 -34.18 -40.71
C VAL E 239 10.24 -33.94 -41.32
N MET E 240 10.60 -32.67 -41.60
CA MET E 240 11.92 -32.35 -42.21
C MET E 240 13.05 -32.66 -41.24
N GLU E 241 12.95 -32.19 -39.98
CA GLU E 241 13.89 -32.55 -38.89
C GLU E 241 14.08 -34.07 -38.74
N HIS E 242 13.00 -34.83 -38.86
CA HIS E 242 13.12 -36.27 -38.85
C HIS E 242 13.99 -36.85 -39.98
N PHE E 243 13.67 -36.49 -41.24
CA PHE E 243 14.33 -37.08 -42.43
C PHE E 243 15.77 -36.60 -42.62
N ILE E 244 16.07 -35.37 -42.20
CA ILE E 244 17.45 -34.90 -42.21
C ILE E 244 18.29 -35.78 -41.28
N LYS E 245 17.81 -36.01 -40.05
CA LYS E 245 18.46 -36.90 -39.08
C LYS E 245 18.57 -38.33 -39.60
N LEU E 246 17.47 -38.84 -40.11
CA LEU E 246 17.51 -40.14 -40.76
C LEU E 246 18.60 -40.18 -41.84
N TYR E 247 18.69 -39.16 -42.68
CA TYR E 247 19.66 -39.15 -43.81
C TYR E 247 21.11 -39.10 -43.35
N LYS E 248 21.39 -38.40 -42.25
CA LYS E 248 22.74 -38.40 -41.66
C LYS E 248 23.05 -39.70 -40.93
N LYS E 249 22.01 -40.46 -40.60
CA LYS E 249 22.22 -41.80 -40.06
C LYS E 249 22.67 -42.69 -41.19
N LYS E 250 22.04 -42.53 -42.35
CA LYS E 250 22.09 -43.51 -43.43
C LYS E 250 23.22 -43.26 -44.41
N THR E 251 23.71 -42.03 -44.46
CA THR E 251 24.72 -41.65 -45.45
C THR E 251 25.94 -40.99 -44.85
N GLY E 252 25.77 -40.40 -43.65
CA GLY E 252 26.82 -39.60 -43.02
C GLY E 252 26.72 -38.09 -43.23
N LYS E 253 25.93 -37.68 -44.23
CA LYS E 253 25.83 -36.27 -44.68
C LYS E 253 24.81 -35.38 -43.91
N ASP E 254 25.25 -34.19 -43.52
CA ASP E 254 24.37 -33.23 -42.85
C ASP E 254 23.95 -32.15 -43.84
N VAL E 255 22.77 -32.35 -44.44
CA VAL E 255 22.30 -31.52 -45.55
C VAL E 255 21.80 -30.14 -45.12
N ARG E 256 21.80 -29.86 -43.83
CA ARG E 256 21.27 -28.61 -43.28
C ARG E 256 21.88 -27.39 -43.96
N LYS E 257 23.17 -27.42 -44.25
CA LYS E 257 23.87 -26.27 -44.81
C LYS E 257 23.57 -26.00 -46.29
N ASP E 258 22.89 -26.94 -46.97
CA ASP E 258 22.46 -26.73 -48.38
C ASP E 258 20.95 -26.46 -48.54
N ASN E 259 20.62 -25.18 -48.66
CA ASN E 259 19.22 -24.76 -48.82
C ASN E 259 18.50 -25.34 -50.03
N ARG E 260 19.22 -25.67 -51.09
CA ARG E 260 18.57 -26.25 -52.24
C ARG E 260 18.06 -27.60 -51.82
N ALA E 261 18.84 -28.27 -50.98
CA ALA E 261 18.47 -29.60 -50.51
C ALA E 261 17.28 -29.49 -49.54
N VAL E 262 17.47 -28.71 -48.47
CA VAL E 262 16.41 -28.44 -47.51
C VAL E 262 15.10 -28.10 -48.20
N GLN E 263 15.12 -27.11 -49.09
CA GLN E 263 13.93 -26.68 -49.79
C GLN E 263 13.32 -27.73 -50.69
N LYS E 264 14.14 -28.56 -51.33
CA LYS E 264 13.56 -29.63 -52.16
C LYS E 264 12.82 -30.59 -51.23
N LEU E 265 13.37 -30.78 -50.02
CA LEU E 265 12.80 -31.69 -49.01
C LEU E 265 11.44 -31.17 -48.53
N ARG E 266 11.46 -29.90 -48.08
CA ARG E 266 10.25 -29.16 -47.74
C ARG E 266 9.17 -29.26 -48.80
N ARG E 267 9.55 -29.21 -50.08
CA ARG E 267 8.58 -29.28 -51.16
C ARG E 267 7.95 -30.67 -51.32
N GLU E 268 8.73 -31.74 -51.09
CA GLU E 268 8.20 -33.12 -51.27
C GLU E 268 7.62 -33.69 -49.98
N VAL E 269 7.98 -33.07 -48.85
CA VAL E 269 7.32 -33.39 -47.60
C VAL E 269 5.88 -32.85 -47.61
N GLU E 270 5.75 -31.55 -47.87
CA GLU E 270 4.46 -30.91 -47.98
C GLU E 270 3.56 -31.78 -48.86
N LYS E 271 4.07 -32.22 -50.01
CA LYS E 271 3.33 -33.06 -50.99
C LYS E 271 2.89 -34.40 -50.39
N ALA E 272 3.77 -34.99 -49.58
CA ALA E 272 3.46 -36.23 -48.88
C ALA E 272 2.40 -36.02 -47.82
N LYS E 273 2.58 -34.98 -47.00
CA LYS E 273 1.57 -34.60 -46.00
C LYS E 273 0.12 -34.49 -46.52
N ARG E 274 -0.04 -33.88 -47.69
CA ARG E 274 -1.35 -33.79 -48.32
C ARG E 274 -1.83 -35.15 -48.69
N ALA E 275 -1.00 -35.90 -49.39
CA ALA E 275 -1.39 -37.26 -49.75
C ALA E 275 -1.90 -38.04 -48.54
N LEU E 276 -1.24 -37.84 -47.40
CA LEU E 276 -1.51 -38.61 -46.18
C LEU E 276 -2.84 -38.30 -45.51
N SER E 277 -3.55 -37.31 -46.06
CA SER E 277 -4.87 -37.00 -45.56
C SER E 277 -5.92 -37.92 -46.18
N SER E 278 -5.61 -38.52 -47.32
CA SER E 278 -6.46 -39.55 -47.92
C SER E 278 -5.79 -40.95 -48.02
N GLN E 279 -4.46 -41.01 -47.95
CA GLN E 279 -3.72 -42.26 -48.01
C GLN E 279 -3.03 -42.53 -46.69
N HIS E 280 -2.50 -43.75 -46.56
CA HIS E 280 -1.84 -44.19 -45.33
C HIS E 280 -0.33 -44.25 -45.47
N GLN E 281 0.14 -44.12 -46.71
CA GLN E 281 1.57 -44.10 -47.03
C GLN E 281 1.86 -43.21 -48.23
N ALA E 282 3.03 -42.60 -48.21
CA ALA E 282 3.45 -41.72 -49.30
C ALA E 282 4.96 -41.86 -49.49
N ARG E 283 5.40 -41.93 -50.75
CA ARG E 283 6.81 -42.04 -51.04
C ARG E 283 7.41 -40.70 -51.32
N ILE E 284 8.46 -40.35 -50.61
CA ILE E 284 9.18 -39.11 -50.82
C ILE E 284 10.44 -39.44 -51.62
N GLU E 285 10.36 -39.27 -52.93
CA GLU E 285 11.50 -39.48 -53.83
C GLU E 285 11.95 -38.11 -54.35
N ILE E 286 13.23 -37.77 -54.16
CA ILE E 286 13.79 -36.52 -54.66
C ILE E 286 15.02 -36.80 -55.49
N GLU E 287 14.98 -36.45 -56.79
CA GLU E 287 16.12 -36.67 -57.71
C GLU E 287 17.25 -35.65 -57.49
N SER E 288 18.47 -36.13 -57.53
CA SER E 288 19.65 -35.37 -57.15
C SER E 288 19.31 -34.46 -56.01
N PHE E 289 19.18 -35.09 -54.85
CA PHE E 289 18.89 -34.39 -53.60
C PHE E 289 20.11 -33.63 -53.11
N TYR E 290 21.20 -34.33 -52.85
CA TYR E 290 22.35 -33.72 -52.23
C TYR E 290 23.65 -34.22 -52.85
N GLU E 291 24.59 -33.30 -52.98
CA GLU E 291 25.78 -33.47 -53.79
C GLU E 291 25.36 -34.01 -55.16
N GLY E 292 25.48 -35.31 -55.42
CA GLY E 292 24.89 -35.82 -56.67
C GLY E 292 23.68 -36.70 -56.41
N GLU E 293 23.55 -37.15 -55.18
CA GLU E 293 22.88 -38.41 -54.97
C GLU E 293 21.40 -38.24 -54.68
N ASP E 294 20.60 -39.21 -55.16
CA ASP E 294 19.13 -39.20 -54.99
C ASP E 294 18.70 -39.46 -53.52
N PHE E 295 17.40 -39.22 -53.23
CA PHE E 295 16.80 -39.38 -51.90
C PHE E 295 15.56 -40.15 -52.07
N SER E 296 15.30 -41.12 -51.19
CA SER E 296 14.07 -41.88 -51.26
C SER E 296 13.74 -42.54 -49.93
N GLU E 297 12.55 -42.21 -49.43
CA GLU E 297 12.02 -42.76 -48.17
C GLU E 297 10.51 -42.88 -48.26
N THR E 298 9.92 -43.43 -47.21
CA THR E 298 8.48 -43.63 -47.16
C THR E 298 8.01 -43.13 -45.81
N LEU E 299 7.00 -42.27 -45.82
CA LEU E 299 6.36 -41.78 -44.57
C LEU E 299 5.00 -42.40 -44.50
N THR E 300 4.68 -43.05 -43.39
CA THR E 300 3.36 -43.69 -43.24
C THR E 300 2.56 -42.71 -42.46
N ARG E 301 1.25 -42.83 -42.47
CA ARG E 301 0.42 -41.86 -41.75
C ARG E 301 0.78 -41.88 -40.28
N ALA E 302 0.89 -43.10 -39.76
CA ALA E 302 1.23 -43.32 -38.38
C ALA E 302 2.45 -42.50 -37.97
N LYS E 303 3.51 -42.53 -38.78
CA LYS E 303 4.74 -41.86 -38.43
C LYS E 303 4.50 -40.35 -38.43
N PHE E 304 3.69 -39.90 -39.39
CA PHE E 304 3.41 -38.48 -39.56
C PHE E 304 2.78 -37.93 -38.27
N GLU E 305 1.91 -38.75 -37.68
CA GLU E 305 1.28 -38.47 -36.41
C GLU E 305 2.26 -38.53 -35.20
N GLU E 306 3.08 -39.59 -35.04
CA GLU E 306 4.03 -39.64 -33.87
C GLU E 306 4.80 -38.35 -33.84
N LEU E 307 5.21 -37.91 -35.01
CA LEU E 307 6.07 -36.78 -35.11
C LEU E 307 5.38 -35.49 -34.72
N ASN E 308 4.06 -35.47 -34.88
CA ASN E 308 3.32 -34.24 -34.69
C ASN E 308 2.29 -34.25 -33.57
N MET E 309 2.32 -35.28 -32.73
CA MET E 309 1.17 -35.50 -31.88
C MET E 309 1.05 -34.40 -30.82
N ASP E 310 2.15 -34.07 -30.18
CA ASP E 310 2.16 -33.00 -29.18
C ASP E 310 1.54 -31.71 -29.73
N LEU E 311 1.83 -31.42 -31.00
CA LEU E 311 1.41 -30.18 -31.65
C LEU E 311 -0.07 -30.26 -31.92
N PHE E 312 -0.51 -31.39 -32.46
CA PHE E 312 -1.95 -31.64 -32.67
C PHE E 312 -2.76 -31.48 -31.36
N ARG E 313 -2.28 -32.09 -30.29
CA ARG E 313 -2.98 -32.04 -29.02
C ARG E 313 -2.96 -30.66 -28.43
N SER E 314 -1.90 -29.90 -28.64
CA SER E 314 -1.85 -28.56 -28.06
C SER E 314 -3.07 -27.70 -28.49
N THR E 315 -3.72 -28.08 -29.59
CA THR E 315 -4.82 -27.28 -30.14
C THR E 315 -6.04 -27.35 -29.27
N MET E 316 -6.08 -28.33 -28.38
CA MET E 316 -7.18 -28.44 -27.42
C MET E 316 -7.00 -27.48 -26.25
N LYS E 317 -5.77 -27.10 -25.91
CA LYS E 317 -5.62 -26.17 -24.79
C LYS E 317 -6.40 -24.86 -25.02
N PRO E 318 -6.24 -24.21 -26.21
CA PRO E 318 -7.03 -22.99 -26.42
C PRO E 318 -8.51 -23.27 -26.41
N VAL E 319 -8.92 -24.37 -27.01
CA VAL E 319 -10.33 -24.77 -27.08
C VAL E 319 -10.98 -24.87 -25.68
N GLN E 320 -10.21 -25.30 -24.69
CA GLN E 320 -10.67 -25.36 -23.30
C GLN E 320 -10.86 -23.94 -22.78
N LYS E 321 -9.83 -23.11 -22.95
CA LYS E 321 -9.82 -21.73 -22.41
C LYS E 321 -10.93 -20.89 -22.98
N VAL E 322 -11.34 -21.21 -24.21
CA VAL E 322 -12.48 -20.56 -24.84
C VAL E 322 -13.78 -20.95 -24.14
N LEU E 323 -13.97 -22.25 -23.89
CA LEU E 323 -15.13 -22.73 -23.13
C LEU E 323 -15.12 -22.15 -21.70
N GLU E 324 -14.00 -22.30 -21.01
CA GLU E 324 -13.83 -21.72 -19.69
C GLU E 324 -14.25 -20.24 -19.63
N ASP E 325 -13.81 -19.45 -20.62
CA ASP E 325 -14.16 -18.03 -20.70
C ASP E 325 -15.62 -17.81 -21.06
N SER E 326 -16.21 -18.74 -21.83
CA SER E 326 -17.61 -18.64 -22.25
C SER E 326 -18.63 -19.03 -21.16
N ASP E 327 -18.14 -19.56 -20.03
CA ASP E 327 -18.97 -20.14 -18.97
C ASP E 327 -19.92 -21.21 -19.52
N LEU E 328 -19.50 -21.87 -20.60
CA LEU E 328 -20.23 -22.98 -21.21
C LEU E 328 -19.44 -24.29 -21.02
N LYS E 329 -20.05 -25.40 -21.44
CA LYS E 329 -19.38 -26.70 -21.45
C LYS E 329 -19.67 -27.42 -22.76
N LYS E 330 -18.98 -28.54 -22.95
CA LYS E 330 -18.90 -29.24 -24.23
C LYS E 330 -20.26 -29.44 -24.89
N SER E 331 -21.19 -30.04 -24.16
CA SER E 331 -22.53 -30.36 -24.68
C SER E 331 -23.32 -29.14 -25.20
N ASP E 332 -22.98 -27.94 -24.73
CA ASP E 332 -23.69 -26.71 -25.14
C ASP E 332 -23.42 -26.32 -26.58
N ILE E 333 -22.24 -26.72 -27.08
CA ILE E 333 -21.81 -26.35 -28.43
C ILE E 333 -22.63 -27.09 -29.48
N ASP E 334 -23.29 -26.32 -30.33
CA ASP E 334 -24.30 -26.84 -31.26
C ASP E 334 -23.67 -27.29 -32.57
N GLU E 335 -22.74 -26.51 -33.09
CA GLU E 335 -21.90 -26.99 -34.18
C GLU E 335 -20.43 -26.61 -33.93
N ILE E 336 -19.53 -27.44 -34.46
CA ILE E 336 -18.10 -27.14 -34.56
C ILE E 336 -17.75 -26.98 -36.04
N VAL E 337 -17.34 -25.77 -36.42
CA VAL E 337 -16.96 -25.46 -37.81
C VAL E 337 -15.44 -25.57 -37.91
N LEU E 338 -14.98 -26.28 -38.95
CA LEU E 338 -13.55 -26.41 -39.25
C LEU E 338 -13.20 -25.54 -40.44
N VAL E 339 -12.16 -24.72 -40.29
CA VAL E 339 -11.57 -23.99 -41.41
C VAL E 339 -10.03 -23.95 -41.37
N GLY E 340 -9.43 -23.62 -42.51
CA GLY E 340 -7.98 -23.70 -42.68
C GLY E 340 -7.62 -25.04 -43.32
N GLY E 341 -6.59 -25.01 -44.17
CA GLY E 341 -6.16 -26.19 -44.91
C GLY E 341 -5.76 -27.36 -44.02
N SER E 342 -5.02 -27.08 -42.96
CA SER E 342 -4.53 -28.13 -42.06
C SER E 342 -5.63 -28.94 -41.35
N THR E 343 -6.89 -28.48 -41.36
CA THR E 343 -8.02 -29.24 -40.76
C THR E 343 -8.48 -30.37 -41.65
N ARG E 344 -7.83 -30.54 -42.79
CA ARG E 344 -8.07 -31.70 -43.60
C ARG E 344 -7.35 -32.92 -43.02
N ILE E 345 -6.37 -32.67 -42.15
CA ILE E 345 -5.62 -33.72 -41.50
C ILE E 345 -6.62 -34.52 -40.65
N PRO E 346 -6.74 -35.86 -40.91
CA PRO E 346 -7.69 -36.71 -40.16
C PRO E 346 -7.47 -36.71 -38.66
N LYS E 347 -6.23 -36.76 -38.21
CA LYS E 347 -6.00 -36.80 -36.79
C LYS E 347 -6.52 -35.56 -36.09
N ILE E 348 -6.48 -34.42 -36.77
CA ILE E 348 -7.10 -33.18 -36.25
C ILE E 348 -8.64 -33.32 -36.14
N GLN E 349 -9.28 -33.77 -37.21
CA GLN E 349 -10.71 -34.02 -37.15
C GLN E 349 -11.06 -34.98 -36.05
N GLN E 350 -10.16 -35.91 -35.78
CA GLN E 350 -10.37 -36.94 -34.78
C GLN E 350 -10.23 -36.41 -33.37
N LEU E 351 -9.17 -35.64 -33.10
CA LEU E 351 -8.96 -35.11 -31.75
C LEU E 351 -10.03 -34.10 -31.36
N VAL E 352 -10.68 -33.51 -32.36
CA VAL E 352 -11.79 -32.59 -32.13
C VAL E 352 -13.06 -33.36 -31.79
N LYS E 353 -13.41 -34.34 -32.62
CA LYS E 353 -14.53 -35.22 -32.36
C LYS E 353 -14.50 -35.83 -30.93
N GLU E 354 -13.34 -36.31 -30.50
CA GLU E 354 -13.17 -36.90 -29.15
C GLU E 354 -13.24 -35.90 -28.00
N PHE E 355 -12.73 -34.69 -28.22
CA PHE E 355 -12.82 -33.63 -27.22
C PHE E 355 -14.30 -33.33 -26.95
N PHE E 356 -15.09 -33.30 -28.03
CA PHE E 356 -16.54 -33.09 -27.94
C PHE E 356 -17.30 -34.43 -28.00
N ASN E 357 -16.76 -35.41 -27.26
CA ASN E 357 -17.40 -36.69 -26.94
C ASN E 357 -18.22 -37.30 -28.12
N GLY E 358 -17.58 -37.49 -29.27
CA GLY E 358 -18.23 -38.11 -30.42
C GLY E 358 -18.98 -37.14 -31.34
N LYS E 359 -18.95 -35.84 -31.03
CA LYS E 359 -19.68 -34.87 -31.85
C LYS E 359 -19.02 -34.62 -33.21
N GLU E 360 -19.73 -34.97 -34.28
CA GLU E 360 -19.20 -34.85 -35.65
C GLU E 360 -19.18 -33.38 -36.11
N PRO E 361 -17.99 -32.84 -36.47
CA PRO E 361 -17.87 -31.48 -37.01
C PRO E 361 -18.62 -31.24 -38.32
N SER E 362 -18.69 -29.98 -38.74
CA SER E 362 -19.50 -29.58 -39.89
C SER E 362 -18.75 -29.65 -41.22
N ARG E 363 -19.44 -30.22 -42.21
CA ARG E 363 -18.96 -30.32 -43.58
C ARG E 363 -19.54 -29.15 -44.38
N GLY E 364 -19.48 -29.24 -45.71
CA GLY E 364 -20.14 -28.29 -46.60
C GLY E 364 -19.35 -27.02 -46.86
N ILE E 365 -18.39 -26.70 -46.00
CA ILE E 365 -17.74 -25.37 -46.00
C ILE E 365 -16.24 -25.44 -46.38
N ASN E 366 -15.89 -24.85 -47.53
CA ASN E 366 -14.55 -24.95 -48.06
C ASN E 366 -13.56 -24.34 -47.09
N PRO E 367 -12.62 -25.15 -46.58
CA PRO E 367 -11.75 -24.63 -45.51
C PRO E 367 -10.65 -23.69 -46.00
N ASP E 368 -10.37 -23.69 -47.29
CA ASP E 368 -9.35 -22.81 -47.87
C ASP E 368 -9.94 -21.47 -48.23
N GLU E 369 -11.23 -21.44 -48.51
CA GLU E 369 -11.87 -20.26 -49.07
C GLU E 369 -12.82 -19.47 -48.11
N ALA E 370 -13.36 -20.15 -47.10
CA ALA E 370 -14.36 -19.59 -46.22
C ALA E 370 -13.91 -18.28 -45.55
N VAL E 371 -12.65 -18.16 -45.17
CA VAL E 371 -12.20 -16.95 -44.49
C VAL E 371 -12.31 -15.74 -45.43
N ALA E 372 -11.99 -15.92 -46.70
CA ALA E 372 -12.09 -14.82 -47.66
C ALA E 372 -13.55 -14.60 -48.01
N TYR E 373 -14.30 -15.69 -48.17
CA TYR E 373 -15.75 -15.61 -48.36
C TYR E 373 -16.36 -14.63 -47.35
N GLY E 374 -16.20 -14.91 -46.06
CA GLY E 374 -16.72 -14.01 -45.02
C GLY E 374 -16.24 -12.57 -45.05
N ALA E 375 -15.01 -12.37 -45.53
CA ALA E 375 -14.38 -11.05 -45.64
C ALA E 375 -15.04 -10.31 -46.75
N ALA E 376 -15.31 -11.01 -47.86
CA ALA E 376 -16.01 -10.42 -49.02
C ALA E 376 -17.37 -9.90 -48.62
N VAL E 377 -18.09 -10.69 -47.82
CA VAL E 377 -19.40 -10.29 -47.35
C VAL E 377 -19.26 -8.99 -46.60
N GLN E 378 -18.45 -8.98 -45.56
CA GLN E 378 -18.21 -7.75 -44.77
C GLN E 378 -17.76 -6.59 -45.66
N ALA E 379 -17.13 -6.89 -46.79
CA ALA E 379 -16.75 -5.84 -47.75
C ALA E 379 -17.97 -5.34 -48.50
N GLY E 380 -18.86 -6.25 -48.91
CA GLY E 380 -20.14 -5.89 -49.57
C GLY E 380 -20.94 -4.94 -48.68
N VAL E 381 -21.03 -5.26 -47.40
CA VAL E 381 -21.65 -4.37 -46.47
C VAL E 381 -21.03 -2.97 -46.56
N LEU E 382 -19.72 -2.89 -46.41
CA LEU E 382 -19.01 -1.62 -46.46
C LEU E 382 -19.05 -0.99 -47.83
N SER E 383 -19.31 -1.78 -48.88
CA SER E 383 -19.45 -1.30 -50.27
C SER E 383 -20.71 -0.46 -50.45
N GLY E 384 -21.48 -0.31 -49.38
CA GLY E 384 -22.73 0.38 -49.45
C GLY E 384 -23.65 -0.50 -50.27
N ASP E 385 -24.01 0.01 -51.45
CA ASP E 385 -25.09 -0.55 -52.24
C ASP E 385 -24.83 -2.01 -52.57
N GLN E 386 -25.16 -2.89 -51.62
CA GLN E 386 -25.17 -4.34 -51.85
C GLN E 386 -26.26 -4.99 -51.00
N ASP E 387 -26.93 -6.00 -51.55
CA ASP E 387 -28.08 -6.63 -50.89
C ASP E 387 -27.68 -7.92 -50.16
N THR E 388 -26.73 -7.78 -49.24
CA THR E 388 -26.36 -8.87 -48.36
C THR E 388 -27.51 -9.05 -47.41
N GLY E 389 -27.67 -10.26 -46.88
CA GLY E 389 -28.63 -10.48 -45.79
C GLY E 389 -28.31 -9.51 -44.66
N ASP E 390 -29.14 -9.48 -43.62
CA ASP E 390 -28.79 -8.68 -42.44
C ASP E 390 -27.60 -9.29 -41.68
N LEU E 391 -26.67 -8.43 -41.31
CA LEU E 391 -25.40 -8.84 -40.75
C LEU E 391 -24.99 -7.90 -39.62
N VAL E 392 -24.97 -8.42 -38.40
CA VAL E 392 -24.50 -7.67 -37.25
C VAL E 392 -23.29 -8.38 -36.63
N LEU E 393 -22.18 -7.64 -36.55
CA LEU E 393 -20.96 -8.19 -36.00
C LEU E 393 -20.67 -7.51 -34.69
N LEU E 394 -20.43 -8.31 -33.68
CA LEU E 394 -19.79 -7.82 -32.48
C LEU E 394 -18.64 -8.74 -32.19
N ASP E 395 -17.42 -8.23 -32.34
CA ASP E 395 -16.20 -8.97 -32.07
C ASP E 395 -15.46 -8.38 -30.86
N VAL E 396 -14.42 -9.08 -30.40
CA VAL E 396 -13.74 -8.71 -29.15
C VAL E 396 -12.25 -8.44 -29.33
N CYS E 397 -11.62 -7.77 -28.36
CA CYS E 397 -10.17 -7.72 -28.27
C CYS E 397 -9.76 -9.03 -27.59
N PRO E 398 -8.60 -9.61 -27.98
CA PRO E 398 -8.23 -10.91 -27.50
C PRO E 398 -7.41 -10.86 -26.21
N LEU E 399 -6.68 -9.80 -25.98
CA LEU E 399 -5.72 -9.78 -24.88
C LEU E 399 -6.03 -8.65 -23.89
N THR E 400 -5.80 -8.94 -22.62
CA THR E 400 -6.07 -7.98 -21.56
C THR E 400 -5.04 -6.88 -21.69
N LEU E 401 -5.49 -5.63 -21.69
CA LEU E 401 -4.59 -4.50 -21.62
C LEU E 401 -4.49 -4.05 -20.17
N GLY E 402 -3.35 -3.47 -19.85
CA GLY E 402 -3.11 -2.98 -18.52
C GLY E 402 -1.92 -2.06 -18.48
N ILE E 403 -1.55 -1.65 -17.28
CA ILE E 403 -0.39 -0.80 -17.11
C ILE E 403 0.50 -1.32 -15.99
N GLU E 404 1.77 -0.88 -16.01
CA GLU E 404 2.76 -1.27 -15.00
C GLU E 404 2.62 -0.35 -13.81
N THR E 405 2.45 -0.95 -12.62
CA THR E 405 2.22 -0.21 -11.36
C THR E 405 3.13 -0.72 -10.23
N VAL E 406 3.39 0.16 -9.25
CA VAL E 406 4.14 -0.19 -8.03
C VAL E 406 5.61 -0.51 -8.36
N GLY E 407 6.01 -1.77 -8.20
CA GLY E 407 7.30 -2.23 -8.72
C GLY E 407 7.11 -2.59 -10.18
N GLY E 408 6.40 -3.70 -10.40
CA GLY E 408 5.97 -4.12 -11.75
C GLY E 408 4.73 -4.99 -11.72
N VAL E 409 3.62 -4.41 -11.28
CA VAL E 409 2.31 -5.11 -11.25
C VAL E 409 1.46 -4.85 -12.49
N MET E 410 0.96 -5.92 -13.12
CA MET E 410 0.03 -5.80 -14.24
C MET E 410 -1.32 -5.33 -13.71
N THR E 411 -1.48 -4.01 -13.59
CA THR E 411 -2.76 -3.43 -13.18
C THR E 411 -3.72 -3.33 -14.38
N LYS E 412 -4.64 -4.28 -14.38
CA LYS E 412 -5.60 -4.56 -15.44
C LYS E 412 -6.41 -3.33 -15.78
N LEU E 413 -6.81 -3.21 -17.04
CA LEU E 413 -7.48 -2.02 -17.51
C LEU E 413 -8.60 -2.37 -18.45
N ILE E 414 -8.33 -3.25 -19.41
CA ILE E 414 -9.38 -3.75 -20.30
C ILE E 414 -9.27 -5.26 -20.36
N PRO E 415 -10.28 -5.97 -19.82
CA PRO E 415 -10.18 -7.44 -19.82
C PRO E 415 -10.22 -8.04 -21.22
N ARG E 416 -9.61 -9.21 -21.39
CA ARG E 416 -9.78 -9.96 -22.64
C ARG E 416 -11.26 -10.24 -23.00
N ASN E 417 -11.51 -10.63 -24.23
CA ASN E 417 -12.87 -10.83 -24.76
C ASN E 417 -13.89 -9.64 -24.61
N THR E 418 -13.39 -8.45 -24.26
CA THR E 418 -14.21 -7.24 -24.27
C THR E 418 -14.68 -6.92 -25.68
N VAL E 419 -15.97 -6.65 -25.86
CA VAL E 419 -16.50 -6.24 -27.17
C VAL E 419 -15.86 -4.92 -27.55
N VAL E 420 -15.51 -4.77 -28.83
CA VAL E 420 -14.92 -3.51 -29.34
C VAL E 420 -15.87 -2.83 -30.33
N PRO E 421 -15.79 -1.50 -30.49
CA PRO E 421 -14.90 -0.54 -29.81
C PRO E 421 -15.21 -0.40 -28.34
N THR E 422 -14.18 -0.27 -27.52
CA THR E 422 -14.32 -0.10 -26.07
C THR E 422 -13.32 0.92 -25.57
N LYS E 423 -13.68 1.66 -24.55
CA LYS E 423 -12.68 2.55 -23.96
C LYS E 423 -12.73 2.48 -22.43
N LYS E 424 -11.66 2.99 -21.80
CA LYS E 424 -11.51 2.99 -20.35
C LYS E 424 -10.74 4.24 -20.01
N SER E 425 -11.28 5.08 -19.16
CA SER E 425 -10.57 6.28 -18.78
C SER E 425 -9.79 5.97 -17.51
N GLN E 426 -8.90 6.88 -17.13
CA GLN E 426 -8.13 6.71 -15.91
C GLN E 426 -7.55 8.01 -15.40
N ILE E 427 -7.96 8.38 -14.19
CA ILE E 427 -7.50 9.60 -13.57
C ILE E 427 -6.17 9.37 -12.92
N PHE E 428 -5.16 10.13 -13.33
CA PHE E 428 -3.85 10.10 -12.67
C PHE E 428 -3.67 11.45 -12.00
N SER E 429 -2.78 11.50 -11.01
CA SER E 429 -2.45 12.76 -10.33
C SER E 429 -0.94 13.05 -10.30
N VAL E 430 -0.15 12.34 -11.09
CA VAL E 430 1.29 12.60 -11.19
C VAL E 430 1.50 13.79 -12.15
N GLY E 431 2.29 14.78 -11.70
CA GLY E 431 2.70 15.90 -12.57
C GLY E 431 4.15 15.74 -13.03
N GLY E 432 4.60 16.70 -13.85
CA GLY E 432 5.93 16.61 -14.47
C GLY E 432 5.84 16.00 -15.86
N THR E 433 6.48 14.85 -16.04
CA THR E 433 6.37 14.07 -17.29
C THR E 433 6.23 12.58 -16.95
N VAL E 434 5.03 12.06 -17.12
CA VAL E 434 4.74 10.71 -16.69
C VAL E 434 4.93 9.75 -17.84
N THR E 435 5.46 8.57 -17.54
CA THR E 435 5.66 7.51 -18.53
C THR E 435 4.68 6.37 -18.23
N ILE E 436 3.93 5.93 -19.24
CA ILE E 436 2.97 4.83 -19.08
C ILE E 436 3.35 3.64 -19.96
N LYS E 437 3.62 2.51 -19.31
CA LYS E 437 3.85 1.26 -20.02
C LYS E 437 2.53 0.51 -20.16
N VAL E 438 2.09 0.26 -21.40
CA VAL E 438 0.93 -0.59 -21.63
C VAL E 438 1.37 -2.02 -21.91
N TYR E 439 0.71 -3.01 -21.32
CA TYR E 439 1.00 -4.44 -21.61
C TYR E 439 -0.22 -5.21 -22.13
N GLU E 440 0.05 -6.37 -22.71
CA GLU E 440 -0.97 -7.30 -23.20
C GLU E 440 -0.75 -8.65 -22.52
N GLY E 441 -1.83 -9.24 -22.04
CA GLY E 441 -1.77 -10.61 -21.60
C GLY E 441 -2.55 -10.80 -20.32
N GLU E 442 -2.66 -12.06 -19.93
CA GLU E 442 -3.50 -12.46 -18.83
C GLU E 442 -2.71 -12.74 -17.55
N ARG E 443 -1.40 -12.49 -17.57
CA ARG E 443 -0.57 -12.86 -16.44
C ARG E 443 -0.57 -11.69 -15.43
N PRO E 444 -0.52 -12.00 -14.13
CA PRO E 444 -0.61 -10.92 -13.17
C PRO E 444 0.71 -10.15 -12.99
N LEU E 445 1.79 -10.60 -13.61
CA LEU E 445 3.08 -9.91 -13.46
C LEU E 445 3.55 -9.38 -14.82
N THR E 446 4.03 -8.13 -14.85
CA THR E 446 4.40 -7.44 -16.10
C THR E 446 5.43 -8.24 -16.90
N LYS E 447 6.55 -8.60 -16.26
CA LYS E 447 7.64 -9.29 -16.93
C LYS E 447 7.11 -10.38 -17.85
N ASP E 448 6.08 -11.09 -17.39
CA ASP E 448 5.59 -12.28 -18.08
C ASP E 448 4.44 -11.97 -19.05
N ASN E 449 4.40 -10.74 -19.57
CA ASN E 449 3.43 -10.32 -20.59
C ASN E 449 4.17 -9.57 -21.70
N HIS E 450 3.44 -9.28 -22.78
CA HIS E 450 3.99 -8.56 -23.95
C HIS E 450 3.86 -7.04 -23.89
N LEU E 451 4.97 -6.33 -23.83
CA LEU E 451 4.96 -4.86 -23.79
C LEU E 451 4.37 -4.31 -25.09
N LEU E 452 3.24 -3.64 -24.98
CA LEU E 452 2.60 -3.05 -26.16
C LEU E 452 3.30 -1.78 -26.57
N GLY E 453 3.60 -0.92 -25.61
CA GLY E 453 4.23 0.37 -25.90
C GLY E 453 4.44 1.20 -24.65
N THR E 454 5.14 2.31 -24.80
CA THR E 454 5.49 3.24 -23.73
C THR E 454 5.04 4.63 -24.11
N PHE E 455 4.18 5.24 -23.31
CA PHE E 455 3.57 6.52 -23.67
C PHE E 455 4.05 7.62 -22.71
N ASP E 456 4.72 8.64 -23.26
CA ASP E 456 5.24 9.78 -22.48
C ASP E 456 4.36 11.02 -22.54
N LEU E 457 3.83 11.43 -21.39
CA LEU E 457 2.98 12.60 -21.29
C LEU E 457 3.82 13.85 -21.04
N THR E 458 4.01 14.64 -22.08
CA THR E 458 4.71 15.93 -22.00
C THR E 458 3.61 17.01 -22.15
N GLY E 459 3.85 18.24 -21.66
CA GLY E 459 2.92 19.39 -21.87
C GLY E 459 2.08 19.88 -20.69
N ILE E 460 2.30 19.29 -19.51
CA ILE E 460 1.41 19.37 -18.31
C ILE E 460 1.22 20.79 -17.72
N PRO E 461 0.04 21.09 -17.13
CA PRO E 461 -0.22 22.42 -16.55
C PRO E 461 0.07 22.51 -15.02
N PRO E 462 1.24 23.06 -14.62
CA PRO E 462 1.48 23.12 -13.20
C PRO E 462 0.81 24.37 -12.62
N ALA E 463 -0.06 24.17 -11.63
CA ALA E 463 -0.63 25.28 -10.86
C ALA E 463 -0.31 25.03 -9.38
N PRO E 464 0.84 25.56 -8.88
CA PRO E 464 1.19 25.16 -7.52
C PRO E 464 0.12 25.64 -6.52
N ARG E 465 -0.48 24.68 -5.81
CA ARG E 465 -1.76 24.77 -5.05
C ARG E 465 -2.71 23.75 -5.64
N GLY E 466 -2.16 22.57 -5.92
CA GLY E 466 -2.84 21.63 -6.75
C GLY E 466 -1.82 20.83 -7.50
N VAL E 467 -2.18 19.57 -7.66
CA VAL E 467 -1.42 18.59 -8.38
C VAL E 467 -2.29 18.33 -9.58
N PRO E 468 -1.71 18.25 -10.80
CA PRO E 468 -2.64 18.17 -11.95
C PRO E 468 -3.44 16.87 -11.98
N GLN E 469 -4.67 16.91 -12.50
CA GLN E 469 -5.51 15.71 -12.60
C GLN E 469 -5.76 15.37 -14.06
N ILE E 470 -5.02 14.40 -14.58
CA ILE E 470 -5.02 14.04 -16.01
C ILE E 470 -5.86 12.76 -16.30
N GLU E 471 -6.87 12.87 -17.20
CA GLU E 471 -7.70 11.70 -17.60
C GLU E 471 -7.15 11.06 -18.88
N VAL E 472 -6.48 9.92 -18.72
CA VAL E 472 -5.91 9.23 -19.85
C VAL E 472 -7.00 8.28 -20.30
N THR E 473 -7.15 8.14 -21.60
CA THR E 473 -8.18 7.30 -22.18
C THR E 473 -7.57 6.29 -23.17
N PHE E 474 -7.87 5.02 -22.96
CA PHE E 474 -7.33 3.93 -23.77
C PHE E 474 -8.51 3.39 -24.52
N GLU E 475 -8.57 3.67 -25.82
CA GLU E 475 -9.67 3.25 -26.67
C GLU E 475 -9.13 2.14 -27.55
N ILE E 476 -9.89 1.05 -27.68
CA ILE E 476 -9.59 0.00 -28.66
C ILE E 476 -10.60 0.05 -29.79
N ASP E 477 -10.20 0.44 -31.00
CA ASP E 477 -11.16 0.54 -32.12
C ASP E 477 -11.70 -0.81 -32.61
N VAL E 478 -12.49 -0.78 -33.68
CA VAL E 478 -13.14 -1.97 -34.24
C VAL E 478 -12.15 -2.94 -34.93
N ASN E 479 -10.98 -2.41 -35.33
CA ASN E 479 -9.90 -3.25 -35.87
C ASN E 479 -9.15 -4.02 -34.79
N GLY E 480 -9.23 -3.52 -33.55
CA GLY E 480 -8.54 -4.11 -32.41
C GLY E 480 -7.28 -3.35 -32.00
N ILE E 481 -7.16 -2.12 -32.45
CA ILE E 481 -5.92 -1.38 -32.29
C ILE E 481 -6.06 -0.28 -31.24
N LEU E 482 -5.05 -0.14 -30.40
CA LEU E 482 -5.06 0.82 -29.31
C LEU E 482 -4.70 2.23 -29.76
N ARG E 483 -5.49 3.19 -29.32
CA ARG E 483 -5.16 4.62 -29.40
C ARG E 483 -5.23 5.12 -27.97
N VAL E 484 -4.38 6.08 -27.64
CA VAL E 484 -4.26 6.59 -26.28
C VAL E 484 -4.28 8.12 -26.30
N THR E 485 -5.19 8.72 -25.55
CA THR E 485 -5.35 10.19 -25.47
C THR E 485 -5.42 10.64 -24.01
N ALA E 486 -5.33 11.96 -23.81
CA ALA E 486 -5.25 12.51 -22.46
C ALA E 486 -5.88 13.90 -22.39
N GLU E 487 -6.37 14.27 -21.22
CA GLU E 487 -7.10 15.53 -21.04
C GLU E 487 -6.94 16.00 -19.59
N ASP E 488 -6.48 17.24 -19.40
CA ASP E 488 -6.36 17.76 -18.03
C ASP E 488 -7.74 18.17 -17.51
N LYS E 489 -7.92 17.99 -16.20
CA LYS E 489 -9.13 18.34 -15.48
C LYS E 489 -8.68 19.46 -14.52
N GLY E 490 -8.94 20.72 -14.89
CA GLY E 490 -8.37 21.87 -14.13
C GLY E 490 -8.40 23.24 -14.80
N THR E 491 -8.47 23.29 -16.13
CA THR E 491 -8.54 24.54 -16.89
C THR E 491 -9.63 24.49 -17.95
N GLY E 492 -10.00 25.66 -18.48
CA GLY E 492 -11.12 25.82 -19.42
C GLY E 492 -10.67 26.11 -20.85
N ASN E 493 -11.02 25.19 -21.77
CA ASN E 493 -10.78 25.30 -23.24
C ASN E 493 -9.38 24.90 -23.73
N LYS E 494 -8.34 25.23 -22.97
CA LYS E 494 -6.95 24.87 -23.32
C LYS E 494 -6.54 23.53 -22.69
N ASN E 495 -6.89 22.44 -23.39
CA ASN E 495 -6.47 21.09 -23.01
C ASN E 495 -5.13 20.74 -23.67
N LYS E 496 -4.04 21.14 -23.03
CA LYS E 496 -2.69 20.88 -23.56
C LYS E 496 -2.22 19.53 -23.03
N ILE E 497 -2.12 18.52 -23.88
CA ILE E 497 -1.24 17.37 -23.58
C ILE E 497 -0.76 16.69 -24.86
N THR E 498 0.43 16.11 -24.77
CA THR E 498 1.19 15.61 -25.90
C THR E 498 1.64 14.16 -25.69
N ILE E 499 1.20 13.27 -26.59
CA ILE E 499 1.54 11.85 -26.51
C ILE E 499 2.74 11.56 -27.43
N THR E 500 3.90 11.37 -26.82
CA THR E 500 5.03 10.72 -27.50
C THR E 500 4.79 9.21 -27.36
N ASN E 501 4.97 8.47 -28.44
CA ASN E 501 4.58 7.06 -28.46
C ASN E 501 5.77 6.12 -28.68
N ASP E 502 6.65 6.01 -27.67
CA ASP E 502 7.87 5.18 -27.78
C ASP E 502 7.51 3.71 -28.04
N GLN E 503 7.44 3.34 -29.32
CA GLN E 503 6.79 2.09 -29.73
C GLN E 503 7.25 1.59 -31.12
N ASN E 504 7.50 0.29 -31.23
CA ASN E 504 8.04 -0.30 -32.47
C ASN E 504 7.07 -0.35 -33.65
N ARG E 505 6.97 0.76 -34.37
CA ARG E 505 6.02 0.94 -35.45
C ARG E 505 6.63 1.74 -36.57
N LEU E 506 6.30 1.39 -37.81
CA LEU E 506 6.73 2.19 -38.94
C LEU E 506 6.20 3.60 -38.78
N THR E 507 7.11 4.59 -38.79
CA THR E 507 6.74 6.02 -38.77
C THR E 507 6.02 6.40 -40.06
N PRO E 508 5.22 7.49 -40.04
CA PRO E 508 4.52 7.85 -41.30
C PRO E 508 5.48 8.20 -42.46
N GLU E 509 6.73 8.56 -42.12
CA GLU E 509 7.81 8.82 -43.09
C GLU E 509 8.29 7.54 -43.76
N GLU E 510 8.69 6.56 -42.94
CA GLU E 510 9.01 5.22 -43.44
C GLU E 510 7.95 4.64 -44.38
N ILE E 511 6.70 4.73 -43.96
CA ILE E 511 5.61 4.25 -44.78
C ILE E 511 5.59 5.04 -46.08
N GLU E 512 5.90 6.35 -46.04
CA GLU E 512 5.87 7.14 -47.28
C GLU E 512 6.97 6.61 -48.21
N ARG E 513 8.16 6.33 -47.66
CA ARG E 513 9.24 5.78 -48.50
C ARG E 513 8.80 4.47 -49.11
N MET E 514 8.33 3.56 -48.29
CA MET E 514 8.03 2.22 -48.78
C MET E 514 6.91 2.23 -49.80
N VAL E 515 5.98 3.16 -49.65
CA VAL E 515 4.92 3.37 -50.66
C VAL E 515 5.54 3.80 -51.99
N ASN E 516 6.45 4.77 -51.95
CA ASN E 516 7.03 5.34 -53.19
C ASN E 516 7.92 4.32 -53.90
N ASP E 517 8.65 3.53 -53.12
CA ASP E 517 9.43 2.40 -53.63
C ASP E 517 8.55 1.45 -54.48
N ALA E 518 7.40 1.07 -53.94
CA ALA E 518 6.49 0.19 -54.65
C ALA E 518 5.96 0.84 -55.92
N GLU E 519 5.61 2.12 -55.83
CA GLU E 519 5.13 2.90 -56.98
C GLU E 519 6.20 2.99 -58.08
N LYS E 520 7.46 3.17 -57.70
CA LYS E 520 8.56 3.09 -58.68
C LYS E 520 8.70 1.69 -59.34
N PHE E 521 8.93 0.63 -58.52
CA PHE E 521 8.84 -0.76 -59.02
C PHE E 521 7.73 -0.91 -60.08
N ALA E 522 6.52 -0.45 -59.76
CA ALA E 522 5.38 -0.60 -60.67
C ALA E 522 5.65 0.08 -62.00
N GLU E 523 6.14 1.32 -61.94
CA GLU E 523 6.46 2.10 -63.12
C GLU E 523 7.62 1.45 -63.88
N GLU E 524 8.63 1.00 -63.13
CA GLU E 524 9.72 0.22 -63.73
C GLU E 524 9.16 -1.01 -64.48
N ASP E 525 8.53 -1.91 -63.73
CA ASP E 525 7.87 -3.11 -64.29
C ASP E 525 7.02 -2.83 -65.52
N LYS E 526 6.29 -1.72 -65.49
CA LYS E 526 5.36 -1.40 -66.59
C LYS E 526 6.11 -1.17 -67.87
N LYS E 527 7.24 -0.47 -67.72
CA LYS E 527 8.11 -0.08 -68.82
C LYS E 527 8.97 -1.23 -69.33
N LEU E 528 9.47 -2.08 -68.45
CA LEU E 528 10.10 -3.35 -68.86
C LEU E 528 9.14 -4.13 -69.75
N LYS E 529 7.88 -4.21 -69.34
CA LYS E 529 6.89 -5.00 -70.05
C LYS E 529 6.62 -4.40 -71.43
N GLU E 530 6.56 -3.08 -71.51
CA GLU E 530 6.33 -2.43 -72.81
C GLU E 530 7.46 -2.73 -73.80
N ARG E 531 8.69 -2.84 -73.29
CA ARG E 531 9.86 -3.11 -74.12
C ARG E 531 9.79 -4.55 -74.70
N ILE E 532 9.47 -5.53 -73.84
CA ILE E 532 9.23 -6.92 -74.25
C ILE E 532 8.12 -7.00 -75.29
N ASP E 533 6.97 -6.39 -74.96
CA ASP E 533 5.76 -6.49 -75.77
C ASP E 533 5.94 -5.80 -77.16
N THR E 534 6.77 -4.76 -77.25
CA THR E 534 7.05 -4.07 -78.57
C THR E 534 8.29 -4.55 -79.35
N ARG E 535 9.17 -5.31 -78.70
CA ARG E 535 10.17 -6.12 -79.41
C ARG E 535 9.53 -7.34 -80.08
N ASN E 536 8.48 -7.87 -79.46
CA ASN E 536 7.71 -8.95 -80.03
C ASN E 536 6.94 -8.53 -81.29
N GLU E 537 6.36 -7.30 -81.25
CA GLU E 537 5.61 -6.72 -82.39
C GLU E 537 6.48 -6.62 -83.61
N LEU E 538 7.75 -6.28 -83.41
CA LEU E 538 8.73 -6.26 -84.49
C LEU E 538 9.01 -7.66 -85.00
N GLU E 539 9.34 -8.58 -84.11
CA GLU E 539 9.60 -9.98 -84.50
C GLU E 539 8.41 -10.61 -85.24
N SER E 540 7.17 -10.31 -84.81
CA SER E 540 5.91 -10.74 -85.49
C SER E 540 5.86 -10.25 -86.92
N TYR E 541 5.84 -8.92 -87.03
CA TYR E 541 5.73 -8.23 -88.31
C TYR E 541 6.78 -8.70 -89.31
N ALA E 542 8.02 -8.84 -88.84
CA ALA E 542 9.11 -9.38 -89.66
C ALA E 542 8.79 -10.80 -90.15
N TYR E 543 8.45 -11.71 -89.23
CA TYR E 543 8.08 -13.09 -89.60
C TYR E 543 6.86 -13.06 -90.50
N SER E 544 5.88 -12.26 -90.10
CA SER E 544 4.69 -12.07 -90.90
C SER E 544 5.02 -11.89 -92.38
N LEU E 545 5.90 -10.94 -92.67
CA LEU E 545 6.32 -10.61 -94.04
C LEU E 545 7.15 -11.69 -94.71
N LYS E 546 7.94 -12.45 -93.95
CA LYS E 546 8.76 -13.50 -94.55
C LYS E 546 7.89 -14.68 -95.07
N ASN E 547 6.72 -14.88 -94.44
CA ASN E 547 5.73 -15.88 -94.93
C ASN E 547 5.04 -15.44 -96.23
N GLN E 548 4.67 -14.15 -96.33
CA GLN E 548 3.95 -13.60 -97.51
C GLN E 548 4.79 -13.54 -98.82
N ILE E 549 6.11 -13.53 -98.69
CA ILE E 549 7.04 -13.47 -99.82
C ILE E 549 7.27 -14.85 -100.45
N GLY E 550 7.61 -15.83 -99.61
CA GLY E 550 7.80 -17.21 -100.06
C GLY E 550 6.51 -17.89 -100.51
N ASP E 551 5.39 -17.21 -100.30
CA ASP E 551 4.04 -17.71 -100.58
C ASP E 551 3.59 -17.14 -101.94
N LYS E 552 3.75 -17.95 -103.00
CA LYS E 552 3.44 -17.52 -104.37
C LYS E 552 1.94 -17.36 -104.67
N GLU E 553 1.09 -17.63 -103.68
CA GLU E 553 -0.37 -17.56 -103.82
C GLU E 553 -0.97 -16.22 -103.34
N LYS E 554 -0.60 -15.79 -102.14
CA LYS E 554 -1.22 -14.63 -101.48
C LYS E 554 -0.51 -13.32 -101.79
N LEU E 555 0.83 -13.36 -101.81
CA LEU E 555 1.63 -12.17 -102.07
C LEU E 555 2.95 -12.38 -102.84
N GLY E 556 3.46 -13.60 -102.88
CA GLY E 556 4.77 -13.89 -103.49
C GLY E 556 4.77 -14.14 -104.99
N GLY E 557 3.58 -14.38 -105.56
CA GLY E 557 3.41 -14.52 -107.01
C GLY E 557 3.38 -13.17 -107.72
N LYS E 558 2.88 -12.14 -107.03
CA LYS E 558 2.79 -10.78 -107.57
C LYS E 558 4.16 -10.06 -107.65
N LEU E 559 5.17 -10.53 -106.92
CA LEU E 559 6.50 -9.86 -106.85
C LEU E 559 7.48 -10.25 -107.97
N SER E 560 8.40 -9.33 -108.27
CA SER E 560 9.48 -9.56 -109.25
C SER E 560 10.74 -9.98 -108.51
N SER E 561 11.77 -10.40 -109.25
CA SER E 561 13.05 -10.79 -108.63
C SER E 561 13.84 -9.59 -108.07
N GLU E 562 13.48 -8.39 -108.51
CA GLU E 562 14.04 -7.16 -107.96
C GLU E 562 13.43 -6.87 -106.59
N ASP E 563 12.10 -6.87 -106.52
CA ASP E 563 11.37 -6.57 -105.29
C ASP E 563 11.50 -7.68 -104.25
N LYS E 564 11.41 -8.94 -104.69
CA LYS E 564 11.54 -10.09 -103.79
C LYS E 564 12.89 -10.09 -103.08
N GLU E 565 13.95 -9.75 -103.82
CA GLU E 565 15.29 -9.68 -103.24
C GLU E 565 15.44 -8.52 -102.23
N THR E 566 14.80 -7.38 -102.50
CA THR E 566 14.79 -6.23 -101.56
C THR E 566 14.01 -6.59 -100.30
N MET E 567 12.85 -7.20 -100.48
CA MET E 567 12.00 -7.64 -99.39
C MET E 567 12.75 -8.60 -98.46
N GLU E 568 13.26 -9.67 -99.05
CA GLU E 568 14.01 -10.69 -98.31
C GLU E 568 15.11 -10.06 -97.49
N LYS E 569 15.78 -9.05 -98.01
CA LYS E 569 16.94 -8.46 -97.33
C LYS E 569 16.55 -7.46 -96.24
N ALA E 570 15.55 -6.62 -96.52
CA ALA E 570 15.07 -5.67 -95.52
C ALA E 570 14.72 -6.43 -94.26
N VAL E 571 13.89 -7.47 -94.44
CA VAL E 571 13.47 -8.35 -93.37
C VAL E 571 14.66 -9.07 -92.72
N GLU E 572 15.40 -9.85 -93.51
CA GLU E 572 16.49 -10.72 -92.98
C GLU E 572 17.60 -9.95 -92.27
N GLU E 573 17.73 -8.65 -92.55
CA GLU E 573 18.65 -7.77 -91.80
C GLU E 573 18.00 -7.10 -90.56
N LYS E 574 16.70 -6.83 -90.58
CA LYS E 574 15.96 -6.44 -89.37
C LYS E 574 15.89 -7.58 -88.38
N ILE E 575 15.86 -8.81 -88.89
CA ILE E 575 15.93 -9.96 -88.01
C ILE E 575 17.31 -10.04 -87.39
N GLU E 576 18.36 -10.24 -88.18
CA GLU E 576 19.70 -10.40 -87.57
C GLU E 576 20.13 -9.12 -86.75
N TRP E 577 19.49 -7.97 -86.98
CA TRP E 577 19.58 -6.80 -86.09
C TRP E 577 18.91 -7.05 -84.71
N LEU E 578 17.71 -7.61 -84.71
CA LEU E 578 17.01 -7.99 -83.49
C LEU E 578 17.82 -8.96 -82.71
N GLU E 579 18.36 -9.97 -83.39
CA GLU E 579 19.09 -11.04 -82.72
C GLU E 579 20.20 -10.47 -81.83
N SER E 580 20.85 -9.42 -82.30
CA SER E 580 22.03 -8.83 -81.65
C SER E 580 21.76 -7.48 -80.98
N HIS E 581 20.51 -7.14 -80.76
CA HIS E 581 20.14 -5.93 -80.01
C HIS E 581 18.94 -6.26 -79.11
N GLN E 582 19.09 -7.33 -78.36
CA GLN E 582 18.06 -7.70 -77.43
C GLN E 582 18.00 -6.66 -76.32
N ASP E 583 19.16 -6.23 -75.84
CA ASP E 583 19.22 -5.23 -74.75
C ASP E 583 18.93 -3.77 -75.23
N ALA E 584 18.44 -3.60 -76.46
CA ALA E 584 18.04 -2.30 -76.99
C ALA E 584 16.88 -1.69 -76.18
N ASP E 585 16.62 -0.40 -76.42
CA ASP E 585 15.61 0.33 -75.66
C ASP E 585 14.32 0.42 -76.44
N ILE E 586 13.23 0.62 -75.71
CA ILE E 586 11.88 0.66 -76.28
C ILE E 586 11.78 1.41 -77.63
N GLU E 587 12.41 2.59 -77.73
CA GLU E 587 12.31 3.46 -78.92
C GLU E 587 12.97 2.84 -80.16
N ASP E 588 14.14 2.25 -79.97
CA ASP E 588 14.87 1.58 -81.04
C ASP E 588 13.95 0.54 -81.74
N PHE E 589 13.14 -0.19 -80.98
CA PHE E 589 12.24 -1.19 -81.59
C PHE E 589 11.11 -0.55 -82.38
N LYS E 590 10.46 0.46 -81.80
CA LYS E 590 9.49 1.27 -82.54
C LYS E 590 10.08 1.79 -83.87
N ALA E 591 11.27 2.39 -83.80
CA ALA E 591 11.97 2.94 -84.97
C ALA E 591 12.21 1.90 -86.06
N LYS E 592 12.82 0.77 -85.68
CA LYS E 592 13.15 -0.30 -86.66
C LYS E 592 11.91 -0.89 -87.35
N LYS E 593 10.81 -0.95 -86.61
CA LYS E 593 9.52 -1.36 -87.16
C LYS E 593 9.11 -0.44 -88.30
N LYS E 594 9.29 0.86 -88.07
CA LYS E 594 8.88 1.89 -89.03
C LYS E 594 9.83 1.89 -90.21
N GLU E 595 11.14 1.75 -89.95
CA GLU E 595 12.13 1.61 -91.02
C GLU E 595 11.74 0.50 -91.99
N LEU E 596 11.37 -0.66 -91.45
CA LEU E 596 10.99 -1.81 -92.27
C LEU E 596 9.62 -1.59 -92.97
N GLU E 597 8.68 -0.94 -92.26
CA GLU E 597 7.36 -0.58 -92.83
C GLU E 597 7.45 0.29 -94.07
N GLU E 598 8.38 1.25 -94.07
CA GLU E 598 8.53 2.24 -95.16
C GLU E 598 9.21 1.67 -96.41
N ILE E 599 10.08 0.67 -96.25
CA ILE E 599 10.66 -0.08 -97.38
C ILE E 599 9.62 -1.01 -98.04
N VAL E 600 8.81 -1.64 -97.19
CA VAL E 600 7.81 -2.62 -97.63
C VAL E 600 6.55 -1.97 -98.25
N GLN E 601 6.07 -0.86 -97.68
CA GLN E 601 4.80 -0.24 -98.15
C GLN E 601 4.72 0.04 -99.66
N PRO E 602 5.74 0.74 -100.24
CA PRO E 602 5.70 0.96 -101.69
C PRO E 602 5.65 -0.33 -102.52
N ILE E 603 6.35 -1.37 -102.06
CA ILE E 603 6.45 -2.62 -102.82
C ILE E 603 5.16 -3.45 -102.78
N ILE E 604 4.58 -3.62 -101.59
CA ILE E 604 3.35 -4.41 -101.45
C ILE E 604 2.11 -3.71 -102.01
N SER E 605 2.17 -2.39 -102.21
CA SER E 605 1.04 -1.62 -102.75
C SER E 605 1.16 -1.34 -104.26
N LYS E 606 1.56 -2.36 -105.03
CA LYS E 606 1.62 -2.29 -106.48
C LYS E 606 0.65 -3.32 -107.08
N SER F 1 -22.17 13.96 -44.71
CA SER F 1 -23.49 13.86 -44.02
C SER F 1 -23.81 15.15 -43.23
N GLU F 2 -24.99 15.19 -42.62
CA GLU F 2 -25.52 16.41 -42.01
C GLU F 2 -24.83 16.84 -40.71
N ASP F 3 -24.81 18.15 -40.50
CA ASP F 3 -24.65 18.70 -39.16
C ASP F 3 -25.97 18.51 -38.44
N VAL F 4 -25.96 17.68 -37.39
CA VAL F 4 -27.17 17.45 -36.61
C VAL F 4 -27.25 18.32 -35.35
N GLY F 5 -26.25 19.17 -35.15
CA GLY F 5 -26.27 20.11 -34.03
C GLY F 5 -26.19 19.36 -32.72
N THR F 6 -26.93 19.85 -31.72
CA THR F 6 -27.16 19.07 -30.49
C THR F 6 -28.42 18.24 -30.71
N VAL F 7 -28.37 16.97 -30.31
CA VAL F 7 -29.53 16.09 -30.41
C VAL F 7 -30.13 15.95 -29.00
N VAL F 8 -31.44 16.14 -28.92
CA VAL F 8 -32.17 16.01 -27.66
C VAL F 8 -32.88 14.66 -27.57
N GLY F 9 -32.95 14.12 -26.37
CA GLY F 9 -33.78 12.95 -26.13
C GLY F 9 -35.11 13.34 -25.53
N ILE F 10 -36.21 12.92 -26.16
CA ILE F 10 -37.56 13.20 -25.62
C ILE F 10 -38.36 11.94 -25.23
N ASP F 11 -38.78 11.86 -23.97
CA ASP F 11 -39.80 10.91 -23.56
C ASP F 11 -41.14 11.57 -23.86
N LEU F 12 -41.87 11.07 -24.86
CA LEU F 12 -43.13 11.69 -25.26
C LEU F 12 -44.23 10.79 -24.71
N GLY F 13 -44.63 11.07 -23.47
CA GLY F 13 -45.46 10.15 -22.69
C GLY F 13 -46.90 10.56 -22.63
N THR F 14 -47.76 9.60 -22.33
CA THR F 14 -49.23 9.82 -22.37
C THR F 14 -49.74 10.97 -21.49
N THR F 15 -49.34 10.96 -20.21
CA THR F 15 -49.69 12.02 -19.28
C THR F 15 -48.59 13.06 -19.07
N TYR F 16 -47.31 12.72 -19.37
CA TYR F 16 -46.15 13.62 -19.15
C TYR F 16 -45.09 13.48 -20.22
N SER F 17 -44.29 14.52 -20.40
CA SER F 17 -43.17 14.45 -21.30
C SER F 17 -41.96 15.02 -20.55
N CYS F 18 -40.78 14.67 -21.05
CA CYS F 18 -39.51 14.98 -20.39
C CYS F 18 -38.42 15.08 -21.43
N VAL F 19 -37.62 16.13 -21.39
CA VAL F 19 -36.52 16.28 -22.33
C VAL F 19 -35.18 16.22 -21.64
N GLY F 20 -34.22 15.58 -22.29
CA GLY F 20 -32.84 15.48 -21.79
C GLY F 20 -31.82 15.69 -22.89
N VAL F 21 -30.59 15.95 -22.44
CA VAL F 21 -29.47 16.23 -23.33
C VAL F 21 -28.17 15.73 -22.72
N PHE F 22 -27.27 15.27 -23.58
CA PHE F 22 -25.97 14.76 -23.12
C PHE F 22 -24.88 15.78 -23.42
N LYS F 23 -24.26 16.35 -22.39
CA LYS F 23 -23.13 17.26 -22.56
C LYS F 23 -22.21 17.24 -21.33
N ASN F 24 -20.91 17.46 -21.56
CA ASN F 24 -19.87 17.35 -20.53
C ASN F 24 -19.89 15.99 -19.83
N GLY F 25 -20.08 14.92 -20.60
CA GLY F 25 -19.98 13.55 -20.09
C GLY F 25 -21.03 13.20 -19.05
N ARG F 26 -22.18 13.86 -19.16
CA ARG F 26 -23.24 13.80 -18.14
C ARG F 26 -24.61 14.07 -18.82
N VAL F 27 -25.65 13.43 -18.29
CA VAL F 27 -27.03 13.70 -18.74
C VAL F 27 -27.61 14.79 -17.89
N GLU F 28 -28.10 15.85 -18.52
CA GLU F 28 -28.90 16.82 -17.82
C GLU F 28 -30.33 16.58 -18.30
N ILE F 29 -31.22 16.42 -17.32
CA ILE F 29 -32.66 16.45 -17.57
C ILE F 29 -33.08 17.89 -17.37
N ILE F 30 -33.67 18.48 -18.41
CA ILE F 30 -33.86 19.94 -18.50
C ILE F 30 -35.21 20.40 -17.91
N ALA F 31 -35.12 21.43 -17.05
CA ALA F 31 -36.30 22.10 -16.48
C ALA F 31 -36.95 23.07 -17.48
N ASN F 32 -38.28 23.21 -17.37
CA ASN F 32 -39.07 24.15 -18.23
C ASN F 32 -39.15 25.51 -17.56
N ASP F 33 -39.88 26.46 -18.17
CA ASP F 33 -39.99 27.81 -17.59
C ASP F 33 -40.54 27.85 -16.15
N GLN F 34 -41.34 26.86 -15.77
CA GLN F 34 -41.88 26.81 -14.41
C GLN F 34 -41.03 25.98 -13.45
N GLY F 35 -39.81 25.64 -13.87
CA GLY F 35 -38.84 24.96 -13.01
C GLY F 35 -39.02 23.45 -12.88
N ASN F 36 -39.95 22.88 -13.66
CA ASN F 36 -40.29 21.45 -13.62
C ASN F 36 -39.58 20.61 -14.65
N ARG F 37 -38.96 19.55 -14.16
CA ARG F 37 -38.18 18.65 -14.99
C ARG F 37 -39.07 17.70 -15.82
N ILE F 38 -40.39 17.74 -15.62
CA ILE F 38 -41.37 17.06 -16.50
C ILE F 38 -42.57 17.95 -16.88
N THR F 39 -43.26 17.62 -17.95
CA THR F 39 -44.23 18.55 -18.54
C THR F 39 -45.54 17.91 -19.02
N PRO F 40 -46.67 18.27 -18.41
CA PRO F 40 -47.90 17.63 -18.78
C PRO F 40 -48.07 17.64 -20.27
N SER F 41 -48.43 16.48 -20.82
CA SER F 41 -48.59 16.31 -22.23
C SER F 41 -49.95 16.83 -22.66
N TYR F 42 -50.26 18.08 -22.26
CA TYR F 42 -51.61 18.71 -22.44
C TYR F 42 -51.50 19.88 -23.40
N VAL F 43 -52.55 20.14 -24.17
CA VAL F 43 -52.69 21.43 -24.87
C VAL F 43 -54.14 21.88 -24.70
N ALA F 44 -54.34 23.17 -24.48
CA ALA F 44 -55.69 23.72 -24.31
C ALA F 44 -55.86 24.94 -25.18
N PHE F 45 -57.07 25.10 -25.70
CA PHE F 45 -57.41 26.24 -26.52
C PHE F 45 -58.42 27.08 -25.75
N THR F 46 -57.96 28.24 -25.26
CA THR F 46 -58.78 29.16 -24.46
C THR F 46 -59.90 29.78 -25.32
N PRO F 47 -61.02 30.21 -24.68
CA PRO F 47 -62.06 30.96 -25.42
C PRO F 47 -61.52 32.26 -26.04
N GLU F 48 -60.67 32.94 -25.26
CA GLU F 48 -59.97 34.17 -25.65
C GLU F 48 -58.96 33.97 -26.82
N GLY F 49 -59.06 32.83 -27.51
CA GLY F 49 -58.21 32.52 -28.69
C GLY F 49 -56.80 32.01 -28.46
N GLU F 50 -56.32 32.06 -27.22
CA GLU F 50 -54.93 31.71 -26.84
C GLU F 50 -54.71 30.20 -26.88
N ARG F 51 -53.47 29.73 -27.14
CA ARG F 51 -53.17 28.28 -27.20
C ARG F 51 -52.13 27.83 -26.17
N LEU F 52 -52.61 27.32 -25.04
CA LEU F 52 -51.77 26.92 -23.91
C LEU F 52 -51.34 25.47 -24.04
N ILE F 53 -50.19 25.19 -23.41
CA ILE F 53 -49.47 23.93 -23.54
C ILE F 53 -48.78 23.62 -22.23
N GLY F 54 -48.87 22.37 -21.79
CA GLY F 54 -48.19 21.92 -20.58
C GLY F 54 -48.93 22.37 -19.34
N ASP F 55 -48.20 22.78 -18.30
CA ASP F 55 -48.80 23.12 -17.00
C ASP F 55 -49.95 24.13 -17.04
N ALA F 56 -49.92 25.04 -18.02
CA ALA F 56 -50.95 26.08 -18.14
C ALA F 56 -52.25 25.53 -18.70
N ALA F 57 -52.14 24.67 -19.70
CA ALA F 57 -53.33 24.03 -20.27
C ALA F 57 -54.00 23.11 -19.26
N LYS F 58 -53.19 22.36 -18.52
CA LYS F 58 -53.69 21.45 -17.50
C LYS F 58 -54.45 22.24 -16.46
N ASN F 59 -53.82 23.33 -16.01
CA ASN F 59 -54.35 24.12 -14.90
C ASN F 59 -55.74 24.74 -15.19
N GLN F 60 -56.15 24.86 -16.46
CA GLN F 60 -57.50 25.33 -16.79
C GLN F 60 -58.45 24.22 -17.26
N LEU F 61 -58.06 22.96 -17.04
CA LEU F 61 -58.84 21.80 -17.51
C LEU F 61 -60.30 21.84 -17.08
N THR F 62 -60.54 22.08 -15.80
CA THR F 62 -61.87 21.96 -15.18
C THR F 62 -62.80 23.11 -15.50
N SER F 63 -62.22 24.28 -15.72
CA SER F 63 -63.00 25.44 -16.17
C SER F 63 -63.22 25.49 -17.71
N ASN F 64 -62.71 24.51 -18.46
CA ASN F 64 -62.76 24.51 -19.91
C ASN F 64 -62.47 23.09 -20.46
N PRO F 65 -63.18 22.06 -19.97
CA PRO F 65 -62.83 20.68 -20.28
C PRO F 65 -62.99 20.27 -21.71
N GLU F 66 -63.87 20.94 -22.42
CA GLU F 66 -64.28 20.46 -23.73
C GLU F 66 -63.26 20.84 -24.81
N ASN F 67 -62.36 21.77 -24.49
CA ASN F 67 -61.29 22.19 -25.42
C ASN F 67 -59.89 22.04 -24.82
N THR F 68 -59.78 21.15 -23.84
CA THR F 68 -58.48 20.83 -23.29
C THR F 68 -58.18 19.43 -23.80
N VAL F 69 -57.05 19.27 -24.48
CA VAL F 69 -56.68 17.98 -25.06
C VAL F 69 -55.55 17.31 -24.27
N PHE F 70 -55.73 16.02 -24.08
CA PHE F 70 -54.84 15.19 -23.27
C PHE F 70 -55.03 13.72 -23.64
N ASP F 71 -54.19 12.86 -23.07
CA ASP F 71 -54.08 11.46 -23.46
C ASP F 71 -54.16 11.24 -24.96
N ALA F 72 -53.48 12.08 -25.75
CA ALA F 72 -53.50 11.96 -27.21
C ALA F 72 -52.78 10.72 -27.63
N LYS F 73 -51.80 10.31 -26.81
CA LYS F 73 -50.97 9.14 -27.11
C LYS F 73 -51.81 7.91 -27.30
N ARG F 74 -52.90 7.80 -26.54
CA ARG F 74 -53.84 6.70 -26.65
C ARG F 74 -54.54 6.69 -28.03
N LEU F 75 -54.51 7.80 -28.76
CA LEU F 75 -55.17 7.87 -30.05
C LEU F 75 -54.22 7.82 -31.24
N ILE F 76 -52.96 8.19 -31.01
CA ILE F 76 -52.02 8.32 -32.11
C ILE F 76 -51.82 6.99 -32.83
N GLY F 77 -51.72 7.04 -34.14
CA GLY F 77 -51.52 5.85 -34.96
C GLY F 77 -52.66 4.83 -35.04
N ARG F 78 -53.84 5.12 -34.49
CA ARG F 78 -54.97 4.15 -34.54
C ARG F 78 -56.04 4.52 -35.56
N THR F 79 -56.95 3.56 -35.79
CA THR F 79 -58.12 3.74 -36.66
C THR F 79 -59.39 3.82 -35.84
N TRP F 80 -60.46 4.30 -36.49
CA TRP F 80 -61.72 4.57 -35.80
C TRP F 80 -62.25 3.30 -35.14
N ASN F 81 -62.37 2.23 -35.91
CA ASN F 81 -62.99 0.99 -35.46
C ASN F 81 -62.22 0.23 -34.41
N ASP F 82 -61.00 0.69 -34.11
CA ASP F 82 -60.20 0.09 -33.06
C ASP F 82 -61.03 0.14 -31.78
N PRO F 83 -61.23 -1.03 -31.12
CA PRO F 83 -61.98 -1.10 -29.87
C PRO F 83 -61.48 -0.13 -28.83
N SER F 84 -60.16 0.00 -28.75
CA SER F 84 -59.52 0.80 -27.72
C SER F 84 -59.82 2.28 -27.88
N VAL F 85 -59.90 2.74 -29.13
CA VAL F 85 -60.26 4.13 -29.44
C VAL F 85 -61.70 4.41 -29.00
N GLN F 86 -62.61 3.52 -29.40
CA GLN F 86 -64.02 3.60 -29.06
C GLN F 86 -64.25 3.59 -27.56
N GLN F 87 -63.56 2.73 -26.86
CA GLN F 87 -63.67 2.73 -25.42
C GLN F 87 -63.14 4.05 -24.86
N ASP F 88 -62.05 4.57 -25.43
CA ASP F 88 -61.37 5.77 -24.88
C ASP F 88 -62.11 7.09 -25.07
N ILE F 89 -62.82 7.26 -26.20
CA ILE F 89 -63.57 8.51 -26.48
C ILE F 89 -64.81 8.73 -25.61
N LYS F 90 -65.36 7.64 -25.08
CA LYS F 90 -66.45 7.70 -24.10
C LYS F 90 -66.10 8.41 -22.79
N PHE F 91 -64.82 8.55 -22.46
CA PHE F 91 -64.40 9.26 -21.24
C PHE F 91 -63.54 10.49 -21.51
N LEU F 92 -63.51 10.90 -22.77
CA LEU F 92 -62.76 12.08 -23.13
C LEU F 92 -63.73 13.25 -23.30
N PRO F 93 -63.47 14.35 -22.59
CA PRO F 93 -64.35 15.49 -22.63
C PRO F 93 -64.42 16.13 -24.00
N PHE F 94 -63.30 16.15 -24.72
CA PHE F 94 -63.24 16.78 -26.04
C PHE F 94 -63.93 15.92 -27.09
N LYS F 95 -64.40 16.57 -28.14
CA LYS F 95 -65.03 15.88 -29.25
C LYS F 95 -64.02 15.12 -30.08
N VAL F 96 -64.31 13.85 -30.35
CA VAL F 96 -63.46 13.06 -31.24
C VAL F 96 -64.32 12.63 -32.42
N VAL F 97 -63.84 12.80 -33.66
CA VAL F 97 -64.64 12.56 -34.90
C VAL F 97 -63.87 11.78 -35.98
N GLU F 98 -64.59 10.97 -36.76
CA GLU F 98 -64.00 10.12 -37.81
C GLU F 98 -63.73 10.94 -39.06
N LYS F 99 -62.55 10.79 -39.63
CA LYS F 99 -62.30 11.25 -41.01
C LYS F 99 -61.04 10.59 -41.62
N LYS F 100 -61.29 9.89 -42.74
CA LYS F 100 -60.38 8.94 -43.37
C LYS F 100 -60.21 7.70 -42.47
N THR F 101 -61.32 7.33 -41.83
CA THR F 101 -61.34 6.22 -40.85
C THR F 101 -60.39 6.38 -39.65
N LYS F 102 -59.84 7.59 -39.45
CA LYS F 102 -59.00 7.89 -38.30
C LYS F 102 -59.70 8.81 -37.32
N PRO F 103 -59.36 8.70 -36.02
CA PRO F 103 -59.86 9.65 -35.05
C PRO F 103 -59.10 10.98 -35.04
N TYR F 104 -59.82 12.06 -35.38
CA TYR F 104 -59.32 13.43 -35.29
C TYR F 104 -59.92 14.11 -34.07
N ILE F 105 -59.17 15.06 -33.50
CA ILE F 105 -59.62 15.85 -32.35
C ILE F 105 -60.27 17.15 -32.83
N GLN F 106 -61.51 17.39 -32.41
CA GLN F 106 -62.26 18.61 -32.75
C GLN F 106 -62.47 19.44 -31.48
N VAL F 107 -62.04 20.71 -31.54
CA VAL F 107 -62.19 21.69 -30.46
C VAL F 107 -62.66 23.07 -31.01
N ASP F 108 -62.92 24.02 -30.10
CA ASP F 108 -63.19 25.41 -30.46
C ASP F 108 -61.96 26.22 -30.13
N ILE F 109 -61.36 26.84 -31.14
CA ILE F 109 -60.15 27.66 -30.97
C ILE F 109 -60.43 29.11 -30.55
N GLY F 110 -61.70 29.49 -30.53
CA GLY F 110 -62.11 30.84 -30.12
C GLY F 110 -62.83 31.54 -31.26
N GLY F 111 -63.71 32.48 -30.90
CA GLY F 111 -64.53 33.19 -31.89
C GLY F 111 -65.50 32.28 -32.63
N GLY F 112 -66.03 31.28 -31.94
CA GLY F 112 -66.90 30.27 -32.54
C GLY F 112 -66.21 29.28 -33.47
N GLN F 113 -64.91 29.41 -33.68
CA GLN F 113 -64.19 28.68 -34.75
C GLN F 113 -63.80 27.25 -34.38
N THR F 114 -64.29 26.30 -35.18
CA THR F 114 -64.01 24.89 -35.03
C THR F 114 -62.80 24.49 -35.89
N LYS F 115 -61.77 23.95 -35.24
CA LYS F 115 -60.66 23.31 -35.92
C LYS F 115 -60.71 21.82 -35.62
N THR F 116 -60.32 20.98 -36.58
CA THR F 116 -60.13 19.55 -36.32
C THR F 116 -58.63 19.23 -36.45
N PHE F 117 -58.10 18.46 -35.50
CA PHE F 117 -56.67 18.19 -35.41
C PHE F 117 -56.38 16.70 -35.42
N ALA F 118 -55.36 16.29 -36.18
CA ALA F 118 -54.87 14.91 -36.12
C ALA F 118 -54.06 14.71 -34.82
N PRO F 119 -54.16 13.50 -34.22
CA PRO F 119 -53.47 13.30 -32.94
C PRO F 119 -51.97 13.60 -33.05
N GLU F 120 -51.42 13.39 -34.25
CA GLU F 120 -50.03 13.71 -34.56
C GLU F 120 -49.76 15.19 -34.33
N GLU F 121 -50.74 16.03 -34.71
CA GLU F 121 -50.62 17.49 -34.53
C GLU F 121 -50.57 17.85 -33.07
N ILE F 122 -51.51 17.31 -32.30
CA ILE F 122 -51.54 17.52 -30.84
C ILE F 122 -50.22 17.12 -30.18
N SER F 123 -49.68 15.99 -30.58
CA SER F 123 -48.43 15.53 -30.00
C SER F 123 -47.31 16.42 -30.49
N ALA F 124 -47.37 16.81 -31.77
CA ALA F 124 -46.41 17.77 -32.33
C ALA F 124 -46.31 19.03 -31.43
N MET F 125 -47.47 19.52 -31.03
CA MET F 125 -47.51 20.69 -30.17
C MET F 125 -46.78 20.42 -28.87
N VAL F 126 -46.98 19.21 -28.32
CA VAL F 126 -46.32 18.84 -27.04
C VAL F 126 -44.82 18.77 -27.27
N LEU F 127 -44.43 18.18 -28.39
CA LEU F 127 -43.00 18.12 -28.76
C LEU F 127 -42.39 19.52 -28.92
N THR F 128 -43.12 20.41 -29.63
CA THR F 128 -42.66 21.79 -29.82
C THR F 128 -42.30 22.47 -28.51
N LYS F 129 -43.15 22.24 -27.52
CA LYS F 129 -42.93 22.75 -26.18
C LYS F 129 -41.65 22.17 -25.63
N MET F 130 -41.42 20.89 -25.91
CA MET F 130 -40.21 20.23 -25.40
C MET F 130 -38.99 20.66 -26.19
N LYS F 131 -39.16 20.98 -27.47
CA LYS F 131 -38.08 21.61 -28.25
C LYS F 131 -37.69 22.99 -27.72
N GLU F 132 -38.70 23.82 -27.43
CA GLU F 132 -38.43 25.15 -26.89
C GLU F 132 -37.77 25.10 -25.54
N THR F 133 -38.22 24.18 -24.69
CA THR F 133 -37.62 24.02 -23.36
C THR F 133 -36.08 23.77 -23.42
N ALA F 134 -35.67 22.94 -24.36
CA ALA F 134 -34.27 22.58 -24.52
C ALA F 134 -33.51 23.70 -25.23
N GLU F 135 -34.16 24.34 -26.21
CA GLU F 135 -33.56 25.52 -26.86
C GLU F 135 -33.19 26.62 -25.85
N ALA F 136 -34.01 26.78 -24.81
CA ALA F 136 -33.75 27.76 -23.76
C ALA F 136 -32.53 27.40 -22.94
N TYR F 137 -32.40 26.14 -22.56
CA TYR F 137 -31.27 25.72 -21.72
C TYR F 137 -29.94 25.82 -22.49
N LEU F 138 -29.95 25.33 -23.72
CA LEU F 138 -28.75 25.33 -24.57
C LEU F 138 -28.40 26.72 -25.05
N GLY F 139 -29.41 27.58 -25.12
CA GLY F 139 -29.25 28.92 -25.65
C GLY F 139 -29.00 28.89 -27.14
N LYS F 140 -29.49 27.85 -27.81
CA LYS F 140 -29.28 27.70 -29.25
C LYS F 140 -30.33 26.78 -29.86
N LYS F 141 -30.53 26.92 -31.16
CA LYS F 141 -31.61 26.21 -31.82
C LYS F 141 -31.37 24.67 -31.90
N VAL F 142 -32.45 23.90 -32.08
CA VAL F 142 -32.42 22.41 -32.06
C VAL F 142 -33.29 21.81 -33.17
N THR F 143 -32.75 20.87 -33.94
CA THR F 143 -33.44 20.34 -35.12
C THR F 143 -33.62 18.82 -35.16
N HIS F 144 -32.74 18.11 -34.49
CA HIS F 144 -32.76 16.67 -34.51
C HIS F 144 -33.02 16.14 -33.13
N ALA F 145 -33.87 15.13 -33.05
CA ALA F 145 -34.15 14.49 -31.77
C ALA F 145 -34.30 12.97 -31.82
N VAL F 146 -34.11 12.38 -30.66
CA VAL F 146 -34.44 10.99 -30.41
C VAL F 146 -35.75 11.05 -29.64
N VAL F 147 -36.74 10.29 -30.09
CA VAL F 147 -38.04 10.23 -29.45
C VAL F 147 -38.36 8.80 -29.00
N THR F 148 -38.81 8.65 -27.76
CA THR F 148 -39.27 7.35 -27.23
C THR F 148 -40.68 6.97 -27.68
N VAL F 149 -40.93 5.67 -27.74
CA VAL F 149 -42.28 5.11 -27.87
C VAL F 149 -42.34 3.82 -27.07
N PRO F 150 -43.55 3.42 -26.66
CA PRO F 150 -43.65 2.15 -25.94
C PRO F 150 -43.14 1.04 -26.82
N ALA F 151 -42.50 0.04 -26.21
CA ALA F 151 -41.95 -1.08 -26.99
C ALA F 151 -43.04 -1.79 -27.84
N TYR F 152 -44.25 -1.91 -27.30
CA TYR F 152 -45.33 -2.63 -27.98
C TYR F 152 -46.16 -1.78 -28.99
N PHE F 153 -45.72 -0.56 -29.29
CA PHE F 153 -46.31 0.24 -30.36
C PHE F 153 -46.11 -0.45 -31.70
N ASN F 154 -47.14 -0.38 -32.51
CA ASN F 154 -47.14 -1.04 -33.79
C ASN F 154 -46.59 -0.09 -34.86
N ASP F 155 -46.75 -0.42 -36.15
CA ASP F 155 -46.07 0.28 -37.26
C ASP F 155 -46.66 1.64 -37.36
N ALA F 156 -47.98 1.66 -37.47
CA ALA F 156 -48.71 2.89 -37.60
C ALA F 156 -48.30 3.83 -36.49
N GLN F 157 -48.31 3.30 -35.25
CA GLN F 157 -48.04 4.12 -34.07
C GLN F 157 -46.65 4.73 -34.09
N ARG F 158 -45.70 4.03 -34.73
CA ARG F 158 -44.32 4.49 -34.78
C ARG F 158 -44.21 5.56 -35.82
N GLN F 159 -44.78 5.29 -36.98
CA GLN F 159 -44.79 6.29 -38.03
C GLN F 159 -45.48 7.57 -37.56
N ALA F 160 -46.59 7.42 -36.85
CA ALA F 160 -47.38 8.56 -36.42
C ALA F 160 -46.62 9.46 -35.46
N THR F 161 -45.89 8.87 -34.53
CA THR F 161 -44.98 9.59 -33.65
C THR F 161 -43.90 10.32 -34.46
N LYS F 162 -43.36 9.64 -35.47
CA LYS F 162 -42.28 10.20 -36.27
C LYS F 162 -42.80 11.42 -36.99
N ASP F 163 -43.92 11.26 -37.68
CA ASP F 163 -44.63 12.37 -38.29
C ASP F 163 -44.84 13.54 -37.30
N ALA F 164 -45.27 13.22 -36.08
CA ALA F 164 -45.52 14.23 -35.08
C ALA F 164 -44.28 15.06 -34.87
N GLY F 165 -43.11 14.42 -34.85
CA GLY F 165 -41.85 15.18 -34.80
C GLY F 165 -41.66 16.10 -36.01
N THR F 166 -41.99 15.59 -37.18
CA THR F 166 -41.77 16.34 -38.38
C THR F 166 -42.56 17.62 -38.21
N ILE F 167 -43.86 17.45 -37.97
CA ILE F 167 -44.80 18.56 -37.79
C ILE F 167 -44.25 19.61 -36.79
N ALA F 168 -43.63 19.15 -35.72
CA ALA F 168 -43.02 20.07 -34.76
C ALA F 168 -41.73 20.66 -35.27
N GLY F 169 -41.40 20.45 -36.56
CA GLY F 169 -40.10 20.80 -37.08
C GLY F 169 -38.94 20.10 -36.38
N LEU F 170 -39.02 18.78 -36.30
CA LEU F 170 -37.94 17.99 -35.72
C LEU F 170 -37.66 16.83 -36.65
N ASN F 171 -36.38 16.58 -36.90
CA ASN F 171 -35.98 15.36 -37.57
C ASN F 171 -35.81 14.27 -36.49
N VAL F 172 -36.68 13.28 -36.55
CA VAL F 172 -36.63 12.18 -35.60
C VAL F 172 -35.69 11.14 -36.20
N MET F 173 -34.45 11.08 -35.69
CA MET F 173 -33.39 10.20 -36.21
C MET F 173 -33.68 8.78 -35.78
N ARG F 174 -33.86 8.59 -34.48
CA ARG F 174 -34.18 7.29 -33.92
C ARG F 174 -35.46 7.35 -33.08
N ILE F 175 -36.36 6.43 -33.35
CA ILE F 175 -37.35 5.97 -32.40
C ILE F 175 -36.73 4.91 -31.46
N ILE F 176 -36.69 5.17 -30.17
CA ILE F 176 -36.16 4.18 -29.24
C ILE F 176 -37.18 3.68 -28.20
N ASN F 177 -37.41 2.37 -28.11
CA ASN F 177 -38.44 1.86 -27.22
C ASN F 177 -38.12 2.16 -25.78
N GLU F 178 -39.18 2.42 -25.00
CA GLU F 178 -39.06 3.00 -23.67
C GLU F 178 -38.26 2.15 -22.70
N PRO F 179 -38.52 0.84 -22.68
CA PRO F 179 -37.74 0.04 -21.75
C PRO F 179 -36.24 0.04 -22.13
N THR F 180 -35.94 -0.06 -23.43
CA THR F 180 -34.56 -0.07 -23.84
C THR F 180 -33.89 1.15 -23.28
N ALA F 181 -34.53 2.29 -23.49
CA ALA F 181 -34.01 3.55 -23.01
C ALA F 181 -33.84 3.51 -21.49
N ALA F 182 -34.80 2.94 -20.80
CA ALA F 182 -34.69 2.84 -19.34
C ALA F 182 -33.49 1.96 -18.93
N ALA F 183 -33.27 0.87 -19.67
CA ALA F 183 -32.18 -0.05 -19.38
C ALA F 183 -30.84 0.70 -19.47
N ILE F 184 -30.72 1.58 -20.46
CA ILE F 184 -29.53 2.40 -20.63
C ILE F 184 -29.31 3.19 -19.36
N ALA F 185 -30.35 3.88 -18.91
CA ALA F 185 -30.26 4.61 -17.65
C ALA F 185 -29.79 3.74 -16.48
N TYR F 186 -30.25 2.50 -16.43
CA TYR F 186 -29.88 1.58 -15.35
C TYR F 186 -28.48 1.02 -15.44
N GLY F 187 -28.13 0.57 -16.65
CA GLY F 187 -26.97 -0.30 -16.85
C GLY F 187 -25.85 0.19 -17.75
N LEU F 188 -25.81 1.50 -18.00
CA LEU F 188 -24.74 2.08 -18.81
C LEU F 188 -23.40 1.89 -18.12
N ASP F 189 -23.35 2.28 -16.84
CA ASP F 189 -22.12 2.30 -16.06
C ASP F 189 -21.84 0.99 -15.27
N LYS F 190 -22.60 -0.06 -15.56
CA LYS F 190 -22.37 -1.38 -14.94
C LYS F 190 -21.28 -2.19 -15.68
N ARG F 191 -20.35 -2.76 -14.91
CA ARG F 191 -19.31 -3.66 -15.43
C ARG F 191 -19.31 -4.97 -14.62
N GLU F 192 -20.37 -5.76 -14.75
CA GLU F 192 -20.55 -6.94 -13.89
C GLU F 192 -20.75 -8.23 -14.70
N GLY F 193 -20.57 -8.14 -16.02
CA GLY F 193 -20.80 -9.30 -16.88
C GLY F 193 -22.24 -9.48 -17.29
N GLU F 194 -22.49 -10.49 -18.10
CA GLU F 194 -23.79 -10.70 -18.72
C GLU F 194 -24.82 -10.99 -17.66
N LYS F 195 -25.68 -10.02 -17.38
CA LYS F 195 -26.80 -10.23 -16.46
C LYS F 195 -28.12 -10.10 -17.22
N ASN F 196 -29.09 -10.93 -16.86
CA ASN F 196 -30.44 -10.82 -17.37
C ASN F 196 -31.24 -9.79 -16.60
N ILE F 197 -31.64 -8.72 -17.29
CA ILE F 197 -32.38 -7.61 -16.70
C ILE F 197 -33.81 -7.60 -17.24
N LEU F 198 -34.78 -7.42 -16.35
CA LEU F 198 -36.18 -7.33 -16.76
C LEU F 198 -36.62 -5.93 -16.48
N VAL F 199 -36.96 -5.21 -17.54
CA VAL F 199 -37.42 -3.86 -17.39
C VAL F 199 -38.91 -3.85 -17.54
N PHE F 200 -39.56 -3.23 -16.55
CA PHE F 200 -41.01 -3.24 -16.34
C PHE F 200 -41.41 -1.80 -16.32
N ASP F 201 -42.11 -1.37 -17.36
CA ASP F 201 -42.46 0.02 -17.55
C ASP F 201 -43.94 0.15 -17.43
N LEU F 202 -44.40 0.81 -16.38
CA LEU F 202 -45.81 1.14 -16.24
C LEU F 202 -45.99 2.63 -15.99
N GLY F 203 -46.41 3.33 -17.06
CA GLY F 203 -46.70 4.76 -17.00
C GLY F 203 -48.18 5.10 -16.92
N GLY F 204 -48.58 6.10 -17.69
CA GLY F 204 -49.89 6.71 -17.55
C GLY F 204 -50.87 6.05 -18.48
N GLY F 205 -50.41 5.69 -19.69
CA GLY F 205 -51.27 5.06 -20.69
C GLY F 205 -50.88 3.67 -21.22
N ALA F 206 -49.58 3.31 -21.08
CA ALA F 206 -49.01 2.12 -21.71
C ALA F 206 -48.07 1.32 -20.83
N PHE F 207 -48.10 0.01 -21.06
CA PHE F 207 -47.35 -0.94 -20.27
C PHE F 207 -46.41 -1.66 -21.18
N ASP F 208 -45.11 -1.65 -20.83
CA ASP F 208 -44.03 -2.30 -21.60
C ASP F 208 -43.17 -3.19 -20.72
N VAL F 209 -42.87 -4.39 -21.21
CA VAL F 209 -41.94 -5.24 -20.51
C VAL F 209 -40.95 -5.77 -21.50
N SER F 210 -39.66 -5.62 -21.19
CA SER F 210 -38.60 -6.19 -22.02
C SER F 210 -37.59 -6.96 -21.19
N LEU F 211 -37.16 -8.12 -21.70
CA LEU F 211 -36.03 -8.80 -21.12
C LEU F 211 -34.81 -8.46 -21.95
N LEU F 212 -33.83 -7.83 -21.31
CA LEU F 212 -32.57 -7.50 -21.95
C LEU F 212 -31.40 -8.31 -21.40
N THR F 213 -30.36 -8.39 -22.23
CA THR F 213 -29.04 -8.83 -21.82
C THR F 213 -28.17 -7.57 -21.75
N ILE F 214 -27.55 -7.35 -20.59
CA ILE F 214 -26.60 -6.24 -20.43
C ILE F 214 -25.26 -6.79 -19.96
N ASP F 215 -24.36 -7.00 -20.91
CA ASP F 215 -22.97 -7.39 -20.66
C ASP F 215 -22.11 -6.13 -20.88
N ASN F 216 -21.59 -5.61 -19.77
CA ASN F 216 -20.78 -4.40 -19.78
C ASN F 216 -21.49 -3.22 -20.48
N GLY F 217 -20.98 -2.75 -21.61
CA GLY F 217 -21.63 -1.66 -22.33
C GLY F 217 -22.56 -2.12 -23.45
N VAL F 218 -22.89 -3.41 -23.52
CA VAL F 218 -23.65 -3.96 -24.63
C VAL F 218 -25.05 -4.38 -24.21
N PHE F 219 -26.04 -3.65 -24.72
CA PHE F 219 -27.45 -3.91 -24.45
C PHE F 219 -28.10 -4.67 -25.62
N GLU F 220 -28.66 -5.84 -25.30
CA GLU F 220 -29.39 -6.57 -26.29
C GLU F 220 -30.73 -6.91 -25.68
N VAL F 221 -31.77 -6.61 -26.44
CA VAL F 221 -33.10 -7.00 -26.11
C VAL F 221 -33.30 -8.44 -26.58
N VAL F 222 -33.75 -9.30 -25.69
CA VAL F 222 -34.03 -10.67 -26.07
C VAL F 222 -35.47 -10.80 -26.49
N ALA F 223 -36.37 -10.26 -25.67
CA ALA F 223 -37.80 -10.39 -25.89
C ALA F 223 -38.62 -9.20 -25.35
N THR F 224 -39.73 -8.89 -26.02
CA THR F 224 -40.58 -7.76 -25.62
C THR F 224 -42.09 -8.03 -25.75
N ASN F 225 -42.85 -7.44 -24.83
CA ASN F 225 -44.30 -7.62 -24.80
C ASN F 225 -44.90 -6.50 -23.94
N GLY F 226 -46.20 -6.27 -24.06
CA GLY F 226 -46.88 -5.28 -23.21
C GLY F 226 -48.33 -4.99 -23.57
N ASP F 227 -48.90 -3.95 -22.98
CA ASP F 227 -50.26 -3.54 -23.34
C ASP F 227 -50.21 -2.05 -23.55
N THR F 228 -50.63 -1.60 -24.74
CA THR F 228 -50.47 -0.18 -25.10
C THR F 228 -51.60 0.67 -24.57
N HIS F 229 -52.72 0.04 -24.18
CA HIS F 229 -53.83 0.73 -23.51
C HIS F 229 -54.03 0.17 -22.09
N LEU F 230 -53.02 0.39 -21.25
CA LEU F 230 -53.06 0.06 -19.85
C LEU F 230 -52.07 0.94 -19.11
N GLY F 231 -52.60 1.77 -18.20
CA GLY F 231 -51.76 2.65 -17.44
C GLY F 231 -52.50 3.38 -16.34
N GLY F 232 -51.81 4.34 -15.72
CA GLY F 232 -52.37 5.09 -14.61
C GLY F 232 -53.77 5.65 -14.86
N GLU F 233 -53.99 6.20 -16.05
CA GLU F 233 -55.28 6.76 -16.39
C GLU F 233 -56.39 5.71 -16.29
N ASP F 234 -56.04 4.46 -16.44
CA ASP F 234 -57.02 3.39 -16.37
C ASP F 234 -57.36 3.08 -14.92
N PHE F 235 -56.42 3.31 -14.01
CA PHE F 235 -56.69 3.18 -12.58
C PHE F 235 -57.55 4.34 -12.11
N ASP F 236 -57.21 5.55 -12.56
CA ASP F 236 -58.03 6.74 -12.33
C ASP F 236 -59.44 6.51 -12.78
N GLN F 237 -59.59 5.91 -13.96
CA GLN F 237 -60.91 5.69 -14.59
C GLN F 237 -61.81 4.79 -13.78
N ARG F 238 -61.26 3.72 -13.21
CA ARG F 238 -62.03 2.76 -12.39
C ARG F 238 -62.55 3.43 -11.11
N VAL F 239 -61.71 4.23 -10.49
CA VAL F 239 -62.09 4.96 -9.28
C VAL F 239 -63.14 6.03 -9.61
N MET F 240 -63.07 6.65 -10.77
CA MET F 240 -64.12 7.60 -11.17
C MET F 240 -65.45 6.89 -11.42
N GLU F 241 -65.41 5.75 -12.11
CA GLU F 241 -66.60 4.98 -12.45
C GLU F 241 -67.34 4.59 -11.18
N HIS F 242 -66.57 4.23 -10.16
CA HIS F 242 -67.10 3.90 -8.87
C HIS F 242 -67.77 5.13 -8.25
N PHE F 243 -66.99 6.17 -7.98
CA PHE F 243 -67.53 7.38 -7.33
C PHE F 243 -68.71 8.06 -8.05
N ILE F 244 -68.81 7.89 -9.36
CA ILE F 244 -69.98 8.39 -10.08
C ILE F 244 -71.22 7.56 -9.67
N LYS F 245 -71.05 6.24 -9.71
CA LYS F 245 -72.09 5.32 -9.30
C LYS F 245 -72.51 5.58 -7.87
N LEU F 246 -71.55 5.63 -6.96
CA LEU F 246 -71.83 5.94 -5.54
C LEU F 246 -72.63 7.24 -5.38
N TYR F 247 -72.34 8.25 -6.19
CA TYR F 247 -72.99 9.54 -6.00
C TYR F 247 -74.44 9.48 -6.44
N LYS F 248 -74.72 8.78 -7.52
CA LYS F 248 -76.09 8.57 -7.96
C LYS F 248 -76.87 7.85 -6.85
N LYS F 249 -76.26 6.78 -6.34
CA LYS F 249 -76.84 6.01 -5.24
C LYS F 249 -77.24 6.98 -4.12
N LYS F 250 -76.33 7.86 -3.77
CA LYS F 250 -76.49 8.68 -2.59
C LYS F 250 -77.35 9.92 -2.86
N THR F 251 -77.39 10.42 -4.10
CA THR F 251 -78.08 11.67 -4.39
C THR F 251 -79.10 11.55 -5.51
N GLY F 252 -79.08 10.44 -6.23
CA GLY F 252 -79.97 10.27 -7.36
C GLY F 252 -79.39 10.88 -8.62
N LYS F 253 -78.38 11.75 -8.50
CA LYS F 253 -77.85 12.47 -9.66
C LYS F 253 -76.90 11.60 -10.53
N ASP F 254 -76.97 11.79 -11.85
CA ASP F 254 -76.01 11.23 -12.82
C ASP F 254 -75.11 12.33 -13.42
N VAL F 255 -73.88 12.43 -12.91
CA VAL F 255 -72.97 13.51 -13.30
C VAL F 255 -72.20 13.27 -14.60
N ARG F 256 -72.44 12.13 -15.26
CA ARG F 256 -71.68 11.75 -16.46
C ARG F 256 -71.76 12.77 -17.58
N LYS F 257 -72.91 13.41 -17.72
CA LYS F 257 -73.14 14.40 -18.78
C LYS F 257 -72.45 15.77 -18.55
N ASP F 258 -72.04 16.09 -17.33
CA ASP F 258 -71.31 17.34 -17.04
C ASP F 258 -69.79 17.09 -16.95
N ASN F 259 -69.05 17.53 -17.97
CA ASN F 259 -67.61 17.28 -18.07
C ASN F 259 -66.85 18.02 -17.03
N ARG F 260 -67.34 19.22 -16.69
CA ARG F 260 -66.76 19.97 -15.60
C ARG F 260 -66.67 19.05 -14.40
N ALA F 261 -67.79 18.52 -13.98
CA ALA F 261 -67.81 17.71 -12.80
C ALA F 261 -66.84 16.52 -12.91
N VAL F 262 -66.91 15.79 -14.03
CA VAL F 262 -66.10 14.57 -14.24
C VAL F 262 -64.61 14.90 -14.20
N GLN F 263 -64.22 15.93 -14.93
CA GLN F 263 -62.86 16.44 -14.83
C GLN F 263 -62.44 16.92 -13.43
N LYS F 264 -63.33 17.58 -12.67
CA LYS F 264 -62.98 17.95 -11.29
C LYS F 264 -62.68 16.69 -10.50
N LEU F 265 -63.47 15.65 -10.77
CA LEU F 265 -63.34 14.36 -10.07
C LEU F 265 -62.02 13.67 -10.45
N ARG F 266 -61.75 13.52 -11.75
CA ARG F 266 -60.48 13.00 -12.23
C ARG F 266 -59.26 13.69 -11.59
N ARG F 267 -59.35 15.00 -11.45
CA ARG F 267 -58.27 15.74 -10.86
C ARG F 267 -58.03 15.34 -9.42
N GLU F 268 -59.08 15.14 -8.63
CA GLU F 268 -58.89 14.90 -7.19
C GLU F 268 -58.65 13.43 -6.95
N VAL F 269 -59.15 12.60 -7.85
CA VAL F 269 -58.89 11.19 -7.79
C VAL F 269 -57.40 10.96 -7.99
N GLU F 270 -56.88 11.54 -9.06
CA GLU F 270 -55.46 11.45 -9.35
C GLU F 270 -54.63 11.80 -8.12
N LYS F 271 -54.96 12.92 -7.52
CA LYS F 271 -54.30 13.37 -6.31
C LYS F 271 -54.41 12.32 -5.21
N ALA F 272 -55.58 11.68 -5.10
CA ALA F 272 -55.81 10.64 -4.07
C ALA F 272 -54.97 9.40 -4.33
N LYS F 273 -54.97 8.95 -5.57
CA LYS F 273 -54.17 7.80 -5.92
C LYS F 273 -52.74 7.97 -5.51
N ARG F 274 -52.15 9.12 -5.80
CA ARG F 274 -50.77 9.37 -5.38
C ARG F 274 -50.62 9.27 -3.86
N ALA F 275 -51.53 9.94 -3.14
CA ALA F 275 -51.50 9.90 -1.67
C ALA F 275 -51.49 8.46 -1.14
N LEU F 276 -52.28 7.61 -1.79
CA LEU F 276 -52.45 6.23 -1.42
C LEU F 276 -51.24 5.34 -1.74
N SER F 277 -50.19 5.93 -2.31
CA SER F 277 -48.96 5.20 -2.50
C SER F 277 -48.12 5.28 -1.24
N SER F 278 -48.39 6.24 -0.37
CA SER F 278 -47.69 6.37 0.91
C SER F 278 -48.60 6.47 2.14
N GLN F 279 -49.92 6.50 1.93
CA GLN F 279 -50.91 6.48 3.01
C GLN F 279 -51.90 5.37 2.76
N HIS F 280 -52.79 5.17 3.70
CA HIS F 280 -53.75 4.09 3.62
C HIS F 280 -55.15 4.57 3.37
N GLN F 281 -55.32 5.90 3.37
CA GLN F 281 -56.60 6.52 3.16
C GLN F 281 -56.38 7.97 2.73
N ALA F 282 -57.35 8.50 1.98
CA ALA F 282 -57.26 9.81 1.38
C ALA F 282 -58.65 10.39 1.30
N ARG F 283 -58.84 11.65 1.68
CA ARG F 283 -60.16 12.27 1.49
C ARG F 283 -60.23 13.00 0.18
N ILE F 284 -61.28 12.73 -0.59
CA ILE F 284 -61.53 13.40 -1.85
C ILE F 284 -62.64 14.41 -1.58
N GLU F 285 -62.27 15.68 -1.48
CA GLU F 285 -63.24 16.77 -1.25
C GLU F 285 -63.25 17.73 -2.43
N ILE F 286 -64.35 17.77 -3.17
CA ILE F 286 -64.54 18.78 -4.24
C ILE F 286 -65.65 19.79 -3.88
N GLU F 287 -65.27 21.08 -3.82
CA GLU F 287 -66.24 22.17 -3.55
C GLU F 287 -66.98 22.54 -4.84
N SER F 288 -68.30 22.60 -4.73
CA SER F 288 -69.20 22.87 -5.86
C SER F 288 -68.88 21.90 -6.99
N PHE F 289 -69.19 20.65 -6.72
CA PHE F 289 -68.92 19.56 -7.63
C PHE F 289 -69.97 19.48 -8.72
N TYR F 290 -71.25 19.37 -8.35
CA TYR F 290 -72.35 19.23 -9.34
C TYR F 290 -73.65 20.02 -9.08
N GLU F 291 -74.09 20.70 -10.14
CA GLU F 291 -74.99 21.86 -10.05
C GLU F 291 -74.29 22.93 -9.20
N GLY F 292 -74.57 23.04 -7.90
CA GLY F 292 -73.63 23.77 -7.05
C GLY F 292 -73.17 22.97 -5.84
N GLU F 293 -73.60 21.71 -5.75
CA GLU F 293 -73.34 20.88 -4.57
C GLU F 293 -71.88 20.48 -4.34
N ASP F 294 -71.49 20.34 -3.07
CA ASP F 294 -70.17 19.86 -2.73
C ASP F 294 -70.13 18.33 -2.78
N PHE F 295 -68.93 17.78 -2.91
CA PHE F 295 -68.69 16.33 -2.92
C PHE F 295 -67.68 16.04 -1.83
N SER F 296 -67.85 14.92 -1.15
CA SER F 296 -66.86 14.49 -0.18
C SER F 296 -66.97 12.99 0.06
N GLU F 297 -65.87 12.28 -0.18
CA GLU F 297 -65.78 10.85 0.09
C GLU F 297 -64.40 10.47 0.55
N THR F 298 -64.24 9.18 0.87
CA THR F 298 -63.00 8.64 1.39
C THR F 298 -62.58 7.37 0.67
N LEU F 299 -61.43 7.42 -0.01
CA LEU F 299 -60.88 6.25 -0.67
C LEU F 299 -59.75 5.62 0.14
N THR F 300 -59.99 4.40 0.61
CA THR F 300 -58.98 3.64 1.35
C THR F 300 -58.08 2.87 0.36
N ARG F 301 -56.82 2.64 0.71
CA ARG F 301 -55.96 1.92 -0.19
C ARG F 301 -56.60 0.57 -0.59
N ALA F 302 -57.17 -0.12 0.39
CA ALA F 302 -57.83 -1.39 0.10
C ALA F 302 -58.86 -1.22 -1.01
N LYS F 303 -59.66 -0.15 -0.96
CA LYS F 303 -60.70 -0.01 -1.97
C LYS F 303 -60.09 0.29 -3.34
N PHE F 304 -59.01 1.09 -3.35
CA PHE F 304 -58.30 1.43 -4.60
C PHE F 304 -57.76 0.17 -5.27
N GLU F 305 -57.24 -0.75 -4.46
CA GLU F 305 -56.90 -2.09 -4.96
C GLU F 305 -58.10 -2.99 -5.42
N GLU F 306 -59.23 -3.10 -4.71
CA GLU F 306 -60.39 -3.96 -5.21
C GLU F 306 -60.77 -3.55 -6.64
N LEU F 307 -60.94 -2.24 -6.85
CA LEU F 307 -61.35 -1.64 -8.14
C LEU F 307 -60.37 -1.87 -9.29
N ASN F 308 -59.11 -2.10 -8.98
CA ASN F 308 -58.12 -2.22 -10.01
C ASN F 308 -57.33 -3.51 -10.01
N MET F 309 -57.75 -4.51 -9.25
CA MET F 309 -56.89 -5.66 -9.05
C MET F 309 -56.69 -6.42 -10.35
N ASP F 310 -57.77 -6.55 -11.12
CA ASP F 310 -57.75 -7.27 -12.40
C ASP F 310 -56.70 -6.63 -13.30
N LEU F 311 -56.73 -5.30 -13.39
CA LEU F 311 -55.74 -4.54 -14.16
C LEU F 311 -54.33 -4.78 -13.63
N PHE F 312 -54.15 -4.63 -12.32
CA PHE F 312 -52.84 -4.86 -11.72
C PHE F 312 -52.28 -6.20 -12.12
N ARG F 313 -53.06 -7.26 -11.89
CA ARG F 313 -52.66 -8.62 -12.24
C ARG F 313 -52.40 -8.80 -13.72
N SER F 314 -53.19 -8.18 -14.59
CA SER F 314 -53.01 -8.41 -16.04
C SER F 314 -51.63 -8.01 -16.57
N THR F 315 -50.85 -7.27 -15.77
CA THR F 315 -49.47 -6.95 -16.14
C THR F 315 -48.53 -8.16 -16.05
N MET F 316 -48.94 -9.22 -15.37
CA MET F 316 -48.06 -10.39 -15.26
C MET F 316 -48.13 -11.26 -16.51
N LYS F 317 -49.24 -11.18 -17.26
CA LYS F 317 -49.42 -11.98 -18.49
C LYS F 317 -48.32 -11.72 -19.53
N PRO F 318 -48.08 -10.44 -19.88
CA PRO F 318 -46.96 -10.12 -20.77
C PRO F 318 -45.60 -10.49 -20.17
N VAL F 319 -45.44 -10.32 -18.87
CA VAL F 319 -44.21 -10.71 -18.21
C VAL F 319 -43.97 -12.22 -18.38
N GLN F 320 -45.03 -13.01 -18.26
CA GLN F 320 -44.91 -14.45 -18.55
C GLN F 320 -44.38 -14.58 -19.96
N LYS F 321 -45.16 -14.08 -20.92
CA LYS F 321 -44.80 -14.22 -22.33
C LYS F 321 -43.35 -13.85 -22.65
N VAL F 322 -42.81 -12.88 -21.92
CA VAL F 322 -41.44 -12.45 -22.14
C VAL F 322 -40.45 -13.55 -21.73
N LEU F 323 -40.70 -14.20 -20.61
CA LEU F 323 -39.84 -15.31 -20.17
C LEU F 323 -39.95 -16.50 -21.13
N GLU F 324 -41.20 -16.89 -21.40
CA GLU F 324 -41.54 -18.00 -22.31
C GLU F 324 -40.84 -17.85 -23.69
N ASP F 325 -40.84 -16.63 -24.22
CA ASP F 325 -40.10 -16.30 -25.44
C ASP F 325 -38.57 -16.24 -25.20
N SER F 326 -38.13 -15.77 -24.03
CA SER F 326 -36.70 -15.72 -23.68
C SER F 326 -36.07 -17.09 -23.43
N ASP F 327 -36.90 -18.13 -23.37
CA ASP F 327 -36.45 -19.46 -22.96
C ASP F 327 -35.66 -19.35 -21.65
N LEU F 328 -36.17 -18.55 -20.72
CA LEU F 328 -35.59 -18.40 -19.38
C LEU F 328 -36.68 -18.60 -18.37
N LYS F 329 -36.29 -18.71 -17.10
CA LYS F 329 -37.26 -18.84 -16.01
C LYS F 329 -36.91 -17.91 -14.89
N LYS F 330 -37.90 -17.67 -14.02
CA LYS F 330 -37.88 -16.61 -12.99
C LYS F 330 -36.56 -16.45 -12.26
N SER F 331 -35.94 -17.57 -11.88
CA SER F 331 -34.64 -17.56 -11.16
C SER F 331 -33.45 -16.99 -11.97
N ASP F 332 -33.55 -17.03 -13.29
CA ASP F 332 -32.47 -16.58 -14.17
C ASP F 332 -32.34 -15.08 -14.18
N ILE F 333 -33.41 -14.38 -13.80
CA ILE F 333 -33.49 -12.91 -13.85
C ILE F 333 -32.67 -12.34 -12.70
N ASP F 334 -31.69 -11.50 -13.04
CA ASP F 334 -30.72 -10.99 -12.08
C ASP F 334 -31.26 -9.78 -11.37
N GLU F 335 -31.83 -8.86 -12.13
CA GLU F 335 -32.50 -7.64 -11.58
C GLU F 335 -33.82 -7.36 -12.30
N ILE F 336 -34.75 -6.80 -11.53
CA ILE F 336 -36.02 -6.29 -12.04
C ILE F 336 -36.07 -4.77 -11.86
N VAL F 337 -36.01 -4.03 -12.97
CA VAL F 337 -36.00 -2.58 -12.91
C VAL F 337 -37.42 -2.07 -13.11
N LEU F 338 -37.83 -1.16 -12.24
CA LEU F 338 -39.16 -0.57 -12.38
C LEU F 338 -39.04 0.84 -12.93
N VAL F 339 -39.82 1.14 -13.96
CA VAL F 339 -39.95 2.51 -14.45
C VAL F 339 -41.38 2.80 -14.86
N GLY F 340 -41.68 4.10 -14.93
CA GLY F 340 -43.03 4.61 -15.04
C GLY F 340 -43.52 4.99 -13.65
N GLY F 341 -44.25 6.10 -13.55
CA GLY F 341 -44.78 6.53 -12.25
C GLY F 341 -45.70 5.51 -11.60
N SER F 342 -46.50 4.83 -12.39
CA SER F 342 -47.46 3.92 -11.83
C SER F 342 -46.80 2.80 -11.06
N THR F 343 -45.47 2.63 -11.21
CA THR F 343 -44.73 1.62 -10.44
C THR F 343 -44.52 2.03 -8.98
N ARG F 344 -44.88 3.25 -8.64
CA ARG F 344 -44.84 3.68 -7.24
C ARG F 344 -45.95 3.02 -6.38
N ILE F 345 -47.03 2.59 -7.05
CA ILE F 345 -48.16 1.91 -6.43
C ILE F 345 -47.60 0.70 -5.71
N PRO F 346 -47.84 0.58 -4.38
CA PRO F 346 -47.29 -0.53 -3.62
C PRO F 346 -47.71 -1.89 -4.13
N LYS F 347 -49.01 -2.07 -4.36
CA LYS F 347 -49.53 -3.34 -4.85
C LYS F 347 -48.80 -3.84 -6.12
N ILE F 348 -48.36 -2.91 -6.98
CA ILE F 348 -47.63 -3.30 -8.19
C ILE F 348 -46.28 -3.83 -7.78
N GLN F 349 -45.60 -3.13 -6.86
CA GLN F 349 -44.30 -3.60 -6.36
C GLN F 349 -44.44 -4.97 -5.73
N GLN F 350 -45.57 -5.16 -5.05
CA GLN F 350 -45.86 -6.42 -4.36
C GLN F 350 -46.07 -7.56 -5.36
N LEU F 351 -47.06 -7.44 -6.24
CA LEU F 351 -47.30 -8.44 -7.27
C LEU F 351 -46.04 -8.82 -8.10
N VAL F 352 -45.08 -7.92 -8.21
CA VAL F 352 -43.86 -8.18 -8.98
C VAL F 352 -42.97 -9.03 -8.11
N LYS F 353 -42.75 -8.57 -6.88
CA LYS F 353 -41.95 -9.33 -5.91
C LYS F 353 -42.45 -10.78 -5.72
N GLU F 354 -43.76 -10.96 -5.64
CA GLU F 354 -44.33 -12.28 -5.46
C GLU F 354 -44.10 -13.16 -6.66
N PHE F 355 -44.39 -12.64 -7.86
CA PHE F 355 -44.16 -13.35 -9.14
C PHE F 355 -42.72 -13.87 -9.27
N PHE F 356 -41.76 -13.11 -8.77
CA PHE F 356 -40.38 -13.58 -8.78
C PHE F 356 -39.97 -14.15 -7.42
N ASN F 357 -40.94 -14.78 -6.74
CA ASN F 357 -40.69 -15.51 -5.50
C ASN F 357 -39.81 -14.71 -4.51
N GLY F 358 -40.30 -13.55 -4.08
CA GLY F 358 -39.67 -12.77 -3.01
C GLY F 358 -38.53 -11.86 -3.45
N LYS F 359 -38.16 -11.90 -4.72
CA LYS F 359 -37.06 -11.07 -5.21
C LYS F 359 -37.40 -9.56 -5.13
N GLU F 360 -36.48 -8.76 -4.59
CA GLU F 360 -36.69 -7.33 -4.42
C GLU F 360 -36.28 -6.55 -5.68
N PRO F 361 -37.22 -5.79 -6.28
CA PRO F 361 -36.87 -4.93 -7.41
C PRO F 361 -35.88 -3.80 -7.06
N SER F 362 -35.26 -3.23 -8.11
CA SER F 362 -34.19 -2.22 -7.94
C SER F 362 -34.68 -0.80 -7.71
N ARG F 363 -34.02 -0.14 -6.76
CA ARG F 363 -34.24 1.26 -6.43
C ARG F 363 -33.21 2.08 -7.21
N GLY F 364 -32.83 3.25 -6.71
CA GLY F 364 -31.77 4.05 -7.32
C GLY F 364 -32.08 4.69 -8.67
N ILE F 365 -33.22 4.37 -9.26
CA ILE F 365 -33.54 4.84 -10.61
C ILE F 365 -34.89 5.56 -10.69
N ASN F 366 -34.85 6.89 -10.82
CA ASN F 366 -36.04 7.74 -10.92
C ASN F 366 -37.02 7.28 -12.00
N PRO F 367 -38.18 6.75 -11.59
CA PRO F 367 -39.04 6.08 -12.59
C PRO F 367 -39.70 7.06 -13.57
N ASP F 368 -39.71 8.35 -13.24
CA ASP F 368 -40.31 9.37 -14.08
C ASP F 368 -39.35 9.85 -15.16
N GLU F 369 -38.07 9.87 -14.84
CA GLU F 369 -37.07 10.51 -15.69
C GLU F 369 -36.17 9.55 -16.47
N ALA F 370 -36.03 8.31 -16.00
CA ALA F 370 -35.14 7.31 -16.63
C ALA F 370 -35.29 7.18 -18.16
N VAL F 371 -36.53 7.08 -18.63
CA VAL F 371 -36.75 6.85 -20.05
C VAL F 371 -36.14 7.97 -20.91
N ALA F 372 -36.15 9.19 -20.41
CA ALA F 372 -35.61 10.31 -21.16
C ALA F 372 -34.11 10.36 -20.95
N TYR F 373 -33.68 9.98 -19.76
CA TYR F 373 -32.26 9.83 -19.48
C TYR F 373 -31.66 8.98 -20.59
N GLY F 374 -32.22 7.78 -20.76
CA GLY F 374 -31.75 6.87 -21.79
C GLY F 374 -31.77 7.45 -23.19
N ALA F 375 -32.81 8.18 -23.50
CA ALA F 375 -32.93 8.74 -24.82
C ALA F 375 -31.87 9.80 -25.05
N ALA F 376 -31.56 10.58 -24.01
CA ALA F 376 -30.55 11.64 -24.11
C ALA F 376 -29.19 11.04 -24.38
N VAL F 377 -28.84 9.97 -23.66
CA VAL F 377 -27.62 9.23 -23.94
C VAL F 377 -27.58 8.82 -25.41
N GLN F 378 -28.62 8.15 -25.88
CA GLN F 378 -28.66 7.74 -27.27
C GLN F 378 -28.52 8.95 -28.18
N ALA F 379 -28.90 10.11 -27.67
CA ALA F 379 -28.82 11.33 -28.48
C ALA F 379 -27.39 11.81 -28.55
N GLY F 380 -26.71 11.75 -27.42
CA GLY F 380 -25.29 12.10 -27.33
C GLY F 380 -24.47 11.28 -28.33
N VAL F 381 -24.66 9.97 -28.32
CA VAL F 381 -24.02 9.11 -29.30
C VAL F 381 -24.24 9.60 -30.74
N LEU F 382 -25.48 9.89 -31.10
CA LEU F 382 -25.73 10.39 -32.44
C LEU F 382 -25.23 11.82 -32.64
N SER F 383 -25.05 12.58 -31.57
CA SER F 383 -24.57 13.98 -31.68
C SER F 383 -23.16 14.05 -32.24
N GLY F 384 -22.53 12.89 -32.42
CA GLY F 384 -21.13 12.81 -32.79
C GLY F 384 -20.25 13.06 -31.59
N ASP F 385 -19.68 14.25 -31.53
CA ASP F 385 -18.61 14.56 -30.60
C ASP F 385 -19.11 14.60 -29.16
N GLN F 386 -19.30 13.42 -28.56
CA GLN F 386 -19.56 13.32 -27.12
C GLN F 386 -18.79 12.14 -26.52
N ASP F 387 -18.52 12.23 -25.21
CA ASP F 387 -17.78 11.18 -24.50
C ASP F 387 -18.67 10.32 -23.59
N THR F 388 -19.67 9.68 -24.21
CA THR F 388 -20.49 8.67 -23.51
C THR F 388 -19.59 7.45 -23.25
N GLY F 389 -20.01 6.57 -22.36
CA GLY F 389 -19.40 5.23 -22.30
C GLY F 389 -19.69 4.45 -23.58
N ASP F 390 -18.93 3.39 -23.85
CA ASP F 390 -19.29 2.53 -24.99
C ASP F 390 -20.74 2.03 -24.81
N LEU F 391 -21.49 2.07 -25.90
CA LEU F 391 -22.90 1.75 -25.90
C LEU F 391 -23.24 0.98 -27.15
N VAL F 392 -23.71 -0.26 -26.98
CA VAL F 392 -24.20 -1.05 -28.12
C VAL F 392 -25.64 -1.48 -27.94
N LEU F 393 -26.48 -1.13 -28.92
CA LEU F 393 -27.92 -1.43 -28.89
C LEU F 393 -28.33 -2.38 -30.00
N LEU F 394 -28.97 -3.46 -29.63
CA LEU F 394 -29.68 -4.23 -30.60
C LEU F 394 -31.05 -4.40 -30.04
N ASP F 395 -32.02 -3.74 -30.67
CA ASP F 395 -33.42 -3.84 -30.29
C ASP F 395 -34.18 -4.65 -31.34
N VAL F 396 -35.41 -5.06 -30.98
CA VAL F 396 -36.21 -5.98 -31.79
C VAL F 396 -37.56 -5.45 -32.19
N CYS F 397 -38.13 -6.05 -33.22
CA CYS F 397 -39.48 -5.79 -33.61
C CYS F 397 -40.37 -6.55 -32.63
N PRO F 398 -41.54 -6.01 -32.28
CA PRO F 398 -42.38 -6.62 -31.24
C PRO F 398 -43.45 -7.58 -31.77
N LEU F 399 -43.86 -7.40 -33.03
CA LEU F 399 -44.99 -8.16 -33.59
C LEU F 399 -44.60 -8.89 -34.86
N THR F 400 -44.97 -10.16 -34.92
CA THR F 400 -44.78 -10.93 -36.10
C THR F 400 -45.43 -10.21 -37.29
N LEU F 401 -44.71 -10.13 -38.41
CA LEU F 401 -45.31 -9.73 -39.66
C LEU F 401 -45.63 -10.96 -40.45
N GLY F 402 -46.63 -10.84 -41.33
CA GLY F 402 -47.04 -11.92 -42.21
C GLY F 402 -47.87 -11.40 -43.37
N ILE F 403 -48.47 -12.33 -44.13
CA ILE F 403 -49.34 -11.94 -45.24
C ILE F 403 -50.52 -12.88 -45.34
N GLU F 404 -51.63 -12.39 -45.90
CA GLU F 404 -52.87 -13.16 -45.97
C GLU F 404 -52.84 -14.17 -47.13
N THR F 405 -53.06 -15.45 -46.82
CA THR F 405 -52.90 -16.55 -47.77
C THR F 405 -54.13 -17.48 -47.86
N VAL F 406 -54.32 -18.09 -49.03
CA VAL F 406 -55.41 -19.07 -49.26
C VAL F 406 -56.79 -18.42 -49.19
N GLY F 407 -57.52 -18.66 -48.09
CA GLY F 407 -58.74 -17.93 -47.77
C GLY F 407 -58.38 -16.72 -46.91
N GLY F 408 -57.80 -16.98 -45.75
CA GLY F 408 -57.26 -15.94 -44.89
C GLY F 408 -56.36 -16.51 -43.81
N VAL F 409 -55.23 -17.07 -44.24
CA VAL F 409 -54.24 -17.59 -43.32
C VAL F 409 -53.18 -16.53 -43.01
N MET F 410 -52.70 -16.53 -41.77
CA MET F 410 -51.56 -15.68 -41.38
C MET F 410 -50.30 -16.45 -41.72
N THR F 411 -49.88 -16.30 -42.98
CA THR F 411 -48.59 -16.87 -43.43
C THR F 411 -47.45 -15.93 -42.94
N LYS F 412 -46.73 -16.47 -41.97
CA LYS F 412 -45.71 -15.79 -41.20
C LYS F 412 -44.57 -15.36 -42.10
N LEU F 413 -43.94 -14.24 -41.76
CA LEU F 413 -42.88 -13.68 -42.60
C LEU F 413 -41.69 -13.23 -41.79
N ILE F 414 -41.95 -12.49 -40.73
CA ILE F 414 -40.89 -12.07 -39.82
C ILE F 414 -41.37 -12.35 -38.39
N PRO F 415 -40.67 -13.25 -37.68
CA PRO F 415 -41.11 -13.59 -36.33
C PRO F 415 -40.88 -12.46 -35.36
N ARG F 416 -41.72 -12.40 -34.32
CA ARG F 416 -41.56 -11.40 -33.26
C ARG F 416 -40.19 -11.51 -32.60
N ASN F 417 -39.79 -10.47 -31.88
CA ASN F 417 -38.47 -10.39 -31.23
C ASN F 417 -37.23 -10.54 -32.11
N THR F 418 -37.45 -10.57 -33.43
CA THR F 418 -36.40 -10.46 -34.45
C THR F 418 -35.55 -9.17 -34.32
N VAL F 419 -34.23 -9.30 -34.19
CA VAL F 419 -33.39 -8.10 -34.20
C VAL F 419 -33.61 -7.26 -35.45
N VAL F 420 -33.58 -5.93 -35.27
CA VAL F 420 -33.76 -4.99 -36.37
C VAL F 420 -32.52 -4.13 -36.46
N PRO F 421 -32.18 -3.63 -37.67
CA PRO F 421 -32.90 -3.86 -38.95
C PRO F 421 -32.88 -5.31 -39.46
N THR F 422 -33.97 -5.75 -40.07
CA THR F 422 -34.06 -7.08 -40.66
C THR F 422 -34.72 -6.99 -42.03
N LYS F 423 -34.62 -8.05 -42.83
CA LYS F 423 -35.44 -8.16 -44.02
C LYS F 423 -35.73 -9.61 -44.42
N LYS F 424 -36.74 -9.76 -45.25
CA LYS F 424 -37.15 -11.08 -45.70
C LYS F 424 -37.63 -10.89 -47.11
N SER F 425 -37.07 -11.66 -48.03
CA SER F 425 -37.48 -11.60 -49.43
C SER F 425 -38.49 -12.69 -49.72
N GLN F 426 -39.26 -12.49 -50.79
CA GLN F 426 -40.29 -13.45 -51.16
C GLN F 426 -40.53 -13.43 -52.67
N ILE F 427 -40.34 -14.59 -53.29
CA ILE F 427 -40.61 -14.75 -54.72
C ILE F 427 -42.10 -15.02 -54.94
N PHE F 428 -42.73 -14.16 -55.73
CA PHE F 428 -44.08 -14.42 -56.20
C PHE F 428 -44.06 -14.58 -57.70
N SER F 429 -44.97 -15.39 -58.25
CA SER F 429 -45.10 -15.55 -59.70
C SER F 429 -46.51 -15.22 -60.19
N VAL F 430 -47.22 -14.35 -59.46
CA VAL F 430 -48.49 -13.83 -59.96
C VAL F 430 -48.11 -12.62 -60.83
N GLY F 431 -48.67 -12.57 -62.04
CA GLY F 431 -48.53 -11.40 -62.91
C GLY F 431 -49.80 -10.56 -62.87
N GLY F 432 -49.82 -9.49 -63.66
CA GLY F 432 -50.95 -8.56 -63.70
C GLY F 432 -50.76 -7.41 -62.73
N THR F 433 -51.65 -7.29 -61.74
CA THR F 433 -51.49 -6.36 -60.60
C THR F 433 -51.92 -7.01 -59.27
N VAL F 434 -50.94 -7.38 -58.44
CA VAL F 434 -51.19 -8.27 -57.32
C VAL F 434 -51.38 -7.45 -56.07
N THR F 435 -52.20 -7.96 -55.15
CA THR F 435 -52.50 -7.24 -53.91
C THR F 435 -51.98 -7.99 -52.70
N ILE F 436 -51.08 -7.35 -51.94
CA ILE F 436 -50.51 -7.96 -50.73
C ILE F 436 -51.00 -7.28 -49.47
N LYS F 437 -51.64 -8.06 -48.60
CA LYS F 437 -52.07 -7.62 -47.26
C LYS F 437 -50.99 -7.95 -46.19
N VAL F 438 -50.43 -6.97 -45.51
CA VAL F 438 -49.48 -7.29 -44.43
C VAL F 438 -50.16 -7.15 -43.07
N TYR F 439 -49.91 -8.09 -42.14
CA TYR F 439 -50.56 -8.11 -40.84
C TYR F 439 -49.57 -8.21 -39.70
N GLU F 440 -50.00 -7.82 -38.51
CA GLU F 440 -49.17 -7.81 -37.32
C GLU F 440 -49.85 -8.58 -36.24
N GLY F 441 -49.12 -9.47 -35.59
CA GLY F 441 -49.64 -10.18 -34.41
C GLY F 441 -49.34 -11.66 -34.41
N GLU F 442 -49.67 -12.34 -33.30
CA GLU F 442 -49.26 -13.73 -33.06
C GLU F 442 -50.40 -14.75 -33.18
N ARG F 443 -51.46 -14.40 -33.92
CA ARG F 443 -52.61 -15.31 -34.11
C ARG F 443 -52.61 -15.93 -35.51
N PRO F 444 -52.76 -17.27 -35.60
CA PRO F 444 -52.57 -17.98 -36.88
C PRO F 444 -53.62 -17.65 -37.93
N LEU F 445 -54.59 -16.82 -37.58
CA LEU F 445 -55.64 -16.45 -38.48
C LEU F 445 -55.62 -14.92 -38.69
N THR F 446 -55.83 -14.50 -39.93
CA THR F 446 -55.75 -13.08 -40.31
C THR F 446 -56.77 -12.21 -39.57
N LYS F 447 -58.00 -12.68 -39.44
CA LYS F 447 -59.08 -11.88 -38.85
C LYS F 447 -58.75 -11.46 -37.41
N ASP F 448 -57.92 -12.28 -36.76
CA ASP F 448 -57.55 -12.15 -35.36
C ASP F 448 -56.17 -11.47 -35.20
N ASN F 449 -55.78 -10.66 -36.20
CA ASN F 449 -54.55 -9.87 -36.19
C ASN F 449 -54.78 -8.45 -36.73
N HIS F 450 -53.79 -7.56 -36.53
CA HIS F 450 -53.94 -6.16 -36.92
C HIS F 450 -53.45 -5.86 -38.33
N LEU F 451 -54.33 -5.34 -39.18
CA LEU F 451 -53.96 -4.95 -40.54
C LEU F 451 -52.95 -3.77 -40.52
N LEU F 452 -51.77 -4.02 -41.07
CA LEU F 452 -50.71 -3.03 -41.16
C LEU F 452 -50.92 -2.21 -42.40
N GLY F 453 -51.28 -2.87 -43.49
CA GLY F 453 -51.36 -2.18 -44.77
C GLY F 453 -51.66 -3.08 -45.94
N THR F 454 -52.02 -2.48 -47.06
CA THR F 454 -52.31 -3.16 -48.31
C THR F 454 -51.40 -2.58 -49.40
N PHE F 455 -50.71 -3.46 -50.11
CA PHE F 455 -49.72 -3.05 -51.11
C PHE F 455 -50.14 -3.61 -52.47
N ASP F 456 -50.38 -2.71 -53.43
CA ASP F 456 -50.74 -3.07 -54.80
C ASP F 456 -49.55 -2.95 -55.75
N LEU F 457 -49.13 -4.08 -56.35
CA LEU F 457 -48.01 -4.13 -57.31
C LEU F 457 -48.44 -3.98 -58.78
N THR F 458 -48.44 -2.74 -59.25
CA THR F 458 -48.86 -2.43 -60.61
C THR F 458 -47.58 -2.27 -61.41
N GLY F 459 -47.64 -2.51 -62.71
CA GLY F 459 -46.48 -2.37 -63.58
C GLY F 459 -46.26 -3.71 -64.24
N ILE F 460 -45.19 -4.39 -63.82
CA ILE F 460 -44.98 -5.81 -64.15
C ILE F 460 -44.58 -6.07 -65.62
N PRO F 461 -43.53 -6.91 -65.84
CA PRO F 461 -42.95 -7.17 -67.15
C PRO F 461 -43.45 -8.45 -67.83
N PRO F 462 -44.38 -8.31 -68.80
CA PRO F 462 -45.12 -9.37 -69.47
C PRO F 462 -44.31 -10.04 -70.60
N ALA F 463 -43.32 -10.87 -70.25
CA ALA F 463 -42.48 -11.54 -71.26
C ALA F 463 -43.27 -12.70 -71.89
N PRO F 464 -43.45 -12.70 -73.23
CA PRO F 464 -44.37 -13.69 -73.84
C PRO F 464 -43.77 -15.12 -74.02
N ARG F 465 -43.83 -15.85 -72.91
CA ARG F 465 -43.49 -17.27 -72.70
C ARG F 465 -43.42 -17.22 -71.16
N GLY F 466 -44.56 -17.44 -70.54
CA GLY F 466 -45.10 -16.48 -69.54
C GLY F 466 -44.98 -16.57 -68.04
N VAL F 467 -45.35 -15.45 -67.42
CA VAL F 467 -45.37 -15.21 -65.96
C VAL F 467 -44.02 -14.65 -65.45
N PRO F 468 -44.00 -13.35 -65.01
CA PRO F 468 -42.79 -12.80 -64.40
C PRO F 468 -42.53 -13.35 -63.00
N GLN F 469 -41.26 -13.34 -62.59
CA GLN F 469 -40.88 -13.65 -61.21
C GLN F 469 -40.51 -12.35 -60.49
N ILE F 470 -41.36 -11.96 -59.54
CA ILE F 470 -41.19 -10.74 -58.75
C ILE F 470 -40.69 -11.04 -57.32
N GLU F 471 -39.59 -10.41 -56.91
CA GLU F 471 -39.05 -10.53 -55.54
C GLU F 471 -39.50 -9.35 -54.67
N VAL F 472 -40.39 -9.65 -53.72
CA VAL F 472 -40.86 -8.66 -52.77
C VAL F 472 -40.00 -8.72 -51.50
N THR F 473 -39.64 -7.54 -51.00
CA THR F 473 -38.74 -7.44 -49.88
C THR F 473 -39.29 -6.56 -48.77
N PHE F 474 -39.52 -7.17 -47.61
CA PHE F 474 -40.12 -6.53 -46.45
C PHE F 474 -39.01 -6.23 -45.46
N GLU F 475 -38.60 -4.96 -45.39
CA GLU F 475 -37.51 -4.58 -44.52
C GLU F 475 -38.03 -3.78 -43.35
N ILE F 476 -37.61 -4.16 -42.14
CA ILE F 476 -37.94 -3.42 -40.93
C ILE F 476 -36.71 -2.62 -40.48
N ASP F 477 -36.82 -1.31 -40.35
CA ASP F 477 -35.64 -0.52 -40.06
C ASP F 477 -35.37 -0.44 -38.57
N VAL F 478 -34.34 0.34 -38.21
CA VAL F 478 -33.91 0.52 -36.79
C VAL F 478 -34.95 1.19 -35.89
N ASN F 479 -35.89 1.93 -36.48
CA ASN F 479 -37.02 2.52 -35.74
C ASN F 479 -38.19 1.56 -35.52
N GLY F 480 -38.20 0.45 -36.24
CA GLY F 480 -39.28 -0.52 -36.14
C GLY F 480 -40.38 -0.36 -37.18
N ILE F 481 -40.08 0.36 -38.26
CA ILE F 481 -41.08 0.65 -39.30
C ILE F 481 -40.87 -0.05 -40.63
N LEU F 482 -41.94 -0.61 -41.19
CA LEU F 482 -41.88 -1.39 -42.41
C LEU F 482 -41.76 -0.56 -43.70
N ARG F 483 -40.85 -0.98 -44.57
CA ARG F 483 -40.79 -0.50 -45.94
C ARG F 483 -40.95 -1.73 -46.83
N VAL F 484 -41.63 -1.59 -47.96
CA VAL F 484 -41.91 -2.71 -48.86
C VAL F 484 -41.52 -2.40 -50.30
N THR F 485 -40.56 -3.14 -50.85
CA THR F 485 -40.04 -2.90 -52.22
C THR F 485 -40.14 -4.16 -53.08
N ALA F 486 -39.92 -3.97 -54.38
CA ALA F 486 -40.09 -5.05 -55.37
C ALA F 486 -39.17 -4.91 -56.58
N GLU F 487 -38.78 -6.05 -57.16
CA GLU F 487 -38.01 -6.09 -58.41
C GLU F 487 -38.38 -7.38 -59.13
N ASP F 488 -38.36 -7.38 -60.46
CA ASP F 488 -38.66 -8.59 -61.24
C ASP F 488 -37.37 -9.29 -61.69
N LYS F 489 -37.42 -10.61 -61.84
CA LYS F 489 -36.20 -11.43 -61.96
C LYS F 489 -36.16 -12.36 -63.19
N GLY F 490 -36.87 -12.01 -64.26
CA GLY F 490 -36.98 -12.91 -65.41
C GLY F 490 -36.05 -12.53 -66.54
N THR F 491 -35.11 -11.67 -66.22
CA THR F 491 -34.64 -10.63 -67.14
C THR F 491 -33.49 -9.89 -66.43
N GLY F 492 -33.77 -9.49 -65.18
CA GLY F 492 -32.80 -8.82 -64.33
C GLY F 492 -32.83 -7.31 -64.52
N ASN F 493 -34.02 -6.73 -64.61
CA ASN F 493 -34.18 -5.30 -64.93
C ASN F 493 -34.83 -4.47 -63.82
N LYS F 494 -34.13 -3.43 -63.37
CA LYS F 494 -34.52 -2.62 -62.20
C LYS F 494 -35.83 -1.84 -62.33
N ASN F 495 -36.08 -1.27 -63.52
CA ASN F 495 -37.14 -0.26 -63.69
C ASN F 495 -38.57 -0.76 -63.93
N LYS F 496 -39.01 -1.70 -63.10
CA LYS F 496 -40.43 -1.79 -62.75
C LYS F 496 -40.69 -2.17 -61.30
N ILE F 497 -40.81 -1.11 -60.48
CA ILE F 497 -41.16 -1.20 -59.09
C ILE F 497 -42.24 -0.15 -58.90
N THR F 498 -43.47 -0.54 -58.62
CA THR F 498 -44.54 0.43 -58.35
C THR F 498 -45.41 -0.02 -57.19
N ILE F 499 -45.09 0.49 -55.99
CA ILE F 499 -45.81 0.15 -54.76
C ILE F 499 -46.87 1.22 -54.43
N THR F 500 -48.15 0.93 -54.74
CA THR F 500 -49.27 1.72 -54.21
C THR F 500 -49.58 1.21 -52.79
N ASN F 501 -49.52 2.09 -51.82
CA ASN F 501 -49.53 1.70 -50.42
C ASN F 501 -50.85 2.02 -49.71
N ASP F 502 -51.91 1.30 -50.08
CA ASP F 502 -53.27 1.56 -49.56
C ASP F 502 -53.30 1.40 -48.04
N GLN F 503 -52.90 2.46 -47.33
CA GLN F 503 -52.54 2.34 -45.94
C GLN F 503 -52.88 3.64 -45.21
N ASN F 504 -53.50 3.51 -44.03
CA ASN F 504 -53.90 4.67 -43.24
C ASN F 504 -52.68 5.41 -42.74
N ARG F 505 -52.25 6.43 -43.49
CA ARG F 505 -51.07 7.23 -43.15
C ARG F 505 -51.22 8.65 -43.69
N LEU F 506 -50.65 9.61 -42.97
CA LEU F 506 -50.56 10.98 -43.44
C LEU F 506 -49.70 10.98 -44.70
N THR F 507 -50.21 11.57 -45.77
CA THR F 507 -49.46 11.69 -47.02
C THR F 507 -48.39 12.75 -46.82
N PRO F 508 -47.40 12.83 -47.73
CA PRO F 508 -46.39 13.92 -47.60
C PRO F 508 -46.95 15.33 -47.87
N GLU F 509 -48.12 15.39 -48.52
CA GLU F 509 -48.84 16.65 -48.73
C GLU F 509 -49.55 17.09 -47.47
N GLU F 510 -50.26 16.16 -46.82
CA GLU F 510 -50.90 16.44 -45.50
C GLU F 510 -49.90 16.92 -44.45
N ILE F 511 -48.74 16.27 -44.39
CA ILE F 511 -47.71 16.64 -43.43
C ILE F 511 -47.17 18.03 -43.76
N GLU F 512 -47.10 18.37 -45.05
CA GLU F 512 -46.70 19.72 -45.45
C GLU F 512 -47.72 20.76 -44.95
N ARG F 513 -49.01 20.53 -45.16
CA ARG F 513 -50.01 21.48 -44.63
C ARG F 513 -49.84 21.67 -43.14
N MET F 514 -49.75 20.55 -42.42
CA MET F 514 -49.71 20.56 -40.95
C MET F 514 -48.44 21.20 -40.41
N VAL F 515 -47.35 21.08 -41.15
CA VAL F 515 -46.11 21.77 -40.79
C VAL F 515 -46.23 23.27 -40.99
N ASN F 516 -46.95 23.69 -42.03
CA ASN F 516 -47.13 25.12 -42.26
C ASN F 516 -48.09 25.69 -41.23
N ASP F 517 -49.20 24.98 -40.99
CA ASP F 517 -50.19 25.38 -39.98
C ASP F 517 -49.54 25.62 -38.62
N ALA F 518 -48.57 24.75 -38.27
CA ALA F 518 -47.78 24.93 -37.06
C ALA F 518 -46.94 26.20 -37.13
N GLU F 519 -46.21 26.38 -38.24
CA GLU F 519 -45.31 27.53 -38.43
C GLU F 519 -46.05 28.84 -38.32
N LYS F 520 -47.25 28.87 -38.91
CA LYS F 520 -48.13 30.00 -38.83
C LYS F 520 -48.55 30.27 -37.38
N PHE F 521 -49.17 29.29 -36.72
CA PHE F 521 -49.51 29.39 -35.30
C PHE F 521 -48.38 30.00 -34.49
N ALA F 522 -47.18 29.45 -34.66
CA ALA F 522 -46.03 29.97 -33.93
C ALA F 522 -45.87 31.47 -34.15
N GLU F 523 -45.99 31.93 -35.40
CA GLU F 523 -45.81 33.36 -35.73
C GLU F 523 -46.93 34.20 -35.14
N GLU F 524 -48.15 33.66 -35.24
CA GLU F 524 -49.33 34.26 -34.64
C GLU F 524 -49.09 34.44 -33.15
N ASP F 525 -48.87 33.33 -32.43
CA ASP F 525 -48.60 33.39 -30.98
C ASP F 525 -47.44 34.31 -30.59
N LYS F 526 -46.48 34.48 -31.49
CA LYS F 526 -45.32 35.32 -31.24
C LYS F 526 -45.70 36.79 -31.29
N LYS F 527 -46.66 37.09 -32.16
CA LYS F 527 -47.15 38.45 -32.34
C LYS F 527 -48.22 38.80 -31.30
N LEU F 528 -49.15 37.90 -30.98
CA LEU F 528 -50.09 38.13 -29.85
C LEU F 528 -49.35 38.50 -28.57
N LYS F 529 -48.26 37.79 -28.30
CA LYS F 529 -47.37 38.08 -27.17
C LYS F 529 -46.77 39.50 -27.28
N GLU F 530 -46.23 39.84 -28.46
CA GLU F 530 -45.62 41.17 -28.68
C GLU F 530 -46.61 42.31 -28.46
N ARG F 531 -47.87 42.08 -28.81
CA ARG F 531 -48.96 43.05 -28.59
C ARG F 531 -49.21 43.29 -27.08
N ILE F 532 -49.39 42.19 -26.34
CA ILE F 532 -49.38 42.24 -24.90
C ILE F 532 -48.10 42.96 -24.41
N ASP F 533 -46.94 42.33 -24.61
CA ASP F 533 -45.70 42.73 -23.90
C ASP F 533 -45.33 44.26 -24.25
N THR F 534 -45.78 44.79 -25.40
CA THR F 534 -45.58 46.25 -25.77
C THR F 534 -46.71 47.25 -25.35
N ARG F 535 -47.93 46.74 -25.13
CA ARG F 535 -48.93 47.54 -24.44
C ARG F 535 -48.48 47.82 -23.00
N ASN F 536 -47.89 46.80 -22.37
CA ASN F 536 -47.35 46.93 -21.03
C ASN F 536 -46.21 47.93 -20.98
N GLU F 537 -45.32 47.88 -21.98
CA GLU F 537 -44.22 48.87 -22.08
C GLU F 537 -44.77 50.30 -22.03
N LEU F 538 -45.96 50.49 -22.62
CA LEU F 538 -46.57 51.81 -22.66
C LEU F 538 -47.11 52.17 -21.29
N GLU F 539 -47.92 51.26 -20.75
CA GLU F 539 -48.45 51.46 -19.41
C GLU F 539 -47.33 51.67 -18.38
N SER F 540 -46.21 50.95 -18.51
CA SER F 540 -45.07 51.10 -17.61
C SER F 540 -44.48 52.49 -17.72
N TYR F 541 -44.21 52.90 -18.96
CA TYR F 541 -43.50 54.16 -19.21
C TYR F 541 -44.31 55.31 -18.70
N ALA F 542 -45.61 55.22 -18.96
CA ALA F 542 -46.51 56.23 -18.54
C ALA F 542 -46.48 56.33 -17.04
N TYR F 543 -46.66 55.20 -16.34
CA TYR F 543 -46.67 55.23 -14.84
C TYR F 543 -45.31 55.68 -14.31
N SER F 544 -44.25 55.34 -15.06
CA SER F 544 -42.88 55.72 -14.70
C SER F 544 -42.72 57.23 -14.60
N LEU F 545 -43.21 57.93 -15.63
CA LEU F 545 -43.13 59.39 -15.66
C LEU F 545 -43.95 59.97 -14.52
N LYS F 546 -45.17 59.48 -14.35
CA LYS F 546 -46.05 60.01 -13.30
C LYS F 546 -45.41 59.98 -11.90
N ASN F 547 -44.53 59.01 -11.66
CA ASN F 547 -43.73 58.94 -10.42
C ASN F 547 -42.62 59.98 -10.36
N GLN F 548 -41.97 60.23 -11.50
CA GLN F 548 -40.87 61.18 -11.53
C GLN F 548 -41.30 62.65 -11.34
N ILE F 549 -42.52 62.96 -11.80
CA ILE F 549 -43.06 64.34 -11.73
C ILE F 549 -43.46 64.67 -10.30
N GLY F 550 -44.32 63.83 -9.71
CA GLY F 550 -44.80 64.03 -8.35
C GLY F 550 -43.74 63.86 -7.27
N ASP F 551 -42.49 63.67 -7.72
CA ASP F 551 -41.34 63.50 -6.84
C ASP F 551 -40.53 64.81 -6.82
N LYS F 552 -40.70 65.64 -5.79
CA LYS F 552 -39.97 66.91 -5.65
C LYS F 552 -38.51 66.73 -5.19
N GLU F 553 -38.05 65.47 -5.11
CA GLU F 553 -36.67 65.13 -4.72
C GLU F 553 -35.74 64.90 -5.93
N LYS F 554 -36.25 64.30 -7.01
CA LYS F 554 -35.42 63.88 -8.17
C LYS F 554 -35.67 64.65 -9.47
N LEU F 555 -36.85 64.45 -10.08
CA LEU F 555 -37.20 65.05 -11.38
C LEU F 555 -38.39 66.04 -11.32
N GLY F 556 -39.09 66.10 -10.19
CA GLY F 556 -40.23 67.01 -10.03
C GLY F 556 -39.94 68.30 -9.27
N GLY F 557 -38.71 68.43 -8.77
CA GLY F 557 -38.21 69.69 -8.18
C GLY F 557 -37.47 70.59 -9.19
N LYS F 558 -37.06 70.01 -10.32
CA LYS F 558 -36.47 70.78 -11.42
C LYS F 558 -37.52 71.40 -12.38
N LEU F 559 -38.80 71.00 -12.27
CA LEU F 559 -39.84 71.42 -13.24
C LEU F 559 -40.63 72.71 -12.85
N SER F 560 -41.11 73.41 -13.88
CA SER F 560 -41.96 74.60 -13.73
C SER F 560 -43.44 74.22 -13.80
N SER F 561 -44.31 75.10 -13.34
CA SER F 561 -45.75 74.84 -13.39
C SER F 561 -46.24 74.67 -14.82
N GLU F 562 -45.55 75.30 -15.76
CA GLU F 562 -45.85 75.15 -17.17
C GLU F 562 -45.51 73.72 -17.62
N ASP F 563 -44.24 73.35 -17.47
CA ASP F 563 -43.80 72.02 -17.89
C ASP F 563 -44.50 70.89 -17.09
N LYS F 564 -44.61 71.05 -15.77
CA LYS F 564 -45.33 70.07 -14.92
C LYS F 564 -46.74 69.77 -15.45
N GLU F 565 -47.50 70.81 -15.87
CA GLU F 565 -48.89 70.65 -16.43
C GLU F 565 -48.85 69.90 -17.78
N THR F 566 -47.86 70.18 -18.62
CA THR F 566 -47.76 69.50 -19.93
C THR F 566 -47.42 68.00 -19.80
N MET F 567 -46.59 67.73 -18.79
CA MET F 567 -46.19 66.39 -18.39
C MET F 567 -47.41 65.63 -17.87
N GLU F 568 -47.99 66.13 -16.76
CA GLU F 568 -49.20 65.54 -16.22
C GLU F 568 -50.19 65.17 -17.32
N LYS F 569 -50.44 66.07 -18.27
CA LYS F 569 -51.53 65.89 -19.24
C LYS F 569 -51.15 64.89 -20.33
N ALA F 570 -49.89 64.92 -20.76
CA ALA F 570 -49.47 64.08 -21.88
C ALA F 570 -49.58 62.60 -21.47
N VAL F 571 -49.21 62.36 -20.21
CA VAL F 571 -49.36 61.06 -19.54
C VAL F 571 -50.84 60.72 -19.23
N GLU F 572 -51.51 61.54 -18.42
CA GLU F 572 -52.90 61.32 -18.02
C GLU F 572 -53.82 61.06 -19.25
N GLU F 573 -53.50 61.65 -20.40
CA GLU F 573 -54.31 61.43 -21.59
C GLU F 573 -53.87 60.15 -22.36
N LYS F 574 -52.58 59.81 -22.31
CA LYS F 574 -52.13 58.49 -22.84
C LYS F 574 -52.70 57.31 -22.02
N ILE F 575 -52.88 57.52 -20.72
CA ILE F 575 -53.43 56.50 -19.85
C ILE F 575 -54.88 56.31 -20.15
N GLU F 576 -55.67 57.39 -20.15
CA GLU F 576 -57.10 57.22 -20.46
C GLU F 576 -57.33 56.76 -21.94
N TRP F 577 -56.37 57.01 -22.82
CA TRP F 577 -56.40 56.34 -24.11
C TRP F 577 -56.28 54.81 -23.98
N LEU F 578 -55.20 54.34 -23.35
CA LEU F 578 -54.96 52.92 -23.10
C LEU F 578 -56.14 52.21 -22.47
N GLU F 579 -56.81 52.91 -21.55
CA GLU F 579 -58.00 52.35 -20.87
C GLU F 579 -59.19 52.14 -21.81
N SER F 580 -59.18 52.76 -22.98
CA SER F 580 -60.28 52.61 -23.96
C SER F 580 -59.79 52.11 -25.32
N HIS F 581 -58.58 51.55 -25.39
CA HIS F 581 -58.08 50.93 -26.62
C HIS F 581 -57.24 49.69 -26.32
N GLN F 582 -57.77 48.84 -25.45
CA GLN F 582 -57.15 47.57 -25.13
C GLN F 582 -57.09 46.65 -26.38
N ASP F 583 -58.14 46.67 -27.20
CA ASP F 583 -58.15 45.90 -28.47
C ASP F 583 -57.30 46.52 -29.63
N ALA F 584 -56.56 47.59 -29.36
CA ALA F 584 -55.71 48.18 -30.38
C ALA F 584 -54.67 47.18 -30.93
N ASP F 585 -54.12 47.47 -32.10
CA ASP F 585 -53.06 46.65 -32.68
C ASP F 585 -51.65 47.13 -32.26
N ILE F 586 -50.66 46.27 -32.50
CA ILE F 586 -49.24 46.45 -32.09
C ILE F 586 -48.64 47.82 -32.50
N GLU F 587 -48.95 48.28 -33.70
CA GLU F 587 -48.41 49.58 -34.17
C GLU F 587 -48.97 50.76 -33.43
N ASP F 588 -50.25 50.67 -33.06
CA ASP F 588 -50.97 51.72 -32.36
C ASP F 588 -50.29 51.98 -31.01
N PHE F 589 -49.74 50.93 -30.41
CA PHE F 589 -49.05 51.06 -29.12
C PHE F 589 -47.63 51.61 -29.31
N LYS F 590 -46.92 51.13 -30.34
CA LYS F 590 -45.62 51.68 -30.69
C LYS F 590 -45.62 53.20 -30.98
N ALA F 591 -46.67 53.65 -31.68
CA ALA F 591 -46.88 55.07 -32.04
C ALA F 591 -47.13 55.97 -30.83
N LYS F 592 -48.08 55.54 -30.01
CA LYS F 592 -48.47 56.28 -28.82
C LYS F 592 -47.30 56.43 -27.86
N LYS F 593 -46.51 55.35 -27.69
CA LYS F 593 -45.27 55.44 -26.92
C LYS F 593 -44.42 56.57 -27.47
N LYS F 594 -44.26 56.63 -28.78
CA LYS F 594 -43.35 57.56 -29.42
C LYS F 594 -43.92 58.97 -29.32
N GLU F 595 -45.23 59.10 -29.51
CA GLU F 595 -45.88 60.38 -29.31
C GLU F 595 -45.45 60.90 -27.96
N LEU F 596 -45.74 60.12 -26.92
CA LEU F 596 -45.50 60.55 -25.54
C LEU F 596 -44.01 60.77 -25.23
N GLU F 597 -43.14 60.01 -25.89
CA GLU F 597 -41.70 60.21 -25.74
C GLU F 597 -41.37 61.62 -26.19
N GLU F 598 -41.87 61.96 -27.38
CA GLU F 598 -41.48 63.19 -28.08
C GLU F 598 -41.90 64.51 -27.40
N ILE F 599 -43.01 64.46 -26.66
CA ILE F 599 -43.45 65.56 -25.75
C ILE F 599 -42.56 65.66 -24.50
N VAL F 600 -42.18 64.51 -23.97
CA VAL F 600 -41.46 64.43 -22.72
C VAL F 600 -39.96 64.73 -22.89
N GLN F 601 -39.39 64.34 -24.03
CA GLN F 601 -37.94 64.40 -24.26
C GLN F 601 -37.32 65.81 -24.11
N PRO F 602 -37.88 66.83 -24.82
CA PRO F 602 -37.41 68.20 -24.63
C PRO F 602 -37.55 68.74 -23.20
N ILE F 603 -38.57 68.27 -22.47
CA ILE F 603 -38.83 68.74 -21.10
C ILE F 603 -37.88 68.13 -20.06
N ILE F 604 -37.64 66.82 -20.11
CA ILE F 604 -36.78 66.18 -19.09
C ILE F 604 -35.30 66.39 -19.33
N SER F 605 -34.92 66.87 -20.52
CA SER F 605 -33.52 67.23 -20.80
C SER F 605 -33.17 68.72 -20.52
N LYS F 606 -33.74 69.29 -19.44
CA LYS F 606 -33.42 70.65 -18.95
C LYS F 606 -32.74 70.62 -17.57
PG ATP G . 11.22 35.82 24.59
O1G ATP G . 11.24 34.37 24.21
O2G ATP G . 12.24 36.53 23.75
O3G ATP G . 9.81 36.39 24.81
PB ATP G . 11.65 36.67 27.30
O1B ATP G . 12.64 36.13 28.28
O2B ATP G . 10.14 36.48 27.52
O3B ATP G . 11.92 35.74 26.03
PA ATP G . 11.66 39.51 27.88
O1A ATP G . 11.58 39.01 29.28
O2A ATP G . 10.51 40.26 27.30
O3A ATP G . 11.92 38.24 26.90
O5' ATP G . 12.89 40.53 27.84
C5' ATP G . 14.18 40.00 28.18
C4' ATP G . 15.29 40.80 27.57
O4' ATP G . 14.97 42.16 27.86
C3' ATP G . 16.64 40.53 28.21
O3' ATP G . 17.63 40.21 27.25
C2' ATP G . 17.09 41.81 28.87
O2' ATP G . 18.49 42.01 28.66
C1' ATP G . 16.21 42.82 28.15
N9 ATP G . 16.00 44.05 28.89
C8 ATP G . 15.26 44.25 29.96
N7 ATP G . 15.32 45.55 30.36
C5 ATP G . 16.14 46.17 29.50
C6 ATP G . 16.67 47.53 29.29
N6 ATP G . 16.33 48.54 30.11
N1 ATP G . 17.48 47.75 28.25
C2 ATP G . 17.83 46.77 27.42
N3 ATP G . 17.40 45.51 27.54
C4 ATP G . 16.56 45.17 28.54
ZN ZN H . 8.35 37.08 27.29
MG MG I . 22.11 6.53 59.07
MG MG J . 47.72 39.55 40.69
MG MG K . 41.02 42.74 42.69
ZN ZN L . 8.09 37.25 21.12
ZN ZN M . -16.38 47.37 13.10
S SO4 N . -8.66 18.55 29.89
O1 SO4 N . -7.49 17.73 30.33
O2 SO4 N . -9.60 17.64 29.19
O3 SO4 N . -8.27 19.60 28.94
O4 SO4 N . -9.30 19.21 31.05
PG ATP O . 14.38 -67.52 7.48
O1G ATP O . 13.37 -68.07 8.45
O2G ATP O . 13.67 -66.66 6.45
O3G ATP O . 15.62 -66.90 8.16
PB ATP O . 16.09 -69.71 6.71
O1B ATP O . 15.77 -71.07 6.19
O2B ATP O . 16.60 -69.74 8.13
O3B ATP O . 14.75 -68.82 6.62
PA ATP O . 18.59 -69.54 5.57
O1A ATP O . 18.60 -70.94 6.05
O2A ATP O . 19.62 -68.58 6.14
O3A ATP O . 17.10 -68.94 5.72
O5' ATP O . 18.99 -69.61 4.01
C5' ATP O . 18.10 -70.08 3.00
C4' ATP O . 18.12 -69.16 1.79
O4' ATP O . 19.49 -68.89 1.52
C3' ATP O . 17.52 -69.82 0.56
O3' ATP O . 16.52 -69.01 -0.06
C2' ATP O . 18.69 -69.98 -0.36
O2' ATP O . 18.35 -69.74 -1.71
C1' ATP O . 19.62 -68.88 0.11
N9 ATP O . 20.96 -69.17 -0.37
C8 ATP O . 21.83 -70.11 0.08
N7 ATP O . 22.98 -70.09 -0.65
C5 ATP O . 22.81 -69.11 -1.55
C6 ATP O . 23.61 -68.55 -2.62
N6 ATP O . 24.81 -69.04 -2.84
N1 ATP O . 23.10 -67.53 -3.33
C2 ATP O . 21.86 -67.04 -3.10
N3 ATP O . 21.06 -67.51 -2.15
C4 ATP O . 21.49 -68.52 -1.37
ZN ZN P . 17.68 -69.38 9.58
ZN ZN Q . 15.38 -63.76 9.58
MG MG R . -1.76 -111.75 11.77
MG MG S . 15.81 -85.05 -24.39
MG MG T . 9.78 -79.87 -29.34
ZN ZN U . 30.16 -49.13 28.69
S SO4 V . 9.16 -76.02 32.65
O1 SO4 V . 10.11 -77.10 33.05
O2 SO4 V . 7.96 -76.60 32.00
O3 SO4 V . 8.71 -75.24 33.83
O4 SO4 V . 9.91 -75.12 31.78
PG ATP W . 66.50 8.54 26.88
O1G ATP W . 65.41 7.49 26.78
O2G ATP W . 66.43 9.43 25.70
O3G ATP W . 67.86 8.01 27.27
PB ATP W . 67.06 10.68 28.58
O1B ATP W . 68.48 10.24 28.34
O2B ATP W . 66.62 11.89 27.86
O3B ATP W . 66.11 9.46 28.15
PA ATP W . 67.58 10.53 31.47
O1A ATP W . 68.54 9.41 31.29
O2A ATP W . 68.05 11.77 32.21
O3A ATP W . 66.79 10.98 30.13
O5' ATP W . 66.37 9.90 32.30
C5' ATP W . 65.40 10.82 32.79
C4' ATP W . 64.11 10.14 33.18
O4' ATP W . 64.36 9.66 34.48
C3' ATP W . 62.87 11.03 33.22
O3' ATP W . 61.75 10.42 32.53
C2' ATP W . 62.59 11.16 34.70
O2' ATP W . 61.18 11.13 34.90
C1' ATP W . 63.30 9.97 35.34
N9 ATP W . 63.80 10.16 36.73
C8 ATP W . 64.80 10.95 37.18
N7 ATP W . 64.94 10.83 38.53
C5 ATP W . 64.01 9.94 38.93
C6 ATP W . 63.56 9.32 40.19
N6 ATP W . 64.15 9.63 41.37
N1 ATP W . 62.56 8.42 40.15
C2 ATP W . 61.94 8.07 39.01
N3 ATP W . 62.28 8.60 37.84
C4 ATP W . 63.29 9.50 37.74
ZN ZN X . 70.54 10.24 28.57
MG MG Y . 63.23 52.11 18.46
ZN ZN Z . 68.78 4.42 26.21
ZN ZN AA . 91.36 -12.11 27.83
S SO4 BA . 86.20 15.78 9.95
O1 SO4 BA . 85.11 14.93 10.49
O2 SO4 BA . 87.07 16.29 11.03
O3 SO4 BA . 87.02 14.91 9.11
O4 SO4 BA . 85.68 16.91 9.15
PG ATP CA . -39.85 35.35 5.44
O1G ATP CA . -40.38 35.62 6.84
O2G ATP CA . -39.92 36.55 4.53
O3G ATP CA . -38.49 34.69 5.43
PB ATP CA . -40.61 33.14 3.83
O1B ATP CA . -41.86 32.33 3.70
O2B ATP CA . -39.33 32.45 4.27
O3B ATP CA . -40.92 34.32 4.88
PA ATP CA . -39.83 32.97 1.20
O1A ATP CA . -40.34 31.60 1.46
O2A ATP CA . -38.35 33.28 1.06
O3A ATP CA . -40.46 33.82 2.39
O5' ATP CA . -40.51 33.47 -0.13
C5' ATP CA . -41.95 33.31 -0.16
C4' ATP CA . -42.59 34.56 -0.72
O4' ATP CA . -42.05 34.61 -2.01
C3' ATP CA . -44.10 34.59 -0.85
O3' ATP CA . -44.63 35.85 -0.42
C2' ATP CA . -44.33 34.42 -2.35
O2' ATP CA . -45.51 35.04 -2.91
C1' ATP CA . -43.05 34.99 -2.92
N9 ATP CA . -42.77 34.45 -4.24
C8 ATP CA . -42.44 33.18 -4.50
N7 ATP CA . -42.27 33.00 -5.83
C5 ATP CA . -42.48 34.19 -6.40
C6 ATP CA . -42.45 34.68 -7.77
N6 ATP CA . -42.15 33.81 -8.75
N1 ATP CA . -42.75 35.99 -7.94
C2 ATP CA . -43.04 36.81 -6.93
N3 ATP CA . -43.09 36.43 -5.66
C4 ATP CA . -42.81 35.15 -5.36
ZN ZN DA . -37.59 31.70 4.18
MG MG EA . -64.83 -2.67 21.58
MG MG FA . -75.75 34.79 -12.05
MG MG GA . -69.62 30.82 -13.23
ZN ZN HA . -35.56 37.36 5.75
ZN ZN IA . -7.53 38.27 4.78
S SO4 JA . -28.45 19.97 24.31
O1 SO4 JA . -29.56 20.46 25.15
O2 SO4 JA . -28.58 18.50 24.21
O3 SO4 JA . -27.12 20.32 24.91
O4 SO4 JA . -28.51 20.58 22.95
PG ATP KA . -3.14 -19.09 -41.79
O1G ATP KA . -4.52 -19.37 -41.14
O2G ATP KA . -1.93 -19.36 -40.96
O3G ATP KA . -3.02 -17.75 -42.42
PB ATP KA . -3.29 -19.71 -44.58
O1B ATP KA . -4.62 -18.99 -44.61
O2B ATP KA . -2.12 -18.92 -45.08
O3B ATP KA . -3.02 -20.13 -43.04
PA ATP KA . -4.51 -22.19 -45.46
O1A ATP KA . -5.57 -21.87 -44.49
O2A ATP KA . -4.89 -22.46 -46.88
O3A ATP KA . -3.36 -21.05 -45.47
O5' ATP KA . -3.88 -23.52 -44.86
C5' ATP KA . -2.53 -23.79 -45.24
C4' ATP KA . -2.08 -25.18 -44.83
O4' ATP KA . -2.96 -26.12 -45.45
C3' ATP KA . -0.67 -25.52 -45.31
O3' ATP KA . 0.21 -25.73 -44.18
C2' ATP KA . -0.90 -26.77 -46.15
O2' ATP KA . 0.20 -27.68 -46.05
C1' ATP KA . -2.21 -27.29 -45.60
N9 ATP KA . -2.96 -28.31 -46.35
C8 ATP KA . -3.65 -28.19 -47.50
N7 ATP KA . -4.24 -29.37 -47.84
C5 ATP KA . -3.94 -30.25 -46.88
C6 ATP KA . -4.24 -31.65 -46.63
N6 ATP KA . -5.00 -32.35 -47.50
N1 ATP KA . -3.76 -32.19 -45.51
C2 ATP KA . -3.02 -31.47 -44.61
N3 ATP KA . -2.69 -30.19 -44.77
C4 ATP KA . -3.12 -29.55 -45.88
MG MG LA . 18.64 4.21 -78.81
ZN ZN MA . -6.35 -18.46 -38.75
ZN ZN NA . -6.25 -18.32 -44.91
ZN ZN OA . -32.85 -14.34 -29.97
S SO4 PA . -11.49 5.82 -47.32
O1 SO4 PA . -11.83 4.42 -46.95
O2 SO4 PA . -11.59 6.61 -46.07
O3 SO4 PA . -10.12 5.99 -47.87
O4 SO4 PA . -12.50 6.24 -48.31
PG ATP QA . -46.44 6.51 -20.80
O1G ATP QA . -47.26 5.52 -20.01
O2G ATP QA . -47.03 6.72 -22.17
O3G ATP QA . -44.96 6.19 -20.75
PB ATP QA . -45.87 8.78 -19.03
O1B ATP QA . -44.43 8.79 -19.49
O2B ATP QA . -46.50 10.11 -18.79
O3B ATP QA . -46.73 7.98 -20.14
PA ATP QA . -45.05 8.45 -16.48
O1A ATP QA . -44.00 7.41 -16.33
O2A ATP QA . -44.67 9.85 -16.79
O3A ATP QA . -46.00 7.96 -17.67
O5' ATP QA . -45.80 8.38 -15.08
C5' ATP QA . -47.10 8.97 -14.97
C4' ATP QA . -48.10 8.11 -14.22
O4' ATP QA . -47.63 7.83 -12.90
C3' ATP QA . -49.41 8.86 -14.04
O3' ATP QA . -50.55 8.05 -14.35
C2' ATP QA . -49.41 9.23 -12.57
O2' ATP QA . -50.76 9.30 -12.12
C1' ATP QA . -48.66 8.08 -11.97
N9 ATP QA . -48.05 8.36 -10.65
C8 ATP QA . -47.09 9.24 -10.35
N7 ATP QA . -46.76 9.19 -9.03
C5 ATP QA . -47.54 8.25 -8.48
C6 ATP QA . -47.73 7.69 -7.13
N6 ATP QA . -46.99 8.18 -6.11
N1 ATP QA . -48.66 6.70 -6.98
C2 ATP QA . -49.40 6.23 -8.02
N3 ATP QA . -49.29 6.71 -9.28
C4 ATP QA . -48.39 7.70 -9.56
ZN ZN RA . -42.48 8.35 -19.57
MG MG SA . -54.47 50.41 -35.99
ZN ZN TA . -43.76 2.69 -21.30
ZN ZN UA . -19.84 -11.93 -22.10
S SO4 VA . -30.55 14.95 -40.75
O1 SO4 VA . -31.16 14.23 -39.61
O2 SO4 VA . -29.90 13.93 -41.61
O3 SO4 VA . -29.54 15.88 -40.19
O4 SO4 VA . -31.55 15.70 -41.54
#